data_2LMS
#
_entry.id   2LMS
#
loop_
_entity.id
_entity.type
_entity.pdbx_description
1 polymer 'Interferon alpha-2'
2 non-polymer 2-acetamido-2-deoxy-alpha-D-galactopyranose
#
_entity_poly.entity_id   1
_entity_poly.type   'polypeptide(L)'
_entity_poly.pdbx_seq_one_letter_code
;MCDLPQTHSLGSRRTLMLLAQMRKISLFSCLKDRHDFGFPQEEFGNQFQKAETIPVLHEMIQQIFNLFSTKDSSAAWDET
LLDKFYTELYQQLNDLEACVIQGVGVTETPLMKEDSILAVRKYFQRITLYLKEKKYSPCAWEVVRAEIMRSFSLSTNLQE
SLRSKE
;
_entity_poly.pdbx_strand_id   A
#
loop_
_chem_comp.id
_chem_comp.type
_chem_comp.name
_chem_comp.formula
A2G D-saccharide, alpha linking 2-acetamido-2-deoxy-alpha-D-galactopyranose 'C8 H15 N O6'
#
# COMPACT_ATOMS: atom_id res chain seq x y z
N CYS A 2 -10.14 -13.70 5.77
CA CYS A 2 -8.78 -14.22 5.67
C CYS A 2 -7.75 -13.10 5.77
N ASP A 3 -7.99 -12.18 6.69
CA ASP A 3 -7.09 -11.05 6.90
C ASP A 3 -5.86 -11.48 7.69
N LEU A 4 -5.14 -12.45 7.18
CA LEU A 4 -3.94 -12.96 7.84
C LEU A 4 -2.68 -12.45 7.16
N PRO A 5 -1.54 -12.56 7.86
CA PRO A 5 -0.25 -12.11 7.34
C PRO A 5 0.26 -13.00 6.21
N GLN A 6 -0.43 -12.94 5.07
CA GLN A 6 -0.05 -13.74 3.90
C GLN A 6 1.12 -13.10 3.17
N THR A 7 1.02 -11.81 2.91
CA THR A 7 2.07 -11.08 2.21
C THR A 7 2.89 -10.24 3.17
N HIS A 8 2.53 -10.28 4.44
CA HIS A 8 3.23 -9.52 5.47
C HIS A 8 4.40 -10.34 6.04
N SER A 9 4.32 -11.65 5.89
CA SER A 9 5.37 -12.54 6.39
C SER A 9 6.49 -12.69 5.37
N LEU A 10 6.16 -13.28 4.22
CA LEU A 10 7.14 -13.50 3.16
C LEU A 10 7.10 -12.35 2.16
N GLY A 11 5.91 -11.82 1.92
CA GLY A 11 5.76 -10.71 0.98
C GLY A 11 6.40 -9.43 1.49
N SER A 12 6.55 -9.32 2.81
CA SER A 12 7.13 -8.14 3.42
C SER A 12 8.52 -7.87 2.86
N ARG A 13 9.41 -8.86 3.01
CA ARG A 13 10.78 -8.72 2.53
C ARG A 13 10.82 -8.69 1.00
N ARG A 14 10.18 -9.68 0.38
CA ARG A 14 10.14 -9.77 -1.07
C ARG A 14 9.67 -8.45 -1.68
N THR A 15 8.48 -8.01 -1.29
CA THR A 15 7.92 -6.77 -1.81
C THR A 15 8.82 -5.59 -1.48
N LEU A 16 9.33 -5.56 -0.26
CA LEU A 16 10.21 -4.47 0.18
C LEU A 16 11.42 -4.35 -0.74
N MET A 17 12.23 -5.41 -0.78
CA MET A 17 13.42 -5.42 -1.63
C MET A 17 13.07 -5.07 -3.07
N LEU A 18 12.21 -5.87 -3.68
CA LEU A 18 11.79 -5.63 -5.07
C LEU A 18 11.36 -4.18 -5.25
N LEU A 19 10.40 -3.74 -4.45
CA LEU A 19 9.90 -2.38 -4.53
C LEU A 19 11.03 -1.37 -4.33
N ALA A 20 12.07 -1.79 -3.62
CA ALA A 20 13.21 -0.92 -3.36
C ALA A 20 14.11 -0.82 -4.59
N GLN A 21 14.28 -1.95 -5.29
CA GLN A 21 15.12 -1.99 -6.48
C GLN A 21 14.34 -1.54 -7.72
N MET A 22 13.01 -1.48 -7.58
CA MET A 22 12.15 -1.07 -8.68
C MET A 22 12.13 0.45 -8.81
N ARG A 23 12.42 1.13 -7.71
CA ARG A 23 12.43 2.59 -7.70
C ARG A 23 13.84 3.13 -7.88
N LYS A 24 14.08 3.80 -9.00
CA LYS A 24 15.39 4.38 -9.29
C LYS A 24 15.31 5.90 -9.40
N ILE A 25 15.73 6.59 -8.35
CA ILE A 25 15.70 8.04 -8.34
C ILE A 25 16.68 8.61 -7.31
N SER A 26 16.77 9.93 -7.23
CA SER A 26 17.65 10.59 -6.28
C SER A 26 16.87 11.15 -5.10
N LEU A 27 17.25 10.73 -3.90
CA LEU A 27 16.59 11.19 -2.69
C LEU A 27 16.72 12.70 -2.53
N PHE A 28 17.73 13.28 -3.18
CA PHE A 28 17.97 14.71 -3.12
C PHE A 28 17.23 15.43 -4.23
N SER A 29 16.46 14.68 -5.02
CA SER A 29 15.71 15.24 -6.13
C SER A 29 14.60 16.15 -5.62
N CYS A 30 14.07 15.84 -4.45
CA CYS A 30 13.01 16.64 -3.84
C CYS A 30 12.99 16.47 -2.32
N LEU A 31 13.74 17.31 -1.63
CA LEU A 31 13.81 17.25 -0.18
C LEU A 31 12.66 18.03 0.46
N LYS A 32 11.98 18.83 -0.35
CA LYS A 32 10.86 19.63 0.12
C LYS A 32 9.53 19.03 -0.35
N ASP A 33 9.56 17.75 -0.71
CA ASP A 33 8.35 17.07 -1.17
C ASP A 33 8.16 15.74 -0.43
N ARG A 34 9.27 15.13 -0.04
CA ARG A 34 9.23 13.86 0.67
C ARG A 34 8.21 13.91 1.80
N HIS A 35 8.21 15.01 2.55
CA HIS A 35 7.28 15.17 3.66
C HIS A 35 5.85 15.36 3.16
N ASP A 36 5.03 14.33 3.32
CA ASP A 36 3.64 14.37 2.88
C ASP A 36 2.94 13.05 3.17
N PHE A 37 1.61 13.06 3.08
CA PHE A 37 0.82 11.86 3.33
C PHE A 37 0.99 11.39 4.77
N GLY A 38 1.01 12.33 5.70
CA GLY A 38 1.18 12.00 7.10
C GLY A 38 0.01 11.19 7.64
N PHE A 39 0.09 9.86 7.50
CA PHE A 39 -0.97 8.98 7.97
C PHE A 39 -0.90 8.83 9.49
N PRO A 40 -2.04 9.08 10.15
CA PRO A 40 -2.14 8.97 11.60
C PRO A 40 -2.07 7.52 12.10
N GLN A 41 -0.86 7.00 12.20
CA GLN A 41 -0.64 5.64 12.65
C GLN A 41 -1.25 5.42 14.04
N GLU A 42 -1.47 6.52 14.76
CA GLU A 42 -2.04 6.44 16.10
C GLU A 42 -3.48 5.96 16.04
N GLU A 43 -4.27 6.53 15.12
CA GLU A 43 -5.66 6.15 14.98
C GLU A 43 -5.83 5.02 13.97
N PHE A 44 -4.95 5.00 12.97
CA PHE A 44 -4.99 3.97 11.94
C PHE A 44 -4.38 2.67 12.45
N GLY A 45 -3.60 2.76 13.51
CA GLY A 45 -2.95 1.59 14.07
C GLY A 45 -3.96 0.64 14.70
N ASN A 46 -4.45 -0.31 13.91
CA ASN A 46 -5.43 -1.28 14.39
C ASN A 46 -5.38 -2.55 13.55
N GLN A 47 -4.32 -3.34 13.73
CA GLN A 47 -4.17 -4.59 12.98
C GLN A 47 -4.53 -5.79 13.85
N PHE A 48 -5.12 -5.52 15.02
CA PHE A 48 -5.52 -6.58 15.93
C PHE A 48 -6.83 -7.21 15.49
N GLN A 49 -7.46 -6.62 14.49
CA GLN A 49 -8.73 -7.13 13.97
C GLN A 49 -8.57 -7.67 12.55
N LYS A 50 -9.14 -8.85 12.30
CA LYS A 50 -9.06 -9.47 10.98
C LYS A 50 -10.15 -8.93 10.07
N ALA A 51 -11.40 -9.04 10.50
CA ALA A 51 -12.53 -8.57 9.72
C ALA A 51 -12.52 -7.04 9.60
N GLU A 52 -11.63 -6.41 10.35
CA GLU A 52 -11.52 -4.95 10.34
C GLU A 52 -10.32 -4.51 9.48
N THR A 53 -9.54 -5.49 9.03
CA THR A 53 -8.37 -5.20 8.20
C THR A 53 -8.70 -5.34 6.72
N ILE A 54 -9.88 -5.86 6.43
CA ILE A 54 -10.31 -6.05 5.05
C ILE A 54 -10.36 -4.72 4.31
N PRO A 55 -10.87 -3.68 4.98
CA PRO A 55 -10.97 -2.33 4.40
C PRO A 55 -9.61 -1.67 4.22
N VAL A 56 -8.83 -1.62 5.30
CA VAL A 56 -7.50 -1.02 5.26
C VAL A 56 -6.59 -1.77 4.31
N LEU A 57 -6.59 -3.11 4.42
CA LEU A 57 -5.76 -3.94 3.56
C LEU A 57 -6.14 -3.77 2.09
N HIS A 58 -7.37 -4.13 1.76
CA HIS A 58 -7.86 -4.02 0.39
C HIS A 58 -7.59 -2.62 -0.17
N GLU A 59 -7.90 -1.60 0.62
CA GLU A 59 -7.69 -0.23 0.20
C GLU A 59 -6.24 0.00 -0.21
N MET A 60 -5.31 -0.46 0.63
CA MET A 60 -3.89 -0.32 0.36
C MET A 60 -3.53 -0.93 -1.00
N ILE A 61 -3.66 -2.24 -1.10
CA ILE A 61 -3.35 -2.95 -2.33
C ILE A 61 -4.15 -2.39 -3.50
N GLN A 62 -5.32 -1.84 -3.20
CA GLN A 62 -6.20 -1.27 -4.22
C GLN A 62 -5.55 -0.04 -4.86
N GLN A 63 -5.34 0.99 -4.05
CA GLN A 63 -4.73 2.23 -4.53
C GLN A 63 -3.49 1.94 -5.37
N ILE A 64 -2.74 0.92 -4.96
CA ILE A 64 -1.53 0.54 -5.66
C ILE A 64 -1.84 -0.05 -7.04
N PHE A 65 -2.91 -0.85 -7.10
CA PHE A 65 -3.33 -1.47 -8.34
C PHE A 65 -3.76 -0.41 -9.35
N ASN A 66 -4.50 0.59 -8.88
CA ASN A 66 -4.99 1.66 -9.75
C ASN A 66 -3.81 2.44 -10.36
N LEU A 67 -2.88 2.85 -9.51
CA LEU A 67 -1.72 3.61 -9.96
C LEU A 67 -0.86 2.77 -10.90
N PHE A 68 -0.68 1.49 -10.56
CA PHE A 68 0.11 0.58 -11.37
C PHE A 68 -0.69 0.06 -12.55
N SER A 69 -1.98 0.39 -12.59
CA SER A 69 -2.86 -0.04 -13.66
C SER A 69 -2.67 0.83 -14.90
N THR A 70 -1.99 1.95 -14.73
CA THR A 70 -1.74 2.87 -15.83
C THR A 70 -0.34 2.66 -16.42
N LYS A 71 -0.08 3.32 -17.53
CA LYS A 71 1.22 3.20 -18.20
C LYS A 71 2.24 4.13 -17.55
N ASP A 72 1.76 5.18 -16.89
CA ASP A 72 2.63 6.14 -16.23
C ASP A 72 3.59 5.43 -15.29
N SER A 73 3.09 4.45 -14.55
CA SER A 73 3.91 3.71 -13.61
C SER A 73 5.02 2.95 -14.34
N SER A 74 4.64 2.18 -15.35
CA SER A 74 5.60 1.40 -16.13
C SER A 74 6.55 2.33 -16.87
N ALA A 75 6.11 3.55 -17.11
CA ALA A 75 6.92 4.54 -17.82
C ALA A 75 7.87 5.27 -16.87
N ALA A 76 7.63 5.12 -15.58
CA ALA A 76 8.45 5.76 -14.57
C ALA A 76 9.59 4.84 -14.13
N TRP A 77 9.29 3.54 -14.06
CA TRP A 77 10.29 2.56 -13.64
C TRP A 77 10.29 1.36 -14.58
N ASP A 78 11.23 0.43 -14.36
CA ASP A 78 11.33 -0.76 -15.18
C ASP A 78 9.96 -1.40 -15.39
N GLU A 79 9.67 -1.78 -16.63
CA GLU A 79 8.40 -2.40 -16.97
C GLU A 79 8.32 -3.82 -16.41
N THR A 80 9.40 -4.58 -16.59
CA THR A 80 9.45 -5.95 -16.09
C THR A 80 9.05 -6.03 -14.63
N LEU A 81 9.82 -5.36 -13.77
CA LEU A 81 9.54 -5.35 -12.34
C LEU A 81 8.12 -4.87 -12.06
N LEU A 82 7.71 -3.83 -12.78
CA LEU A 82 6.37 -3.27 -12.61
C LEU A 82 5.30 -4.31 -12.89
N ASP A 83 5.44 -5.01 -14.01
CA ASP A 83 4.48 -6.05 -14.39
C ASP A 83 4.34 -7.09 -13.28
N LYS A 84 5.43 -7.80 -13.01
CA LYS A 84 5.42 -8.83 -11.97
C LYS A 84 4.95 -8.25 -10.64
N PHE A 85 5.36 -7.02 -10.35
CA PHE A 85 4.98 -6.37 -9.11
C PHE A 85 3.46 -6.16 -9.05
N TYR A 86 2.98 -5.19 -9.81
CA TYR A 86 1.55 -4.89 -9.84
C TYR A 86 0.73 -6.15 -10.08
N THR A 87 1.31 -7.10 -10.82
CA THR A 87 0.64 -8.36 -11.12
C THR A 87 0.34 -9.14 -9.84
N GLU A 88 1.35 -9.28 -8.99
CA GLU A 88 1.18 -10.01 -7.74
C GLU A 88 0.08 -9.39 -6.89
N LEU A 89 0.10 -8.07 -6.79
CA LEU A 89 -0.90 -7.35 -6.00
C LEU A 89 -2.31 -7.59 -6.56
N TYR A 90 -2.43 -7.59 -7.88
CA TYR A 90 -3.70 -7.80 -8.53
C TYR A 90 -4.37 -9.08 -8.02
N GLN A 91 -3.68 -10.20 -8.16
CA GLN A 91 -4.20 -11.49 -7.71
C GLN A 91 -4.28 -11.54 -6.18
N GLN A 92 -3.40 -10.78 -5.52
CA GLN A 92 -3.37 -10.75 -4.06
C GLN A 92 -4.66 -10.13 -3.52
N LEU A 93 -4.92 -8.88 -3.88
CA LEU A 93 -6.11 -8.18 -3.43
C LEU A 93 -7.38 -8.93 -3.85
N ASN A 94 -7.40 -9.40 -5.08
CA ASN A 94 -8.55 -10.14 -5.60
C ASN A 94 -8.88 -11.32 -4.71
N ASP A 95 -7.89 -12.16 -4.44
CA ASP A 95 -8.07 -13.33 -3.59
C ASP A 95 -8.31 -12.92 -2.14
N LEU A 96 -7.34 -12.24 -1.56
CA LEU A 96 -7.44 -11.78 -0.17
C LEU A 96 -8.80 -11.16 0.09
N GLU A 97 -9.17 -10.18 -0.73
CA GLU A 97 -10.46 -9.50 -0.59
C GLU A 97 -11.61 -10.50 -0.61
N ALA A 98 -11.75 -11.19 -1.74
CA ALA A 98 -12.82 -12.18 -1.91
C ALA A 98 -12.80 -13.19 -0.77
N CYS A 99 -11.67 -13.28 -0.08
CA CYS A 99 -11.51 -14.22 1.03
C CYS A 99 -12.29 -13.73 2.26
N VAL A 100 -12.00 -12.51 2.70
CA VAL A 100 -12.66 -11.94 3.85
C VAL A 100 -14.00 -11.33 3.47
N ILE A 101 -14.01 -10.57 2.38
CA ILE A 101 -15.23 -9.93 1.90
C ILE A 101 -16.41 -10.91 1.89
N GLN A 102 -16.22 -12.04 1.22
CA GLN A 102 -17.26 -13.06 1.14
C GLN A 102 -17.69 -13.50 2.53
N GLY A 103 -18.86 -14.13 2.61
CA GLY A 103 -19.37 -14.60 3.89
C GLY A 103 -18.67 -15.85 4.37
N VAL A 104 -17.75 -16.37 3.55
CA VAL A 104 -17.02 -17.57 3.89
C VAL A 104 -16.34 -17.44 5.25
N GLY A 105 -15.94 -16.21 5.58
CA GLY A 105 -15.28 -15.96 6.86
C GLY A 105 -16.05 -14.99 7.73
N VAL A 106 -15.59 -13.74 7.75
CA VAL A 106 -16.24 -12.70 8.54
C VAL A 106 -16.19 -11.36 7.83
N THR A 107 -17.34 -10.49 8.04
CA THR A 107 -17.47 -9.18 7.44
C THR A 107 -17.37 -8.11 8.50
N GLU A 108 -17.37 -6.84 8.09
CA GLU A 108 -17.27 -5.73 9.03
C GLU A 108 -18.43 -4.74 8.83
N THR A 109 -18.69 -3.93 9.84
CA THR A 109 -19.77 -2.95 9.78
C THR A 109 -19.23 -1.59 9.34
N PRO A 110 -20.12 -0.79 8.71
CA PRO A 110 -19.76 0.54 8.22
C PRO A 110 -19.51 1.53 9.35
N LEU A 111 -19.81 1.11 10.58
CA LEU A 111 -19.62 1.95 11.75
C LEU A 111 -18.14 2.22 11.99
N MET A 112 -17.37 1.14 12.14
CA MET A 112 -15.93 1.26 12.38
C MET A 112 -15.18 1.50 11.07
N LYS A 113 -15.79 1.07 9.96
CA LYS A 113 -15.18 1.24 8.65
C LYS A 113 -15.00 2.71 8.31
N GLU A 114 -15.75 3.57 9.01
CA GLU A 114 -15.67 5.01 8.78
C GLU A 114 -14.24 5.51 8.93
N ASP A 115 -13.61 5.16 10.05
CA ASP A 115 -12.24 5.57 10.31
C ASP A 115 -11.26 4.90 9.35
N SER A 116 -11.27 3.57 9.34
CA SER A 116 -10.39 2.81 8.46
C SER A 116 -10.48 3.31 7.03
N ILE A 117 -11.69 3.31 6.48
CA ILE A 117 -11.92 3.76 5.11
C ILE A 117 -11.48 5.22 4.94
N LEU A 118 -11.68 6.01 5.98
CA LEU A 118 -11.30 7.42 5.95
C LEU A 118 -9.79 7.58 5.83
N ALA A 119 -9.06 7.00 6.78
CA ALA A 119 -7.60 7.07 6.77
C ALA A 119 -7.03 6.61 5.43
N VAL A 120 -7.32 5.37 5.08
CA VAL A 120 -6.84 4.81 3.82
C VAL A 120 -7.20 5.71 2.64
N ARG A 121 -8.42 6.22 2.64
CA ARG A 121 -8.87 7.10 1.57
C ARG A 121 -8.03 8.37 1.51
N LYS A 122 -7.78 8.96 2.67
CA LYS A 122 -6.99 10.18 2.74
C LYS A 122 -5.59 9.96 2.18
N TYR A 123 -5.01 8.80 2.49
CA TYR A 123 -3.67 8.47 2.01
C TYR A 123 -3.64 8.38 0.49
N PHE A 124 -4.42 7.44 -0.06
CA PHE A 124 -4.49 7.25 -1.50
C PHE A 124 -4.90 8.54 -2.20
N GLN A 125 -5.88 9.23 -1.62
CA GLN A 125 -6.36 10.49 -2.19
C GLN A 125 -5.23 11.50 -2.34
N ARG A 126 -4.60 11.84 -1.21
CA ARG A 126 -3.51 12.79 -1.22
C ARG A 126 -2.36 12.32 -2.11
N ILE A 127 -2.20 11.00 -2.20
CA ILE A 127 -1.15 10.41 -3.01
C ILE A 127 -1.40 10.67 -4.49
N THR A 128 -2.49 10.11 -5.01
CA THR A 128 -2.83 10.27 -6.42
C THR A 128 -3.05 11.74 -6.76
N LEU A 129 -3.73 12.45 -5.87
CA LEU A 129 -4.00 13.88 -6.07
C LEU A 129 -2.70 14.67 -6.17
N TYR A 130 -1.78 14.40 -5.26
CA TYR A 130 -0.50 15.10 -5.23
C TYR A 130 0.24 14.92 -6.56
N LEU A 131 0.56 13.68 -6.89
CA LEU A 131 1.26 13.38 -8.13
C LEU A 131 0.47 13.88 -9.34
N LYS A 132 -0.85 13.89 -9.21
CA LYS A 132 -1.72 14.35 -10.29
C LYS A 132 -1.53 15.85 -10.54
N GLU A 133 -1.38 16.60 -9.46
CA GLU A 133 -1.19 18.05 -9.56
C GLU A 133 0.19 18.38 -10.11
N LYS A 134 1.15 17.51 -9.82
CA LYS A 134 2.53 17.71 -10.28
C LYS A 134 2.70 17.20 -11.70
N LYS A 135 1.60 16.80 -12.32
CA LYS A 135 1.63 16.30 -13.69
C LYS A 135 2.43 15.01 -13.79
N TYR A 136 2.34 14.18 -12.76
CA TYR A 136 3.06 12.92 -12.72
C TYR A 136 4.55 13.14 -12.96
N SER A 137 5.04 14.32 -12.61
CA SER A 137 6.44 14.66 -12.78
C SER A 137 7.34 13.58 -12.20
N PRO A 138 8.64 13.67 -12.50
CA PRO A 138 9.64 12.70 -12.02
C PRO A 138 9.88 12.82 -10.52
N CYS A 139 9.41 13.93 -9.93
CA CYS A 139 9.57 14.16 -8.50
C CYS A 139 8.40 13.58 -7.72
N ALA A 140 7.19 13.79 -8.23
CA ALA A 140 5.98 13.29 -7.59
C ALA A 140 6.06 11.78 -7.39
N TRP A 141 6.24 11.05 -8.48
CA TRP A 141 6.33 9.60 -8.41
C TRP A 141 7.30 9.15 -7.32
N GLU A 142 8.43 9.83 -7.21
CA GLU A 142 9.43 9.50 -6.21
C GLU A 142 8.85 9.63 -4.80
N VAL A 143 8.29 10.79 -4.50
CA VAL A 143 7.69 11.04 -3.19
C VAL A 143 6.66 9.97 -2.85
N VAL A 144 5.70 9.77 -3.76
CA VAL A 144 4.65 8.77 -3.55
C VAL A 144 5.25 7.41 -3.24
N ARG A 145 6.27 7.02 -3.99
CA ARG A 145 6.92 5.74 -3.79
C ARG A 145 7.52 5.64 -2.38
N ALA A 146 8.35 6.62 -2.03
CA ALA A 146 8.98 6.64 -0.72
C ALA A 146 7.96 6.43 0.39
N GLU A 147 6.92 7.26 0.40
CA GLU A 147 5.87 7.16 1.41
C GLU A 147 5.21 5.79 1.38
N ILE A 148 5.01 5.26 0.17
CA ILE A 148 4.39 3.96 0.01
C ILE A 148 5.15 2.89 0.78
N MET A 149 6.48 2.93 0.70
CA MET A 149 7.32 1.96 1.39
C MET A 149 7.23 2.16 2.90
N ARG A 150 7.42 3.40 3.34
CA ARG A 150 7.37 3.73 4.76
C ARG A 150 6.03 3.30 5.37
N SER A 151 4.94 3.79 4.77
CA SER A 151 3.61 3.47 5.26
C SER A 151 3.36 1.97 5.22
N PHE A 152 3.77 1.33 4.14
CA PHE A 152 3.60 -0.11 3.98
C PHE A 152 4.27 -0.87 5.12
N SER A 153 5.57 -0.63 5.30
CA SER A 153 6.32 -1.29 6.35
C SER A 153 5.69 -1.06 7.71
N LEU A 154 5.31 0.20 7.97
CA LEU A 154 4.69 0.56 9.24
C LEU A 154 3.38 -0.20 9.44
N SER A 155 2.47 -0.07 8.48
CA SER A 155 1.18 -0.75 8.56
C SER A 155 1.36 -2.24 8.83
N THR A 156 2.38 -2.83 8.21
CA THR A 156 2.67 -4.24 8.37
C THR A 156 3.34 -4.51 9.71
N ASN A 157 4.04 -3.51 10.23
CA ASN A 157 4.75 -3.64 11.50
C ASN A 157 3.89 -3.11 12.64
N LEU A 158 2.75 -3.77 12.88
CA LEU A 158 1.84 -3.38 13.94
C LEU A 158 2.07 -4.21 15.20
N GLN A 159 2.10 -5.53 15.03
CA GLN A 159 2.31 -6.43 16.15
C GLN A 159 3.74 -6.98 16.14
N GLU A 160 4.36 -6.98 14.97
CA GLU A 160 5.72 -7.48 14.83
C GLU A 160 5.79 -8.97 15.15
N SER A 161 4.66 -9.65 15.03
CA SER A 161 4.60 -11.08 15.32
C SER A 161 4.11 -11.86 14.10
N LEU A 162 4.31 -11.28 12.92
CA LEU A 162 3.89 -11.91 11.68
C LEU A 162 4.50 -13.31 11.55
N ARG A 163 5.82 -13.36 11.38
CA ARG A 163 6.51 -14.63 11.24
C ARG A 163 7.96 -14.52 11.72
N SER A 164 8.26 -15.19 12.83
CA SER A 164 9.62 -15.15 13.39
C SER A 164 10.66 -15.49 12.33
N LYS A 165 11.34 -14.47 11.84
CA LYS A 165 12.37 -14.66 10.81
C LYS A 165 13.71 -15.03 11.45
N GLU A 166 13.78 -16.23 12.03
CA GLU A 166 14.99 -16.71 12.67
C GLU A 166 16.18 -16.59 11.72
O5 A2G B . -21.13 -7.04 7.67
C1 A2G B . -20.53 -7.96 8.55
C2 A2G B . -21.47 -8.45 9.67
N2 A2G B . -20.73 -9.41 10.52
C3 A2G B . -22.76 -9.01 9.03
O3 A2G B . -23.84 -9.19 9.96
C4 A2G B . -23.33 -8.04 7.97
O4 A2G B . -23.82 -6.91 8.63
C5 A2G B . -22.26 -7.60 6.96
C6 A2G B . -22.88 -6.46 6.16
O6 A2G B . -23.93 -6.89 5.54
C7 A2G B . -21.08 -10.73 10.68
O7 A2G B . -21.95 -11.10 11.44
C8 A2G B . -20.28 -11.69 9.84
H1 A2G B . -19.78 -7.52 8.95
H2 A2G B . -21.73 -7.61 10.34
HN2 A2G B . -20.31 -8.98 11.33
H3 A2G B . -22.58 -9.99 8.59
HO3 A2G B . -23.65 -10.00 10.49
H4 A2G B . -24.06 -8.45 7.54
HO4 A2G B . -24.76 -7.03 8.80
H5 A2G B . -22.01 -8.27 6.35
H61 A2G B . -22.15 -6.09 5.43
H81 A2G B . -19.23 -11.66 10.15
H82 A2G B . -20.33 -11.44 8.77
H83 A2G B . -20.68 -12.70 9.97
H62 A2G B . -23.16 -5.65 6.82
HO6 A2G B . -23.86 -7.61 4.91
N CYS A 2 -9.42 -13.25 5.02
CA CYS A 2 -8.08 -13.83 5.20
C CYS A 2 -7.09 -12.77 5.70
N ASP A 3 -7.33 -12.27 6.90
CA ASP A 3 -6.47 -11.26 7.50
C ASP A 3 -5.13 -11.86 7.91
N LEU A 4 -5.06 -13.20 7.90
CA LEU A 4 -3.84 -13.90 8.27
C LEU A 4 -2.62 -13.29 7.57
N PRO A 5 -1.44 -13.48 8.18
CA PRO A 5 -0.18 -12.97 7.63
C PRO A 5 0.23 -13.68 6.35
N GLN A 6 -0.55 -13.51 5.30
CA GLN A 6 -0.27 -14.14 4.02
C GLN A 6 0.81 -13.38 3.25
N THR A 7 0.60 -12.07 3.11
CA THR A 7 1.54 -11.22 2.40
C THR A 7 2.33 -10.34 3.38
N HIS A 8 1.94 -10.38 4.65
CA HIS A 8 2.61 -9.60 5.67
C HIS A 8 3.80 -10.36 6.26
N SER A 9 3.79 -11.68 6.08
CA SER A 9 4.87 -12.52 6.59
C SER A 9 6.03 -12.57 5.61
N LEU A 10 5.79 -13.17 4.45
CA LEU A 10 6.82 -13.29 3.42
C LEU A 10 6.74 -12.14 2.43
N GLY A 11 5.51 -11.69 2.15
CA GLY A 11 5.31 -10.60 1.22
C GLY A 11 5.87 -9.29 1.73
N SER A 12 5.91 -9.14 3.06
CA SER A 12 6.42 -7.92 3.68
C SER A 12 7.83 -7.62 3.21
N ARG A 13 8.75 -8.53 3.48
CA ARG A 13 10.15 -8.36 3.09
C ARG A 13 10.29 -8.44 1.57
N ARG A 14 9.75 -9.49 0.98
CA ARG A 14 9.81 -9.69 -0.46
C ARG A 14 9.36 -8.43 -1.20
N THR A 15 8.13 -8.00 -0.94
CA THR A 15 7.59 -6.82 -1.58
C THR A 15 8.40 -5.58 -1.23
N LEU A 16 8.89 -5.52 0.00
CA LEU A 16 9.69 -4.39 0.45
C LEU A 16 10.97 -4.27 -0.36
N MET A 17 11.83 -5.28 -0.26
CA MET A 17 13.10 -5.29 -0.99
C MET A 17 12.87 -5.04 -2.48
N LEU A 18 11.93 -5.78 -3.06
CA LEU A 18 11.61 -5.64 -4.48
C LEU A 18 11.15 -4.23 -4.79
N LEU A 19 10.13 -3.76 -4.08
CA LEU A 19 9.59 -2.42 -4.29
C LEU A 19 10.68 -1.37 -4.12
N ALA A 20 11.71 -1.72 -3.35
CA ALA A 20 12.82 -0.80 -3.12
C ALA A 20 13.80 -0.81 -4.30
N GLN A 21 14.05 -1.99 -4.84
CA GLN A 21 14.96 -2.13 -5.97
C GLN A 21 14.24 -1.88 -7.30
N MET A 22 12.92 -1.77 -7.22
CA MET A 22 12.11 -1.53 -8.41
C MET A 22 12.11 -0.05 -8.79
N ARG A 23 12.29 0.81 -7.79
CA ARG A 23 12.32 2.25 -8.02
C ARG A 23 13.75 2.76 -8.13
N LYS A 24 13.98 3.64 -9.10
CA LYS A 24 15.31 4.21 -9.32
C LYS A 24 15.26 5.74 -9.28
N ILE A 25 15.71 6.30 -8.16
CA ILE A 25 15.73 7.76 -8.00
C ILE A 25 16.71 8.17 -6.91
N SER A 26 16.83 9.48 -6.70
CA SER A 26 17.74 10.00 -5.69
C SER A 26 16.97 10.60 -4.52
N LEU A 27 17.26 10.12 -3.32
CA LEU A 27 16.59 10.60 -2.11
C LEU A 27 16.80 12.10 -1.94
N PHE A 28 17.88 12.62 -2.52
CA PHE A 28 18.19 14.03 -2.43
C PHE A 28 17.61 14.80 -3.61
N SER A 29 16.87 14.09 -4.46
CA SER A 29 16.25 14.69 -5.63
C SER A 29 15.10 15.61 -5.24
N CYS A 30 14.56 15.38 -4.04
CA CYS A 30 13.45 16.19 -3.55
C CYS A 30 13.37 16.12 -2.02
N LEU A 31 14.13 16.98 -1.37
CA LEU A 31 14.16 17.03 0.09
C LEU A 31 13.00 17.88 0.63
N LYS A 32 12.48 18.75 -0.22
CA LYS A 32 11.38 19.63 0.16
C LYS A 32 10.07 19.17 -0.49
N ASP A 33 10.03 17.90 -0.89
CA ASP A 33 8.83 17.35 -1.53
C ASP A 33 8.38 16.08 -0.81
N ARG A 34 9.34 15.31 -0.32
CA ARG A 34 9.05 14.07 0.39
C ARG A 34 8.45 14.35 1.76
N HIS A 35 7.69 13.40 2.28
CA HIS A 35 7.06 13.54 3.59
C HIS A 35 6.08 14.71 3.59
N ASP A 36 4.88 14.47 3.08
CA ASP A 36 3.85 15.51 3.03
C ASP A 36 2.53 14.99 3.56
N PHE A 37 2.17 13.77 3.15
CA PHE A 37 0.92 13.15 3.59
C PHE A 37 0.87 13.03 5.10
N GLY A 38 1.76 12.20 5.65
CA GLY A 38 1.80 12.00 7.09
C GLY A 38 0.55 11.33 7.62
N PHE A 39 0.36 10.06 7.25
CA PHE A 39 -0.81 9.31 7.70
C PHE A 39 -0.75 9.04 9.19
N PRO A 40 -1.86 9.31 9.89
CA PRO A 40 -1.96 9.10 11.34
C PRO A 40 -1.96 7.63 11.72
N GLN A 41 -0.77 7.03 11.78
CA GLN A 41 -0.64 5.63 12.13
C GLN A 41 -1.20 5.35 13.53
N GLU A 42 -1.32 6.41 14.32
CA GLU A 42 -1.84 6.29 15.68
C GLU A 42 -3.32 5.91 15.65
N GLU A 43 -4.09 6.58 14.80
CA GLU A 43 -5.51 6.33 14.69
C GLU A 43 -5.78 5.29 13.60
N PHE A 44 -4.85 5.14 12.68
CA PHE A 44 -4.98 4.19 11.58
C PHE A 44 -4.68 2.78 12.06
N GLY A 45 -3.97 2.67 13.18
CA GLY A 45 -3.62 1.37 13.72
C GLY A 45 -4.84 0.59 14.20
N ASN A 46 -5.46 -0.15 13.29
CA ASN A 46 -6.65 -0.93 13.63
C ASN A 46 -6.58 -2.33 13.02
N GLN A 47 -5.38 -2.91 13.03
CA GLN A 47 -5.18 -4.24 12.46
C GLN A 47 -5.28 -5.31 13.56
N PHE A 48 -6.06 -5.03 14.58
CA PHE A 48 -6.25 -5.97 15.69
C PHE A 48 -7.32 -7.00 15.35
N GLN A 49 -8.23 -6.64 14.46
CA GLN A 49 -9.30 -7.53 14.05
C GLN A 49 -9.07 -8.05 12.64
N LYS A 50 -9.65 -9.21 12.34
CA LYS A 50 -9.51 -9.82 11.02
C LYS A 50 -10.51 -9.22 10.03
N ALA A 51 -11.71 -8.92 10.51
CA ALA A 51 -12.75 -8.34 9.68
C ALA A 51 -12.65 -6.83 9.66
N GLU A 52 -11.72 -6.28 10.44
CA GLU A 52 -11.52 -4.84 10.52
C GLU A 52 -10.33 -4.41 9.67
N THR A 53 -9.56 -5.38 9.20
CA THR A 53 -8.39 -5.11 8.38
C THR A 53 -8.71 -5.25 6.90
N ILE A 54 -9.89 -5.77 6.60
CA ILE A 54 -10.32 -5.97 5.22
C ILE A 54 -10.38 -4.64 4.47
N PRO A 55 -10.89 -3.59 5.14
CA PRO A 55 -11.01 -2.25 4.57
C PRO A 55 -9.66 -1.59 4.38
N VAL A 56 -8.87 -1.53 5.45
CA VAL A 56 -7.55 -0.92 5.39
C VAL A 56 -6.63 -1.69 4.46
N LEU A 57 -6.63 -3.01 4.58
CA LEU A 57 -5.80 -3.86 3.75
C LEU A 57 -6.17 -3.73 2.28
N HIS A 58 -7.40 -4.09 1.95
CA HIS A 58 -7.89 -4.01 0.57
C HIS A 58 -7.61 -2.63 -0.01
N GLU A 59 -7.95 -1.59 0.75
CA GLU A 59 -7.74 -0.22 0.30
C GLU A 59 -6.28 0.01 -0.09
N MET A 60 -5.37 -0.41 0.77
CA MET A 60 -3.94 -0.25 0.52
C MET A 60 -3.56 -0.89 -0.81
N ILE A 61 -3.63 -2.21 -0.88
CA ILE A 61 -3.29 -2.94 -2.09
C ILE A 61 -4.06 -2.39 -3.29
N GLN A 62 -5.30 -1.97 -3.05
CA GLN A 62 -6.14 -1.43 -4.11
C GLN A 62 -5.49 -0.19 -4.73
N GLN A 63 -5.25 0.82 -3.90
CA GLN A 63 -4.64 2.06 -4.38
C GLN A 63 -3.41 1.77 -5.22
N ILE A 64 -2.64 0.77 -4.82
CA ILE A 64 -1.43 0.38 -5.55
C ILE A 64 -1.77 -0.18 -6.92
N PHE A 65 -2.86 -0.94 -7.00
CA PHE A 65 -3.29 -1.54 -8.25
C PHE A 65 -3.76 -0.47 -9.24
N ASN A 66 -4.52 0.50 -8.73
CA ASN A 66 -5.03 1.58 -9.56
C ASN A 66 -3.89 2.38 -10.19
N LEU A 67 -2.88 2.69 -9.37
CA LEU A 67 -1.73 3.45 -9.85
C LEU A 67 -0.93 2.65 -10.87
N PHE A 68 -0.60 1.40 -10.52
CA PHE A 68 0.15 0.53 -11.40
C PHE A 68 -0.71 0.05 -12.56
N SER A 69 -2.01 0.37 -12.51
CA SER A 69 -2.94 -0.02 -13.55
C SER A 69 -2.81 0.88 -14.77
N THR A 70 -2.06 1.96 -14.63
CA THR A 70 -1.84 2.91 -15.71
C THR A 70 -0.47 2.74 -16.34
N LYS A 71 -0.20 3.49 -17.40
CA LYS A 71 1.07 3.42 -18.09
C LYS A 71 2.12 4.29 -17.39
N ASP A 72 1.64 5.31 -16.68
CA ASP A 72 2.53 6.21 -15.96
C ASP A 72 3.52 5.43 -15.09
N SER A 73 3.03 4.36 -14.46
CA SER A 73 3.87 3.53 -13.61
C SER A 73 4.94 2.82 -14.42
N SER A 74 4.51 2.09 -15.45
CA SER A 74 5.43 1.36 -16.31
C SER A 74 6.45 2.30 -16.94
N ALA A 75 6.09 3.58 -17.04
CA ALA A 75 6.97 4.58 -17.63
C ALA A 75 7.77 5.30 -16.56
N ALA A 76 7.58 4.90 -15.30
CA ALA A 76 8.29 5.49 -14.19
C ALA A 76 9.39 4.58 -13.66
N TRP A 77 9.11 3.28 -13.68
CA TRP A 77 10.08 2.28 -13.21
C TRP A 77 10.21 1.14 -14.20
N ASP A 78 11.12 0.22 -13.91
CA ASP A 78 11.34 -0.94 -14.78
C ASP A 78 10.03 -1.66 -15.07
N GLU A 79 9.70 -1.79 -16.36
CA GLU A 79 8.48 -2.45 -16.76
C GLU A 79 8.43 -3.89 -16.24
N THR A 80 9.58 -4.55 -16.27
CA THR A 80 9.68 -5.93 -15.80
C THR A 80 9.25 -6.05 -14.34
N LEU A 81 9.99 -5.36 -13.46
CA LEU A 81 9.69 -5.38 -12.03
C LEU A 81 8.26 -4.94 -11.77
N LEU A 82 7.86 -3.83 -12.38
CA LEU A 82 6.52 -3.30 -12.22
C LEU A 82 5.46 -4.33 -12.63
N ASP A 83 5.68 -4.95 -13.79
CA ASP A 83 4.76 -5.96 -14.29
C ASP A 83 4.52 -7.06 -13.25
N LYS A 84 5.58 -7.77 -12.89
CA LYS A 84 5.49 -8.84 -11.91
C LYS A 84 5.01 -8.31 -10.57
N PHE A 85 5.45 -7.10 -10.22
CA PHE A 85 5.05 -6.47 -8.96
C PHE A 85 3.54 -6.24 -8.93
N TYR A 86 3.08 -5.27 -9.70
CA TYR A 86 1.66 -4.94 -9.75
C TYR A 86 0.83 -6.19 -10.00
N THR A 87 1.39 -7.13 -10.75
CA THR A 87 0.69 -8.36 -11.06
C THR A 87 0.40 -9.17 -9.79
N GLU A 88 1.41 -9.34 -8.95
CA GLU A 88 1.26 -10.08 -7.71
C GLU A 88 0.16 -9.48 -6.84
N LEU A 89 0.15 -8.15 -6.74
CA LEU A 89 -0.85 -7.45 -5.95
C LEU A 89 -2.25 -7.69 -6.51
N TYR A 90 -2.37 -7.66 -7.83
CA TYR A 90 -3.65 -7.86 -8.48
C TYR A 90 -4.32 -9.14 -7.98
N GLN A 91 -3.62 -10.26 -8.12
CA GLN A 91 -4.15 -11.55 -7.68
C GLN A 91 -4.25 -11.60 -6.15
N GLN A 92 -3.33 -10.90 -5.49
CA GLN A 92 -3.31 -10.87 -4.03
C GLN A 92 -4.59 -10.24 -3.48
N LEU A 93 -4.81 -8.99 -3.82
CA LEU A 93 -5.99 -8.27 -3.36
C LEU A 93 -7.27 -9.01 -3.76
N ASN A 94 -7.29 -9.51 -4.98
CA ASN A 94 -8.45 -10.24 -5.49
C ASN A 94 -8.81 -11.41 -4.56
N ASP A 95 -7.82 -12.25 -4.29
CA ASP A 95 -8.03 -13.40 -3.41
C ASP A 95 -8.22 -12.96 -1.96
N LEU A 96 -7.23 -12.26 -1.44
CA LEU A 96 -7.28 -11.78 -0.06
C LEU A 96 -8.64 -11.13 0.24
N GLU A 97 -9.03 -10.18 -0.61
CA GLU A 97 -10.29 -9.48 -0.44
C GLU A 97 -11.46 -10.46 -0.43
N ALA A 98 -11.65 -11.17 -1.54
CA ALA A 98 -12.72 -12.14 -1.67
C ALA A 98 -12.70 -13.14 -0.51
N CYS A 99 -11.55 -13.24 0.14
CA CYS A 99 -11.39 -14.15 1.27
C CYS A 99 -12.21 -13.68 2.47
N VAL A 100 -11.93 -12.45 2.91
CA VAL A 100 -12.64 -11.88 4.05
C VAL A 100 -13.97 -11.26 3.63
N ILE A 101 -13.93 -10.52 2.53
CA ILE A 101 -15.13 -9.87 2.01
C ILE A 101 -16.31 -10.85 1.97
N GLN A 102 -16.11 -11.97 1.31
CA GLN A 102 -17.16 -12.99 1.19
C GLN A 102 -17.67 -13.40 2.57
N GLY A 103 -18.94 -13.74 2.65
CA GLY A 103 -19.53 -14.15 3.91
C GLY A 103 -18.91 -15.42 4.45
N VAL A 104 -18.16 -16.12 3.60
CA VAL A 104 -17.50 -17.36 4.01
C VAL A 104 -16.71 -17.17 5.29
N GLY A 105 -16.22 -15.96 5.51
CA GLY A 105 -15.44 -15.66 6.71
C GLY A 105 -16.17 -14.72 7.63
N VAL A 106 -15.75 -13.45 7.64
CA VAL A 106 -16.36 -12.44 8.49
C VAL A 106 -16.39 -11.08 7.80
N THR A 107 -17.42 -10.16 8.22
CA THR A 107 -17.58 -8.83 7.68
C THR A 107 -17.95 -7.85 8.79
N GLU A 108 -17.68 -6.58 8.58
CA GLU A 108 -17.98 -5.54 9.57
C GLU A 108 -18.93 -4.50 9.00
N THR A 109 -19.43 -3.62 9.87
CA THR A 109 -20.34 -2.57 9.46
C THR A 109 -19.58 -1.32 9.01
N PRO A 110 -20.24 -0.47 8.21
CA PRO A 110 -19.65 0.77 7.71
C PRO A 110 -19.45 1.80 8.81
N LEU A 111 -19.97 1.51 10.00
CA LEU A 111 -19.85 2.42 11.12
C LEU A 111 -18.40 2.49 11.61
N MET A 112 -17.84 1.34 11.96
CA MET A 112 -16.46 1.28 12.43
C MET A 112 -15.47 1.51 11.29
N LYS A 113 -15.96 1.36 10.06
CA LYS A 113 -15.13 1.55 8.88
C LYS A 113 -14.94 3.04 8.58
N GLU A 114 -15.80 3.86 9.15
CA GLU A 114 -15.72 5.31 8.95
C GLU A 114 -14.31 5.82 9.22
N ASP A 115 -13.62 5.17 10.14
CA ASP A 115 -12.26 5.56 10.49
C ASP A 115 -11.26 4.96 9.52
N SER A 116 -11.24 3.63 9.43
CA SER A 116 -10.32 2.94 8.53
C SER A 116 -10.47 3.45 7.10
N ILE A 117 -11.67 3.34 6.57
CA ILE A 117 -11.96 3.78 5.21
C ILE A 117 -11.53 5.23 5.00
N LEU A 118 -11.71 6.05 6.04
CA LEU A 118 -11.35 7.45 5.98
C LEU A 118 -9.85 7.62 5.79
N ALA A 119 -9.07 7.09 6.75
CA ALA A 119 -7.62 7.17 6.69
C ALA A 119 -7.10 6.71 5.34
N VAL A 120 -7.36 5.44 5.01
CA VAL A 120 -6.91 4.87 3.75
C VAL A 120 -7.31 5.76 2.57
N ARG A 121 -8.54 6.24 2.60
CA ARG A 121 -9.05 7.11 1.54
C ARG A 121 -8.20 8.35 1.39
N LYS A 122 -8.05 9.10 2.48
CA LYS A 122 -7.26 10.32 2.48
C LYS A 122 -5.87 10.06 1.91
N TYR A 123 -5.25 8.97 2.34
CA TYR A 123 -3.92 8.61 1.88
C TYR A 123 -3.89 8.48 0.35
N PHE A 124 -4.65 7.52 -0.17
CA PHE A 124 -4.71 7.31 -1.61
C PHE A 124 -5.09 8.59 -2.34
N GLN A 125 -6.19 9.20 -1.91
CA GLN A 125 -6.67 10.44 -2.53
C GLN A 125 -5.54 11.46 -2.63
N ARG A 126 -4.92 11.78 -1.51
CA ARG A 126 -3.83 12.74 -1.48
C ARG A 126 -2.65 12.25 -2.31
N ILE A 127 -2.41 10.94 -2.28
CA ILE A 127 -1.32 10.35 -3.04
C ILE A 127 -1.50 10.56 -4.54
N THR A 128 -2.56 9.98 -5.09
CA THR A 128 -2.85 10.10 -6.51
C THR A 128 -3.01 11.57 -6.92
N LEU A 129 -3.72 12.32 -6.09
CA LEU A 129 -3.95 13.74 -6.37
C LEU A 129 -2.64 14.50 -6.38
N TYR A 130 -1.79 14.25 -5.39
CA TYR A 130 -0.50 14.91 -5.29
C TYR A 130 0.30 14.74 -6.59
N LEU A 131 0.63 13.49 -6.90
CA LEU A 131 1.40 13.18 -8.10
C LEU A 131 0.67 13.66 -9.35
N LYS A 132 -0.67 13.65 -9.30
CA LYS A 132 -1.48 14.08 -10.43
C LYS A 132 -1.30 15.58 -10.67
N GLU A 133 -1.22 16.36 -9.59
CA GLU A 133 -1.04 17.80 -9.70
C GLU A 133 0.36 18.14 -10.19
N LYS A 134 1.32 17.28 -9.87
CA LYS A 134 2.70 17.48 -10.27
C LYS A 134 2.95 16.94 -11.68
N LYS A 135 1.87 16.63 -12.38
CA LYS A 135 1.97 16.10 -13.73
C LYS A 135 2.78 14.80 -13.76
N TYR A 136 2.62 14.00 -12.72
CA TYR A 136 3.33 12.74 -12.61
C TYR A 136 4.83 12.93 -12.81
N SER A 137 5.31 14.13 -12.47
CA SER A 137 6.72 14.46 -12.61
C SER A 137 7.59 13.39 -11.95
N PRO A 138 8.90 13.46 -12.21
CA PRO A 138 9.87 12.50 -11.66
C PRO A 138 10.06 12.66 -10.16
N CYS A 139 9.55 13.77 -9.63
CA CYS A 139 9.67 14.06 -8.21
C CYS A 139 8.47 13.49 -7.44
N ALA A 140 7.28 13.69 -7.99
CA ALA A 140 6.06 13.19 -7.37
C ALA A 140 6.13 11.69 -7.13
N TRP A 141 6.36 10.94 -8.21
CA TRP A 141 6.45 9.49 -8.12
C TRP A 141 7.39 9.07 -6.99
N GLU A 142 8.49 9.79 -6.84
CA GLU A 142 9.46 9.49 -5.79
C GLU A 142 8.83 9.63 -4.41
N VAL A 143 8.26 10.81 -4.15
CA VAL A 143 7.63 11.07 -2.85
C VAL A 143 6.61 9.98 -2.52
N VAL A 144 5.68 9.75 -3.43
CA VAL A 144 4.64 8.74 -3.23
C VAL A 144 5.26 7.37 -2.94
N ARG A 145 6.31 7.03 -3.68
CA ARG A 145 6.98 5.76 -3.51
C ARG A 145 7.48 5.60 -2.07
N ALA A 146 8.30 6.53 -1.63
CA ALA A 146 8.85 6.49 -0.28
C ALA A 146 7.74 6.32 0.75
N GLU A 147 6.75 7.20 0.70
CA GLU A 147 5.62 7.14 1.63
C GLU A 147 4.88 5.82 1.51
N ILE A 148 4.89 5.25 0.30
CA ILE A 148 4.22 3.98 0.05
C ILE A 148 4.91 2.83 0.78
N MET A 149 6.24 2.81 0.72
CA MET A 149 7.03 1.78 1.37
C MET A 149 6.91 1.89 2.89
N ARG A 150 6.98 3.11 3.40
CA ARG A 150 6.89 3.36 4.83
C ARG A 150 5.53 2.93 5.36
N SER A 151 4.47 3.38 4.70
CA SER A 151 3.11 3.06 5.10
C SER A 151 2.85 1.56 4.99
N PHE A 152 3.36 0.95 3.93
CA PHE A 152 3.19 -0.48 3.71
C PHE A 152 3.82 -1.29 4.84
N SER A 153 5.10 -1.06 5.07
CA SER A 153 5.83 -1.77 6.13
C SER A 153 5.25 -1.42 7.50
N LEU A 154 5.06 -0.14 7.75
CA LEU A 154 4.52 0.32 9.03
C LEU A 154 3.15 -0.31 9.30
N SER A 155 2.21 -0.06 8.39
CA SER A 155 0.86 -0.61 8.53
C SER A 155 0.90 -2.11 8.76
N THR A 156 1.74 -2.80 8.00
CA THR A 156 1.87 -4.25 8.13
C THR A 156 2.57 -4.62 9.43
N ASN A 157 3.34 -3.69 9.97
CA ASN A 157 4.07 -3.93 11.22
C ASN A 157 3.19 -3.60 12.42
N LEU A 158 2.05 -4.26 12.51
CA LEU A 158 1.12 -4.04 13.63
C LEU A 158 1.23 -5.16 14.66
N GLN A 159 1.56 -6.36 14.19
CA GLN A 159 1.70 -7.51 15.07
C GLN A 159 3.14 -7.66 15.55
N GLU A 160 4.08 -7.44 14.64
CA GLU A 160 5.50 -7.56 14.97
C GLU A 160 5.85 -8.98 15.39
N SER A 161 5.22 -9.95 14.74
CA SER A 161 5.46 -11.35 15.05
C SER A 161 5.58 -12.18 13.77
N LEU A 162 6.09 -11.55 12.72
CA LEU A 162 6.26 -12.22 11.44
C LEU A 162 7.64 -12.86 11.33
N ARG A 163 7.80 -13.78 10.38
CA ARG A 163 9.07 -14.47 10.18
C ARG A 163 10.10 -13.53 9.57
N SER A 164 11.36 -13.68 9.99
CA SER A 164 12.44 -12.86 9.49
C SER A 164 13.71 -13.67 9.29
N LYS A 165 14.01 -13.99 8.04
CA LYS A 165 15.21 -14.77 7.71
C LYS A 165 16.46 -14.09 8.25
N GLU A 166 16.47 -12.76 8.23
CA GLU A 166 17.61 -11.99 8.72
C GLU A 166 17.31 -11.40 10.09
O5 A2G B . -21.31 -7.13 6.80
C1 A2G B . -21.02 -8.07 7.82
C2 A2G B . -22.30 -8.75 8.40
N2 A2G B . -21.86 -9.72 9.44
C3 A2G B . -23.11 -9.36 7.24
O3 A2G B . -24.46 -9.72 7.61
C4 A2G B . -23.29 -8.36 6.08
O4 A2G B . -24.15 -7.33 6.52
C5 A2G B . -21.96 -7.72 5.66
C6 A2G B . -22.31 -6.58 4.72
O6 A2G B . -21.23 -6.13 4.17
C7 A2G B . -20.92 -9.45 10.40
O7 A2G B . -20.85 -8.38 11.01
C8 A2G B . -19.98 -10.59 10.68
H1 A2G B . -20.58 -7.60 8.52
H2 A2G B . -22.91 -8.01 8.92
HN2 A2G B . -21.89 -10.68 9.11
H3 A2G B . -22.64 -10.28 6.88
HO3 A2G B . -24.97 -8.89 7.75
H4 A2G B . -23.71 -8.79 5.36
HO4 A2G B . -23.66 -6.69 7.04
H5 A2G B . -21.40 -8.31 5.19
H61 A2G B . -22.79 -5.78 5.27
H81 A2G B . -19.83 -11.16 9.75
H82 A2G B . -20.36 -11.26 11.45
H83 A2G B . -19.02 -10.18 11.02
H62 A2G B . -22.99 -6.94 3.94
HO6 A2G B . -21.25 -5.79 3.27
N CYS A 2 -9.82 -13.59 6.20
CA CYS A 2 -8.52 -14.15 5.91
C CYS A 2 -7.43 -13.09 6.05
N ASP A 3 -7.30 -12.54 7.25
CA ASP A 3 -6.30 -11.52 7.52
C ASP A 3 -4.95 -12.14 7.87
N LEU A 4 -4.89 -13.47 7.78
CA LEU A 4 -3.65 -14.19 8.08
C LEU A 4 -2.46 -13.56 7.37
N PRO A 5 -1.26 -13.80 7.92
CA PRO A 5 -0.02 -13.27 7.35
C PRO A 5 0.35 -13.93 6.03
N GLN A 6 -0.50 -13.73 5.02
CA GLN A 6 -0.27 -14.31 3.71
C GLN A 6 0.75 -13.49 2.92
N THR A 7 0.51 -12.20 2.83
CA THR A 7 1.41 -11.30 2.11
C THR A 7 2.21 -10.42 3.06
N HIS A 8 1.87 -10.51 4.35
CA HIS A 8 2.56 -9.72 5.37
C HIS A 8 3.79 -10.46 5.89
N SER A 9 3.81 -11.77 5.66
CA SER A 9 4.93 -12.59 6.11
C SER A 9 6.07 -12.57 5.10
N LEU A 10 5.81 -13.13 3.92
CA LEU A 10 6.81 -13.18 2.86
C LEU A 10 6.66 -11.99 1.91
N GLY A 11 5.41 -11.57 1.69
CA GLY A 11 5.15 -10.45 0.80
C GLY A 11 5.71 -9.15 1.35
N SER A 12 5.68 -9.00 2.66
CA SER A 12 6.19 -7.79 3.31
C SER A 12 7.61 -7.49 2.87
N ARG A 13 8.52 -8.41 3.15
CA ARG A 13 9.92 -8.25 2.77
C ARG A 13 10.09 -8.30 1.25
N ARG A 14 9.60 -9.39 0.65
CA ARG A 14 9.71 -9.56 -0.79
C ARG A 14 9.26 -8.30 -1.53
N THR A 15 8.02 -7.89 -1.29
CA THR A 15 7.48 -6.70 -1.93
C THR A 15 8.30 -5.46 -1.58
N LEU A 16 8.70 -5.37 -0.31
CA LEU A 16 9.49 -4.22 0.15
C LEU A 16 10.79 -4.11 -0.64
N MET A 17 11.64 -5.10 -0.53
CA MET A 17 12.92 -5.12 -1.24
C MET A 17 12.71 -4.85 -2.73
N LEU A 18 11.89 -5.69 -3.36
CA LEU A 18 11.61 -5.54 -4.78
C LEU A 18 11.15 -4.13 -5.12
N LEU A 19 10.11 -3.67 -4.42
CA LEU A 19 9.58 -2.33 -4.64
C LEU A 19 10.67 -1.28 -4.47
N ALA A 20 11.66 -1.59 -3.65
CA ALA A 20 12.77 -0.67 -3.41
C ALA A 20 13.72 -0.63 -4.60
N GLN A 21 14.00 -1.80 -5.16
CA GLN A 21 14.90 -1.89 -6.30
C GLN A 21 14.14 -1.66 -7.62
N MET A 22 12.81 -1.58 -7.52
CA MET A 22 11.98 -1.36 -8.69
C MET A 22 11.99 0.11 -9.09
N ARG A 23 12.20 0.99 -8.13
CA ARG A 23 12.24 2.42 -8.37
C ARG A 23 13.68 2.92 -8.51
N LYS A 24 13.91 3.79 -9.48
CA LYS A 24 15.23 4.35 -9.71
C LYS A 24 15.21 5.87 -9.65
N ILE A 25 15.68 6.41 -8.53
CA ILE A 25 15.72 7.86 -8.35
C ILE A 25 16.74 8.25 -7.29
N SER A 26 16.88 9.56 -7.07
CA SER A 26 17.83 10.06 -6.08
C SER A 26 17.10 10.65 -4.88
N LEU A 27 17.41 10.13 -3.70
CA LEU A 27 16.78 10.61 -2.46
C LEU A 27 17.03 12.10 -2.26
N PHE A 28 18.11 12.60 -2.87
CA PHE A 28 18.45 14.02 -2.76
C PHE A 28 17.83 14.81 -3.90
N SER A 29 17.05 14.14 -4.73
CA SER A 29 16.40 14.78 -5.88
C SER A 29 15.23 15.64 -5.42
N CYS A 30 14.74 15.37 -4.21
CA CYS A 30 13.62 16.12 -3.65
C CYS A 30 13.57 15.98 -2.13
N LEU A 31 14.35 16.82 -1.45
CA LEU A 31 14.40 16.79 0.01
C LEU A 31 13.26 17.60 0.61
N LYS A 32 12.99 18.77 0.02
CA LYS A 32 11.92 19.63 0.49
C LYS A 32 10.61 19.32 -0.23
N ASP A 33 10.56 18.17 -0.89
CA ASP A 33 9.36 17.75 -1.61
C ASP A 33 8.72 16.54 -0.96
N ARG A 34 9.52 15.81 -0.17
CA ARG A 34 9.02 14.62 0.51
C ARG A 34 8.23 14.99 1.76
N HIS A 35 7.58 14.01 2.36
CA HIS A 35 6.79 14.23 3.57
C HIS A 35 5.67 15.23 3.31
N ASP A 36 4.46 14.72 3.10
CA ASP A 36 3.31 15.58 2.83
C ASP A 36 2.02 14.91 3.31
N PHE A 37 1.91 13.60 3.06
CA PHE A 37 0.72 12.85 3.46
C PHE A 37 0.69 12.65 4.97
N GLY A 38 1.72 11.99 5.50
CA GLY A 38 1.80 11.74 6.92
C GLY A 38 0.60 10.97 7.44
N PHE A 39 0.57 9.67 7.16
CA PHE A 39 -0.52 8.82 7.60
C PHE A 39 -0.42 8.51 9.09
N PRO A 40 -1.52 8.75 9.82
CA PRO A 40 -1.57 8.50 11.27
C PRO A 40 -1.56 7.02 11.60
N GLN A 41 -0.35 6.45 11.66
CA GLN A 41 -0.20 5.03 11.97
C GLN A 41 -0.75 4.72 13.37
N GLU A 42 -0.90 5.76 14.19
CA GLU A 42 -1.41 5.59 15.54
C GLU A 42 -2.88 5.20 15.52
N GLU A 43 -3.66 5.90 14.69
CA GLU A 43 -5.08 5.63 14.58
C GLU A 43 -5.36 4.61 13.48
N PHE A 44 -4.42 4.48 12.55
CA PHE A 44 -4.56 3.54 11.45
C PHE A 44 -4.25 2.12 11.90
N GLY A 45 -3.51 2.00 13.00
CA GLY A 45 -3.16 0.69 13.51
C GLY A 45 -4.37 -0.13 13.90
N ASN A 46 -4.74 -1.09 13.05
CA ASN A 46 -5.90 -1.93 13.31
C ASN A 46 -5.70 -3.32 12.69
N GLN A 47 -4.64 -4.01 13.11
CA GLN A 47 -4.35 -5.34 12.61
C GLN A 47 -4.76 -6.42 13.60
N PHE A 48 -5.45 -5.99 14.66
CA PHE A 48 -5.91 -6.92 15.69
C PHE A 48 -7.17 -7.65 15.25
N GLN A 49 -7.91 -7.03 14.34
CA GLN A 49 -9.14 -7.62 13.83
C GLN A 49 -8.98 -8.07 12.38
N LYS A 50 -9.44 -9.28 12.08
CA LYS A 50 -9.34 -9.82 10.73
C LYS A 50 -10.47 -9.31 9.85
N ALA A 51 -11.61 -9.01 10.48
CA ALA A 51 -12.77 -8.50 9.76
C ALA A 51 -12.72 -6.98 9.65
N GLU A 52 -11.83 -6.36 10.40
CA GLU A 52 -11.69 -4.91 10.39
C GLU A 52 -10.49 -4.48 9.54
N THR A 53 -9.72 -5.46 9.10
CA THR A 53 -8.54 -5.19 8.28
C THR A 53 -8.86 -5.33 6.79
N ILE A 54 -10.05 -5.84 6.49
CA ILE A 54 -10.48 -6.02 5.11
C ILE A 54 -10.51 -4.69 4.37
N PRO A 55 -11.01 -3.65 5.04
CA PRO A 55 -11.09 -2.29 4.46
C PRO A 55 -9.72 -1.66 4.28
N VAL A 56 -8.94 -1.62 5.36
CA VAL A 56 -7.61 -1.03 5.32
C VAL A 56 -6.70 -1.80 4.38
N LEU A 57 -6.73 -3.12 4.48
CA LEU A 57 -5.92 -3.98 3.63
C LEU A 57 -6.29 -3.82 2.16
N HIS A 58 -7.53 -4.17 1.83
CA HIS A 58 -8.03 -4.06 0.46
C HIS A 58 -7.73 -2.68 -0.11
N GLU A 59 -8.04 -1.64 0.65
CA GLU A 59 -7.81 -0.27 0.22
C GLU A 59 -6.34 -0.06 -0.16
N MET A 60 -5.44 -0.49 0.72
CA MET A 60 -4.01 -0.36 0.49
C MET A 60 -3.62 -0.97 -0.86
N ILE A 61 -3.72 -2.29 -0.95
CA ILE A 61 -3.38 -3.00 -2.18
C ILE A 61 -4.14 -2.41 -3.37
N GLN A 62 -5.36 -1.98 -3.13
CA GLN A 62 -6.19 -1.40 -4.19
C GLN A 62 -5.54 -0.15 -4.77
N GLN A 63 -5.26 0.82 -3.90
CA GLN A 63 -4.64 2.07 -4.33
C GLN A 63 -3.41 1.80 -5.20
N ILE A 64 -2.68 0.75 -4.85
CA ILE A 64 -1.48 0.38 -5.60
C ILE A 64 -1.84 -0.15 -6.98
N PHE A 65 -2.94 -0.90 -7.06
CA PHE A 65 -3.39 -1.47 -8.31
C PHE A 65 -3.84 -0.38 -9.28
N ASN A 66 -4.56 0.61 -8.75
CA ASN A 66 -5.05 1.71 -9.56
C ASN A 66 -3.90 2.54 -10.12
N LEU A 67 -2.93 2.84 -9.25
CA LEU A 67 -1.78 3.63 -9.66
C LEU A 67 -0.91 2.85 -10.65
N PHE A 68 -0.79 1.56 -10.45
CA PHE A 68 0.00 0.70 -11.33
C PHE A 68 -0.82 0.25 -12.52
N SER A 69 -2.12 0.55 -12.50
CA SER A 69 -3.01 0.17 -13.59
C SER A 69 -2.86 1.12 -14.78
N THR A 70 -2.18 2.24 -14.55
CA THR A 70 -1.98 3.24 -15.59
C THR A 70 -0.59 3.08 -16.22
N LYS A 71 -0.37 3.77 -17.33
CA LYS A 71 0.91 3.71 -18.03
C LYS A 71 1.93 4.62 -17.36
N ASP A 72 1.45 5.66 -16.69
CA ASP A 72 2.33 6.60 -16.01
C ASP A 72 3.31 5.86 -15.09
N SER A 73 2.84 4.79 -14.46
CA SER A 73 3.66 4.01 -13.55
C SER A 73 4.73 3.24 -14.33
N SER A 74 4.32 2.59 -15.41
CA SER A 74 5.23 1.80 -16.23
C SER A 74 6.22 2.72 -16.94
N ALA A 75 5.89 4.00 -17.02
CA ALA A 75 6.76 4.97 -17.68
C ALA A 75 7.64 5.69 -16.67
N ALA A 76 7.56 5.27 -15.41
CA ALA A 76 8.36 5.87 -14.35
C ALA A 76 9.41 4.89 -13.83
N TRP A 77 9.06 3.62 -13.81
CA TRP A 77 9.97 2.58 -13.35
C TRP A 77 10.07 1.44 -14.35
N ASP A 78 10.93 0.48 -14.06
CA ASP A 78 11.13 -0.66 -14.94
C ASP A 78 9.81 -1.36 -15.24
N GLU A 79 9.45 -1.44 -16.52
CA GLU A 79 8.21 -2.09 -16.93
C GLU A 79 8.16 -3.52 -16.44
N THR A 80 9.29 -4.22 -16.53
CA THR A 80 9.37 -5.61 -16.10
C THR A 80 8.98 -5.76 -14.63
N LEU A 81 9.73 -5.11 -13.75
CA LEU A 81 9.46 -5.16 -12.32
C LEU A 81 8.03 -4.74 -12.02
N LEU A 82 7.63 -3.60 -12.59
CA LEU A 82 6.28 -3.08 -12.38
C LEU A 82 5.23 -4.11 -12.81
N ASP A 83 5.43 -4.70 -13.98
CA ASP A 83 4.50 -5.69 -14.50
C ASP A 83 4.28 -6.81 -13.48
N LYS A 84 5.34 -7.54 -13.18
CA LYS A 84 5.26 -8.64 -12.22
C LYS A 84 4.80 -8.14 -10.86
N PHE A 85 5.23 -6.94 -10.49
CA PHE A 85 4.86 -6.34 -9.21
C PHE A 85 3.35 -6.13 -9.14
N TYR A 86 2.86 -5.14 -9.88
CA TYR A 86 1.43 -4.83 -9.89
C TYR A 86 0.60 -6.08 -10.16
N THR A 87 1.17 -7.00 -10.94
CA THR A 87 0.49 -8.24 -11.28
C THR A 87 0.21 -9.08 -10.03
N GLU A 88 1.23 -9.26 -9.20
CA GLU A 88 1.10 -10.03 -7.97
C GLU A 88 0.00 -9.44 -7.08
N LEU A 89 -0.02 -8.12 -6.97
CA LEU A 89 -1.01 -7.44 -6.14
C LEU A 89 -2.41 -7.67 -6.67
N TYR A 90 -2.54 -7.62 -8.00
CA TYR A 90 -3.84 -7.82 -8.65
C TYR A 90 -4.51 -9.10 -8.15
N GLN A 91 -3.80 -10.21 -8.32
CA GLN A 91 -4.33 -11.51 -7.88
C GLN A 91 -4.40 -11.59 -6.36
N GLN A 92 -3.50 -10.90 -5.69
CA GLN A 92 -3.47 -10.88 -4.23
C GLN A 92 -4.73 -10.26 -3.67
N LEU A 93 -4.95 -8.99 -3.98
CA LEU A 93 -6.12 -8.27 -3.50
C LEU A 93 -7.41 -9.00 -3.90
N ASN A 94 -7.44 -9.50 -5.13
CA ASN A 94 -8.61 -10.22 -5.62
C ASN A 94 -8.96 -11.39 -4.70
N ASP A 95 -7.97 -12.23 -4.43
CA ASP A 95 -8.18 -13.39 -3.57
C ASP A 95 -8.37 -12.96 -2.11
N LEU A 96 -7.37 -12.26 -1.57
CA LEU A 96 -7.43 -11.79 -0.20
C LEU A 96 -8.78 -11.13 0.10
N GLU A 97 -9.17 -10.19 -0.75
CA GLU A 97 -10.43 -9.49 -0.57
C GLU A 97 -11.61 -10.48 -0.56
N ALA A 98 -11.78 -11.18 -1.68
CA ALA A 98 -12.86 -12.15 -1.80
C ALA A 98 -12.84 -13.15 -0.63
N CYS A 99 -11.69 -13.25 0.02
CA CYS A 99 -11.54 -14.16 1.15
C CYS A 99 -12.36 -13.68 2.35
N VAL A 100 -12.09 -12.46 2.79
CA VAL A 100 -12.79 -11.88 3.92
C VAL A 100 -14.12 -11.27 3.49
N ILE A 101 -14.10 -10.53 2.39
CA ILE A 101 -15.29 -9.89 1.86
C ILE A 101 -16.46 -10.85 1.83
N GLN A 102 -16.23 -12.04 1.25
CA GLN A 102 -17.27 -13.05 1.15
C GLN A 102 -17.73 -13.50 2.53
N GLY A 103 -18.99 -13.89 2.63
CA GLY A 103 -19.53 -14.34 3.90
C GLY A 103 -18.81 -15.55 4.44
N VAL A 104 -18.05 -16.23 3.58
CA VAL A 104 -17.30 -17.41 3.98
C VAL A 104 -16.46 -17.14 5.22
N GLY A 105 -16.04 -15.89 5.38
CA GLY A 105 -15.23 -15.51 6.53
C GLY A 105 -15.99 -14.65 7.52
N VAL A 106 -15.75 -13.34 7.47
CA VAL A 106 -16.42 -12.42 8.37
C VAL A 106 -16.42 -11.00 7.80
N THR A 107 -17.67 -10.28 7.89
CA THR A 107 -17.86 -8.93 7.39
C THR A 107 -18.15 -7.99 8.55
N GLU A 108 -17.86 -6.70 8.38
CA GLU A 108 -18.11 -5.71 9.42
C GLU A 108 -18.96 -4.57 8.90
N THR A 109 -19.41 -3.71 9.80
CA THR A 109 -20.25 -2.57 9.43
C THR A 109 -19.39 -1.37 9.03
N PRO A 110 -19.99 -0.45 8.27
CA PRO A 110 -19.31 0.76 7.80
C PRO A 110 -19.03 1.74 8.93
N LEU A 111 -19.61 1.47 10.09
CA LEU A 111 -19.42 2.33 11.26
C LEU A 111 -17.97 2.37 11.68
N MET A 112 -17.40 1.20 11.96
CA MET A 112 -16.01 1.09 12.37
C MET A 112 -15.07 1.36 11.20
N LYS A 113 -15.61 1.29 9.98
CA LYS A 113 -14.83 1.52 8.77
C LYS A 113 -14.65 3.02 8.53
N GLU A 114 -15.51 3.82 9.16
CA GLU A 114 -15.44 5.27 9.00
C GLU A 114 -14.03 5.79 9.23
N ASP A 115 -13.33 5.16 10.16
CA ASP A 115 -11.96 5.55 10.49
C ASP A 115 -10.97 4.91 9.52
N SER A 116 -10.96 3.58 9.48
CA SER A 116 -10.06 2.85 8.60
C SER A 116 -10.16 3.35 7.17
N ILE A 117 -11.37 3.31 6.61
CA ILE A 117 -11.60 3.77 5.25
C ILE A 117 -11.13 5.21 5.07
N LEU A 118 -11.38 6.03 6.07
CA LEU A 118 -10.99 7.44 6.02
C LEU A 118 -9.48 7.58 5.87
N ALA A 119 -8.73 6.86 6.71
CA ALA A 119 -7.28 6.89 6.67
C ALA A 119 -6.76 6.45 5.30
N VAL A 120 -7.05 5.21 4.93
CA VAL A 120 -6.61 4.67 3.65
C VAL A 120 -7.01 5.59 2.50
N ARG A 121 -8.24 6.10 2.55
CA ARG A 121 -8.75 6.99 1.51
C ARG A 121 -7.90 8.26 1.45
N LYS A 122 -7.63 8.85 2.60
CA LYS A 122 -6.84 10.08 2.67
C LYS A 122 -5.47 9.87 2.04
N TYR A 123 -4.87 8.72 2.31
CA TYR A 123 -3.56 8.40 1.77
C TYR A 123 -3.60 8.30 0.25
N PHE A 124 -4.35 7.34 -0.26
CA PHE A 124 -4.47 7.13 -1.70
C PHE A 124 -4.91 8.43 -2.39
N GLN A 125 -5.99 9.03 -1.90
CA GLN A 125 -6.50 10.26 -2.47
C GLN A 125 -5.39 11.30 -2.59
N ARG A 126 -4.76 11.61 -1.46
CA ARG A 126 -3.68 12.60 -1.44
C ARG A 126 -2.53 12.16 -2.34
N ILE A 127 -2.30 10.86 -2.42
CA ILE A 127 -1.24 10.31 -3.25
C ILE A 127 -1.48 10.61 -4.72
N THR A 128 -2.55 10.06 -5.26
CA THR A 128 -2.90 10.26 -6.67
C THR A 128 -3.05 11.75 -6.98
N LEU A 129 -3.73 12.47 -6.11
CA LEU A 129 -3.95 13.90 -6.30
C LEU A 129 -2.62 14.65 -6.31
N TYR A 130 -1.78 14.39 -5.31
CA TYR A 130 -0.48 15.04 -5.21
C TYR A 130 0.28 14.93 -6.52
N LEU A 131 0.60 13.70 -6.91
CA LEU A 131 1.33 13.45 -8.14
C LEU A 131 0.57 13.99 -9.35
N LYS A 132 -0.76 13.99 -9.26
CA LYS A 132 -1.60 14.48 -10.34
C LYS A 132 -1.40 15.97 -10.55
N GLU A 133 -1.26 16.71 -9.45
CA GLU A 133 -1.05 18.15 -9.53
C GLU A 133 0.35 18.48 -10.01
N LYS A 134 1.30 17.59 -9.70
CA LYS A 134 2.69 17.79 -10.11
C LYS A 134 2.91 17.33 -11.55
N LYS A 135 1.81 16.97 -12.21
CA LYS A 135 1.88 16.50 -13.59
C LYS A 135 2.67 15.20 -13.71
N TYR A 136 2.54 14.36 -12.69
CA TYR A 136 3.24 13.08 -12.67
C TYR A 136 4.74 13.28 -12.86
N SER A 137 5.23 14.46 -12.48
CA SER A 137 6.65 14.77 -12.61
C SER A 137 7.51 13.67 -12.01
N PRO A 138 8.82 13.73 -12.28
CA PRO A 138 9.78 12.75 -11.77
C PRO A 138 9.98 12.85 -10.26
N CYS A 139 9.51 13.95 -9.69
CA CYS A 139 9.64 14.18 -8.25
C CYS A 139 8.44 13.62 -7.50
N ALA A 140 7.25 13.84 -8.05
CA ALA A 140 6.02 13.35 -7.44
C ALA A 140 6.07 11.84 -7.24
N TRP A 141 6.29 11.11 -8.33
CA TRP A 141 6.36 9.66 -8.29
C TRP A 141 7.30 9.19 -7.19
N GLU A 142 8.41 9.91 -7.04
CA GLU A 142 9.40 9.56 -6.02
C GLU A 142 8.80 9.67 -4.62
N VAL A 143 8.28 10.84 -4.28
CA VAL A 143 7.68 11.06 -2.98
C VAL A 143 6.60 10.02 -2.68
N VAL A 144 5.67 9.86 -3.62
CA VAL A 144 4.60 8.89 -3.47
C VAL A 144 5.14 7.51 -3.15
N ARG A 145 6.11 7.06 -3.94
CA ARG A 145 6.72 5.75 -3.74
C ARG A 145 7.24 5.61 -2.32
N ALA A 146 8.04 6.57 -1.89
CA ALA A 146 8.61 6.55 -0.54
C ALA A 146 7.54 6.31 0.50
N GLU A 147 6.52 7.16 0.51
CA GLU A 147 5.43 7.04 1.47
C GLU A 147 4.75 5.68 1.35
N ILE A 148 4.68 5.16 0.13
CA ILE A 148 4.06 3.86 -0.12
C ILE A 148 4.82 2.74 0.59
N MET A 149 6.15 2.80 0.50
CA MET A 149 6.99 1.78 1.13
C MET A 149 6.88 1.87 2.66
N ARG A 150 7.06 3.07 3.19
CA ARG A 150 6.99 3.28 4.64
C ARG A 150 5.65 2.81 5.19
N SER A 151 4.56 3.23 4.53
CA SER A 151 3.22 2.85 4.96
C SER A 151 3.00 1.35 4.82
N PHE A 152 3.54 0.78 3.75
CA PHE A 152 3.41 -0.65 3.49
C PHE A 152 4.09 -1.46 4.59
N SER A 153 5.38 -1.22 4.79
CA SER A 153 6.16 -1.92 5.81
C SER A 153 5.54 -1.72 7.19
N LEU A 154 5.24 -0.47 7.52
CA LEU A 154 4.65 -0.15 8.82
C LEU A 154 3.31 -0.85 9.00
N SER A 155 2.39 -0.62 8.06
CA SER A 155 1.07 -1.23 8.12
C SER A 155 1.18 -2.73 8.34
N THR A 156 2.12 -3.36 7.65
CA THR A 156 2.33 -4.80 7.77
C THR A 156 3.01 -5.15 9.09
N ASN A 157 3.79 -4.21 9.61
CA ASN A 157 4.49 -4.42 10.87
C ASN A 157 3.75 -3.75 12.03
N LEU A 158 2.54 -4.23 12.30
CA LEU A 158 1.73 -3.68 13.38
C LEU A 158 2.13 -4.29 14.72
N GLN A 159 2.20 -5.62 14.76
CA GLN A 159 2.57 -6.32 15.98
C GLN A 159 4.00 -6.83 15.91
N GLU A 160 4.51 -6.96 14.69
CA GLU A 160 5.87 -7.44 14.47
C GLU A 160 6.02 -8.88 14.97
N SER A 161 4.96 -9.67 14.83
CA SER A 161 4.97 -11.06 15.26
C SER A 161 4.85 -12.00 14.06
N LEU A 162 5.26 -11.53 12.90
CA LEU A 162 5.20 -12.32 11.69
C LEU A 162 6.28 -13.41 11.69
N ARG A 163 7.53 -13.01 11.46
CA ARG A 163 8.64 -13.94 11.44
C ARG A 163 9.69 -13.56 12.48
N SER A 164 10.41 -14.56 12.98
CA SER A 164 11.45 -14.32 13.98
C SER A 164 12.50 -13.36 13.45
N LYS A 165 13.16 -12.65 14.36
CA LYS A 165 14.19 -11.70 13.99
C LYS A 165 15.53 -12.07 14.64
N GLU A 166 15.47 -12.58 15.87
CA GLU A 166 16.67 -12.97 16.59
C GLU A 166 16.94 -14.47 16.43
O5 A2G B . -22.02 -7.50 6.83
C1 A2G B . -21.24 -8.16 7.80
C2 A2G B . -22.10 -8.81 8.92
N2 A2G B . -21.17 -9.47 9.86
C3 A2G B . -23.15 -9.74 8.28
O3 A2G B . -24.20 -10.14 9.18
C4 A2G B . -23.89 -9.03 7.12
O4 A2G B . -24.71 -8.02 7.66
C5 A2G B . -22.92 -8.38 6.12
C6 A2G B . -23.77 -7.51 5.20
O6 A2G B . -23.98 -6.36 5.77
C7 A2G B . -21.33 -10.75 10.34
O7 A2G B . -22.20 -11.06 11.15
C8 A2G B . -20.37 -11.75 9.78
H1 A2G B . -20.68 -7.51 8.19
H2 A2G B . -22.61 -8.03 9.50
HN2 A2G B . -20.75 -8.82 10.53
H3 A2G B . -22.69 -10.66 7.92
HO3 A2G B . -24.48 -11.04 8.93
H4 A2G B . -24.46 -9.65 6.70
HO4 A2G B . -24.18 -7.26 7.88
H5 A2G B . -22.47 -9.01 5.57
H61 A2G B . -24.72 -8.00 5.01
H81 A2G B . -19.35 -11.39 9.93
H82 A2G B . -20.53 -11.90 8.70
H83 A2G B . -20.50 -12.71 10.28
H62 A2G B . -23.23 -7.36 4.26
HO6 A2G B . -23.25 -5.79 5.98
N CYS A 2 -9.12 -13.66 6.56
CA CYS A 2 -7.78 -14.13 6.22
C CYS A 2 -6.77 -12.99 6.30
N ASP A 3 -6.70 -12.35 7.46
CA ASP A 3 -5.77 -11.24 7.67
C ASP A 3 -4.40 -11.75 8.08
N LEU A 4 -4.24 -13.08 8.09
CA LEU A 4 -2.98 -13.69 8.47
C LEU A 4 -1.81 -13.02 7.75
N PRO A 5 -0.61 -13.15 8.33
CA PRO A 5 0.61 -12.57 7.75
C PRO A 5 1.05 -13.29 6.48
N GLN A 6 0.27 -13.13 5.42
CA GLN A 6 0.56 -13.76 4.14
C GLN A 6 1.64 -12.98 3.40
N THR A 7 1.44 -11.68 3.27
CA THR A 7 2.39 -10.81 2.57
C THR A 7 3.19 -9.96 3.56
N HIS A 8 2.82 -10.04 4.83
CA HIS A 8 3.50 -9.29 5.88
C HIS A 8 4.70 -10.06 6.42
N SER A 9 4.69 -11.38 6.22
CA SER A 9 5.78 -12.23 6.69
C SER A 9 6.90 -12.29 5.66
N LEU A 10 6.61 -12.88 4.51
CA LEU A 10 7.59 -13.00 3.44
C LEU A 10 7.48 -11.83 2.46
N GLY A 11 6.25 -11.38 2.23
CA GLY A 11 6.04 -10.27 1.31
C GLY A 11 6.59 -8.96 1.85
N SER A 12 6.78 -8.90 3.17
CA SER A 12 7.30 -7.68 3.80
C SER A 12 8.67 -7.32 3.24
N ARG A 13 9.63 -8.22 3.40
CA ARG A 13 10.99 -8.00 2.92
C ARG A 13 11.03 -8.02 1.39
N ARG A 14 10.35 -9.01 0.81
CA ARG A 14 10.31 -9.15 -0.65
C ARG A 14 9.78 -7.88 -1.30
N THR A 15 8.57 -7.50 -0.93
CA THR A 15 7.93 -6.31 -1.49
C THR A 15 8.77 -5.07 -1.21
N LEU A 16 9.18 -4.90 0.05
CA LEU A 16 9.99 -3.76 0.45
C LEU A 16 11.26 -3.66 -0.40
N MET A 17 12.10 -4.70 -0.30
CA MET A 17 13.35 -4.73 -1.05
C MET A 17 13.10 -4.42 -2.53
N LEU A 18 12.32 -5.26 -3.19
CA LEU A 18 12.01 -5.09 -4.60
C LEU A 18 11.52 -3.67 -4.87
N LEU A 19 10.48 -3.26 -4.14
CA LEU A 19 9.91 -1.92 -4.30
C LEU A 19 10.98 -0.86 -4.12
N ALA A 20 12.02 -1.20 -3.37
CA ALA A 20 13.12 -0.27 -3.12
C ALA A 20 14.09 -0.23 -4.29
N GLN A 21 14.34 -1.40 -4.88
CA GLN A 21 15.26 -1.50 -6.01
C GLN A 21 14.54 -1.19 -7.32
N MET A 22 13.21 -1.06 -7.25
CA MET A 22 12.41 -0.77 -8.43
C MET A 22 12.39 0.73 -8.71
N ARG A 23 12.49 1.53 -7.66
CA ARG A 23 12.49 2.99 -7.80
C ARG A 23 13.90 3.51 -8.03
N LYS A 24 14.13 4.08 -9.20
CA LYS A 24 15.44 4.62 -9.55
C LYS A 24 15.38 6.15 -9.66
N ILE A 25 15.87 6.83 -8.63
CA ILE A 25 15.87 8.28 -8.61
C ILE A 25 16.90 8.82 -7.60
N SER A 26 17.00 10.14 -7.51
CA SER A 26 17.93 10.76 -6.59
C SER A 26 17.21 11.25 -5.34
N LEU A 27 17.69 10.81 -4.17
CA LEU A 27 17.09 11.21 -2.91
C LEU A 27 17.10 12.72 -2.73
N PHE A 28 18.03 13.38 -3.42
CA PHE A 28 18.16 14.83 -3.35
C PHE A 28 17.33 15.50 -4.44
N SER A 29 16.60 14.69 -5.22
CA SER A 29 15.78 15.21 -6.29
C SER A 29 14.59 16.00 -5.74
N CYS A 30 14.14 15.63 -4.55
CA CYS A 30 13.02 16.30 -3.91
C CYS A 30 13.08 16.13 -2.40
N LEU A 31 13.77 17.05 -1.73
CA LEU A 31 13.90 17.01 -0.27
C LEU A 31 12.71 17.67 0.39
N LYS A 32 12.24 18.77 -0.18
CA LYS A 32 11.10 19.50 0.35
C LYS A 32 9.79 19.03 -0.29
N ASP A 33 9.83 17.83 -0.87
CA ASP A 33 8.65 17.27 -1.52
C ASP A 33 8.23 15.96 -0.86
N ARG A 34 9.20 15.30 -0.22
CA ARG A 34 8.94 14.03 0.44
C ARG A 34 8.26 14.26 1.80
N HIS A 35 7.67 13.20 2.34
CA HIS A 35 6.99 13.28 3.63
C HIS A 35 5.98 14.43 3.64
N ASP A 36 4.76 14.15 3.22
CA ASP A 36 3.70 15.15 3.19
C ASP A 36 2.38 14.57 3.66
N PHE A 37 1.95 13.50 3.01
CA PHE A 37 0.68 12.86 3.37
C PHE A 37 0.66 12.51 4.86
N GLY A 38 1.48 11.55 5.25
CA GLY A 38 1.54 11.14 6.65
C GLY A 38 0.16 10.84 7.22
N PHE A 39 -0.24 9.57 7.16
CA PHE A 39 -1.55 9.16 7.67
C PHE A 39 -1.52 9.07 9.19
N PRO A 40 -2.66 9.39 9.82
CA PRO A 40 -2.80 9.35 11.28
C PRO A 40 -2.79 7.92 11.82
N GLN A 41 -1.60 7.36 11.99
CA GLN A 41 -1.45 6.01 12.50
C GLN A 41 -2.13 5.87 13.87
N GLU A 42 -2.34 7.00 14.54
CA GLU A 42 -2.97 6.99 15.85
C GLU A 42 -4.44 6.60 15.75
N GLU A 43 -5.14 7.19 14.78
CA GLU A 43 -6.55 6.91 14.56
C GLU A 43 -6.74 5.77 13.58
N PHE A 44 -5.71 5.51 12.77
CA PHE A 44 -5.75 4.45 11.78
C PHE A 44 -5.53 3.08 12.43
N GLY A 45 -4.92 3.09 13.61
CA GLY A 45 -4.65 1.85 14.32
C GLY A 45 -5.92 1.15 14.75
N ASN A 46 -5.82 0.32 15.78
CA ASN A 46 -6.97 -0.42 16.29
C ASN A 46 -7.54 -1.33 15.21
N GLN A 47 -6.75 -1.59 14.18
CA GLN A 47 -7.18 -2.46 13.09
C GLN A 47 -6.36 -3.75 13.05
N PHE A 48 -6.02 -4.26 14.22
CA PHE A 48 -5.23 -5.48 14.33
C PHE A 48 -6.12 -6.72 14.32
N GLN A 49 -7.38 -6.53 13.91
CA GLN A 49 -8.34 -7.62 13.85
C GLN A 49 -8.30 -8.31 12.50
N LYS A 50 -9.13 -9.33 12.33
CA LYS A 50 -9.20 -10.09 11.09
C LYS A 50 -10.13 -9.40 10.09
N ALA A 51 -11.34 -9.07 10.55
CA ALA A 51 -12.32 -8.41 9.69
C ALA A 51 -12.18 -6.90 9.76
N GLU A 52 -11.22 -6.43 10.55
CA GLU A 52 -10.98 -5.00 10.71
C GLU A 52 -9.81 -4.55 9.84
N THR A 53 -9.05 -5.51 9.33
CA THR A 53 -7.90 -5.21 8.49
C THR A 53 -8.25 -5.35 7.02
N ILE A 54 -9.42 -5.91 6.74
CA ILE A 54 -9.88 -6.11 5.37
C ILE A 54 -9.99 -4.77 4.63
N PRO A 55 -10.52 -3.77 5.32
CA PRO A 55 -10.70 -2.43 4.75
C PRO A 55 -9.36 -1.71 4.54
N VAL A 56 -8.57 -1.63 5.60
CA VAL A 56 -7.27 -0.97 5.53
C VAL A 56 -6.33 -1.70 4.57
N LEU A 57 -6.29 -3.02 4.68
CA LEU A 57 -5.44 -3.83 3.83
C LEU A 57 -5.86 -3.71 2.36
N HIS A 58 -7.09 -4.14 2.07
CA HIS A 58 -7.61 -4.08 0.71
C HIS A 58 -7.40 -2.69 0.11
N GLU A 59 -7.76 -1.66 0.87
CA GLU A 59 -7.60 -0.28 0.41
C GLU A 59 -6.16 0.00 0.02
N MET A 60 -5.23 -0.45 0.85
CA MET A 60 -3.81 -0.25 0.59
C MET A 60 -3.41 -0.83 -0.76
N ILE A 61 -3.49 -2.17 -0.85
CA ILE A 61 -3.14 -2.86 -2.09
C ILE A 61 -3.97 -2.36 -3.26
N GLN A 62 -5.16 -1.84 -2.95
CA GLN A 62 -6.05 -1.32 -3.98
C GLN A 62 -5.45 -0.10 -4.66
N GLN A 63 -5.26 0.96 -3.89
CA GLN A 63 -4.69 2.20 -4.43
C GLN A 63 -3.43 1.91 -5.25
N ILE A 64 -2.62 0.97 -4.77
CA ILE A 64 -1.39 0.61 -5.45
C ILE A 64 -1.69 -0.07 -6.79
N PHE A 65 -2.75 -0.87 -6.82
CA PHE A 65 -3.14 -1.58 -8.02
C PHE A 65 -3.59 -0.60 -9.11
N ASN A 66 -4.29 0.45 -8.70
CA ASN A 66 -4.77 1.47 -9.63
C ASN A 66 -3.62 2.25 -10.23
N LEU A 67 -2.68 2.67 -9.38
CA LEU A 67 -1.52 3.43 -9.83
C LEU A 67 -0.71 2.62 -10.84
N PHE A 68 -0.37 1.39 -10.48
CA PHE A 68 0.41 0.52 -11.34
C PHE A 68 -0.43 0.01 -12.51
N SER A 69 -1.74 0.26 -12.43
CA SER A 69 -2.66 -0.18 -13.47
C SER A 69 -2.55 0.72 -14.70
N THR A 70 -1.88 1.86 -14.54
CA THR A 70 -1.71 2.80 -15.63
C THR A 70 -0.35 2.63 -16.30
N LYS A 71 -0.15 3.34 -17.41
CA LYS A 71 1.11 3.27 -18.15
C LYS A 71 2.17 4.15 -17.51
N ASP A 72 1.72 5.22 -16.86
CA ASP A 72 2.63 6.15 -16.20
C ASP A 72 3.60 5.41 -15.28
N SER A 73 3.12 4.32 -14.71
CA SER A 73 3.93 3.52 -13.80
C SER A 73 4.91 2.62 -14.58
N SER A 74 4.38 1.85 -15.51
CA SER A 74 5.18 0.95 -16.33
C SER A 74 6.23 1.73 -17.11
N ALA A 75 5.96 3.02 -17.34
CA ALA A 75 6.88 3.87 -18.09
C ALA A 75 7.72 4.71 -17.14
N ALA A 76 7.46 4.58 -15.84
CA ALA A 76 8.19 5.33 -14.83
C ALA A 76 9.35 4.51 -14.27
N TRP A 77 9.14 3.21 -14.16
CA TRP A 77 10.17 2.31 -13.64
C TRP A 77 10.32 1.09 -14.54
N ASP A 78 11.27 0.22 -14.20
CA ASP A 78 11.52 -0.99 -14.98
C ASP A 78 10.23 -1.77 -15.19
N GLU A 79 9.85 -1.95 -16.45
CA GLU A 79 8.64 -2.67 -16.79
C GLU A 79 8.66 -4.07 -16.20
N THR A 80 9.84 -4.68 -16.17
CA THR A 80 10.00 -6.02 -15.63
C THR A 80 9.66 -6.06 -14.14
N LEU A 81 10.42 -5.32 -13.35
CA LEU A 81 10.20 -5.27 -11.90
C LEU A 81 8.77 -4.83 -11.59
N LEU A 82 8.31 -3.79 -12.27
CA LEU A 82 6.96 -3.27 -12.06
C LEU A 82 5.92 -4.32 -12.42
N ASP A 83 6.11 -4.99 -13.55
CA ASP A 83 5.19 -6.01 -14.01
C ASP A 83 4.98 -7.07 -12.93
N LYS A 84 6.05 -7.76 -12.57
CA LYS A 84 5.98 -8.80 -11.54
C LYS A 84 5.49 -8.22 -10.22
N PHE A 85 5.96 -7.02 -9.88
CA PHE A 85 5.57 -6.36 -8.64
C PHE A 85 4.06 -6.13 -8.61
N TYR A 86 3.59 -5.18 -9.42
CA TYR A 86 2.18 -4.86 -9.48
C TYR A 86 1.34 -6.11 -9.70
N THR A 87 1.90 -7.07 -10.42
CA THR A 87 1.20 -8.32 -10.70
C THR A 87 0.89 -9.07 -9.43
N GLU A 88 1.89 -9.19 -8.56
CA GLU A 88 1.72 -9.88 -7.29
C GLU A 88 0.60 -9.26 -6.47
N LEU A 89 0.61 -7.94 -6.37
CA LEU A 89 -0.41 -7.22 -5.61
C LEU A 89 -1.80 -7.50 -6.16
N TYR A 90 -1.91 -7.50 -7.49
CA TYR A 90 -3.19 -7.76 -8.15
C TYR A 90 -3.83 -9.04 -7.64
N GLN A 91 -3.10 -10.15 -7.78
CA GLN A 91 -3.59 -11.45 -7.32
C GLN A 91 -3.68 -11.49 -5.80
N GLN A 92 -2.84 -10.70 -5.14
CA GLN A 92 -2.83 -10.65 -3.68
C GLN A 92 -4.14 -10.07 -3.14
N LEU A 93 -4.43 -8.84 -3.52
CA LEU A 93 -5.65 -8.17 -3.08
C LEU A 93 -6.88 -8.96 -3.49
N ASN A 94 -6.88 -9.45 -4.73
CA ASN A 94 -8.00 -10.23 -5.24
C ASN A 94 -8.30 -11.43 -4.35
N ASP A 95 -7.27 -12.22 -4.08
CA ASP A 95 -7.42 -13.39 -3.23
C ASP A 95 -7.68 -13.00 -1.78
N LEU A 96 -6.72 -12.28 -1.19
CA LEU A 96 -6.84 -11.83 0.20
C LEU A 96 -8.23 -11.23 0.46
N GLU A 97 -8.63 -10.29 -0.39
CA GLU A 97 -9.93 -9.65 -0.26
C GLU A 97 -11.05 -10.69 -0.26
N ALA A 98 -11.19 -11.39 -1.37
CA ALA A 98 -12.22 -12.42 -1.50
C ALA A 98 -12.16 -13.41 -0.35
N CYS A 99 -11.02 -13.45 0.33
CA CYS A 99 -10.83 -14.35 1.46
C CYS A 99 -11.64 -13.89 2.68
N VAL A 100 -11.39 -12.65 3.10
CA VAL A 100 -12.08 -12.07 4.25
C VAL A 100 -13.43 -11.50 3.84
N ILE A 101 -13.44 -10.75 2.74
CA ILE A 101 -14.67 -10.14 2.25
C ILE A 101 -15.81 -11.15 2.21
N GLN A 102 -15.60 -12.26 1.51
CA GLN A 102 -16.61 -13.31 1.41
C GLN A 102 -17.08 -13.75 2.79
N GLY A 103 -18.31 -14.24 2.85
CA GLY A 103 -18.86 -14.69 4.12
C GLY A 103 -18.16 -15.91 4.66
N VAL A 104 -17.33 -16.54 3.83
CA VAL A 104 -16.59 -17.72 4.23
C VAL A 104 -15.86 -17.50 5.55
N GLY A 105 -15.49 -16.25 5.81
CA GLY A 105 -14.79 -15.92 7.05
C GLY A 105 -15.55 -14.93 7.90
N VAL A 106 -15.20 -13.66 7.79
CA VAL A 106 -15.86 -12.61 8.56
C VAL A 106 -15.88 -11.29 7.79
N THR A 107 -17.00 -10.41 8.06
CA THR A 107 -17.19 -9.13 7.42
C THR A 107 -17.07 -8.01 8.45
N GLU A 108 -17.07 -6.76 7.98
CA GLU A 108 -16.97 -5.62 8.87
C GLU A 108 -18.11 -4.62 8.63
N THR A 109 -18.21 -3.63 9.50
CA THR A 109 -19.25 -2.62 9.38
C THR A 109 -18.66 -1.24 9.09
N PRO A 110 -19.46 -0.36 8.47
CA PRO A 110 -19.02 1.00 8.13
C PRO A 110 -18.87 1.87 9.37
N LEU A 111 -19.27 1.35 10.52
CA LEU A 111 -19.17 2.09 11.77
C LEU A 111 -17.72 2.26 12.19
N MET A 112 -17.01 1.14 12.32
CA MET A 112 -15.61 1.17 12.71
C MET A 112 -14.71 1.48 11.50
N LYS A 113 -15.27 1.33 10.31
CA LYS A 113 -14.52 1.58 9.08
C LYS A 113 -14.38 3.08 8.84
N GLU A 114 -15.22 3.87 9.51
CA GLU A 114 -15.19 5.32 9.38
C GLU A 114 -13.77 5.85 9.59
N ASP A 115 -13.03 5.20 10.47
CA ASP A 115 -11.65 5.62 10.76
C ASP A 115 -10.68 4.99 9.77
N SER A 116 -10.65 3.66 9.74
CA SER A 116 -9.76 2.94 8.83
C SER A 116 -9.93 3.42 7.40
N ILE A 117 -11.15 3.34 6.89
CA ILE A 117 -11.45 3.77 5.53
C ILE A 117 -11.01 5.22 5.30
N LEU A 118 -11.32 6.08 6.27
CA LEU A 118 -10.96 7.50 6.19
C LEU A 118 -9.46 7.66 5.97
N ALA A 119 -8.67 6.99 6.79
CA ALA A 119 -7.21 7.06 6.68
C ALA A 119 -6.74 6.61 5.30
N VAL A 120 -7.00 5.35 4.99
CA VAL A 120 -6.60 4.79 3.69
C VAL A 120 -7.09 5.66 2.54
N ARG A 121 -8.33 6.15 2.67
CA ARG A 121 -8.91 7.00 1.64
C ARG A 121 -8.13 8.29 1.48
N LYS A 122 -8.03 9.06 2.55
CA LYS A 122 -7.29 10.32 2.54
C LYS A 122 -5.91 10.13 1.94
N TYR A 123 -5.24 9.05 2.30
CA TYR A 123 -3.91 8.75 1.79
C TYR A 123 -3.94 8.54 0.28
N PHE A 124 -4.66 7.52 -0.16
CA PHE A 124 -4.77 7.20 -1.57
C PHE A 124 -5.19 8.43 -2.37
N GLN A 125 -6.29 9.05 -1.96
CA GLN A 125 -6.79 10.24 -2.64
C GLN A 125 -5.69 11.28 -2.81
N ARG A 126 -5.10 11.69 -1.70
CA ARG A 126 -4.02 12.68 -1.72
C ARG A 126 -2.85 12.19 -2.56
N ILE A 127 -2.59 10.89 -2.50
CA ILE A 127 -1.49 10.29 -3.25
C ILE A 127 -1.71 10.44 -4.76
N THR A 128 -2.75 9.80 -5.26
CA THR A 128 -3.07 9.85 -6.68
C THR A 128 -3.28 11.29 -7.14
N LEU A 129 -4.01 12.06 -6.33
CA LEU A 129 -4.28 13.46 -6.64
C LEU A 129 -2.99 14.26 -6.73
N TYR A 130 -2.15 14.15 -5.70
CA TYR A 130 -0.89 14.87 -5.66
C TYR A 130 -0.10 14.65 -6.95
N LEU A 131 0.29 13.41 -7.20
CA LEU A 131 1.05 13.07 -8.39
C LEU A 131 0.30 13.48 -9.65
N LYS A 132 -1.02 13.38 -9.60
CA LYS A 132 -1.86 13.75 -10.74
C LYS A 132 -1.72 15.24 -11.06
N GLU A 133 -1.75 16.07 -10.02
CA GLU A 133 -1.61 17.51 -10.20
C GLU A 133 -0.23 17.87 -10.74
N LYS A 134 0.77 17.09 -10.37
CA LYS A 134 2.14 17.32 -10.81
C LYS A 134 2.36 16.74 -12.21
N LYS A 135 1.29 16.22 -12.80
CA LYS A 135 1.37 15.62 -14.13
C LYS A 135 2.24 14.37 -14.12
N TYR A 136 2.20 13.64 -13.01
CA TYR A 136 2.98 12.42 -12.88
C TYR A 136 4.47 12.70 -13.06
N SER A 137 4.88 13.93 -12.73
CA SER A 137 6.28 14.33 -12.86
C SER A 137 7.20 13.29 -12.22
N PRO A 138 8.51 13.43 -12.49
CA PRO A 138 9.52 12.52 -11.95
C PRO A 138 9.71 12.68 -10.45
N CYS A 139 9.22 13.79 -9.91
CA CYS A 139 9.33 14.06 -8.49
C CYS A 139 8.12 13.54 -7.73
N ALA A 140 6.94 13.69 -8.32
CA ALA A 140 5.71 13.23 -7.71
C ALA A 140 5.80 11.74 -7.35
N TRP A 141 6.10 10.91 -8.35
CA TRP A 141 6.22 9.48 -8.13
C TRP A 141 7.11 9.18 -6.93
N GLU A 142 8.18 9.95 -6.78
CA GLU A 142 9.12 9.77 -5.68
C GLU A 142 8.41 9.97 -4.34
N VAL A 143 7.81 11.14 -4.16
CA VAL A 143 7.10 11.45 -2.93
C VAL A 143 6.12 10.34 -2.56
N VAL A 144 5.33 9.91 -3.53
CA VAL A 144 4.34 8.86 -3.32
C VAL A 144 5.02 7.55 -2.96
N ARG A 145 6.07 7.20 -3.69
CA ARG A 145 6.80 5.97 -3.45
C ARG A 145 7.37 5.94 -2.04
N ALA A 146 8.14 6.96 -1.69
CA ALA A 146 8.74 7.06 -0.37
C ALA A 146 7.70 6.87 0.73
N GLU A 147 6.64 7.68 0.67
CA GLU A 147 5.58 7.61 1.65
C GLU A 147 4.90 6.24 1.62
N ILE A 148 4.88 5.62 0.45
CA ILE A 148 4.28 4.30 0.28
C ILE A 148 5.05 3.23 1.04
N MET A 149 6.37 3.28 0.94
CA MET A 149 7.23 2.32 1.62
C MET A 149 7.16 2.51 3.13
N ARG A 150 7.28 3.76 3.58
CA ARG A 150 7.24 4.06 5.00
C ARG A 150 5.91 3.62 5.61
N SER A 151 4.81 4.12 5.06
CA SER A 151 3.48 3.79 5.55
C SER A 151 3.26 2.28 5.51
N PHE A 152 3.67 1.66 4.40
CA PHE A 152 3.51 0.22 4.24
C PHE A 152 4.19 -0.54 5.37
N SER A 153 5.41 -0.13 5.69
CA SER A 153 6.17 -0.79 6.76
C SER A 153 5.47 -0.62 8.10
N LEU A 154 5.00 0.59 8.37
CA LEU A 154 4.31 0.88 9.63
C LEU A 154 3.03 0.08 9.73
N SER A 155 2.14 0.25 8.76
CA SER A 155 0.88 -0.47 8.75
C SER A 155 1.09 -1.97 8.96
N THR A 156 2.11 -2.50 8.31
CA THR A 156 2.43 -3.93 8.42
C THR A 156 3.01 -4.26 9.79
N ASN A 157 3.84 -3.36 10.30
CA ASN A 157 4.46 -3.55 11.61
C ASN A 157 3.49 -3.22 12.74
N LEU A 158 2.38 -3.94 12.79
CA LEU A 158 1.36 -3.72 13.81
C LEU A 158 1.50 -4.74 14.94
N GLN A 159 1.81 -5.99 14.58
CA GLN A 159 1.97 -7.04 15.56
C GLN A 159 3.45 -7.32 15.84
N GLU A 160 4.30 -6.91 14.91
CA GLU A 160 5.74 -7.10 15.07
C GLU A 160 6.08 -8.58 15.21
N SER A 161 5.20 -9.43 14.69
CA SER A 161 5.40 -10.88 14.76
C SER A 161 5.30 -11.51 13.39
N LEU A 162 5.76 -10.79 12.37
CA LEU A 162 5.71 -11.29 11.00
C LEU A 162 6.97 -12.08 10.66
N ARG A 163 6.79 -13.29 10.16
CA ARG A 163 7.91 -14.15 9.79
C ARG A 163 7.46 -15.26 8.86
N SER A 164 8.30 -15.59 7.88
CA SER A 164 7.99 -16.64 6.92
C SER A 164 7.61 -17.94 7.63
N LYS A 165 6.38 -18.38 7.41
CA LYS A 165 5.88 -19.60 8.03
C LYS A 165 5.57 -20.67 6.97
N GLU A 166 5.27 -20.22 5.76
CA GLU A 166 4.96 -21.12 4.66
C GLU A 166 6.07 -22.17 4.49
O5 A2G B . -20.83 -7.03 7.61
C1 A2G B . -20.26 -7.92 8.56
C2 A2G B . -21.27 -8.36 9.65
N2 A2G B . -20.56 -9.30 10.56
C3 A2G B . -22.52 -8.96 8.96
O3 A2G B . -23.65 -9.11 9.84
C4 A2G B . -23.03 -8.03 7.84
O4 A2G B . -23.57 -6.87 8.43
C5 A2G B . -21.92 -7.62 6.88
C6 A2G B . -22.50 -6.51 5.99
O6 A2G B . -21.59 -6.13 5.14
C7 A2G B . -20.88 -10.62 10.70
O7 A2G B . -22.02 -11.03 10.94
C8 A2G B . -19.71 -11.56 10.55
H1 A2G B . -19.55 -7.46 8.97
H2 A2G B . -21.56 -7.51 10.27
HN2 A2G B . -20.24 -8.84 11.41
H3 A2G B . -22.32 -9.95 8.57
HO3 A2G B . -23.62 -10.01 10.22
H4 A2G B . -23.75 -8.45 7.38
HO4 A2G B . -22.87 -6.41 8.92
H5 A2G B . -21.64 -8.31 6.30
H61 A2G B . -22.78 -5.66 6.61
H81 A2G B . -19.45 -11.63 9.49
H82 A2G B . -19.94 -12.56 10.93
H83 A2G B . -18.85 -11.16 11.11
H62 A2G B . -23.37 -6.89 5.46
HO6 A2G B . -21.83 -5.51 4.44
N CYS A 2 -9.84 -13.30 6.05
CA CYS A 2 -8.51 -13.81 5.76
C CYS A 2 -7.47 -12.70 5.85
N ASP A 3 -7.48 -11.99 6.98
CA ASP A 3 -6.54 -10.90 7.21
C ASP A 3 -5.16 -11.44 7.58
N LEU A 4 -5.08 -12.76 7.76
CA LEU A 4 -3.82 -13.40 8.13
C LEU A 4 -2.67 -12.91 7.25
N PRO A 5 -1.44 -13.04 7.75
CA PRO A 5 -0.25 -12.62 7.03
C PRO A 5 0.05 -13.52 5.82
N GLN A 6 -0.71 -13.33 4.76
CA GLN A 6 -0.54 -14.12 3.55
C GLN A 6 0.64 -13.61 2.73
N THR A 7 0.66 -12.30 2.47
CA THR A 7 1.73 -11.69 1.70
C THR A 7 2.66 -10.89 2.60
N HIS A 8 2.27 -10.72 3.85
CA HIS A 8 3.07 -9.98 4.82
C HIS A 8 4.09 -10.88 5.49
N SER A 9 3.89 -12.19 5.36
CA SER A 9 4.78 -13.17 5.97
C SER A 9 5.95 -13.48 5.04
N LEU A 10 5.64 -14.08 3.89
CA LEU A 10 6.67 -14.43 2.91
C LEU A 10 6.81 -13.33 1.86
N GLY A 11 5.70 -12.69 1.51
CA GLY A 11 5.73 -11.63 0.53
C GLY A 11 6.37 -10.36 1.06
N SER A 12 6.44 -10.25 2.38
CA SER A 12 7.03 -9.07 3.01
C SER A 12 8.43 -8.80 2.46
N ARG A 13 9.28 -9.82 2.50
CA ARG A 13 10.64 -9.70 2.00
C ARG A 13 10.66 -9.46 0.50
N ARG A 14 10.14 -10.43 -0.25
CA ARG A 14 10.09 -10.32 -1.71
C ARG A 14 9.54 -8.97 -2.14
N THR A 15 8.32 -8.67 -1.72
CA THR A 15 7.68 -7.41 -2.07
C THR A 15 8.58 -6.23 -1.73
N LEU A 16 9.06 -6.19 -0.50
CA LEU A 16 9.93 -5.11 -0.05
C LEU A 16 11.16 -4.98 -0.95
N MET A 17 11.97 -6.03 -0.99
CA MET A 17 13.17 -6.05 -1.81
C MET A 17 12.84 -5.62 -3.24
N LEU A 18 11.99 -6.40 -3.90
CA LEU A 18 11.60 -6.09 -5.27
C LEU A 18 11.16 -4.64 -5.42
N LEU A 19 10.19 -4.23 -4.61
CA LEU A 19 9.69 -2.86 -4.65
C LEU A 19 10.82 -1.87 -4.42
N ALA A 20 11.88 -2.32 -3.75
CA ALA A 20 13.02 -1.46 -3.47
C ALA A 20 13.97 -1.40 -4.67
N GLN A 21 14.13 -2.53 -5.35
CA GLN A 21 15.00 -2.60 -6.51
C GLN A 21 14.26 -2.16 -7.78
N MET A 22 12.95 -1.97 -7.66
CA MET A 22 12.13 -1.55 -8.79
C MET A 22 12.15 -0.03 -8.92
N ARG A 23 12.23 0.66 -7.79
CA ARG A 23 12.24 2.12 -7.79
C ARG A 23 13.66 2.65 -7.99
N LYS A 24 13.86 3.39 -9.07
CA LYS A 24 15.17 3.96 -9.38
C LYS A 24 15.12 5.48 -9.37
N ILE A 25 15.60 6.08 -8.30
CA ILE A 25 15.61 7.53 -8.17
C ILE A 25 16.62 7.99 -7.12
N SER A 26 16.76 9.30 -6.96
CA SER A 26 17.70 9.87 -6.00
C SER A 26 16.97 10.34 -4.75
N LEU A 27 17.39 9.84 -3.60
CA LEU A 27 16.78 10.22 -2.33
C LEU A 27 16.90 11.73 -2.09
N PHE A 28 17.87 12.35 -2.75
CA PHE A 28 18.09 13.78 -2.62
C PHE A 28 17.31 14.55 -3.67
N SER A 29 16.50 13.83 -4.46
CA SER A 29 15.70 14.45 -5.51
C SER A 29 14.64 15.36 -4.91
N CYS A 30 14.13 14.99 -3.75
CA CYS A 30 13.10 15.77 -3.06
C CYS A 30 13.14 15.54 -1.56
N LEU A 31 13.94 16.35 -0.86
CA LEU A 31 14.07 16.23 0.58
C LEU A 31 12.97 17.00 1.30
N LYS A 32 12.19 17.75 0.53
CA LYS A 32 11.09 18.55 1.08
C LYS A 32 9.74 17.97 0.65
N ASP A 33 9.78 16.93 -0.17
CA ASP A 33 8.56 16.30 -0.64
C ASP A 33 8.51 14.83 -0.24
N ARG A 34 9.68 14.28 0.10
CA ARG A 34 9.77 12.89 0.52
C ARG A 34 8.65 12.52 1.48
N HIS A 35 8.38 13.42 2.43
CA HIS A 35 7.34 13.20 3.41
C HIS A 35 6.33 14.34 3.40
N ASP A 36 5.05 13.99 3.52
CA ASP A 36 3.98 14.99 3.54
C ASP A 36 2.67 14.38 4.01
N PHE A 37 2.29 13.26 3.40
CA PHE A 37 1.05 12.58 3.76
C PHE A 37 1.03 12.24 5.25
N GLY A 38 1.89 11.30 5.65
CA GLY A 38 1.95 10.91 7.04
C GLY A 38 0.60 10.52 7.60
N PHE A 39 0.25 9.24 7.47
CA PHE A 39 -1.03 8.73 7.96
C PHE A 39 -1.03 8.66 9.49
N PRO A 40 -2.21 8.93 10.08
CA PRO A 40 -2.37 8.90 11.53
C PRO A 40 -2.31 7.49 12.09
N GLN A 41 -1.10 6.93 12.17
CA GLN A 41 -0.90 5.59 12.68
C GLN A 41 -1.48 5.46 14.09
N GLU A 42 -1.64 6.59 14.77
CA GLU A 42 -2.19 6.59 16.12
C GLU A 42 -3.63 6.10 16.13
N GLU A 43 -4.44 6.63 15.23
CA GLU A 43 -5.85 6.25 15.14
C GLU A 43 -6.04 5.13 14.10
N PHE A 44 -5.08 5.02 13.19
CA PHE A 44 -5.14 4.01 12.14
C PHE A 44 -4.73 2.64 12.68
N GLY A 45 -4.04 2.65 13.82
CA GLY A 45 -3.59 1.41 14.42
C GLY A 45 -4.74 0.53 14.86
N ASN A 46 -5.15 -0.39 13.99
CA ASN A 46 -6.25 -1.30 14.29
C ASN A 46 -6.08 -2.63 13.56
N GLN A 47 -4.92 -3.25 13.73
CA GLN A 47 -4.65 -4.53 13.08
C GLN A 47 -5.09 -5.70 13.96
N PHE A 48 -5.82 -5.39 15.02
CA PHE A 48 -6.30 -6.41 15.93
C PHE A 48 -7.54 -7.11 15.37
N GLN A 49 -8.26 -6.41 14.50
CA GLN A 49 -9.47 -6.97 13.89
C GLN A 49 -9.19 -7.46 12.48
N LYS A 50 -9.65 -8.66 12.18
CA LYS A 50 -9.45 -9.25 10.86
C LYS A 50 -10.49 -8.75 9.87
N ALA A 51 -11.75 -8.73 10.29
CA ALA A 51 -12.83 -8.25 9.44
C ALA A 51 -12.80 -6.73 9.30
N GLU A 52 -11.91 -6.10 10.04
CA GLU A 52 -11.78 -4.64 9.99
C GLU A 52 -10.57 -4.24 9.15
N THR A 53 -9.79 -5.23 8.73
CA THR A 53 -8.60 -4.97 7.92
C THR A 53 -8.92 -5.13 6.43
N ILE A 54 -10.10 -5.62 6.13
CA ILE A 54 -10.53 -5.81 4.75
C ILE A 54 -10.54 -4.48 3.99
N PRO A 55 -11.03 -3.43 4.66
CA PRO A 55 -11.11 -2.09 4.06
C PRO A 55 -9.73 -1.46 3.88
N VAL A 56 -8.96 -1.41 4.97
CA VAL A 56 -7.63 -0.83 4.92
C VAL A 56 -6.70 -1.63 4.00
N LEU A 57 -6.76 -2.96 4.12
CA LEU A 57 -5.94 -3.83 3.30
C LEU A 57 -6.31 -3.70 1.82
N HIS A 58 -7.55 -4.05 1.49
CA HIS A 58 -8.03 -3.98 0.12
C HIS A 58 -7.72 -2.62 -0.49
N GLU A 59 -8.06 -1.56 0.24
CA GLU A 59 -7.81 -0.20 -0.22
C GLU A 59 -6.34 0.00 -0.59
N MET A 60 -5.46 -0.39 0.34
CA MET A 60 -4.03 -0.25 0.12
C MET A 60 -3.62 -0.89 -1.21
N ILE A 61 -3.71 -2.21 -1.28
CA ILE A 61 -3.36 -2.95 -2.49
C ILE A 61 -4.10 -2.41 -3.70
N GLN A 62 -5.34 -1.98 -3.49
CA GLN A 62 -6.16 -1.44 -4.56
C GLN A 62 -5.51 -0.20 -5.18
N GLN A 63 -5.26 0.80 -4.35
CA GLN A 63 -4.63 2.03 -4.82
C GLN A 63 -3.38 1.73 -5.65
N ILE A 64 -2.64 0.71 -5.24
CA ILE A 64 -1.43 0.32 -5.94
C ILE A 64 -1.75 -0.25 -7.32
N PHE A 65 -2.85 -0.99 -7.41
CA PHE A 65 -3.27 -1.60 -8.67
C PHE A 65 -3.70 -0.52 -9.67
N ASN A 66 -4.45 0.47 -9.18
CA ASN A 66 -4.93 1.55 -10.03
C ASN A 66 -3.77 2.34 -10.60
N LEU A 67 -2.81 2.68 -9.75
CA LEU A 67 -1.64 3.43 -10.18
C LEU A 67 -0.79 2.62 -11.16
N PHE A 68 -0.62 1.34 -10.86
CA PHE A 68 0.17 0.46 -11.71
C PHE A 68 -0.65 -0.04 -12.89
N SER A 69 -1.93 0.32 -12.90
CA SER A 69 -2.83 -0.09 -13.97
C SER A 69 -2.68 0.82 -15.18
N THR A 70 -2.00 1.94 -15.00
CA THR A 70 -1.78 2.90 -16.08
C THR A 70 -0.37 2.78 -16.63
N LYS A 71 -0.09 3.57 -17.68
CA LYS A 71 1.23 3.56 -18.30
C LYS A 71 2.22 4.43 -17.52
N ASP A 72 1.69 5.41 -16.80
CA ASP A 72 2.52 6.30 -16.00
C ASP A 72 3.49 5.51 -15.13
N SER A 73 2.99 4.47 -14.48
CA SER A 73 3.81 3.64 -13.61
C SER A 73 4.89 2.93 -14.42
N SER A 74 4.49 2.30 -15.51
CA SER A 74 5.42 1.57 -16.36
C SER A 74 6.44 2.52 -16.98
N ALA A 75 6.14 3.82 -16.94
CA ALA A 75 7.02 4.83 -17.50
C ALA A 75 7.85 5.49 -16.40
N ALA A 76 7.69 5.01 -15.17
CA ALA A 76 8.43 5.57 -14.04
C ALA A 76 9.47 4.58 -13.53
N TRP A 77 9.14 3.29 -13.58
CA TRP A 77 10.06 2.25 -13.13
C TRP A 77 10.21 1.16 -14.18
N ASP A 78 11.08 0.20 -13.91
CA ASP A 78 11.32 -0.90 -14.84
C ASP A 78 10.01 -1.62 -15.17
N GLU A 79 9.70 -1.68 -16.47
CA GLU A 79 8.48 -2.34 -16.92
C GLU A 79 8.43 -3.79 -16.45
N THR A 80 9.58 -4.47 -16.49
CA THR A 80 9.67 -5.85 -16.06
C THR A 80 9.24 -6.01 -14.61
N LEU A 81 9.98 -5.38 -13.71
CA LEU A 81 9.67 -5.44 -12.29
C LEU A 81 8.23 -5.01 -12.01
N LEU A 82 7.83 -3.90 -12.62
CA LEU A 82 6.48 -3.39 -12.45
C LEU A 82 5.44 -4.41 -12.89
N ASP A 83 5.67 -5.00 -14.07
CA ASP A 83 4.75 -6.00 -14.61
C ASP A 83 4.49 -7.11 -13.60
N LYS A 84 5.55 -7.83 -13.23
CA LYS A 84 5.44 -8.91 -12.27
C LYS A 84 4.94 -8.39 -10.91
N PHE A 85 5.38 -7.20 -10.54
CA PHE A 85 4.98 -6.60 -9.28
C PHE A 85 3.46 -6.36 -9.25
N TYR A 86 3.02 -5.37 -10.02
CA TYR A 86 1.60 -5.03 -10.08
C TYR A 86 0.76 -6.27 -10.35
N THR A 87 1.32 -7.22 -11.09
CA THR A 87 0.63 -8.45 -11.43
C THR A 87 0.31 -9.25 -10.17
N GLU A 88 1.32 -9.44 -9.32
CA GLU A 88 1.14 -10.19 -8.09
C GLU A 88 0.04 -9.58 -7.23
N LEU A 89 0.05 -8.25 -7.12
CA LEU A 89 -0.95 -7.54 -6.33
C LEU A 89 -2.35 -7.76 -6.90
N TYR A 90 -2.46 -7.74 -8.22
CA TYR A 90 -3.75 -7.93 -8.87
C TYR A 90 -4.44 -9.20 -8.37
N GLN A 91 -3.75 -10.32 -8.50
CA GLN A 91 -4.29 -11.60 -8.05
C GLN A 91 -4.38 -11.66 -6.53
N GLN A 92 -3.47 -10.96 -5.86
CA GLN A 92 -3.45 -10.92 -4.41
C GLN A 92 -4.71 -10.27 -3.85
N LEU A 93 -4.90 -9.00 -4.19
CA LEU A 93 -6.08 -8.26 -3.74
C LEU A 93 -7.36 -8.97 -4.13
N ASN A 94 -7.40 -9.50 -5.35
CA ASN A 94 -8.58 -10.21 -5.83
C ASN A 94 -8.94 -11.36 -4.90
N ASP A 95 -7.96 -12.22 -4.61
CA ASP A 95 -8.18 -13.36 -3.72
C ASP A 95 -8.38 -12.90 -2.28
N LEU A 96 -7.38 -12.21 -1.75
CA LEU A 96 -7.44 -11.72 -0.38
C LEU A 96 -8.78 -11.04 -0.10
N GLU A 97 -9.16 -10.10 -0.97
CA GLU A 97 -10.42 -9.39 -0.81
C GLU A 97 -11.60 -10.36 -0.78
N ALA A 98 -11.79 -11.10 -1.88
CA ALA A 98 -12.87 -12.06 -1.97
C ALA A 98 -12.84 -13.04 -0.79
N CYS A 99 -11.69 -13.13 -0.14
CA CYS A 99 -11.54 -14.03 1.00
C CYS A 99 -12.33 -13.53 2.20
N VAL A 100 -12.07 -12.30 2.62
CA VAL A 100 -12.76 -11.71 3.76
C VAL A 100 -14.10 -11.10 3.32
N ILE A 101 -14.09 -10.40 2.20
CA ILE A 101 -15.29 -9.77 1.68
C ILE A 101 -16.47 -10.74 1.69
N GLN A 102 -16.27 -11.90 1.06
CA GLN A 102 -17.31 -12.92 1.00
C GLN A 102 -17.79 -13.29 2.39
N GLY A 103 -18.95 -13.95 2.46
CA GLY A 103 -19.49 -14.35 3.75
C GLY A 103 -18.85 -15.62 4.28
N VAL A 104 -17.90 -16.16 3.53
CA VAL A 104 -17.20 -17.38 3.92
C VAL A 104 -16.57 -17.22 5.30
N GLY A 105 -16.29 -15.98 5.69
CA GLY A 105 -15.69 -15.72 6.98
C GLY A 105 -16.44 -14.67 7.77
N VAL A 106 -15.91 -13.45 7.77
CA VAL A 106 -16.55 -12.35 8.48
C VAL A 106 -16.45 -11.05 7.69
N THR A 107 -17.56 -10.13 7.85
CA THR A 107 -17.64 -8.85 7.17
C THR A 107 -17.50 -7.71 8.17
N GLU A 108 -17.55 -6.47 7.70
CA GLU A 108 -17.43 -5.32 8.57
C GLU A 108 -18.59 -4.35 8.37
N THR A 109 -18.68 -3.35 9.23
CA THR A 109 -19.76 -2.36 9.15
C THR A 109 -19.19 -0.97 8.87
N PRO A 110 -20.01 -0.12 8.23
CA PRO A 110 -19.62 1.25 7.89
C PRO A 110 -19.51 2.14 9.12
N LEU A 111 -19.90 1.61 10.28
CA LEU A 111 -19.83 2.36 11.52
C LEU A 111 -18.40 2.47 12.01
N MET A 112 -17.74 1.34 12.19
CA MET A 112 -16.35 1.31 12.65
C MET A 112 -15.40 1.62 11.51
N LYS A 113 -15.89 1.51 10.28
CA LYS A 113 -15.08 1.78 9.09
C LYS A 113 -14.86 3.27 8.93
N GLU A 114 -15.68 4.08 9.59
CA GLU A 114 -15.58 5.53 9.50
C GLU A 114 -14.15 5.99 9.79
N ASP A 115 -13.46 5.26 10.67
CA ASP A 115 -12.09 5.59 11.03
C ASP A 115 -11.11 5.00 10.03
N SER A 116 -11.14 3.67 9.88
CA SER A 116 -10.25 2.99 8.96
C SER A 116 -10.35 3.58 7.56
N ILE A 117 -11.56 3.58 7.01
CA ILE A 117 -11.79 4.12 5.68
C ILE A 117 -11.31 5.57 5.57
N LEU A 118 -11.58 6.35 6.62
CA LEU A 118 -11.17 7.75 6.65
C LEU A 118 -9.67 7.88 6.41
N ALA A 119 -8.88 7.34 7.33
CA ALA A 119 -7.43 7.40 7.22
C ALA A 119 -6.96 6.93 5.85
N VAL A 120 -7.28 5.68 5.51
CA VAL A 120 -6.90 5.11 4.23
C VAL A 120 -7.28 6.03 3.08
N ARG A 121 -8.56 6.38 3.01
CA ARG A 121 -9.06 7.26 1.96
C ARG A 121 -8.22 8.53 1.87
N LYS A 122 -8.13 9.26 2.98
CA LYS A 122 -7.37 10.50 3.03
C LYS A 122 -5.97 10.29 2.47
N TYR A 123 -5.33 9.19 2.86
CA TYR A 123 -3.99 8.88 2.40
C TYR A 123 -3.95 8.74 0.88
N PHE A 124 -4.68 7.74 0.37
CA PHE A 124 -4.74 7.49 -1.07
C PHE A 124 -5.11 8.77 -1.82
N GLN A 125 -6.22 9.38 -1.42
CA GLN A 125 -6.69 10.60 -2.07
C GLN A 125 -5.56 11.61 -2.21
N ARG A 126 -4.85 11.86 -1.12
CA ARG A 126 -3.74 12.80 -1.13
C ARG A 126 -2.60 12.30 -2.00
N ILE A 127 -2.42 10.97 -2.02
CA ILE A 127 -1.36 10.35 -2.81
C ILE A 127 -1.58 10.59 -4.30
N THR A 128 -2.68 10.04 -4.82
CA THR A 128 -3.01 10.19 -6.24
C THR A 128 -3.14 11.66 -6.62
N LEU A 129 -3.80 12.43 -5.76
CA LEU A 129 -4.00 13.85 -6.02
C LEU A 129 -2.65 14.58 -6.07
N TYR A 130 -1.79 14.28 -5.10
CA TYR A 130 -0.48 14.92 -5.03
C TYR A 130 0.28 14.74 -6.35
N LEU A 131 0.58 13.48 -6.68
CA LEU A 131 1.29 13.18 -7.91
C LEU A 131 0.55 13.71 -9.13
N LYS A 132 -0.78 13.70 -9.06
CA LYS A 132 -1.61 14.19 -10.15
C LYS A 132 -1.39 15.68 -10.37
N GLU A 133 -1.30 16.44 -9.28
CA GLU A 133 -1.09 17.88 -9.36
C GLU A 133 0.31 18.20 -9.89
N LYS A 134 1.26 17.33 -9.57
CA LYS A 134 2.64 17.52 -10.02
C LYS A 134 2.83 17.02 -11.44
N LYS A 135 1.73 16.59 -12.06
CA LYS A 135 1.77 16.09 -13.43
C LYS A 135 2.59 14.81 -13.52
N TYR A 136 2.47 13.96 -12.49
CA TYR A 136 3.20 12.70 -12.46
C TYR A 136 4.70 12.93 -12.65
N SER A 137 5.17 14.11 -12.26
CA SER A 137 6.58 14.46 -12.39
C SER A 137 7.46 13.36 -11.82
N PRO A 138 8.77 13.47 -12.07
CA PRO A 138 9.76 12.49 -11.58
C PRO A 138 9.95 12.57 -10.07
N CYS A 139 9.47 13.66 -9.48
CA CYS A 139 9.59 13.85 -8.03
C CYS A 139 8.37 13.28 -7.30
N ALA A 140 7.20 13.49 -7.87
CA ALA A 140 5.95 12.99 -7.28
C ALA A 140 6.03 11.49 -7.05
N TRP A 141 6.23 10.74 -8.12
CA TRP A 141 6.32 9.28 -8.03
C TRP A 141 7.24 8.86 -6.89
N GLU A 142 8.39 9.53 -6.79
CA GLU A 142 9.36 9.23 -5.75
C GLU A 142 8.72 9.36 -4.36
N VAL A 143 8.10 10.51 -4.11
CA VAL A 143 7.46 10.76 -2.82
C VAL A 143 6.46 9.66 -2.48
N VAL A 144 5.53 9.40 -3.41
CA VAL A 144 4.52 8.38 -3.20
C VAL A 144 5.15 7.03 -2.87
N ARG A 145 6.25 6.72 -3.56
CA ARG A 145 6.95 5.46 -3.33
C ARG A 145 7.41 5.34 -1.88
N ALA A 146 8.23 6.30 -1.45
CA ALA A 146 8.74 6.29 -0.08
C ALA A 146 7.61 6.09 0.91
N GLU A 147 6.57 6.91 0.81
CA GLU A 147 5.42 6.82 1.71
C GLU A 147 4.76 5.45 1.61
N ILE A 148 4.74 4.89 0.41
CA ILE A 148 4.14 3.58 0.19
C ILE A 148 4.88 2.50 0.97
N MET A 149 6.20 2.53 0.91
CA MET A 149 7.02 1.54 1.62
C MET A 149 6.86 1.69 3.12
N ARG A 150 6.96 2.92 3.62
CA ARG A 150 6.82 3.18 5.04
C ARG A 150 5.44 2.76 5.54
N SER A 151 4.41 3.34 4.94
CA SER A 151 3.03 3.03 5.32
C SER A 151 2.78 1.52 5.27
N PHE A 152 3.30 0.88 4.23
CA PHE A 152 3.13 -0.56 4.06
C PHE A 152 3.77 -1.33 5.22
N SER A 153 5.06 -1.04 5.45
CA SER A 153 5.79 -1.70 6.52
C SER A 153 5.15 -1.44 7.88
N LEU A 154 4.76 -0.19 8.11
CA LEU A 154 4.12 0.19 9.36
C LEU A 154 2.79 -0.51 9.54
N SER A 155 1.92 -0.39 8.53
CA SER A 155 0.61 -1.01 8.58
C SER A 155 0.72 -2.49 8.94
N THR A 156 1.67 -3.18 8.34
CA THR A 156 1.89 -4.59 8.60
C THR A 156 2.65 -4.80 9.91
N ASN A 157 3.38 -3.77 10.34
CA ASN A 157 4.15 -3.84 11.56
C ASN A 157 3.34 -3.33 12.75
N LEU A 158 2.22 -3.99 13.02
CA LEU A 158 1.35 -3.60 14.12
C LEU A 158 1.53 -4.54 15.31
N GLN A 159 1.68 -5.83 15.03
CA GLN A 159 1.86 -6.83 16.07
C GLN A 159 3.34 -7.17 16.25
N GLU A 160 4.13 -6.91 15.21
CA GLU A 160 5.56 -7.19 15.26
C GLU A 160 5.80 -8.68 15.51
N SER A 161 5.33 -9.52 14.61
CA SER A 161 5.50 -10.97 14.74
C SER A 161 5.53 -11.63 13.36
N LEU A 162 5.94 -10.88 12.36
CA LEU A 162 6.02 -11.39 10.99
C LEU A 162 7.41 -11.95 10.70
N ARG A 163 8.37 -11.04 10.48
CA ARG A 163 9.75 -11.44 10.19
C ARG A 163 10.73 -10.50 10.87
N SER A 164 12.01 -10.78 10.70
CA SER A 164 13.07 -9.97 11.31
C SER A 164 14.27 -9.86 10.37
N LYS A 165 14.91 -8.70 10.38
CA LYS A 165 16.08 -8.46 9.53
C LYS A 165 17.37 -8.50 10.36
N GLU A 166 17.24 -8.19 11.65
CA GLU A 166 18.38 -8.19 12.55
C GLU A 166 18.82 -9.61 12.89
O5 A2G B . -21.46 -6.70 7.31
C1 A2G B . -20.64 -7.45 8.20
C2 A2G B . -21.37 -7.83 9.51
N2 A2G B . -20.43 -8.64 10.34
C3 A2G B . -22.70 -8.55 9.16
O3 A2G B . -23.60 -8.66 10.28
C4 A2G B . -23.49 -7.77 8.10
O4 A2G B . -23.96 -6.59 8.68
C5 A2G B . -22.64 -7.41 6.88
C6 A2G B . -23.46 -6.43 6.05
O6 A2G B . -24.59 -6.97 5.74
C7 A2G B . -20.72 -9.85 10.89
O7 A2G B . -21.06 -9.99 12.06
C8 A2G B . -20.62 -11.01 9.94
H1 A2G B . -19.89 -6.92 8.41
H2 A2G B . -21.60 -6.93 10.10
HN2 A2G B . -19.81 -8.05 10.88
H3 A2G B . -22.51 -9.58 8.82
HO3 A2G B . -23.80 -9.62 10.40
H4 A2G B . -24.26 -8.27 7.84
HO4 A2G B . -24.39 -6.79 9.52
H5 A2G B . -22.44 -8.15 6.32
H61 A2G B . -22.91 -6.18 5.13
H81 A2G B . -21.39 -11.75 10.18
H82 A2G B . -19.64 -11.50 10.00
H83 A2G B . -20.75 -10.65 8.92
H62 A2G B . -23.63 -5.51 6.63
HO6 A2G B . -25.06 -6.68 4.96
N CYS A 2 -8.55 -13.07 6.49
CA CYS A 2 -7.31 -13.41 5.83
C CYS A 2 -6.24 -12.35 6.09
N ASP A 3 -6.33 -11.71 7.24
CA ASP A 3 -5.37 -10.68 7.63
C ASP A 3 -4.05 -11.30 8.07
N LEU A 4 -4.01 -12.63 8.12
CA LEU A 4 -2.81 -13.35 8.53
C LEU A 4 -1.57 -12.80 7.81
N PRO A 5 -0.40 -13.04 8.40
CA PRO A 5 0.88 -12.58 7.83
C PRO A 5 1.25 -13.33 6.55
N GLN A 6 0.45 -13.13 5.51
CA GLN A 6 0.68 -13.78 4.23
C GLN A 6 1.76 -13.06 3.44
N THR A 7 1.61 -11.75 3.30
CA THR A 7 2.57 -10.94 2.57
C THR A 7 3.42 -10.10 3.52
N HIS A 8 3.11 -10.19 4.81
CA HIS A 8 3.84 -9.44 5.83
C HIS A 8 5.08 -10.22 6.29
N SER A 9 5.05 -11.53 6.10
CA SER A 9 6.17 -12.38 6.50
C SER A 9 7.24 -12.43 5.42
N LEU A 10 6.89 -12.99 4.28
CA LEU A 10 7.83 -13.10 3.16
C LEU A 10 7.68 -11.91 2.21
N GLY A 11 6.44 -11.45 2.04
CA GLY A 11 6.19 -10.31 1.16
C GLY A 11 6.80 -9.03 1.68
N SER A 12 6.98 -8.94 2.99
CA SER A 12 7.55 -7.76 3.61
C SER A 12 8.91 -7.43 3.00
N ARG A 13 9.86 -8.36 3.13
CA ARG A 13 11.20 -8.17 2.60
C ARG A 13 11.17 -8.17 1.07
N ARG A 14 10.57 -9.21 0.49
CA ARG A 14 10.49 -9.34 -0.95
C ARG A 14 9.97 -8.04 -1.59
N THR A 15 8.77 -7.62 -1.17
CA THR A 15 8.17 -6.41 -1.70
C THR A 15 9.03 -5.19 -1.40
N LEU A 16 9.57 -5.14 -0.19
CA LEU A 16 10.43 -4.02 0.22
C LEU A 16 11.61 -3.87 -0.73
N MET A 17 12.47 -4.88 -0.78
CA MET A 17 13.64 -4.86 -1.65
C MET A 17 13.23 -4.55 -3.09
N LEU A 18 12.35 -5.39 -3.64
CA LEU A 18 11.89 -5.21 -5.01
C LEU A 18 11.41 -3.78 -5.24
N LEU A 19 10.48 -3.32 -4.40
CA LEU A 19 9.95 -1.98 -4.52
C LEU A 19 11.04 -0.92 -4.32
N ALA A 20 12.12 -1.32 -3.66
CA ALA A 20 13.24 -0.43 -3.40
C ALA A 20 14.17 -0.35 -4.62
N GLN A 21 14.33 -1.48 -5.30
CA GLN A 21 15.18 -1.54 -6.48
C GLN A 21 14.42 -1.12 -7.73
N MET A 22 13.09 -1.26 -7.69
CA MET A 22 12.25 -0.89 -8.81
C MET A 22 12.18 0.62 -8.98
N ARG A 23 12.26 1.33 -7.86
CA ARG A 23 12.21 2.80 -7.87
C ARG A 23 13.59 3.38 -8.14
N LYS A 24 13.79 3.91 -9.34
CA LYS A 24 15.07 4.51 -9.71
C LYS A 24 14.97 6.04 -9.72
N ILE A 25 15.49 6.66 -8.68
CA ILE A 25 15.46 8.12 -8.57
C ILE A 25 16.52 8.61 -7.58
N SER A 26 16.61 9.93 -7.43
CA SER A 26 17.58 10.53 -6.52
C SER A 26 16.88 11.10 -5.29
N LEU A 27 17.31 10.67 -4.11
CA LEU A 27 16.73 11.14 -2.86
C LEU A 27 16.87 12.66 -2.73
N PHE A 28 17.88 13.21 -3.39
CA PHE A 28 18.12 14.66 -3.36
C PHE A 28 17.41 15.35 -4.52
N SER A 29 16.66 14.58 -5.29
CA SER A 29 15.95 15.12 -6.44
C SER A 29 14.83 16.05 -5.99
N CYS A 30 14.25 15.75 -4.82
CA CYS A 30 13.16 16.55 -4.28
C CYS A 30 13.13 16.46 -2.75
N LEU A 31 13.88 17.35 -2.10
CA LEU A 31 13.94 17.37 -0.65
C LEU A 31 12.79 18.19 -0.06
N LYS A 32 12.38 19.22 -0.79
CA LYS A 32 11.28 20.08 -0.35
C LYS A 32 9.95 19.61 -0.94
N ASP A 33 9.91 18.36 -1.37
CA ASP A 33 8.70 17.79 -1.94
C ASP A 33 8.18 16.63 -1.09
N ARG A 34 9.06 16.07 -0.28
CA ARG A 34 8.69 14.95 0.59
C ARG A 34 7.88 15.44 1.79
N HIS A 35 7.31 14.49 2.52
CA HIS A 35 6.51 14.83 3.70
C HIS A 35 5.34 15.73 3.32
N ASP A 36 4.17 15.11 3.09
CA ASP A 36 2.98 15.87 2.71
C ASP A 36 1.72 15.17 3.22
N PHE A 37 1.61 13.88 2.94
CA PHE A 37 0.46 13.09 3.36
C PHE A 37 0.46 12.90 4.87
N GLY A 38 1.57 12.38 5.40
CA GLY A 38 1.68 12.15 6.83
C GLY A 38 0.52 11.36 7.38
N PHE A 39 0.44 10.09 7.00
CA PHE A 39 -0.64 9.22 7.47
C PHE A 39 -0.52 8.96 8.97
N PRO A 40 -1.63 9.13 9.69
CA PRO A 40 -1.68 8.92 11.14
C PRO A 40 -1.56 7.46 11.51
N GLN A 41 -0.33 6.95 11.54
CA GLN A 41 -0.07 5.56 11.89
C GLN A 41 -0.50 5.26 13.33
N GLU A 42 -0.70 6.32 14.11
CA GLU A 42 -1.11 6.17 15.50
C GLU A 42 -2.55 5.69 15.60
N GLU A 43 -3.43 6.31 14.81
CA GLU A 43 -4.84 5.94 14.82
C GLU A 43 -5.13 4.88 13.76
N PHE A 44 -4.27 4.81 12.75
CA PHE A 44 -4.43 3.84 11.68
C PHE A 44 -3.89 2.47 12.10
N GLY A 45 -3.07 2.46 13.14
CA GLY A 45 -2.49 1.22 13.63
C GLY A 45 -3.54 0.30 14.25
N ASN A 46 -4.19 -0.50 13.41
CA ASN A 46 -5.22 -1.42 13.88
C ASN A 46 -5.10 -2.77 13.17
N GLN A 47 -4.01 -3.47 13.43
CA GLN A 47 -3.78 -4.78 12.82
C GLN A 47 -4.09 -5.90 13.80
N PHE A 48 -4.92 -5.60 14.79
CA PHE A 48 -5.30 -6.59 15.80
C PHE A 48 -6.62 -7.26 15.43
N GLN A 49 -7.19 -6.86 14.31
CA GLN A 49 -8.45 -7.42 13.84
C GLN A 49 -8.32 -7.99 12.44
N LYS A 50 -8.84 -9.20 12.24
CA LYS A 50 -8.78 -9.86 10.94
C LYS A 50 -9.94 -9.42 10.06
N ALA A 51 -11.08 -9.16 10.67
CA ALA A 51 -12.27 -8.73 9.94
C ALA A 51 -12.32 -7.21 9.81
N GLU A 52 -11.46 -6.53 10.58
CA GLU A 52 -11.42 -5.07 10.56
C GLU A 52 -10.23 -4.58 9.71
N THR A 53 -9.39 -5.52 9.29
CA THR A 53 -8.23 -5.18 8.48
C THR A 53 -8.53 -5.36 6.98
N ILE A 54 -9.69 -5.94 6.69
CA ILE A 54 -10.08 -6.17 5.30
C ILE A 54 -10.16 -4.85 4.53
N PRO A 55 -10.71 -3.82 5.18
CA PRO A 55 -10.86 -2.49 4.57
C PRO A 55 -9.51 -1.79 4.39
N VAL A 56 -8.75 -1.70 5.48
CA VAL A 56 -7.44 -1.05 5.44
C VAL A 56 -6.49 -1.78 4.51
N LEU A 57 -6.46 -3.11 4.63
CA LEU A 57 -5.59 -3.94 3.79
C LEU A 57 -5.98 -3.82 2.33
N HIS A 58 -7.20 -4.23 2.00
CA HIS A 58 -7.69 -4.17 0.63
C HIS A 58 -7.47 -2.79 0.04
N GLU A 59 -7.82 -1.75 0.79
CA GLU A 59 -7.65 -0.38 0.33
C GLU A 59 -6.20 -0.11 -0.07
N MET A 60 -5.28 -0.47 0.82
CA MET A 60 -3.86 -0.27 0.56
C MET A 60 -3.45 -0.90 -0.77
N ILE A 61 -3.51 -2.22 -0.84
CA ILE A 61 -3.14 -2.93 -2.06
C ILE A 61 -3.93 -2.42 -3.26
N GLN A 62 -5.17 -2.00 -3.00
CA GLN A 62 -6.03 -1.49 -4.06
C GLN A 62 -5.45 -0.23 -4.67
N GLN A 63 -5.17 0.77 -3.84
CA GLN A 63 -4.61 2.02 -4.29
C GLN A 63 -3.39 1.78 -5.18
N ILE A 64 -2.60 0.78 -4.84
CA ILE A 64 -1.41 0.45 -5.60
C ILE A 64 -1.78 -0.20 -6.93
N PHE A 65 -2.87 -0.96 -6.93
CA PHE A 65 -3.33 -1.64 -8.14
C PHE A 65 -3.78 -0.63 -9.19
N ASN A 66 -4.45 0.43 -8.74
CA ASN A 66 -4.94 1.47 -9.64
C ASN A 66 -3.79 2.32 -10.16
N LEU A 67 -2.91 2.73 -9.26
CA LEU A 67 -1.76 3.55 -9.64
C LEU A 67 -0.85 2.81 -10.61
N PHE A 68 -0.77 1.49 -10.43
CA PHE A 68 0.06 0.66 -11.30
C PHE A 68 -0.74 0.13 -12.48
N SER A 69 -2.05 0.35 -12.46
CA SER A 69 -2.92 -0.10 -13.53
C SER A 69 -2.81 0.80 -14.74
N THR A 70 -2.20 1.97 -14.56
CA THR A 70 -2.02 2.92 -15.65
C THR A 70 -0.63 2.81 -16.25
N LYS A 71 -0.41 3.52 -17.36
CA LYS A 71 0.87 3.49 -18.05
C LYS A 71 1.86 4.45 -17.38
N ASP A 72 1.33 5.45 -16.68
CA ASP A 72 2.17 6.43 -16.00
C ASP A 72 3.22 5.73 -15.14
N SER A 73 2.81 4.68 -14.45
CA SER A 73 3.73 3.93 -13.59
C SER A 73 4.74 3.16 -14.42
N SER A 74 4.26 2.46 -15.45
CA SER A 74 5.13 1.68 -16.32
C SER A 74 6.12 2.58 -17.04
N ALA A 75 5.84 3.87 -17.07
CA ALA A 75 6.72 4.84 -17.72
C ALA A 75 7.57 5.58 -16.70
N ALA A 76 7.48 5.18 -15.45
CA ALA A 76 8.25 5.80 -14.38
C ALA A 76 9.33 4.86 -13.86
N TRP A 77 9.02 3.57 -13.80
CA TRP A 77 9.96 2.57 -13.33
C TRP A 77 10.15 1.46 -14.36
N ASP A 78 11.05 0.54 -14.06
CA ASP A 78 11.32 -0.58 -14.95
C ASP A 78 10.05 -1.39 -15.23
N GLU A 79 9.65 -1.45 -16.49
CA GLU A 79 8.46 -2.19 -16.88
C GLU A 79 8.50 -3.62 -16.36
N THR A 80 9.70 -4.20 -16.35
CA THR A 80 9.88 -5.57 -15.88
C THR A 80 9.51 -5.69 -14.41
N LEU A 81 10.23 -4.98 -13.55
CA LEU A 81 9.98 -5.01 -12.11
C LEU A 81 8.53 -4.62 -11.81
N LEU A 82 8.08 -3.53 -12.42
CA LEU A 82 6.71 -3.06 -12.22
C LEU A 82 5.70 -4.12 -12.64
N ASP A 83 5.90 -4.69 -13.82
CA ASP A 83 5.01 -5.72 -14.33
C ASP A 83 4.79 -6.82 -13.30
N LYS A 84 5.87 -7.51 -12.94
CA LYS A 84 5.81 -8.59 -11.96
C LYS A 84 5.32 -8.07 -10.62
N PHE A 85 5.79 -6.89 -10.23
CA PHE A 85 5.41 -6.28 -8.96
C PHE A 85 3.89 -6.07 -8.90
N TYR A 86 3.41 -5.10 -9.68
CA TYR A 86 1.99 -4.79 -9.71
C TYR A 86 1.16 -6.05 -9.99
N THR A 87 1.73 -6.97 -10.76
CA THR A 87 1.05 -8.21 -11.09
C THR A 87 0.75 -9.02 -9.83
N GLU A 88 1.75 -9.16 -8.97
CA GLU A 88 1.58 -9.91 -7.72
C GLU A 88 0.47 -9.33 -6.88
N LEU A 89 0.51 -8.01 -6.68
CA LEU A 89 -0.50 -7.33 -5.89
C LEU A 89 -1.90 -7.60 -6.43
N TYR A 90 -2.04 -7.58 -7.74
CA TYR A 90 -3.33 -7.84 -8.39
C TYR A 90 -3.94 -9.13 -7.88
N GLN A 91 -3.20 -10.22 -8.01
CA GLN A 91 -3.67 -11.53 -7.57
C GLN A 91 -3.77 -11.59 -6.04
N GLN A 92 -2.87 -10.87 -5.37
CA GLN A 92 -2.86 -10.84 -3.91
C GLN A 92 -4.16 -10.25 -3.37
N LEU A 93 -4.43 -8.99 -3.72
CA LEU A 93 -5.64 -8.32 -3.27
C LEU A 93 -6.89 -9.10 -3.67
N ASN A 94 -6.89 -9.62 -4.90
CA ASN A 94 -8.02 -10.39 -5.41
C ASN A 94 -8.35 -11.54 -4.47
N ASP A 95 -7.34 -12.35 -4.14
CA ASP A 95 -7.53 -13.48 -3.25
C ASP A 95 -7.73 -13.02 -1.81
N LEU A 96 -6.73 -12.31 -1.28
CA LEU A 96 -6.80 -11.81 0.08
C LEU A 96 -8.16 -11.19 0.38
N GLU A 97 -8.65 -10.39 -0.56
CA GLU A 97 -9.94 -9.74 -0.41
C GLU A 97 -11.07 -10.76 -0.39
N ALA A 98 -11.22 -11.48 -1.49
CA ALA A 98 -12.27 -12.49 -1.60
C ALA A 98 -12.21 -13.47 -0.42
N CYS A 99 -11.06 -13.51 0.25
CA CYS A 99 -10.87 -14.40 1.39
C CYS A 99 -11.70 -13.93 2.59
N VAL A 100 -11.47 -12.68 3.01
CA VAL A 100 -12.19 -12.12 4.14
C VAL A 100 -13.54 -11.55 3.70
N ILE A 101 -13.54 -10.84 2.58
CA ILE A 101 -14.77 -10.25 2.06
C ILE A 101 -15.91 -11.25 2.06
N GLN A 102 -15.68 -12.39 1.42
CA GLN A 102 -16.70 -13.45 1.36
C GLN A 102 -17.18 -13.83 2.75
N GLY A 103 -18.47 -14.16 2.85
CA GLY A 103 -19.03 -14.54 4.13
C GLY A 103 -18.38 -15.78 4.71
N VAL A 104 -17.66 -16.50 3.88
CA VAL A 104 -16.97 -17.72 4.32
C VAL A 104 -16.14 -17.46 5.56
N GLY A 105 -15.66 -16.23 5.71
CA GLY A 105 -14.85 -15.89 6.86
C GLY A 105 -15.59 -14.98 7.83
N VAL A 106 -15.31 -13.68 7.76
CA VAL A 106 -15.94 -12.71 8.64
C VAL A 106 -15.91 -11.31 8.04
N THR A 107 -17.09 -10.50 8.24
CA THR A 107 -17.24 -9.15 7.73
C THR A 107 -17.57 -8.19 8.87
N GLU A 108 -17.32 -6.91 8.67
CA GLU A 108 -17.61 -5.91 9.69
C GLU A 108 -18.51 -4.82 9.15
N THR A 109 -19.00 -3.96 10.04
CA THR A 109 -19.89 -2.87 9.66
C THR A 109 -19.10 -1.63 9.26
N PRO A 110 -19.74 -0.74 8.50
CA PRO A 110 -19.12 0.51 8.03
C PRO A 110 -18.90 1.50 9.17
N LEU A 111 -19.45 1.20 10.33
CA LEU A 111 -19.32 2.06 11.50
C LEU A 111 -17.85 2.19 11.92
N MET A 112 -17.22 1.04 12.16
CA MET A 112 -15.81 1.03 12.56
C MET A 112 -14.90 1.28 11.37
N LYS A 113 -15.45 1.11 10.16
CA LYS A 113 -14.68 1.32 8.95
C LYS A 113 -14.58 2.81 8.61
N GLU A 114 -15.45 3.60 9.21
CA GLU A 114 -15.46 5.04 8.97
C GLU A 114 -14.07 5.63 9.18
N ASP A 115 -13.35 5.08 10.15
CA ASP A 115 -12.00 5.55 10.44
C ASP A 115 -10.97 4.90 9.52
N SER A 116 -10.93 3.58 9.55
CA SER A 116 -9.99 2.83 8.71
C SER A 116 -10.07 3.29 7.26
N ILE A 117 -11.27 3.19 6.69
CA ILE A 117 -11.48 3.60 5.31
C ILE A 117 -11.07 5.05 5.08
N LEU A 118 -11.40 5.90 6.04
CA LEU A 118 -11.06 7.31 5.96
C LEU A 118 -9.55 7.51 5.81
N ALA A 119 -8.79 6.82 6.65
CA ALA A 119 -7.33 6.91 6.61
C ALA A 119 -6.79 6.44 5.26
N VAL A 120 -7.02 5.17 4.95
CA VAL A 120 -6.56 4.60 3.69
C VAL A 120 -6.99 5.46 2.50
N ARG A 121 -8.24 5.90 2.52
CA ARG A 121 -8.77 6.72 1.44
C ARG A 121 -8.00 8.03 1.34
N LYS A 122 -7.88 8.73 2.47
CA LYS A 122 -7.16 10.00 2.51
C LYS A 122 -5.77 9.87 1.88
N TYR A 123 -5.10 8.76 2.19
CA TYR A 123 -3.76 8.52 1.66
C TYR A 123 -3.80 8.39 0.14
N PHE A 124 -4.50 7.38 -0.35
CA PHE A 124 -4.61 7.15 -1.79
C PHE A 124 -5.06 8.42 -2.51
N GLN A 125 -6.17 8.99 -2.06
CA GLN A 125 -6.70 10.21 -2.65
C GLN A 125 -5.62 11.27 -2.78
N ARG A 126 -4.99 11.60 -1.66
CA ARG A 126 -3.94 12.62 -1.65
C ARG A 126 -2.77 12.19 -2.53
N ILE A 127 -2.48 10.90 -2.54
CA ILE A 127 -1.38 10.36 -3.34
C ILE A 127 -1.63 10.60 -4.83
N THR A 128 -2.68 9.97 -5.36
CA THR A 128 -3.03 10.11 -6.76
C THR A 128 -3.27 11.58 -7.13
N LEU A 129 -3.97 12.30 -6.26
CA LEU A 129 -4.28 13.70 -6.49
C LEU A 129 -2.99 14.52 -6.55
N TYR A 130 -2.13 14.34 -5.55
CA TYR A 130 -0.86 15.07 -5.49
C TYR A 130 -0.09 14.93 -6.80
N LEU A 131 0.29 13.69 -7.11
CA LEU A 131 1.04 13.40 -8.33
C LEU A 131 0.28 13.88 -9.56
N LYS A 132 -1.04 13.80 -9.51
CA LYS A 132 -1.89 14.23 -10.61
C LYS A 132 -1.75 15.73 -10.86
N GLU A 133 -1.67 16.50 -9.77
CA GLU A 133 -1.53 17.94 -9.87
C GLU A 133 -0.14 18.32 -10.38
N LYS A 134 0.84 17.49 -10.06
CA LYS A 134 2.21 17.74 -10.49
C LYS A 134 2.44 17.23 -11.91
N LYS A 135 1.37 16.79 -12.56
CA LYS A 135 1.45 16.27 -13.91
C LYS A 135 2.29 14.99 -13.97
N TYR A 136 2.18 14.18 -12.92
CA TYR A 136 2.92 12.93 -12.84
C TYR A 136 4.42 13.18 -13.03
N SER A 137 4.87 14.38 -12.69
CA SER A 137 6.27 14.75 -12.83
C SER A 137 7.18 13.69 -12.20
N PRO A 138 8.49 13.79 -12.47
CA PRO A 138 9.48 12.84 -11.94
C PRO A 138 9.67 13.00 -10.44
N CYS A 139 9.17 14.09 -9.89
CA CYS A 139 9.29 14.35 -8.46
C CYS A 139 8.10 13.78 -7.70
N ALA A 140 6.91 13.94 -8.27
CA ALA A 140 5.70 13.43 -7.65
C ALA A 140 5.80 11.93 -7.37
N TRP A 141 6.04 11.16 -8.41
CA TRP A 141 6.18 9.71 -8.28
C TRP A 141 7.14 9.34 -7.16
N GLU A 142 8.24 10.09 -7.06
CA GLU A 142 9.24 9.85 -6.04
C GLU A 142 8.63 9.96 -4.65
N VAL A 143 8.08 11.14 -4.34
CA VAL A 143 7.46 11.38 -3.05
C VAL A 143 6.46 10.29 -2.71
N VAL A 144 5.57 9.98 -3.65
CA VAL A 144 4.56 8.95 -3.45
C VAL A 144 5.20 7.61 -3.10
N ARG A 145 6.29 7.28 -3.79
CA ARG A 145 6.99 6.03 -3.56
C ARG A 145 7.49 5.95 -2.11
N ALA A 146 8.27 6.94 -1.69
CA ALA A 146 8.80 6.97 -0.34
C ALA A 146 7.70 6.76 0.69
N GLU A 147 6.66 7.59 0.61
CA GLU A 147 5.53 7.51 1.53
C GLU A 147 4.86 6.14 1.44
N ILE A 148 4.87 5.56 0.24
CA ILE A 148 4.26 4.26 0.02
C ILE A 148 4.99 3.16 0.80
N MET A 149 6.31 3.20 0.74
CA MET A 149 7.13 2.21 1.44
C MET A 149 6.98 2.37 2.95
N ARG A 150 6.99 3.61 3.43
CA ARG A 150 6.86 3.89 4.85
C ARG A 150 5.53 3.35 5.38
N SER A 151 4.44 3.69 4.70
CA SER A 151 3.11 3.26 5.11
C SER A 151 3.00 1.74 5.03
N PHE A 152 3.57 1.15 3.99
CA PHE A 152 3.54 -0.29 3.80
C PHE A 152 4.29 -1.01 4.91
N SER A 153 5.56 -0.65 5.08
CA SER A 153 6.40 -1.27 6.11
C SER A 153 5.80 -1.05 7.49
N LEU A 154 5.37 0.17 7.77
CA LEU A 154 4.76 0.50 9.05
C LEU A 154 3.48 -0.28 9.27
N SER A 155 2.53 -0.12 8.36
CA SER A 155 1.24 -0.80 8.45
C SER A 155 1.44 -2.30 8.67
N THR A 156 2.48 -2.85 8.04
CA THR A 156 2.79 -4.28 8.17
C THR A 156 3.50 -4.57 9.49
N ASN A 157 4.25 -3.59 9.97
CA ASN A 157 4.99 -3.75 11.22
C ASN A 157 4.15 -3.26 12.41
N LEU A 158 3.04 -3.94 12.65
CA LEU A 158 2.15 -3.58 13.75
C LEU A 158 2.35 -4.53 14.93
N GLN A 159 2.29 -5.83 14.66
CA GLN A 159 2.46 -6.83 15.70
C GLN A 159 3.92 -7.25 15.83
N GLU A 160 4.67 -7.09 14.74
CA GLU A 160 6.09 -7.45 14.73
C GLU A 160 6.28 -8.92 15.06
N SER A 161 5.26 -9.72 14.78
CA SER A 161 5.31 -11.15 15.05
C SER A 161 5.33 -11.96 13.75
N LEU A 162 6.06 -11.45 12.76
CA LEU A 162 6.17 -12.11 11.48
C LEU A 162 6.98 -13.40 11.58
N ARG A 163 7.22 -14.05 10.44
CA ARG A 163 7.98 -15.28 10.42
C ARG A 163 7.42 -16.30 11.41
N SER A 164 6.09 -16.36 11.51
CA SER A 164 5.43 -17.27 12.42
C SER A 164 4.36 -18.07 11.69
N LYS A 165 3.72 -18.99 12.42
CA LYS A 165 2.66 -19.82 11.85
C LYS A 165 1.28 -19.26 12.20
N GLU A 166 1.16 -17.94 12.17
CA GLU A 166 -0.10 -17.29 12.47
C GLU A 166 -0.96 -17.14 11.22
O5 A2G B . -20.96 -7.38 6.89
C1 A2G B . -20.67 -8.33 7.91
C2 A2G B . -21.94 -8.99 8.50
N2 A2G B . -21.50 -9.96 9.52
C3 A2G B . -22.78 -9.59 7.35
O3 A2G B . -24.12 -9.94 7.73
C4 A2G B . -22.96 -8.58 6.19
O4 A2G B . -23.81 -7.55 6.64
C5 A2G B . -21.64 -7.95 5.76
C6 A2G B . -21.98 -6.80 4.82
O6 A2G B . -22.71 -7.24 3.85
C7 A2G B . -20.56 -9.71 10.49
O7 A2G B . -20.45 -8.63 11.06
C8 A2G B . -19.66 -10.87 10.80
H1 A2G B . -20.22 -7.87 8.60
H2 A2G B . -22.55 -8.24 9.03
HN2 A2G B . -21.52 -10.92 9.18
H3 A2G B . -22.32 -10.51 6.97
HO3 A2G B . -24.37 -9.38 8.50
H4 A2G B . -23.40 -9.00 5.48
HO4 A2G B . -23.32 -6.97 7.24
H5 A2G B . -21.08 -8.55 5.26
H61 A2G B . -21.06 -6.37 4.42
H81 A2G B . -19.39 -11.38 9.87
H82 A2G B . -20.15 -11.59 11.47
H83 A2G B . -18.76 -10.51 11.30
H62 A2G B . -22.54 -6.04 5.37
HO6 A2G B . -22.52 -6.97 2.95
N CYS A 2 -9.65 -13.95 5.55
CA CYS A 2 -8.30 -14.42 5.29
C CYS A 2 -7.29 -13.29 5.43
N ASP A 3 -7.29 -12.66 6.60
CA ASP A 3 -6.36 -11.56 6.87
C ASP A 3 -5.02 -12.08 7.36
N LEU A 4 -4.86 -13.41 7.34
CA LEU A 4 -3.62 -14.03 7.77
C LEU A 4 -2.41 -13.36 7.12
N PRO A 5 -1.25 -13.53 7.75
CA PRO A 5 0.01 -12.95 7.24
C PRO A 5 0.49 -13.64 5.97
N GLN A 6 -0.30 -13.51 4.90
CA GLN A 6 0.04 -14.12 3.62
C GLN A 6 1.07 -13.26 2.88
N THR A 7 0.87 -11.96 2.87
CA THR A 7 1.76 -11.03 2.20
C THR A 7 2.61 -10.25 3.20
N HIS A 8 2.35 -10.47 4.48
CA HIS A 8 3.09 -9.79 5.54
C HIS A 8 4.34 -10.57 5.91
N SER A 9 4.32 -11.87 5.66
CA SER A 9 5.46 -12.73 5.98
C SER A 9 6.45 -12.75 4.83
N LEU A 10 6.02 -13.28 3.68
CA LEU A 10 6.88 -13.35 2.51
C LEU A 10 6.69 -12.13 1.61
N GLY A 11 5.45 -11.65 1.54
CA GLY A 11 5.15 -10.49 0.72
C GLY A 11 5.79 -9.22 1.25
N SER A 12 6.14 -9.23 2.53
CA SER A 12 6.76 -8.07 3.17
C SER A 12 8.14 -7.80 2.57
N ARG A 13 9.04 -8.76 2.74
CA ARG A 13 10.41 -8.62 2.22
C ARG A 13 10.41 -8.66 0.70
N ARG A 14 9.51 -9.45 0.12
CA ARG A 14 9.41 -9.57 -1.33
C ARG A 14 8.96 -8.26 -1.95
N THR A 15 7.79 -7.79 -1.54
CA THR A 15 7.24 -6.54 -2.06
C THR A 15 8.17 -5.37 -1.77
N LEU A 16 8.62 -5.27 -0.53
CA LEU A 16 9.52 -4.19 -0.13
C LEU A 16 10.79 -4.18 -0.98
N MET A 17 11.54 -5.28 -0.93
CA MET A 17 12.77 -5.40 -1.70
C MET A 17 12.53 -5.02 -3.16
N LEU A 18 11.66 -5.78 -3.83
CA LEU A 18 11.34 -5.53 -5.23
C LEU A 18 10.96 -4.07 -5.45
N LEU A 19 9.98 -3.59 -4.68
CA LEU A 19 9.52 -2.22 -4.79
C LEU A 19 10.67 -1.24 -4.57
N ALA A 20 11.70 -1.69 -3.87
CA ALA A 20 12.87 -0.86 -3.59
C ALA A 20 13.84 -0.89 -4.76
N GLN A 21 13.99 -2.05 -5.39
CA GLN A 21 14.90 -2.20 -6.51
C GLN A 21 14.21 -1.80 -7.82
N MET A 22 12.90 -1.59 -7.75
CA MET A 22 12.13 -1.20 -8.92
C MET A 22 12.09 0.32 -9.08
N ARG A 23 12.13 1.02 -7.96
CA ARG A 23 12.10 2.47 -7.97
C ARG A 23 13.51 3.04 -8.15
N LYS A 24 13.77 3.59 -9.33
CA LYS A 24 15.08 4.16 -9.64
C LYS A 24 14.99 5.69 -9.68
N ILE A 25 15.47 6.33 -8.61
CA ILE A 25 15.45 7.78 -8.53
C ILE A 25 16.47 8.29 -7.52
N SER A 26 16.57 9.60 -7.39
CA SER A 26 17.50 10.22 -6.45
C SER A 26 16.77 10.78 -5.23
N LEU A 27 17.17 10.33 -4.05
CA LEU A 27 16.55 10.78 -2.81
C LEU A 27 16.69 12.28 -2.65
N PHE A 28 17.69 12.86 -3.31
CA PHE A 28 17.93 14.29 -3.24
C PHE A 28 17.20 15.02 -4.36
N SER A 29 16.43 14.27 -5.14
CA SER A 29 15.67 14.84 -6.26
C SER A 29 14.55 15.74 -5.74
N CYS A 30 14.13 15.49 -4.51
CA CYS A 30 13.06 16.27 -3.89
C CYS A 30 13.06 16.10 -2.38
N LEU A 31 13.82 16.93 -1.69
CA LEU A 31 13.91 16.88 -0.23
C LEU A 31 12.77 17.65 0.41
N LYS A 32 12.41 18.79 -0.20
CA LYS A 32 11.34 19.62 0.32
C LYS A 32 10.01 19.28 -0.34
N ASP A 33 9.94 18.07 -0.91
CA ASP A 33 8.72 17.62 -1.57
C ASP A 33 8.17 16.36 -0.89
N ARG A 34 9.03 15.69 -0.13
CA ARG A 34 8.63 14.47 0.57
C ARG A 34 7.99 14.81 1.93
N HIS A 35 7.36 13.82 2.54
CA HIS A 35 6.71 14.01 3.82
C HIS A 35 5.63 15.09 3.75
N ASP A 36 4.39 14.67 3.58
CA ASP A 36 3.27 15.60 3.49
C ASP A 36 1.94 14.91 3.82
N PHE A 37 1.78 13.70 3.32
CA PHE A 37 0.56 12.93 3.55
C PHE A 37 0.44 12.57 5.03
N GLY A 38 1.37 11.77 5.53
CA GLY A 38 1.34 11.36 6.92
C GLY A 38 0.07 10.62 7.28
N PHE A 39 0.10 9.30 7.19
CA PHE A 39 -1.07 8.49 7.51
C PHE A 39 -1.27 8.39 9.02
N PRO A 40 -2.52 8.58 9.47
CA PRO A 40 -2.88 8.52 10.89
C PRO A 40 -2.77 7.11 11.45
N GLN A 41 -1.55 6.66 11.72
CA GLN A 41 -1.32 5.32 12.26
C GLN A 41 -2.08 5.12 13.57
N GLU A 42 -2.42 6.23 14.22
CA GLU A 42 -3.14 6.19 15.48
C GLU A 42 -4.51 5.52 15.30
N GLU A 43 -5.26 5.97 14.30
CA GLU A 43 -6.58 5.43 14.02
C GLU A 43 -6.50 4.34 12.95
N PHE A 44 -5.44 4.36 12.16
CA PHE A 44 -5.24 3.38 11.10
C PHE A 44 -4.72 2.06 11.67
N GLY A 45 -4.14 2.13 12.87
CA GLY A 45 -3.61 0.95 13.51
C GLY A 45 -4.68 -0.05 13.88
N ASN A 46 -4.68 -0.47 15.15
CA ASN A 46 -5.67 -1.43 15.63
C ASN A 46 -5.92 -2.53 14.60
N GLN A 47 -4.83 -3.12 14.10
CA GLN A 47 -4.93 -4.19 13.11
C GLN A 47 -4.86 -5.55 13.78
N PHE A 48 -5.43 -5.64 14.98
CA PHE A 48 -5.42 -6.90 15.72
C PHE A 48 -6.54 -7.82 15.23
N GLN A 49 -7.42 -7.28 14.40
CA GLN A 49 -8.53 -8.05 13.85
C GLN A 49 -8.31 -8.36 12.38
N LYS A 50 -8.78 -9.52 11.94
CA LYS A 50 -8.63 -9.93 10.55
C LYS A 50 -9.72 -9.31 9.68
N ALA A 51 -10.89 -9.12 10.27
CA ALA A 51 -12.02 -8.52 9.55
C ALA A 51 -11.99 -7.00 9.65
N GLU A 52 -11.04 -6.48 10.41
CA GLU A 52 -10.91 -5.04 10.59
C GLU A 52 -9.80 -4.47 9.70
N THR A 53 -8.95 -5.36 9.21
CA THR A 53 -7.83 -4.95 8.35
C THR A 53 -8.19 -5.12 6.88
N ILE A 54 -9.34 -5.73 6.61
CA ILE A 54 -9.79 -5.96 5.25
C ILE A 54 -9.88 -4.65 4.48
N PRO A 55 -10.43 -3.61 5.15
CA PRO A 55 -10.59 -2.28 4.54
C PRO A 55 -9.25 -1.58 4.33
N VAL A 56 -8.47 -1.45 5.40
CA VAL A 56 -7.17 -0.80 5.33
C VAL A 56 -6.25 -1.52 4.36
N LEU A 57 -6.18 -2.85 4.49
CA LEU A 57 -5.33 -3.65 3.62
C LEU A 57 -5.78 -3.54 2.17
N HIS A 58 -7.01 -3.97 1.90
CA HIS A 58 -7.56 -3.91 0.55
C HIS A 58 -7.38 -2.51 -0.06
N GLU A 59 -7.70 -1.49 0.72
CA GLU A 59 -7.57 -0.11 0.26
C GLU A 59 -6.15 0.18 -0.20
N MET A 60 -5.18 -0.21 0.61
CA MET A 60 -3.78 0.01 0.29
C MET A 60 -3.42 -0.63 -1.06
N ILE A 61 -3.47 -1.95 -1.10
CA ILE A 61 -3.16 -2.68 -2.33
C ILE A 61 -3.98 -2.17 -3.50
N GLN A 62 -5.25 -1.83 -3.23
CA GLN A 62 -6.14 -1.32 -4.26
C GLN A 62 -5.56 -0.07 -4.92
N GLN A 63 -5.28 0.94 -4.10
CA GLN A 63 -4.72 2.19 -4.60
C GLN A 63 -3.52 1.94 -5.49
N ILE A 64 -2.70 0.95 -5.11
CA ILE A 64 -1.52 0.60 -5.88
C ILE A 64 -1.88 -0.03 -7.22
N PHE A 65 -3.00 -0.75 -7.24
CA PHE A 65 -3.47 -1.40 -8.46
C PHE A 65 -3.91 -0.36 -9.49
N ASN A 66 -4.59 0.68 -9.03
CA ASN A 66 -5.07 1.74 -9.91
C ASN A 66 -3.91 2.57 -10.43
N LEU A 67 -2.94 2.84 -9.57
CA LEU A 67 -1.77 3.63 -9.95
C LEU A 67 -0.91 2.88 -10.97
N PHE A 68 -0.80 1.57 -10.78
CA PHE A 68 -0.01 0.74 -11.68
C PHE A 68 -0.85 0.26 -12.86
N SER A 69 -2.15 0.53 -12.80
CA SER A 69 -3.07 0.12 -13.86
C SER A 69 -2.95 1.03 -15.07
N THR A 70 -2.22 2.14 -14.89
CA THR A 70 -2.03 3.10 -15.98
C THR A 70 -0.66 2.95 -16.60
N LYS A 71 -0.40 3.72 -17.66
CA LYS A 71 0.88 3.67 -18.36
C LYS A 71 1.93 4.51 -17.63
N ASP A 72 1.47 5.51 -16.88
CA ASP A 72 2.37 6.38 -16.14
C ASP A 72 3.35 5.57 -15.31
N SER A 73 2.81 4.64 -14.52
CA SER A 73 3.64 3.79 -13.66
C SER A 73 4.64 2.98 -14.50
N SER A 74 4.12 2.27 -15.50
CA SER A 74 4.95 1.45 -16.36
C SER A 74 6.01 2.30 -17.06
N ALA A 75 5.74 3.60 -17.17
CA ALA A 75 6.68 4.52 -17.81
C ALA A 75 7.51 5.26 -16.77
N ALA A 76 7.31 4.92 -15.51
CA ALA A 76 8.05 5.56 -14.42
C ALA A 76 9.15 4.65 -13.90
N TRP A 77 8.89 3.35 -13.89
CA TRP A 77 9.87 2.37 -13.42
C TRP A 77 10.04 1.24 -14.42
N ASP A 78 10.97 0.34 -14.14
CA ASP A 78 11.23 -0.79 -15.03
C ASP A 78 9.94 -1.53 -15.37
N GLU A 79 9.63 -1.61 -16.66
CA GLU A 79 8.43 -2.29 -17.12
C GLU A 79 8.37 -3.71 -16.61
N THR A 80 9.51 -4.40 -16.65
CA THR A 80 9.60 -5.78 -16.18
C THR A 80 9.22 -5.89 -14.71
N LEU A 81 9.99 -5.23 -13.85
CA LEU A 81 9.73 -5.24 -12.42
C LEU A 81 8.30 -4.82 -12.12
N LEU A 82 7.86 -3.73 -12.73
CA LEU A 82 6.51 -3.21 -12.54
C LEU A 82 5.47 -4.24 -12.95
N ASP A 83 5.66 -4.82 -14.14
CA ASP A 83 4.73 -5.83 -14.65
C ASP A 83 4.48 -6.91 -13.61
N LYS A 84 5.54 -7.63 -13.23
CA LYS A 84 5.43 -8.70 -12.25
C LYS A 84 4.95 -8.15 -10.92
N PHE A 85 5.49 -7.00 -10.52
CA PHE A 85 5.11 -6.37 -9.25
C PHE A 85 3.61 -6.10 -9.21
N TYR A 86 3.17 -5.11 -9.99
CA TYR A 86 1.76 -4.75 -10.03
C TYR A 86 0.89 -5.98 -10.27
N THR A 87 1.42 -6.92 -11.04
CA THR A 87 0.69 -8.15 -11.36
C THR A 87 0.37 -8.95 -10.10
N GLU A 88 1.36 -9.06 -9.22
CA GLU A 88 1.19 -9.80 -7.97
C GLU A 88 0.09 -9.18 -7.13
N LEU A 89 0.14 -7.87 -6.97
CA LEU A 89 -0.86 -7.15 -6.18
C LEU A 89 -2.26 -7.36 -6.75
N TYR A 90 -2.36 -7.40 -8.08
CA TYR A 90 -3.63 -7.60 -8.75
C TYR A 90 -4.31 -8.87 -8.27
N GLN A 91 -3.64 -10.01 -8.48
CA GLN A 91 -4.19 -11.30 -8.08
C GLN A 91 -4.28 -11.39 -6.56
N GLN A 92 -3.23 -10.97 -5.87
CA GLN A 92 -3.21 -11.00 -4.42
C GLN A 92 -4.40 -10.24 -3.83
N LEU A 93 -4.51 -8.97 -4.17
CA LEU A 93 -5.61 -8.14 -3.68
C LEU A 93 -6.95 -8.72 -4.08
N ASN A 94 -7.00 -9.34 -5.26
CA ASN A 94 -8.23 -9.94 -5.76
C ASN A 94 -8.64 -11.13 -4.90
N ASP A 95 -7.72 -12.08 -4.72
CA ASP A 95 -8.00 -13.26 -3.93
C ASP A 95 -8.19 -12.89 -2.46
N LEU A 96 -7.20 -12.22 -1.88
CA LEU A 96 -7.27 -11.81 -0.48
C LEU A 96 -8.60 -11.10 -0.18
N GLU A 97 -8.93 -10.13 -1.02
CA GLU A 97 -10.17 -9.38 -0.85
C GLU A 97 -11.37 -10.32 -0.82
N ALA A 98 -11.61 -11.00 -1.94
CA ALA A 98 -12.73 -11.92 -2.05
C ALA A 98 -12.70 -12.95 -0.93
N CYS A 99 -11.54 -13.11 -0.30
CA CYS A 99 -11.38 -14.07 0.78
C CYS A 99 -12.13 -13.61 2.03
N VAL A 100 -11.80 -12.41 2.50
CA VAL A 100 -12.46 -11.86 3.69
C VAL A 100 -13.77 -11.18 3.32
N ILE A 101 -13.74 -10.39 2.24
CA ILE A 101 -14.93 -9.68 1.79
C ILE A 101 -16.14 -10.60 1.72
N GLN A 102 -15.99 -11.72 1.02
CA GLN A 102 -17.07 -12.68 0.89
C GLN A 102 -17.54 -13.16 2.26
N GLY A 103 -18.83 -13.49 2.35
CA GLY A 103 -19.38 -13.95 3.62
C GLY A 103 -18.76 -15.25 4.08
N VAL A 104 -18.05 -15.93 3.17
CA VAL A 104 -17.40 -17.19 3.50
C VAL A 104 -16.55 -17.07 4.76
N GLY A 105 -16.02 -15.87 4.99
CA GLY A 105 -15.20 -15.64 6.16
C GLY A 105 -15.87 -14.73 7.17
N VAL A 106 -15.45 -13.47 7.20
CA VAL A 106 -16.03 -12.50 8.13
C VAL A 106 -16.05 -11.10 7.51
N THR A 107 -17.08 -10.21 8.01
CA THR A 107 -17.25 -8.85 7.54
C THR A 107 -17.54 -7.92 8.71
N GLU A 108 -17.19 -6.65 8.57
CA GLU A 108 -17.42 -5.67 9.63
C GLU A 108 -18.32 -4.54 9.15
N THR A 109 -18.76 -3.71 10.09
CA THR A 109 -19.63 -2.59 9.76
C THR A 109 -18.83 -1.33 9.45
N PRO A 110 -19.45 -0.39 8.72
CA PRO A 110 -18.81 0.87 8.34
C PRO A 110 -18.60 1.79 9.54
N LEU A 111 -19.20 1.44 10.67
CA LEU A 111 -19.08 2.23 11.89
C LEU A 111 -17.63 2.33 12.33
N MET A 112 -16.99 1.18 12.50
CA MET A 112 -15.58 1.14 12.92
C MET A 112 -14.66 1.40 11.74
N LYS A 113 -15.19 1.25 10.53
CA LYS A 113 -14.41 1.47 9.31
C LYS A 113 -14.24 2.96 9.04
N GLU A 114 -15.10 3.77 9.65
CA GLU A 114 -15.04 5.21 9.47
C GLU A 114 -13.62 5.74 9.69
N ASP A 115 -12.90 5.11 10.61
CA ASP A 115 -11.54 5.52 10.92
C ASP A 115 -10.56 4.96 9.89
N SER A 116 -10.53 3.63 9.77
CA SER A 116 -9.64 2.96 8.82
C SER A 116 -9.82 3.53 7.42
N ILE A 117 -11.05 3.44 6.92
CA ILE A 117 -11.35 3.94 5.58
C ILE A 117 -10.90 5.38 5.41
N LEU A 118 -11.15 6.20 6.43
CA LEU A 118 -10.76 7.60 6.40
C LEU A 118 -9.27 7.75 6.17
N ALA A 119 -8.48 6.99 6.92
CA ALA A 119 -7.03 7.03 6.80
C ALA A 119 -6.59 6.66 5.40
N VAL A 120 -6.89 5.42 4.99
CA VAL A 120 -6.52 4.94 3.67
C VAL A 120 -7.03 5.88 2.57
N ARG A 121 -8.25 6.37 2.74
CA ARG A 121 -8.85 7.27 1.77
C ARG A 121 -8.05 8.58 1.69
N LYS A 122 -7.82 9.20 2.84
CA LYS A 122 -7.07 10.45 2.89
C LYS A 122 -5.69 10.28 2.27
N TYR A 123 -5.01 9.20 2.61
CA TYR A 123 -3.68 8.92 2.10
C TYR A 123 -3.71 8.80 0.56
N PHE A 124 -4.44 7.80 0.08
CA PHE A 124 -4.55 7.58 -1.36
C PHE A 124 -5.00 8.85 -2.08
N GLN A 125 -6.08 9.44 -1.59
CA GLN A 125 -6.62 10.67 -2.19
C GLN A 125 -5.52 11.70 -2.37
N ARG A 126 -4.79 12.00 -1.30
CA ARG A 126 -3.71 12.98 -1.34
C ARG A 126 -2.57 12.48 -2.22
N ILE A 127 -2.35 11.17 -2.21
CA ILE A 127 -1.28 10.57 -3.01
C ILE A 127 -1.53 10.78 -4.50
N THR A 128 -2.62 10.20 -5.00
CA THR A 128 -2.97 10.32 -6.41
C THR A 128 -3.15 11.78 -6.81
N LEU A 129 -3.83 12.54 -5.96
CA LEU A 129 -4.08 13.95 -6.22
C LEU A 129 -2.76 14.73 -6.31
N TYR A 130 -1.87 14.48 -5.35
CA TYR A 130 -0.58 15.14 -5.32
C TYR A 130 0.17 14.94 -6.62
N LEU A 131 0.50 13.69 -6.93
CA LEU A 131 1.22 13.36 -8.15
C LEU A 131 0.45 13.83 -9.39
N LYS A 132 -0.87 13.79 -9.30
CA LYS A 132 -1.72 14.23 -10.41
C LYS A 132 -1.54 15.72 -10.69
N GLU A 133 -1.44 16.51 -9.62
CA GLU A 133 -1.25 17.95 -9.76
C GLU A 133 0.14 18.27 -10.29
N LYS A 134 1.10 17.42 -9.97
CA LYS A 134 2.48 17.62 -10.42
C LYS A 134 2.66 17.07 -11.83
N LYS A 135 1.57 16.63 -12.45
CA LYS A 135 1.62 16.08 -13.80
C LYS A 135 2.44 14.80 -13.83
N TYR A 136 2.34 14.00 -12.78
CA TYR A 136 3.07 12.74 -12.69
C TYR A 136 4.56 12.97 -12.91
N SER A 137 5.02 14.17 -12.59
CA SER A 137 6.43 14.51 -12.76
C SER A 137 7.33 13.45 -12.13
N PRO A 138 8.64 13.54 -12.41
CA PRO A 138 9.63 12.60 -11.88
C PRO A 138 9.84 12.77 -10.38
N CYS A 139 9.36 13.87 -9.83
CA CYS A 139 9.49 14.15 -8.42
C CYS A 139 8.31 13.60 -7.63
N ALA A 140 7.11 13.77 -8.18
CA ALA A 140 5.90 13.29 -7.54
C ALA A 140 5.97 11.80 -7.27
N TRP A 141 6.19 11.02 -8.32
CA TRP A 141 6.29 9.56 -8.20
C TRP A 141 7.23 9.18 -7.07
N GLU A 142 8.36 9.88 -6.97
CA GLU A 142 9.34 9.61 -5.93
C GLU A 142 8.72 9.75 -4.54
N VAL A 143 8.16 10.92 -4.28
CA VAL A 143 7.53 11.20 -2.99
C VAL A 143 6.53 10.11 -2.63
N VAL A 144 5.62 9.82 -3.55
CA VAL A 144 4.60 8.80 -3.32
C VAL A 144 5.24 7.46 -3.02
N ARG A 145 6.29 7.11 -3.75
CA ARG A 145 6.99 5.85 -3.56
C ARG A 145 7.51 5.73 -2.12
N ALA A 146 8.29 6.72 -1.71
CA ALA A 146 8.85 6.74 -0.37
C ALA A 146 7.77 6.52 0.69
N GLU A 147 6.75 7.39 0.69
CA GLU A 147 5.66 7.29 1.64
C GLU A 147 4.93 5.96 1.49
N ILE A 148 4.94 5.42 0.27
CA ILE A 148 4.27 4.15 0.00
C ILE A 148 4.97 3.00 0.72
N MET A 149 6.29 2.97 0.62
CA MET A 149 7.08 1.93 1.27
C MET A 149 6.99 2.03 2.79
N ARG A 150 7.10 3.24 3.30
CA ARG A 150 7.03 3.47 4.74
C ARG A 150 5.69 3.01 5.29
N SER A 151 4.61 3.53 4.72
CA SER A 151 3.27 3.17 5.16
C SER A 151 3.04 1.67 5.06
N PHE A 152 3.46 1.08 3.94
CA PHE A 152 3.30 -0.34 3.72
C PHE A 152 3.98 -1.15 4.83
N SER A 153 5.23 -0.82 5.10
CA SER A 153 6.00 -1.50 6.14
C SER A 153 5.35 -1.32 7.51
N LEU A 154 4.97 -0.08 7.82
CA LEU A 154 4.34 0.23 9.10
C LEU A 154 3.04 -0.54 9.26
N SER A 155 2.19 -0.51 8.24
CA SER A 155 0.91 -1.21 8.28
C SER A 155 1.12 -2.70 8.56
N THR A 156 2.03 -3.31 7.82
CA THR A 156 2.32 -4.73 7.99
C THR A 156 3.11 -4.99 9.27
N ASN A 157 3.69 -3.92 9.81
CA ASN A 157 4.47 -4.03 11.04
C ASN A 157 3.68 -3.50 12.23
N LEU A 158 2.53 -4.10 12.48
CA LEU A 158 1.67 -3.69 13.59
C LEU A 158 2.00 -4.48 14.85
N GLN A 159 2.16 -5.80 14.69
CA GLN A 159 2.48 -6.67 15.81
C GLN A 159 3.99 -6.84 15.96
N GLU A 160 4.72 -6.60 14.88
CA GLU A 160 6.17 -6.73 14.89
C GLU A 160 6.58 -8.14 15.29
N SER A 161 5.74 -9.12 14.96
CA SER A 161 6.02 -10.51 15.29
C SER A 161 5.78 -11.42 14.09
N LEU A 162 6.08 -10.90 12.90
CA LEU A 162 5.90 -11.65 11.67
C LEU A 162 6.89 -12.81 11.59
N ARG A 163 8.15 -12.50 11.32
CA ARG A 163 9.19 -13.51 11.21
C ARG A 163 10.23 -13.34 12.32
N SER A 164 10.37 -14.35 13.16
CA SER A 164 11.33 -14.30 14.25
C SER A 164 11.61 -15.70 14.81
N LYS A 165 12.84 -15.92 15.28
CA LYS A 165 13.22 -17.21 15.83
C LYS A 165 12.94 -17.27 17.33
N GLU A 166 11.66 -17.28 17.68
CA GLU A 166 11.27 -17.33 19.09
C GLU A 166 10.48 -18.61 19.39
O5 A2G B . -21.34 -7.36 6.90
C1 A2G B . -20.67 -8.10 7.90
C2 A2G B . -21.63 -8.79 8.90
N2 A2G B . -20.82 -9.54 9.89
C3 A2G B . -22.64 -9.65 8.10
O3 A2G B . -23.77 -10.08 8.88
C4 A2G B . -23.25 -8.86 6.94
O4 A2G B . -24.10 -7.87 7.46
C5 A2G B . -22.19 -8.18 6.08
C6 A2G B . -22.92 -7.23 5.14
O6 A2G B . -23.18 -6.12 5.76
C7 A2G B . -20.99 -10.86 10.20
O7 A2G B . -22.06 -11.33 10.55
C8 A2G B . -19.75 -11.71 10.07
H1 A2G B . -20.12 -7.49 8.40
H2 A2G B . -22.18 -8.04 9.49
HN2 A2G B . -20.51 -8.96 10.67
H3 A2G B . -22.16 -10.56 7.74
HO3 A2G B . -23.78 -11.06 8.88
H4 A2G B . -23.80 -9.43 6.42
HO4 A2G B . -23.59 -7.30 8.06
H5 A2G B . -21.70 -8.77 5.54
H61 A2G B . -23.86 -7.69 4.81
H81 A2G B . -20.00 -12.74 10.31
H82 A2G B . -18.96 -11.36 10.72
H83 A2G B . -19.39 -11.65 9.03
H62 A2G B . -22.30 -7.03 4.27
HO6 A2G B . -22.93 -5.28 5.36
N CYS A 2 -9.86 -13.84 5.99
CA CYS A 2 -8.53 -14.33 5.70
C CYS A 2 -7.49 -13.22 5.85
N ASP A 3 -7.43 -12.63 7.04
CA ASP A 3 -6.49 -11.55 7.31
C ASP A 3 -5.11 -12.12 7.68
N LEU A 4 -5.00 -13.44 7.65
CA LEU A 4 -3.73 -14.10 7.98
C LEU A 4 -2.58 -13.46 7.22
N PRO A 5 -1.35 -13.65 7.75
CA PRO A 5 -0.13 -13.10 7.14
C PRO A 5 0.20 -13.78 5.82
N GLN A 6 -0.61 -13.54 4.79
CA GLN A 6 -0.38 -14.13 3.48
C GLN A 6 0.71 -13.37 2.73
N THR A 7 0.57 -12.05 2.66
CA THR A 7 1.54 -11.21 1.97
C THR A 7 2.41 -10.45 2.95
N HIS A 8 2.04 -10.51 4.23
CA HIS A 8 2.81 -9.83 5.27
C HIS A 8 3.94 -10.70 5.78
N SER A 9 3.84 -12.00 5.54
CA SER A 9 4.86 -12.95 5.98
C SER A 9 5.99 -13.05 4.95
N LEU A 10 5.66 -13.55 3.77
CA LEU A 10 6.64 -13.71 2.71
C LEU A 10 6.62 -12.49 1.78
N GLY A 11 5.44 -11.94 1.56
CA GLY A 11 5.31 -10.78 0.69
C GLY A 11 5.94 -9.53 1.29
N SER A 12 6.08 -9.52 2.62
CA SER A 12 6.67 -8.38 3.31
C SER A 12 8.04 -8.06 2.76
N ARG A 13 8.96 -9.02 2.86
CA ARG A 13 10.32 -8.84 2.37
C ARG A 13 10.35 -8.77 0.84
N ARG A 14 9.74 -9.76 0.21
CA ARG A 14 9.68 -9.81 -1.25
C ARG A 14 9.21 -8.48 -1.84
N THR A 15 8.02 -8.07 -1.44
CA THR A 15 7.45 -6.81 -1.92
C THR A 15 8.35 -5.63 -1.56
N LEU A 16 8.80 -5.60 -0.31
CA LEU A 16 9.68 -4.53 0.15
C LEU A 16 10.91 -4.39 -0.74
N MET A 17 11.72 -5.44 -0.77
CA MET A 17 12.93 -5.44 -1.58
C MET A 17 12.62 -5.04 -3.02
N LEU A 18 11.79 -5.84 -3.69
CA LEU A 18 11.41 -5.58 -5.06
C LEU A 18 10.96 -4.13 -5.24
N LEU A 19 9.97 -3.73 -4.45
CA LEU A 19 9.45 -2.37 -4.53
C LEU A 19 10.56 -1.35 -4.29
N ALA A 20 11.59 -1.77 -3.56
CA ALA A 20 12.73 -0.89 -3.27
C ALA A 20 13.67 -0.80 -4.46
N GLN A 21 13.87 -1.93 -5.14
CA GLN A 21 14.76 -1.98 -6.29
C GLN A 21 14.02 -1.56 -7.56
N MET A 22 12.71 -1.41 -7.46
CA MET A 22 11.89 -1.01 -8.59
C MET A 22 11.93 0.50 -8.78
N ARG A 23 12.04 1.23 -7.69
CA ARG A 23 12.08 2.69 -7.74
C ARG A 23 13.50 3.17 -8.03
N LYS A 24 13.69 3.72 -9.22
CA LYS A 24 15.00 4.23 -9.63
C LYS A 24 15.00 5.75 -9.69
N ILE A 25 15.57 6.37 -8.67
CA ILE A 25 15.63 7.83 -8.60
C ILE A 25 16.73 8.29 -7.66
N SER A 26 16.90 9.61 -7.54
CA SER A 26 17.93 10.17 -6.67
C SER A 26 17.29 10.74 -5.39
N LEU A 27 17.78 10.28 -4.25
CA LEU A 27 17.26 10.73 -2.97
C LEU A 27 17.45 12.23 -2.81
N PHE A 28 18.44 12.78 -3.49
CA PHE A 28 18.72 14.21 -3.43
C PHE A 28 17.98 14.96 -4.54
N SER A 29 17.19 14.21 -5.32
CA SER A 29 16.45 14.80 -6.42
C SER A 29 15.30 15.67 -5.90
N CYS A 30 14.88 15.39 -4.67
CA CYS A 30 13.79 16.15 -4.06
C CYS A 30 13.83 16.01 -2.54
N LEU A 31 14.61 16.87 -1.89
CA LEU A 31 14.72 16.86 -0.44
C LEU A 31 13.59 17.64 0.21
N LYS A 32 13.18 18.73 -0.42
CA LYS A 32 12.10 19.56 0.10
C LYS A 32 10.76 19.16 -0.51
N ASP A 33 10.70 17.94 -1.04
CA ASP A 33 9.49 17.44 -1.66
C ASP A 33 8.97 16.20 -0.92
N ARG A 34 9.86 15.54 -0.20
CA ARG A 34 9.50 14.35 0.56
C ARG A 34 8.77 14.72 1.85
N HIS A 35 8.18 13.71 2.48
CA HIS A 35 7.44 13.94 3.73
C HIS A 35 6.43 15.07 3.57
N ASP A 36 5.25 14.74 3.04
CA ASP A 36 4.20 15.73 2.83
C ASP A 36 2.83 15.16 3.22
N PHE A 37 2.60 13.91 2.84
CA PHE A 37 1.33 13.25 3.16
C PHE A 37 1.12 13.15 4.67
N GLY A 38 1.97 12.38 5.33
CA GLY A 38 1.87 12.22 6.77
C GLY A 38 0.61 11.48 7.18
N PHE A 39 0.68 10.15 7.18
CA PHE A 39 -0.47 9.33 7.54
C PHE A 39 -0.41 8.94 9.01
N PRO A 40 -1.47 9.28 9.77
CA PRO A 40 -1.56 8.97 11.20
C PRO A 40 -1.72 7.48 11.47
N GLN A 41 -0.60 6.79 11.64
CA GLN A 41 -0.63 5.35 11.91
C GLN A 41 -1.26 5.07 13.27
N GLU A 42 -1.31 6.08 14.13
CA GLU A 42 -1.88 5.93 15.45
C GLU A 42 -3.38 5.67 15.37
N GLU A 43 -4.07 6.44 14.54
CA GLU A 43 -5.51 6.31 14.37
C GLU A 43 -5.83 5.24 13.33
N PHE A 44 -4.81 4.81 12.60
CA PHE A 44 -4.98 3.80 11.57
C PHE A 44 -4.66 2.41 12.11
N GLY A 45 -3.89 2.36 13.20
CA GLY A 45 -3.53 1.09 13.80
C GLY A 45 -4.73 0.21 14.07
N ASN A 46 -4.92 -0.80 13.23
CA ASN A 46 -6.05 -1.73 13.38
C ASN A 46 -5.73 -3.08 12.75
N GLN A 47 -4.71 -3.74 13.28
CA GLN A 47 -4.30 -5.05 12.77
C GLN A 47 -4.66 -6.15 13.77
N PHE A 48 -5.38 -5.78 14.82
CA PHE A 48 -5.78 -6.74 15.84
C PHE A 48 -6.99 -7.54 15.38
N GLN A 49 -7.78 -6.96 14.48
CA GLN A 49 -8.97 -7.62 13.96
C GLN A 49 -8.76 -8.05 12.52
N LYS A 50 -9.18 -9.27 12.20
CA LYS A 50 -9.04 -9.81 10.86
C LYS A 50 -10.19 -9.33 9.96
N ALA A 51 -11.37 -9.20 10.55
CA ALA A 51 -12.54 -8.73 9.80
C ALA A 51 -12.55 -7.22 9.67
N GLU A 52 -11.65 -6.56 10.41
CA GLU A 52 -11.55 -5.10 10.38
C GLU A 52 -10.39 -4.65 9.50
N THR A 53 -9.60 -5.61 9.05
CA THR A 53 -8.44 -5.31 8.21
C THR A 53 -8.80 -5.44 6.72
N ILE A 54 -9.99 -5.97 6.45
CA ILE A 54 -10.45 -6.14 5.08
C ILE A 54 -10.51 -4.80 4.36
N PRO A 55 -11.01 -3.77 5.05
CA PRO A 55 -11.13 -2.42 4.48
C PRO A 55 -9.77 -1.75 4.28
N VAL A 56 -8.98 -1.70 5.34
CA VAL A 56 -7.66 -1.09 5.27
C VAL A 56 -6.75 -1.84 4.30
N LEU A 57 -6.77 -3.16 4.38
CA LEU A 57 -5.96 -3.99 3.50
C LEU A 57 -6.39 -3.83 2.04
N HIS A 58 -7.63 -4.20 1.75
CA HIS A 58 -8.16 -4.09 0.40
C HIS A 58 -7.92 -2.70 -0.18
N GLU A 59 -8.29 -1.68 0.59
CA GLU A 59 -8.11 -0.30 0.16
C GLU A 59 -6.64 -0.02 -0.19
N MET A 60 -5.74 -0.51 0.65
CA MET A 60 -4.31 -0.31 0.43
C MET A 60 -3.89 -0.87 -0.93
N ILE A 61 -3.97 -2.18 -1.07
CA ILE A 61 -3.61 -2.84 -2.33
C ILE A 61 -4.43 -2.30 -3.50
N GLN A 62 -5.64 -1.83 -3.18
CA GLN A 62 -6.53 -1.29 -4.20
C GLN A 62 -5.92 -0.05 -4.86
N GLN A 63 -5.71 0.98 -4.05
CA GLN A 63 -5.13 2.23 -4.54
C GLN A 63 -3.89 1.96 -5.37
N ILE A 64 -3.10 0.98 -4.95
CA ILE A 64 -1.87 0.62 -5.65
C ILE A 64 -2.18 -0.01 -7.01
N PHE A 65 -3.27 -0.76 -7.07
CA PHE A 65 -3.67 -1.41 -8.31
C PHE A 65 -4.08 -0.38 -9.36
N ASN A 66 -4.76 0.66 -8.90
CA ASN A 66 -5.23 1.72 -9.80
C ASN A 66 -4.05 2.54 -10.33
N LEU A 67 -3.17 2.95 -9.42
CA LEU A 67 -2.00 3.73 -9.80
C LEU A 67 -1.11 2.97 -10.77
N PHE A 68 -0.93 1.67 -10.51
CA PHE A 68 -0.11 0.83 -11.36
C PHE A 68 -0.89 0.35 -12.58
N SER A 69 -2.19 0.62 -12.57
CA SER A 69 -3.06 0.21 -13.67
C SER A 69 -2.87 1.12 -14.88
N THR A 70 -2.19 2.26 -14.66
CA THR A 70 -1.93 3.21 -15.73
C THR A 70 -0.53 3.03 -16.30
N LYS A 71 -0.26 3.74 -17.40
CA LYS A 71 1.04 3.65 -18.05
C LYS A 71 2.05 4.55 -17.36
N ASP A 72 1.56 5.61 -16.71
CA ASP A 72 2.42 6.53 -16.00
C ASP A 72 3.35 5.80 -15.04
N SER A 73 2.82 4.77 -14.39
CA SER A 73 3.60 3.98 -13.44
C SER A 73 4.64 3.12 -14.16
N SER A 74 4.19 2.39 -15.17
CA SER A 74 5.07 1.52 -15.94
C SER A 74 6.11 2.35 -16.71
N ALA A 75 5.86 3.64 -16.81
CA ALA A 75 6.78 4.54 -17.51
C ALA A 75 7.67 5.30 -16.53
N ALA A 76 7.37 5.16 -15.24
CA ALA A 76 8.14 5.83 -14.20
C ALA A 76 9.19 4.90 -13.60
N TRP A 77 8.87 3.61 -13.55
CA TRP A 77 9.78 2.61 -13.01
C TRP A 77 9.98 1.46 -13.99
N ASP A 78 10.85 0.52 -13.62
CA ASP A 78 11.14 -0.63 -14.47
C ASP A 78 9.85 -1.35 -14.87
N GLU A 79 9.58 -1.39 -16.16
CA GLU A 79 8.37 -2.05 -16.67
C GLU A 79 8.31 -3.50 -16.20
N THR A 80 9.45 -4.17 -16.20
CA THR A 80 9.53 -5.56 -15.78
C THR A 80 9.10 -5.71 -14.33
N LEU A 81 9.84 -5.08 -13.42
CA LEU A 81 9.55 -5.15 -12.00
C LEU A 81 8.11 -4.72 -11.72
N LEU A 82 7.71 -3.59 -12.31
CA LEU A 82 6.35 -3.07 -12.13
C LEU A 82 5.32 -4.07 -12.62
N ASP A 83 5.54 -4.61 -13.82
CA ASP A 83 4.63 -5.59 -14.39
C ASP A 83 4.33 -6.71 -13.40
N LYS A 84 5.37 -7.45 -13.03
CA LYS A 84 5.22 -8.56 -12.09
C LYS A 84 4.72 -8.07 -10.74
N PHE A 85 5.23 -6.92 -10.30
CA PHE A 85 4.83 -6.34 -9.03
C PHE A 85 3.33 -6.07 -9.00
N TYR A 86 2.90 -5.06 -9.76
CA TYR A 86 1.49 -4.71 -9.82
C TYR A 86 0.62 -5.93 -10.13
N THR A 87 1.17 -6.85 -10.92
CA THR A 87 0.45 -8.06 -11.29
C THR A 87 0.11 -8.89 -10.06
N GLU A 88 1.07 -9.04 -9.16
CA GLU A 88 0.86 -9.81 -7.94
C GLU A 88 -0.25 -9.20 -7.10
N LEU A 89 -0.18 -7.90 -6.89
CA LEU A 89 -1.19 -7.19 -6.10
C LEU A 89 -2.59 -7.39 -6.69
N TYR A 90 -2.67 -7.39 -8.01
CA TYR A 90 -3.94 -7.58 -8.70
C TYR A 90 -4.62 -8.86 -8.26
N GLN A 91 -3.94 -9.99 -8.48
CA GLN A 91 -4.49 -11.30 -8.10
C GLN A 91 -4.59 -11.41 -6.58
N GLN A 92 -3.51 -11.04 -5.89
CA GLN A 92 -3.48 -11.12 -4.44
C GLN A 92 -4.67 -10.39 -3.82
N LEU A 93 -4.79 -9.10 -4.13
CA LEU A 93 -5.88 -8.29 -3.61
C LEU A 93 -7.23 -8.88 -4.00
N ASN A 94 -7.28 -9.47 -5.20
CA ASN A 94 -8.52 -10.07 -5.70
C ASN A 94 -8.94 -11.24 -4.82
N ASP A 95 -8.02 -12.18 -4.62
CA ASP A 95 -8.30 -13.36 -3.80
C ASP A 95 -8.43 -12.98 -2.33
N LEU A 96 -7.40 -12.33 -1.79
CA LEU A 96 -7.41 -11.91 -0.39
C LEU A 96 -8.71 -11.20 -0.05
N GLU A 97 -9.18 -10.36 -0.96
CA GLU A 97 -10.42 -9.61 -0.77
C GLU A 97 -11.62 -10.55 -0.70
N ALA A 98 -11.88 -11.26 -1.78
CA ALA A 98 -12.99 -12.20 -1.85
C ALA A 98 -12.93 -13.19 -0.69
N CYS A 99 -11.76 -13.34 -0.10
CA CYS A 99 -11.58 -14.26 1.02
C CYS A 99 -12.37 -13.80 2.24
N VAL A 100 -12.09 -12.57 2.69
CA VAL A 100 -12.78 -12.02 3.84
C VAL A 100 -14.11 -11.39 3.44
N ILE A 101 -14.09 -10.66 2.34
CA ILE A 101 -15.31 -10.00 1.84
C ILE A 101 -16.48 -10.97 1.80
N GLN A 102 -16.25 -12.15 1.25
CA GLN A 102 -17.29 -13.17 1.15
C GLN A 102 -17.72 -13.63 2.54
N GLY A 103 -18.83 -14.37 2.59
CA GLY A 103 -19.34 -14.87 3.85
C GLY A 103 -18.62 -16.11 4.32
N VAL A 104 -17.62 -16.54 3.55
CA VAL A 104 -16.85 -17.73 3.89
C VAL A 104 -16.13 -17.56 5.23
N GLY A 105 -15.83 -16.31 5.58
CA GLY A 105 -15.15 -16.04 6.82
C GLY A 105 -15.95 -15.12 7.73
N VAL A 106 -15.58 -13.84 7.75
CA VAL A 106 -16.27 -12.86 8.59
C VAL A 106 -16.32 -11.50 7.89
N THR A 107 -17.51 -10.71 8.15
CA THR A 107 -17.72 -9.39 7.59
C THR A 107 -18.02 -8.39 8.70
N GLU A 108 -17.79 -7.11 8.44
CA GLU A 108 -18.04 -6.07 9.42
C GLU A 108 -18.92 -4.97 8.85
N THR A 109 -19.40 -4.09 9.71
CA THR A 109 -20.28 -2.99 9.29
C THR A 109 -19.45 -1.79 8.83
N PRO A 110 -20.07 -0.91 8.04
CA PRO A 110 -19.43 0.30 7.52
C PRO A 110 -19.17 1.32 8.61
N LEU A 111 -19.71 1.07 9.80
CA LEU A 111 -19.55 1.99 10.93
C LEU A 111 -18.09 2.03 11.38
N MET A 112 -17.54 0.87 11.70
CA MET A 112 -16.15 0.78 12.13
C MET A 112 -15.20 1.08 10.98
N LYS A 113 -15.69 0.96 9.76
CA LYS A 113 -14.89 1.21 8.57
C LYS A 113 -14.73 2.71 8.34
N GLU A 114 -15.62 3.50 8.93
CA GLU A 114 -15.58 4.95 8.79
C GLU A 114 -14.19 5.50 9.12
N ASP A 115 -13.53 4.87 10.09
CA ASP A 115 -12.20 5.28 10.51
C ASP A 115 -11.13 4.69 9.59
N SER A 116 -11.11 3.37 9.51
CA SER A 116 -10.13 2.67 8.67
C SER A 116 -10.15 3.23 7.24
N ILE A 117 -11.32 3.18 6.61
CA ILE A 117 -11.47 3.67 5.25
C ILE A 117 -11.03 5.13 5.14
N LEU A 118 -11.43 5.94 6.11
CA LEU A 118 -11.06 7.35 6.13
C LEU A 118 -9.55 7.53 6.02
N ALA A 119 -8.82 6.88 6.92
CA ALA A 119 -7.36 6.97 6.92
C ALA A 119 -6.79 6.51 5.59
N VAL A 120 -7.02 5.25 5.25
CA VAL A 120 -6.52 4.69 3.99
C VAL A 120 -6.86 5.59 2.82
N ARG A 121 -8.15 5.85 2.62
CA ARG A 121 -8.61 6.69 1.53
C ARG A 121 -7.85 8.03 1.52
N LYS A 122 -7.59 8.55 2.71
CA LYS A 122 -6.88 9.82 2.84
C LYS A 122 -5.48 9.72 2.25
N TYR A 123 -4.78 8.63 2.57
CA TYR A 123 -3.43 8.41 2.07
C TYR A 123 -3.42 8.39 0.54
N PHE A 124 -4.24 7.52 -0.04
CA PHE A 124 -4.32 7.40 -1.49
C PHE A 124 -4.76 8.71 -2.13
N GLN A 125 -5.82 9.30 -1.59
CA GLN A 125 -6.34 10.56 -2.11
C GLN A 125 -5.22 11.59 -2.26
N ARG A 126 -4.46 11.80 -1.18
CA ARG A 126 -3.36 12.75 -1.20
C ARG A 126 -2.26 12.30 -2.15
N ILE A 127 -2.07 10.99 -2.24
CA ILE A 127 -1.04 10.42 -3.11
C ILE A 127 -1.33 10.74 -4.57
N THR A 128 -2.45 10.22 -5.08
CA THR A 128 -2.84 10.46 -6.46
C THR A 128 -3.00 11.94 -6.75
N LEU A 129 -3.63 12.65 -5.81
CA LEU A 129 -3.85 14.09 -5.97
C LEU A 129 -2.53 14.83 -6.05
N TYR A 130 -1.64 14.57 -5.10
CA TYR A 130 -0.34 15.22 -5.07
C TYR A 130 0.37 15.07 -6.41
N LEU A 131 0.67 13.83 -6.79
CA LEU A 131 1.35 13.55 -8.05
C LEU A 131 0.56 14.11 -9.23
N LYS A 132 -0.76 14.13 -9.10
CA LYS A 132 -1.63 14.65 -10.14
C LYS A 132 -1.39 16.15 -10.36
N GLU A 133 -1.23 16.88 -9.27
CA GLU A 133 -0.98 18.32 -9.35
C GLU A 133 0.42 18.61 -9.88
N LYS A 134 1.34 17.70 -9.61
CA LYS A 134 2.72 17.85 -10.07
C LYS A 134 2.87 17.39 -11.51
N LYS A 135 1.75 17.05 -12.14
CA LYS A 135 1.77 16.60 -13.53
C LYS A 135 2.52 15.28 -13.66
N TYR A 136 2.42 14.43 -12.64
CA TYR A 136 3.11 13.15 -12.64
C TYR A 136 4.61 13.33 -12.87
N SER A 137 5.12 14.49 -12.49
CA SER A 137 6.54 14.78 -12.65
C SER A 137 7.40 13.65 -12.09
N PRO A 138 8.70 13.70 -12.39
CA PRO A 138 9.66 12.69 -11.93
C PRO A 138 9.90 12.76 -10.43
N CYS A 139 9.50 13.87 -9.82
CA CYS A 139 9.68 14.06 -8.38
C CYS A 139 8.46 13.55 -7.62
N ALA A 140 7.27 13.86 -8.13
CA ALA A 140 6.03 13.43 -7.50
C ALA A 140 6.04 11.93 -7.24
N TRP A 141 6.20 11.15 -8.31
CA TRP A 141 6.21 9.70 -8.19
C TRP A 141 7.16 9.25 -7.09
N GLU A 142 8.40 9.72 -7.15
CA GLU A 142 9.40 9.36 -6.15
C GLU A 142 8.83 9.50 -4.74
N VAL A 143 8.35 10.70 -4.41
CA VAL A 143 7.79 10.96 -3.10
C VAL A 143 6.66 9.99 -2.79
N VAL A 144 5.79 9.76 -3.76
CA VAL A 144 4.66 8.84 -3.58
C VAL A 144 5.14 7.46 -3.18
N ARG A 145 6.01 6.87 -3.99
CA ARG A 145 6.54 5.54 -3.72
C ARG A 145 7.12 5.48 -2.31
N ALA A 146 7.95 6.46 -1.97
CA ALA A 146 8.57 6.52 -0.65
C ALA A 146 7.53 6.35 0.45
N GLU A 147 6.52 7.21 0.43
CA GLU A 147 5.46 7.16 1.44
C GLU A 147 4.75 5.82 1.42
N ILE A 148 4.65 5.23 0.23
CA ILE A 148 3.99 3.93 0.07
C ILE A 148 4.73 2.85 0.84
N MET A 149 6.06 2.85 0.73
CA MET A 149 6.88 1.87 1.42
C MET A 149 6.81 2.06 2.93
N ARG A 150 6.96 3.30 3.38
CA ARG A 150 6.91 3.61 4.79
C ARG A 150 5.59 3.14 5.41
N SER A 151 4.49 3.45 4.74
CA SER A 151 3.17 3.08 5.22
C SER A 151 2.98 1.56 5.17
N PHE A 152 3.47 0.95 4.10
CA PHE A 152 3.36 -0.49 3.92
C PHE A 152 4.13 -1.23 5.01
N SER A 153 5.40 -0.89 5.17
CA SER A 153 6.24 -1.54 6.17
C SER A 153 5.68 -1.32 7.58
N LEU A 154 5.35 -0.07 7.88
CA LEU A 154 4.80 0.26 9.19
C LEU A 154 3.48 -0.47 9.44
N SER A 155 2.52 -0.26 8.55
CA SER A 155 1.22 -0.91 8.67
C SER A 155 1.37 -2.41 8.86
N THR A 156 2.30 -3.00 8.12
CA THR A 156 2.54 -4.44 8.20
C THR A 156 3.29 -4.79 9.48
N ASN A 157 4.04 -3.83 10.01
CA ASN A 157 4.80 -4.04 11.24
C ASN A 157 3.97 -3.67 12.47
N LEU A 158 2.83 -4.35 12.63
CA LEU A 158 1.95 -4.10 13.76
C LEU A 158 2.12 -5.15 14.85
N GLN A 159 2.24 -6.40 14.42
CA GLN A 159 2.41 -7.51 15.35
C GLN A 159 3.90 -7.75 15.65
N GLU A 160 4.75 -7.37 14.71
CA GLU A 160 6.19 -7.54 14.87
C GLU A 160 6.55 -8.99 15.12
N SER A 161 5.69 -9.89 14.63
CA SER A 161 5.91 -11.32 14.79
C SER A 161 5.95 -12.03 13.44
N LEU A 162 6.35 -11.29 12.41
CA LEU A 162 6.43 -11.84 11.06
C LEU A 162 7.82 -12.45 10.81
N ARG A 163 8.80 -11.58 10.60
CA ARG A 163 10.16 -12.02 10.34
C ARG A 163 11.13 -11.43 11.38
N SER A 164 10.85 -11.68 12.65
CA SER A 164 11.69 -11.17 13.72
C SER A 164 12.61 -12.26 14.26
N LYS A 165 13.36 -11.93 15.30
CA LYS A 165 14.28 -12.89 15.92
C LYS A 165 13.55 -14.15 16.33
N GLU A 166 12.30 -14.00 16.77
CA GLU A 166 11.50 -15.13 17.19
C GLU A 166 10.61 -15.63 16.05
O5 A2G B . -21.98 -8.18 6.92
C1 A2G B . -21.16 -8.70 7.95
C2 A2G B . -21.97 -9.30 9.13
N2 A2G B . -21.00 -9.82 10.13
C3 A2G B . -22.97 -10.35 8.58
O3 A2G B . -23.99 -10.72 9.52
C4 A2G B . -23.74 -9.79 7.37
O4 A2G B . -24.62 -8.79 7.83
C5 A2G B . -22.82 -9.19 6.32
C6 A2G B . -23.72 -8.45 5.31
O6 A2G B . -24.55 -9.29 4.79
C7 A2G B . -21.12 -11.04 10.75
O7 A2G B . -21.84 -11.24 11.73
C8 A2G B . -20.29 -12.13 10.13
H1 A2G B . -20.63 -7.99 8.28
H2 A2G B . -22.53 -8.50 9.65
HN2 A2G B . -20.60 -9.09 10.70
H3 A2G B . -22.45 -11.27 8.31
HO3 A2G B . -24.59 -9.95 9.64
H4 A2G B . -24.29 -10.48 7.00
HO4 A2G B . -24.12 -8.09 8.24
H5 A2G B . -22.34 -9.83 5.82
H61 A2G B . -23.10 -8.00 4.54
H81 A2G B . -19.33 -12.18 10.64
H82 A2G B . -20.14 -11.95 9.07
H83 A2G B . -20.82 -13.08 10.24
H62 A2G B . -24.27 -7.66 5.84
HO6 A2G B . -25.20 -8.99 4.16
N CYS A 2 -9.66 -13.85 5.91
CA CYS A 2 -8.30 -14.34 5.68
C CYS A 2 -7.28 -13.22 5.83
N ASP A 3 -7.25 -12.61 7.01
CA ASP A 3 -6.32 -11.51 7.29
C ASP A 3 -4.96 -12.06 7.69
N LEU A 4 -4.82 -13.37 7.70
CA LEU A 4 -3.57 -14.02 8.06
C LEU A 4 -2.39 -13.37 7.32
N PRO A 5 -1.18 -13.55 7.87
CA PRO A 5 0.03 -12.99 7.29
C PRO A 5 0.42 -13.70 5.99
N GLN A 6 -0.36 -13.48 4.95
CA GLN A 6 -0.10 -14.10 3.65
C GLN A 6 1.00 -13.34 2.90
N THR A 7 0.85 -12.03 2.81
CA THR A 7 1.83 -11.20 2.11
C THR A 7 2.68 -10.42 3.11
N HIS A 8 2.36 -10.55 4.38
CA HIS A 8 3.10 -9.85 5.43
C HIS A 8 4.30 -10.68 5.89
N SER A 9 4.25 -11.98 5.62
CA SER A 9 5.34 -12.88 6.01
C SER A 9 6.44 -12.90 4.94
N LEU A 10 6.10 -13.40 3.76
CA LEU A 10 7.05 -13.48 2.65
C LEU A 10 6.94 -12.25 1.76
N GLY A 11 5.72 -11.74 1.62
CA GLY A 11 5.51 -10.57 0.78
C GLY A 11 6.15 -9.32 1.36
N SER A 12 6.27 -9.28 2.69
CA SER A 12 6.86 -8.13 3.36
C SER A 12 8.27 -7.86 2.84
N ARG A 13 9.15 -8.84 2.99
CA ARG A 13 10.53 -8.71 2.53
C ARG A 13 10.59 -8.65 1.00
N ARG A 14 9.96 -9.62 0.34
CA ARG A 14 9.95 -9.66 -1.11
C ARG A 14 9.53 -8.33 -1.70
N THR A 15 8.34 -7.87 -1.32
CA THR A 15 7.82 -6.59 -1.82
C THR A 15 8.72 -5.44 -1.40
N LEU A 16 9.24 -5.50 -0.19
CA LEU A 16 10.12 -4.46 0.33
C LEU A 16 11.33 -4.27 -0.59
N MET A 17 12.07 -5.35 -0.82
CA MET A 17 13.24 -5.31 -1.67
C MET A 17 12.86 -4.97 -3.11
N LEU A 18 11.95 -5.75 -3.68
CA LEU A 18 11.49 -5.53 -5.05
C LEU A 18 11.07 -4.08 -5.25
N LEU A 19 10.13 -3.62 -4.42
CA LEU A 19 9.64 -2.26 -4.51
C LEU A 19 10.78 -1.25 -4.38
N ALA A 20 11.71 -1.53 -3.47
CA ALA A 20 12.85 -0.65 -3.25
C ALA A 20 13.68 -0.49 -4.52
N GLN A 21 14.17 -1.60 -5.05
CA GLN A 21 14.97 -1.59 -6.27
C GLN A 21 14.11 -1.30 -7.48
N MET A 22 12.79 -1.30 -7.28
CA MET A 22 11.85 -1.04 -8.37
C MET A 22 11.90 0.42 -8.78
N ARG A 23 12.17 1.31 -7.83
CA ARG A 23 12.24 2.73 -8.10
C ARG A 23 13.68 3.17 -8.35
N LYS A 24 13.90 3.87 -9.46
CA LYS A 24 15.23 4.35 -9.80
C LYS A 24 15.27 5.87 -9.85
N ILE A 25 15.76 6.48 -8.78
CA ILE A 25 15.85 7.93 -8.70
C ILE A 25 16.83 8.36 -7.61
N SER A 26 16.99 9.67 -7.45
CA SER A 26 17.89 10.21 -6.45
C SER A 26 17.11 10.76 -5.25
N LEU A 27 17.45 10.27 -4.07
CA LEU A 27 16.78 10.71 -2.85
C LEU A 27 16.93 12.21 -2.66
N PHE A 28 17.95 12.78 -3.29
CA PHE A 28 18.21 14.22 -3.19
C PHE A 28 17.40 14.98 -4.23
N SER A 29 16.57 14.26 -4.97
CA SER A 29 15.74 14.88 -6.00
C SER A 29 14.66 15.75 -5.37
N CYS A 30 14.20 15.36 -4.19
CA CYS A 30 13.17 16.11 -3.49
C CYS A 30 13.29 15.90 -1.98
N LEU A 31 14.10 16.73 -1.33
CA LEU A 31 14.30 16.65 0.11
C LEU A 31 13.19 17.38 0.86
N LYS A 32 12.58 18.35 0.20
CA LYS A 32 11.51 19.13 0.80
C LYS A 32 10.15 18.64 0.32
N ASP A 33 10.16 17.63 -0.55
CA ASP A 33 8.93 17.06 -1.09
C ASP A 33 8.79 15.59 -0.69
N ARG A 34 9.90 14.98 -0.30
CA ARG A 34 9.92 13.58 0.10
C ARG A 34 8.80 13.29 1.09
N HIS A 35 8.62 14.19 2.06
CA HIS A 35 7.58 14.03 3.06
C HIS A 35 6.64 15.24 3.09
N ASP A 36 5.34 14.97 3.19
CA ASP A 36 4.35 16.04 3.21
C ASP A 36 2.98 15.48 3.59
N PHE A 37 2.65 14.31 3.05
CA PHE A 37 1.37 13.67 3.32
C PHE A 37 1.12 13.58 4.82
N GLY A 38 1.85 12.70 5.48
CA GLY A 38 1.69 12.52 6.91
C GLY A 38 0.41 11.81 7.28
N PHE A 39 0.45 10.48 7.26
CA PHE A 39 -0.72 9.67 7.59
C PHE A 39 -0.73 9.29 9.07
N PRO A 40 -1.78 9.72 9.78
CA PRO A 40 -1.93 9.44 11.21
C PRO A 40 -2.23 7.96 11.48
N GLN A 41 -1.17 7.17 11.60
CA GLN A 41 -1.30 5.74 11.86
C GLN A 41 -2.00 5.49 13.19
N GLU A 42 -2.04 6.52 14.04
CA GLU A 42 -2.67 6.41 15.34
C GLU A 42 -4.16 6.13 15.20
N GLU A 43 -4.82 6.89 14.33
CA GLU A 43 -6.25 6.72 14.11
C GLU A 43 -6.52 5.57 13.13
N PHE A 44 -5.53 5.28 12.30
CA PHE A 44 -5.66 4.20 11.31
C PHE A 44 -5.43 2.84 11.97
N GLY A 45 -4.84 2.86 13.15
CA GLY A 45 -4.56 1.62 13.87
C GLY A 45 -5.83 0.88 14.24
N ASN A 46 -5.78 0.15 15.34
CA ASN A 46 -6.94 -0.62 15.81
C ASN A 46 -7.30 -1.71 14.82
N GLN A 47 -6.38 -2.01 13.91
CA GLN A 47 -6.60 -3.04 12.90
C GLN A 47 -6.03 -4.37 13.35
N PHE A 48 -6.18 -4.67 14.64
CA PHE A 48 -5.67 -5.93 15.20
C PHE A 48 -6.62 -7.08 14.89
N GLN A 49 -7.79 -6.75 14.36
CA GLN A 49 -8.77 -7.76 14.01
C GLN A 49 -8.60 -8.23 12.57
N LYS A 50 -9.04 -9.46 12.29
CA LYS A 50 -8.92 -10.02 10.95
C LYS A 50 -10.04 -9.52 10.05
N ALA A 51 -11.19 -9.20 10.66
CA ALA A 51 -12.33 -8.70 9.91
C ALA A 51 -12.31 -7.18 9.82
N GLU A 52 -11.40 -6.56 10.55
CA GLU A 52 -11.26 -5.11 10.55
C GLU A 52 -10.10 -4.67 9.67
N THR A 53 -9.32 -5.63 9.19
CA THR A 53 -8.17 -5.34 8.34
C THR A 53 -8.53 -5.46 6.87
N ILE A 54 -9.74 -5.97 6.59
CA ILE A 54 -10.20 -6.13 5.22
C ILE A 54 -10.27 -4.79 4.50
N PRO A 55 -10.77 -3.76 5.21
CA PRO A 55 -10.90 -2.42 4.66
C PRO A 55 -9.54 -1.74 4.45
N VAL A 56 -8.74 -1.71 5.51
CA VAL A 56 -7.42 -1.10 5.44
C VAL A 56 -6.51 -1.84 4.45
N LEU A 57 -6.53 -3.16 4.53
CA LEU A 57 -5.72 -3.99 3.64
C LEU A 57 -6.13 -3.81 2.19
N HIS A 58 -7.38 -4.15 1.89
CA HIS A 58 -7.90 -4.02 0.54
C HIS A 58 -7.62 -2.63 -0.03
N GLU A 59 -7.94 -1.60 0.76
CA GLU A 59 -7.71 -0.22 0.34
C GLU A 59 -6.25 -0.01 -0.07
N MET A 60 -5.34 -0.45 0.79
CA MET A 60 -3.91 -0.30 0.52
C MET A 60 -3.55 -0.89 -0.84
N ILE A 61 -3.65 -2.20 -0.95
CA ILE A 61 -3.33 -2.89 -2.20
C ILE A 61 -4.12 -2.30 -3.36
N GLN A 62 -5.35 -1.88 -3.09
CA GLN A 62 -6.20 -1.30 -4.11
C GLN A 62 -5.56 -0.05 -4.71
N GLN A 63 -5.28 0.94 -3.87
CA GLN A 63 -4.67 2.18 -4.31
C GLN A 63 -3.44 1.90 -5.18
N ILE A 64 -2.69 0.86 -4.83
CA ILE A 64 -1.50 0.49 -5.58
C ILE A 64 -1.87 -0.04 -6.96
N PHE A 65 -2.97 -0.79 -7.02
CA PHE A 65 -3.43 -1.36 -8.28
C PHE A 65 -3.90 -0.28 -9.24
N ASN A 66 -4.64 0.69 -8.71
CA ASN A 66 -5.14 1.80 -9.51
C ASN A 66 -4.00 2.59 -10.14
N LEU A 67 -3.00 2.91 -9.34
CA LEU A 67 -1.85 3.67 -9.80
C LEU A 67 -1.05 2.88 -10.84
N PHE A 68 -0.81 1.60 -10.53
CA PHE A 68 -0.07 0.73 -11.44
C PHE A 68 -0.96 0.25 -12.58
N SER A 69 -2.23 0.61 -12.52
CA SER A 69 -3.19 0.21 -13.54
C SER A 69 -3.09 1.12 -14.76
N THR A 70 -2.36 2.22 -14.61
CA THR A 70 -2.17 3.17 -15.70
C THR A 70 -0.81 3.01 -16.35
N LYS A 71 -0.56 3.78 -17.41
CA LYS A 71 0.71 3.73 -18.13
C LYS A 71 1.77 4.56 -17.42
N ASP A 72 1.31 5.56 -16.67
CA ASP A 72 2.23 6.44 -15.94
C ASP A 72 3.21 5.63 -15.11
N SER A 73 2.70 4.58 -14.46
CA SER A 73 3.54 3.73 -13.62
C SER A 73 4.56 2.96 -14.47
N SER A 74 4.07 2.25 -15.47
CA SER A 74 4.93 1.47 -16.35
C SER A 74 5.96 2.37 -17.03
N ALA A 75 5.61 3.64 -17.19
CA ALA A 75 6.51 4.61 -17.83
C ALA A 75 7.34 5.34 -16.79
N ALA A 76 7.22 4.93 -15.53
CA ALA A 76 7.97 5.54 -14.44
C ALA A 76 9.08 4.62 -13.95
N TRP A 77 8.81 3.33 -13.95
CA TRP A 77 9.80 2.34 -13.51
C TRP A 77 9.91 1.20 -14.50
N ASP A 78 10.83 0.28 -14.24
CA ASP A 78 11.04 -0.87 -15.11
C ASP A 78 9.72 -1.60 -15.39
N GLU A 79 9.37 -1.72 -16.66
CA GLU A 79 8.12 -2.38 -17.06
C GLU A 79 8.09 -3.80 -16.52
N THR A 80 9.23 -4.48 -16.56
CA THR A 80 9.33 -5.85 -16.09
C THR A 80 8.96 -5.95 -14.61
N LEU A 81 9.74 -5.28 -13.77
CA LEU A 81 9.50 -5.29 -12.33
C LEU A 81 8.07 -4.84 -12.02
N LEU A 82 7.65 -3.74 -12.64
CA LEU A 82 6.31 -3.20 -12.43
C LEU A 82 5.25 -4.23 -12.82
N ASP A 83 5.42 -4.84 -13.98
CA ASP A 83 4.48 -5.84 -14.47
C ASP A 83 4.25 -6.93 -13.42
N LYS A 84 5.32 -7.65 -13.09
CA LYS A 84 5.25 -8.72 -12.11
C LYS A 84 4.80 -8.18 -10.76
N PHE A 85 5.24 -6.99 -10.42
CA PHE A 85 4.88 -6.35 -9.16
C PHE A 85 3.38 -6.10 -9.09
N TYR A 86 2.91 -5.12 -9.85
CA TYR A 86 1.50 -4.77 -9.87
C TYR A 86 0.64 -6.00 -10.12
N THR A 87 1.18 -6.95 -10.88
CA THR A 87 0.46 -8.17 -11.20
C THR A 87 0.17 -8.99 -9.94
N GLU A 88 1.22 -9.20 -9.14
CA GLU A 88 1.08 -9.96 -7.90
C GLU A 88 0.01 -9.35 -7.00
N LEU A 89 -0.03 -8.03 -6.94
CA LEU A 89 -1.01 -7.33 -6.12
C LEU A 89 -2.42 -7.55 -6.64
N TYR A 90 -2.57 -7.50 -7.96
CA TYR A 90 -3.87 -7.70 -8.59
C TYR A 90 -4.53 -8.97 -8.08
N GLN A 91 -3.82 -10.09 -8.22
CA GLN A 91 -4.35 -11.38 -7.77
C GLN A 91 -4.41 -11.44 -6.25
N GLN A 92 -3.49 -10.74 -5.59
CA GLN A 92 -3.43 -10.72 -4.14
C GLN A 92 -4.70 -10.09 -3.55
N LEU A 93 -4.97 -8.85 -3.92
CA LEU A 93 -6.14 -8.14 -3.44
C LEU A 93 -7.43 -8.87 -3.83
N ASN A 94 -7.47 -9.34 -5.07
CA ASN A 94 -8.63 -10.06 -5.58
C ASN A 94 -8.97 -11.25 -4.68
N ASP A 95 -7.98 -12.10 -4.43
CA ASP A 95 -8.17 -13.28 -3.58
C ASP A 95 -8.35 -12.86 -2.13
N LEU A 96 -7.34 -12.17 -1.58
CA LEU A 96 -7.39 -11.73 -0.20
C LEU A 96 -8.73 -11.11 0.13
N GLU A 97 -9.17 -10.17 -0.71
CA GLU A 97 -10.45 -9.50 -0.50
C GLU A 97 -11.60 -10.50 -0.48
N ALA A 98 -11.79 -11.18 -1.61
CA ALA A 98 -12.85 -12.18 -1.72
C ALA A 98 -12.78 -13.20 -0.59
N CYS A 99 -11.62 -13.28 0.04
CA CYS A 99 -11.42 -14.22 1.14
C CYS A 99 -12.18 -13.78 2.38
N VAL A 100 -11.90 -12.56 2.84
CA VAL A 100 -12.57 -12.02 4.03
C VAL A 100 -13.91 -11.40 3.65
N ILE A 101 -13.92 -10.62 2.58
CA ILE A 101 -15.15 -9.98 2.12
C ILE A 101 -16.32 -10.95 2.10
N GLN A 102 -16.12 -12.09 1.44
CA GLN A 102 -17.16 -13.11 1.35
C GLN A 102 -17.56 -13.60 2.74
N GLY A 103 -18.58 -14.47 2.78
CA GLY A 103 -19.05 -14.99 4.04
C GLY A 103 -18.22 -16.17 4.52
N VAL A 104 -17.15 -16.47 3.81
CA VAL A 104 -16.27 -17.58 4.16
C VAL A 104 -15.77 -17.45 5.60
N GLY A 105 -15.04 -16.37 5.87
CA GLY A 105 -14.52 -16.15 7.19
C GLY A 105 -15.41 -15.26 8.03
N VAL A 106 -15.08 -13.97 8.09
CA VAL A 106 -15.86 -13.01 8.86
C VAL A 106 -15.97 -11.67 8.12
N THR A 107 -17.12 -10.86 8.43
CA THR A 107 -17.39 -9.57 7.83
C THR A 107 -17.74 -8.56 8.91
N GLU A 108 -17.51 -7.28 8.63
CA GLU A 108 -17.81 -6.22 9.59
C GLU A 108 -18.70 -5.15 8.97
N THR A 109 -19.26 -4.30 9.80
CA THR A 109 -20.14 -3.22 9.33
C THR A 109 -19.32 -2.01 8.88
N PRO A 110 -19.92 -1.18 8.03
CA PRO A 110 -19.27 0.04 7.52
C PRO A 110 -19.08 1.09 8.59
N LEU A 111 -19.68 0.87 9.76
CA LEU A 111 -19.57 1.81 10.86
C LEU A 111 -18.14 1.89 11.39
N MET A 112 -17.59 0.73 11.76
CA MET A 112 -16.23 0.67 12.28
C MET A 112 -15.22 0.93 11.16
N LYS A 113 -15.67 0.81 9.92
CA LYS A 113 -14.82 1.04 8.76
C LYS A 113 -14.72 2.53 8.43
N GLU A 114 -15.65 3.30 8.97
CA GLU A 114 -15.67 4.75 8.74
C GLU A 114 -14.30 5.36 8.99
N ASP A 115 -13.58 4.80 9.96
CA ASP A 115 -12.26 5.29 10.31
C ASP A 115 -11.19 4.68 9.40
N SER A 116 -11.11 3.35 9.40
CA SER A 116 -10.13 2.64 8.58
C SER A 116 -10.20 3.10 7.13
N ILE A 117 -11.39 2.99 6.53
CA ILE A 117 -11.59 3.40 5.15
C ILE A 117 -11.23 4.87 4.96
N LEU A 118 -11.53 5.69 5.96
CA LEU A 118 -11.25 7.11 5.90
C LEU A 118 -9.74 7.36 5.83
N ALA A 119 -9.00 6.77 6.76
CA ALA A 119 -7.55 6.92 6.80
C ALA A 119 -6.92 6.49 5.49
N VAL A 120 -7.09 5.21 5.14
CA VAL A 120 -6.53 4.67 3.92
C VAL A 120 -6.90 5.54 2.72
N ARG A 121 -8.17 5.94 2.65
CA ARG A 121 -8.64 6.79 1.56
C ARG A 121 -7.89 8.10 1.51
N LYS A 122 -7.84 8.79 2.65
CA LYS A 122 -7.14 10.07 2.73
C LYS A 122 -5.71 9.95 2.21
N TYR A 123 -5.02 8.90 2.62
CA TYR A 123 -3.65 8.67 2.20
C TYR A 123 -3.55 8.59 0.68
N PHE A 124 -4.32 7.68 0.09
CA PHE A 124 -4.32 7.51 -1.36
C PHE A 124 -4.77 8.79 -2.06
N GLN A 125 -5.70 9.50 -1.43
CA GLN A 125 -6.21 10.75 -2.00
C GLN A 125 -5.08 11.75 -2.22
N ARG A 126 -4.43 12.15 -1.13
CA ARG A 126 -3.33 13.12 -1.19
C ARG A 126 -2.20 12.57 -2.06
N ILE A 127 -2.00 11.26 -2.02
CA ILE A 127 -0.95 10.61 -2.79
C ILE A 127 -1.16 10.82 -4.29
N THR A 128 -2.25 10.26 -4.81
CA THR A 128 -2.57 10.38 -6.23
C THR A 128 -2.77 11.84 -6.62
N LEU A 129 -3.44 12.59 -5.75
CA LEU A 129 -3.71 14.00 -6.01
C LEU A 129 -2.41 14.80 -6.10
N TYR A 130 -1.48 14.51 -5.20
CA TYR A 130 -0.20 15.19 -5.18
C TYR A 130 0.55 14.98 -6.50
N LEU A 131 0.82 13.72 -6.82
CA LEU A 131 1.53 13.39 -8.05
C LEU A 131 0.76 13.88 -9.27
N LYS A 132 -0.56 13.91 -9.15
CA LYS A 132 -1.41 14.36 -10.25
C LYS A 132 -1.23 15.85 -10.51
N GLU A 133 -1.11 16.62 -9.43
CA GLU A 133 -0.92 18.06 -9.53
C GLU A 133 0.46 18.40 -10.09
N LYS A 134 1.43 17.55 -9.79
CA LYS A 134 2.80 17.75 -10.26
C LYS A 134 2.96 17.23 -11.69
N LYS A 135 1.85 16.81 -12.29
CA LYS A 135 1.88 16.29 -13.66
C LYS A 135 2.69 15.02 -13.74
N TYR A 136 2.59 14.18 -12.72
CA TYR A 136 3.32 12.92 -12.68
C TYR A 136 4.80 13.14 -12.91
N SER A 137 5.29 14.33 -12.54
CA SER A 137 6.69 14.68 -12.71
C SER A 137 7.59 13.59 -12.14
N PRO A 138 8.90 13.68 -12.43
CA PRO A 138 9.89 12.72 -11.95
C PRO A 138 10.12 12.82 -10.45
N CYS A 139 9.68 13.92 -9.86
CA CYS A 139 9.83 14.14 -8.42
C CYS A 139 8.63 13.59 -7.65
N ALA A 140 7.44 13.80 -8.21
CA ALA A 140 6.21 13.33 -7.58
C ALA A 140 6.26 11.83 -7.34
N TRP A 141 6.45 11.07 -8.41
CA TRP A 141 6.52 9.61 -8.33
C TRP A 141 7.45 9.18 -7.20
N GLU A 142 8.58 9.87 -7.08
CA GLU A 142 9.56 9.56 -6.04
C GLU A 142 8.96 9.72 -4.66
N VAL A 143 8.39 10.90 -4.40
CA VAL A 143 7.78 11.17 -3.10
C VAL A 143 6.75 10.11 -2.73
N VAL A 144 5.84 9.82 -3.65
CA VAL A 144 4.81 8.82 -3.42
C VAL A 144 5.43 7.46 -3.13
N ARG A 145 6.49 7.13 -3.87
CA ARG A 145 7.16 5.86 -3.69
C ARG A 145 7.68 5.70 -2.26
N ALA A 146 8.57 6.62 -1.87
CA ALA A 146 9.14 6.59 -0.52
C ALA A 146 8.05 6.47 0.53
N GLU A 147 7.08 7.37 0.48
CA GLU A 147 5.98 7.36 1.44
C GLU A 147 5.20 6.06 1.36
N ILE A 148 5.16 5.47 0.18
CA ILE A 148 4.44 4.22 -0.03
C ILE A 148 5.13 3.07 0.71
N MET A 149 6.45 3.02 0.62
CA MET A 149 7.23 1.98 1.29
C MET A 149 7.14 2.13 2.81
N ARG A 150 7.31 3.35 3.29
CA ARG A 150 7.25 3.63 4.72
C ARG A 150 5.89 3.24 5.29
N SER A 151 4.83 3.74 4.66
CA SER A 151 3.48 3.45 5.12
C SER A 151 3.17 1.96 5.04
N PHE A 152 3.59 1.33 3.95
CA PHE A 152 3.37 -0.09 3.76
C PHE A 152 3.95 -0.89 4.92
N SER A 153 5.24 -0.68 5.18
CA SER A 153 5.92 -1.39 6.26
C SER A 153 5.30 -1.04 7.61
N LEU A 154 4.90 0.21 7.77
CA LEU A 154 4.29 0.66 9.01
C LEU A 154 2.97 -0.06 9.27
N SER A 155 2.04 0.07 8.34
CA SER A 155 0.73 -0.57 8.47
C SER A 155 0.89 -2.07 8.71
N THR A 156 1.82 -2.69 7.99
CA THR A 156 2.06 -4.12 8.14
C THR A 156 2.69 -4.44 9.49
N ASN A 157 3.49 -3.52 10.00
CA ASN A 157 4.16 -3.70 11.28
C ASN A 157 3.19 -3.41 12.43
N LEU A 158 2.09 -4.16 12.48
CA LEU A 158 1.09 -4.00 13.51
C LEU A 158 1.19 -5.12 14.55
N GLN A 159 1.58 -6.30 14.09
CA GLN A 159 1.71 -7.46 14.97
C GLN A 159 3.10 -7.50 15.60
N GLU A 160 4.04 -6.79 14.99
CA GLU A 160 5.42 -6.75 15.49
C GLU A 160 6.01 -8.15 15.54
N SER A 161 5.74 -8.95 14.51
CA SER A 161 6.24 -10.31 14.44
C SER A 161 5.80 -10.98 13.15
N LEU A 162 6.58 -10.79 12.09
CA LEU A 162 6.26 -11.38 10.78
C LEU A 162 7.45 -12.17 10.25
N ARG A 163 7.20 -13.42 9.87
CA ARG A 163 8.24 -14.28 9.34
C ARG A 163 9.45 -14.31 10.28
N SER A 164 9.20 -14.11 11.57
CA SER A 164 10.27 -14.12 12.56
C SER A 164 11.12 -15.37 12.44
N LYS A 165 12.43 -15.20 12.55
CA LYS A 165 13.37 -16.31 12.46
C LYS A 165 13.73 -16.84 13.84
N GLU A 166 13.84 -15.94 14.80
CA GLU A 166 14.18 -16.32 16.17
C GLU A 166 13.12 -17.24 16.76
O5 A2G B . -21.66 -8.56 6.98
C1 A2G B . -20.87 -9.00 8.06
C2 A2G B . -21.71 -9.59 9.23
N2 A2G B . -20.78 -10.04 10.29
C3 A2G B . -22.64 -10.70 8.67
O3 A2G B . -23.69 -11.09 9.58
C4 A2G B . -23.37 -10.23 7.41
O4 A2G B . -24.32 -9.25 7.78
C5 A2G B . -22.43 -9.61 6.37
C6 A2G B . -23.30 -8.96 5.31
O6 A2G B . -23.66 -7.78 5.71
C7 A2G B . -20.81 -11.27 10.89
O7 A2G B . -21.37 -11.49 11.96
C8 A2G B . -20.12 -12.35 10.12
H1 A2G B . -20.38 -8.26 8.39
H2 A2G B . -22.32 -8.80 9.68
HN2 A2G B . -20.48 -9.28 10.90
H3 A2G B . -22.07 -11.61 8.46
HO3 A2G B . -23.27 -11.56 10.33
H4 A2G B . -23.86 -10.95 7.04
HO4 A2G B . -23.87 -8.42 7.95
H5 A2G B . -21.89 -10.25 5.93
H61 A2G B . -24.19 -9.56 5.14
H81 A2G B . -20.06 -12.07 9.06
H82 A2G B . -20.64 -13.31 10.19
H83 A2G B . -19.10 -12.49 10.51
H62 A2G B . -22.74 -8.87 4.38
HO6 A2G B . -23.04 -7.24 6.21
N CYS A 2 -9.71 -13.29 5.05
CA CYS A 2 -8.40 -13.95 5.03
C CYS A 2 -7.28 -12.93 5.24
N ASP A 3 -7.22 -12.37 6.44
CA ASP A 3 -6.20 -11.38 6.77
C ASP A 3 -4.91 -12.07 7.23
N LEU A 4 -4.89 -13.39 7.14
CA LEU A 4 -3.72 -14.16 7.54
C LEU A 4 -2.45 -13.58 6.94
N PRO A 5 -1.30 -13.90 7.56
CA PRO A 5 0.01 -13.42 7.10
C PRO A 5 0.43 -14.05 5.77
N GLN A 6 -0.32 -13.75 4.71
CA GLN A 6 -0.03 -14.28 3.39
C GLN A 6 1.11 -13.51 2.74
N THR A 7 0.98 -12.19 2.69
CA THR A 7 2.00 -11.33 2.09
C THR A 7 2.79 -10.59 3.16
N HIS A 8 2.43 -10.81 4.42
CA HIS A 8 3.11 -10.14 5.53
C HIS A 8 4.32 -10.96 5.98
N SER A 9 4.27 -12.26 5.74
CA SER A 9 5.36 -13.16 6.12
C SER A 9 6.47 -13.15 5.07
N LEU A 10 6.15 -13.67 3.90
CA LEU A 10 7.12 -13.72 2.81
C LEU A 10 6.97 -12.50 1.88
N GLY A 11 5.74 -12.04 1.71
CA GLY A 11 5.49 -10.89 0.86
C GLY A 11 6.09 -9.62 1.42
N SER A 12 6.36 -9.61 2.72
CA SER A 12 6.95 -8.45 3.38
C SER A 12 8.31 -8.11 2.77
N ARG A 13 9.24 -9.04 2.88
CA ARG A 13 10.59 -8.85 2.35
C ARG A 13 10.58 -8.88 0.82
N ARG A 14 9.80 -9.79 0.26
CA ARG A 14 9.70 -9.91 -1.20
C ARG A 14 9.19 -8.62 -1.82
N THR A 15 8.01 -8.19 -1.40
CA THR A 15 7.41 -6.97 -1.92
C THR A 15 8.30 -5.77 -1.65
N LEU A 16 8.73 -5.62 -0.41
CA LEU A 16 9.59 -4.50 -0.02
C LEU A 16 10.85 -4.46 -0.87
N MET A 17 11.63 -5.54 -0.82
CA MET A 17 12.87 -5.62 -1.59
C MET A 17 12.62 -5.27 -3.05
N LEU A 18 11.78 -6.06 -3.71
CA LEU A 18 11.46 -5.83 -5.12
C LEU A 18 11.01 -4.39 -5.34
N LEU A 19 9.99 -3.97 -4.60
CA LEU A 19 9.47 -2.62 -4.71
C LEU A 19 10.58 -1.58 -4.52
N ALA A 20 11.63 -1.98 -3.80
CA ALA A 20 12.75 -1.10 -3.54
C ALA A 20 13.70 -1.04 -4.74
N GLN A 21 13.92 -2.19 -5.37
CA GLN A 21 14.80 -2.27 -6.52
C GLN A 21 14.06 -1.95 -7.81
N MET A 22 12.73 -1.81 -7.69
CA MET A 22 11.91 -1.49 -8.85
C MET A 22 11.96 -0.01 -9.16
N ARG A 23 12.09 0.82 -8.12
CA ARG A 23 12.15 2.26 -8.28
C ARG A 23 13.60 2.73 -8.42
N LYS A 24 13.83 3.64 -9.35
CA LYS A 24 15.17 4.17 -9.58
C LYS A 24 15.17 5.70 -9.49
N ILE A 25 15.66 6.22 -8.37
CA ILE A 25 15.71 7.66 -8.16
C ILE A 25 16.72 8.02 -7.07
N SER A 26 16.88 9.32 -6.82
CA SER A 26 17.82 9.79 -5.81
C SER A 26 17.08 10.18 -4.53
N LEU A 27 17.48 9.58 -3.41
CA LEU A 27 16.86 9.86 -2.13
C LEU A 27 16.99 11.34 -1.77
N PHE A 28 18.02 11.98 -2.31
CA PHE A 28 18.26 13.40 -2.05
C PHE A 28 17.60 14.26 -3.12
N SER A 29 16.89 13.61 -4.04
CA SER A 29 16.21 14.33 -5.11
C SER A 29 15.06 15.16 -4.57
N CYS A 30 14.46 14.69 -3.48
CA CYS A 30 13.34 15.39 -2.87
C CYS A 30 13.25 15.06 -1.38
N LEU A 31 13.95 15.82 -0.56
CA LEU A 31 13.95 15.61 0.88
C LEU A 31 12.76 16.30 1.53
N LYS A 32 12.41 17.47 1.03
CA LYS A 32 11.28 18.23 1.55
C LYS A 32 10.00 17.91 0.78
N ASP A 33 9.99 16.76 0.12
CA ASP A 33 8.83 16.33 -0.65
C ASP A 33 8.44 14.91 -0.28
N ARG A 34 9.44 14.08 0.02
CA ARG A 34 9.20 12.68 0.39
C ARG A 34 8.17 12.58 1.50
N HIS A 35 8.28 13.48 2.48
CA HIS A 35 7.36 13.49 3.62
C HIS A 35 6.28 14.56 3.43
N ASP A 36 5.03 14.11 3.37
CA ASP A 36 3.91 15.04 3.20
C ASP A 36 2.60 14.40 3.67
N PHE A 37 2.31 13.21 3.17
CA PHE A 37 1.10 12.50 3.54
C PHE A 37 1.08 12.19 5.04
N GLY A 38 2.03 11.37 5.48
CA GLY A 38 2.10 11.01 6.88
C GLY A 38 0.76 10.56 7.45
N PHE A 39 0.42 9.31 7.22
CA PHE A 39 -0.84 8.76 7.71
C PHE A 39 -0.81 8.58 9.23
N PRO A 40 -1.97 8.80 9.86
CA PRO A 40 -2.10 8.68 11.33
C PRO A 40 -2.00 7.23 11.79
N GLN A 41 -0.77 6.73 11.91
CA GLN A 41 -0.54 5.36 12.35
C GLN A 41 -1.15 5.12 13.72
N GLU A 42 -1.40 6.20 14.45
CA GLU A 42 -1.98 6.10 15.79
C GLU A 42 -3.39 5.53 15.72
N GLU A 43 -4.20 6.05 14.80
CA GLU A 43 -5.57 5.59 14.64
C GLU A 43 -5.66 4.51 13.56
N PHE A 44 -4.75 4.57 12.60
CA PHE A 44 -4.72 3.59 11.51
C PHE A 44 -4.08 2.29 11.97
N GLY A 45 -3.37 2.34 13.10
CA GLY A 45 -2.72 1.16 13.62
C GLY A 45 -3.70 0.20 14.29
N ASN A 46 -4.67 -0.28 13.53
CA ASN A 46 -5.67 -1.20 14.05
C ASN A 46 -5.71 -2.48 13.22
N GLN A 47 -4.53 -3.05 12.96
CA GLN A 47 -4.44 -4.28 12.19
C GLN A 47 -4.39 -5.50 13.10
N PHE A 48 -4.96 -5.35 14.30
CA PHE A 48 -4.99 -6.44 15.27
C PHE A 48 -6.10 -7.42 14.95
N GLN A 49 -7.08 -6.97 14.17
CA GLN A 49 -8.20 -7.81 13.79
C GLN A 49 -8.09 -8.26 12.34
N LYS A 50 -8.54 -9.47 12.06
CA LYS A 50 -8.49 -10.02 10.71
C LYS A 50 -9.67 -9.53 9.88
N ALA A 51 -10.79 -9.27 10.56
CA ALA A 51 -11.99 -8.80 9.89
C ALA A 51 -12.01 -7.28 9.80
N GLU A 52 -11.10 -6.63 10.52
CA GLU A 52 -11.01 -5.18 10.53
C GLU A 52 -9.88 -4.69 9.63
N THR A 53 -9.11 -5.63 9.10
CA THR A 53 -8.00 -5.31 8.22
C THR A 53 -8.40 -5.41 6.75
N ILE A 54 -9.60 -5.95 6.51
CA ILE A 54 -10.09 -6.10 5.16
C ILE A 54 -10.20 -4.76 4.45
N PRO A 55 -10.68 -3.74 5.17
CA PRO A 55 -10.84 -2.39 4.63
C PRO A 55 -9.49 -1.71 4.39
N VAL A 56 -8.66 -1.67 5.42
CA VAL A 56 -7.34 -1.05 5.32
C VAL A 56 -6.46 -1.78 4.32
N LEU A 57 -6.46 -3.11 4.40
CA LEU A 57 -5.66 -3.94 3.49
C LEU A 57 -6.11 -3.76 2.05
N HIS A 58 -7.37 -4.13 1.78
CA HIS A 58 -7.92 -4.01 0.44
C HIS A 58 -7.67 -2.61 -0.14
N GLU A 59 -7.97 -1.59 0.66
CA GLU A 59 -7.78 -0.22 0.24
C GLU A 59 -6.33 0.03 -0.18
N MET A 60 -5.40 -0.43 0.64
CA MET A 60 -3.98 -0.27 0.37
C MET A 60 -3.62 -0.84 -1.00
N ILE A 61 -3.71 -2.16 -1.13
CA ILE A 61 -3.40 -2.83 -2.38
C ILE A 61 -4.21 -2.24 -3.54
N GLN A 62 -5.43 -1.81 -3.24
CA GLN A 62 -6.30 -1.23 -4.24
C GLN A 62 -5.66 0.02 -4.86
N GLN A 63 -5.35 1.00 -4.02
CA GLN A 63 -4.74 2.23 -4.48
C GLN A 63 -3.53 1.95 -5.37
N ILE A 64 -2.78 0.91 -5.02
CA ILE A 64 -1.61 0.53 -5.79
C ILE A 64 -2.00 -0.05 -7.15
N PHE A 65 -3.12 -0.75 -7.18
CA PHE A 65 -3.61 -1.37 -8.41
C PHE A 65 -4.02 -0.29 -9.42
N ASN A 66 -4.65 0.76 -8.94
CA ASN A 66 -5.09 1.86 -9.80
C ASN A 66 -3.90 2.64 -10.33
N LEU A 67 -2.99 3.02 -9.43
CA LEU A 67 -1.81 3.78 -9.82
C LEU A 67 -0.96 3.00 -10.82
N PHE A 68 -0.86 1.69 -10.61
CA PHE A 68 -0.09 0.83 -11.49
C PHE A 68 -0.91 0.38 -12.69
N SER A 69 -2.21 0.69 -12.65
CA SER A 69 -3.11 0.32 -13.73
C SER A 69 -2.96 1.25 -14.92
N THR A 70 -2.27 2.38 -14.70
CA THR A 70 -2.05 3.35 -15.74
C THR A 70 -0.68 3.18 -16.37
N LYS A 71 -0.43 3.92 -17.45
CA LYS A 71 0.86 3.85 -18.15
C LYS A 71 1.91 4.71 -17.45
N ASP A 72 1.46 5.78 -16.80
CA ASP A 72 2.36 6.66 -16.08
C ASP A 72 3.27 5.89 -15.14
N SER A 73 2.75 4.78 -14.61
CA SER A 73 3.51 3.95 -13.68
C SER A 73 4.52 3.09 -14.44
N SER A 74 4.04 2.35 -15.43
CA SER A 74 4.89 1.48 -16.23
C SER A 74 6.01 2.28 -16.89
N ALA A 75 5.74 3.56 -17.15
CA ALA A 75 6.72 4.43 -17.77
C ALA A 75 7.57 5.16 -16.73
N ALA A 76 7.25 4.95 -15.46
CA ALA A 76 7.98 5.57 -14.36
C ALA A 76 9.09 4.67 -13.86
N TRP A 77 8.84 3.37 -13.87
CA TRP A 77 9.83 2.39 -13.41
C TRP A 77 9.95 1.25 -14.40
N ASP A 78 10.88 0.33 -14.12
CA ASP A 78 11.09 -0.83 -14.99
C ASP A 78 9.78 -1.52 -15.30
N GLU A 79 9.44 -1.56 -16.59
CA GLU A 79 8.20 -2.20 -17.03
C GLU A 79 8.14 -3.65 -16.58
N THR A 80 9.30 -4.32 -16.62
CA THR A 80 9.38 -5.72 -16.21
C THR A 80 8.99 -5.89 -14.75
N LEU A 81 9.74 -5.27 -13.85
CA LEU A 81 9.47 -5.35 -12.43
C LEU A 81 8.05 -4.89 -12.12
N LEU A 82 7.66 -3.75 -12.68
CA LEU A 82 6.32 -3.20 -12.47
C LEU A 82 5.25 -4.19 -12.93
N ASP A 83 5.44 -4.74 -14.12
CA ASP A 83 4.49 -5.70 -14.68
C ASP A 83 4.21 -6.82 -13.69
N LYS A 84 5.25 -7.58 -13.36
CA LYS A 84 5.13 -8.69 -12.42
C LYS A 84 4.67 -8.20 -11.06
N PHE A 85 5.18 -7.04 -10.65
CA PHE A 85 4.82 -6.47 -9.35
C PHE A 85 3.32 -6.17 -9.29
N TYR A 86 2.90 -5.14 -10.02
CA TYR A 86 1.49 -4.76 -10.05
C TYR A 86 0.60 -5.96 -10.34
N THR A 87 1.11 -6.89 -11.14
CA THR A 87 0.35 -8.08 -11.50
C THR A 87 0.04 -8.92 -10.26
N GLU A 88 1.05 -9.15 -9.43
CA GLU A 88 0.88 -9.94 -8.22
C GLU A 88 -0.19 -9.33 -7.31
N LEU A 89 -0.14 -8.01 -7.17
CA LEU A 89 -1.10 -7.29 -6.34
C LEU A 89 -2.52 -7.46 -6.87
N TYR A 90 -2.66 -7.39 -8.19
CA TYR A 90 -3.96 -7.53 -8.83
C TYR A 90 -4.67 -8.80 -8.35
N GLN A 91 -4.00 -9.94 -8.53
CA GLN A 91 -4.57 -11.22 -8.13
C GLN A 91 -4.63 -11.32 -6.60
N GLN A 92 -3.67 -10.70 -5.93
CA GLN A 92 -3.61 -10.73 -4.47
C GLN A 92 -4.86 -10.07 -3.88
N LEU A 93 -5.05 -8.80 -4.17
CA LEU A 93 -6.19 -8.06 -3.66
C LEU A 93 -7.50 -8.73 -4.06
N ASN A 94 -7.57 -9.17 -5.32
CA ASN A 94 -8.77 -9.84 -5.83
C ASN A 94 -9.17 -10.99 -4.91
N ASP A 95 -8.22 -11.88 -4.64
CA ASP A 95 -8.48 -13.03 -3.78
C ASP A 95 -8.58 -12.61 -2.31
N LEU A 96 -7.49 -12.05 -1.80
CA LEU A 96 -7.44 -11.61 -0.41
C LEU A 96 -8.72 -10.87 -0.04
N GLU A 97 -9.25 -10.08 -0.97
CA GLU A 97 -10.47 -9.34 -0.74
C GLU A 97 -11.68 -10.26 -0.70
N ALA A 98 -11.97 -10.89 -1.84
CA ALA A 98 -13.10 -11.79 -1.94
C ALA A 98 -13.07 -12.84 -0.83
N CYS A 99 -11.89 -13.03 -0.24
CA CYS A 99 -11.72 -14.01 0.83
C CYS A 99 -12.55 -13.61 2.06
N VAL A 100 -12.25 -12.44 2.60
CA VAL A 100 -12.97 -11.95 3.77
C VAL A 100 -14.23 -11.19 3.38
N ILE A 101 -14.15 -10.48 2.26
CA ILE A 101 -15.29 -9.70 1.76
C ILE A 101 -16.52 -10.58 1.60
N GLN A 102 -16.29 -11.87 1.35
CA GLN A 102 -17.39 -12.83 1.18
C GLN A 102 -17.90 -13.32 2.52
N GLY A 103 -17.44 -12.68 3.60
CA GLY A 103 -17.86 -13.08 4.93
C GLY A 103 -17.66 -14.56 5.19
N VAL A 104 -16.78 -15.18 4.41
CA VAL A 104 -16.50 -16.60 4.55
C VAL A 104 -16.26 -16.98 6.01
N GLY A 105 -15.75 -16.02 6.78
CA GLY A 105 -15.48 -16.26 8.18
C GLY A 105 -15.96 -15.14 9.07
N VAL A 106 -15.46 -13.93 8.82
CA VAL A 106 -15.85 -12.77 9.61
C VAL A 106 -15.73 -11.48 8.78
N THR A 107 -16.85 -10.57 8.88
CA THR A 107 -16.92 -9.31 8.16
C THR A 107 -16.81 -8.16 9.13
N GLU A 108 -16.96 -6.93 8.64
CA GLU A 108 -16.87 -5.74 9.48
C GLU A 108 -18.10 -4.86 9.31
N THR A 109 -18.38 -4.03 10.31
CA THR A 109 -19.53 -3.14 10.27
C THR A 109 -19.14 -1.77 9.71
N PRO A 110 -20.15 -1.01 9.25
CA PRO A 110 -19.93 0.32 8.69
C PRO A 110 -19.54 1.34 9.74
N LEU A 111 -19.60 0.93 11.00
CA LEU A 111 -19.25 1.81 12.12
C LEU A 111 -17.74 2.07 12.13
N MET A 112 -16.96 1.01 12.23
CA MET A 112 -15.51 1.13 12.26
C MET A 112 -14.94 1.27 10.86
N LYS A 113 -15.68 0.77 9.87
CA LYS A 113 -15.25 0.85 8.48
C LYS A 113 -14.94 2.29 8.08
N GLU A 114 -15.58 3.24 8.76
CA GLU A 114 -15.37 4.65 8.48
C GLU A 114 -13.94 5.06 8.81
N ASP A 115 -13.47 4.64 9.98
CA ASP A 115 -12.12 4.97 10.43
C ASP A 115 -11.09 4.47 9.42
N SER A 116 -11.10 3.16 9.18
CA SER A 116 -10.16 2.55 8.25
C SER A 116 -10.28 3.17 6.87
N ILE A 117 -11.49 3.11 6.31
CA ILE A 117 -11.74 3.67 4.98
C ILE A 117 -11.30 5.13 4.91
N LEU A 118 -11.46 5.85 6.01
CA LEU A 118 -11.08 7.26 6.07
C LEU A 118 -9.57 7.42 5.89
N ALA A 119 -8.80 6.82 6.79
CA ALA A 119 -7.34 6.89 6.72
C ALA A 119 -6.85 6.51 5.33
N VAL A 120 -7.11 5.27 4.93
CA VAL A 120 -6.68 4.78 3.62
C VAL A 120 -7.08 5.75 2.52
N ARG A 121 -8.31 6.26 2.60
CA ARG A 121 -8.82 7.19 1.62
C ARG A 121 -7.89 8.40 1.48
N LYS A 122 -7.64 9.07 2.60
CA LYS A 122 -6.77 10.24 2.61
C LYS A 122 -5.41 9.92 1.98
N TYR A 123 -4.90 8.73 2.28
CA TYR A 123 -3.61 8.30 1.75
C TYR A 123 -3.64 8.27 0.22
N PHE A 124 -4.45 7.39 -0.33
CA PHE A 124 -4.56 7.26 -1.79
C PHE A 124 -4.97 8.59 -2.42
N GLN A 125 -6.04 9.18 -1.92
CA GLN A 125 -6.52 10.45 -2.44
C GLN A 125 -5.39 11.48 -2.51
N ARG A 126 -4.67 11.64 -1.41
CA ARG A 126 -3.57 12.59 -1.35
C ARG A 126 -2.43 12.15 -2.26
N ILE A 127 -2.21 10.83 -2.35
CA ILE A 127 -1.16 10.29 -3.19
C ILE A 127 -1.40 10.63 -4.66
N THR A 128 -2.50 10.12 -5.21
CA THR A 128 -2.83 10.37 -6.61
C THR A 128 -2.97 11.87 -6.89
N LEU A 129 -3.62 12.57 -5.97
CA LEU A 129 -3.81 14.01 -6.11
C LEU A 129 -2.47 14.74 -6.13
N TYR A 130 -1.63 14.45 -5.14
CA TYR A 130 -0.32 15.08 -5.04
C TYR A 130 0.45 14.96 -6.34
N LEU A 131 0.74 13.73 -6.74
CA LEU A 131 1.47 13.47 -7.98
C LEU A 131 0.75 14.08 -9.18
N LYS A 132 -0.58 14.08 -9.12
CA LYS A 132 -1.39 14.62 -10.19
C LYS A 132 -1.15 16.13 -10.34
N GLU A 133 -1.04 16.82 -9.21
CA GLU A 133 -0.79 18.26 -9.22
C GLU A 133 0.62 18.57 -9.71
N LYS A 134 1.55 17.66 -9.43
CA LYS A 134 2.94 17.85 -9.84
C LYS A 134 3.14 17.41 -11.29
N LYS A 135 2.04 17.08 -11.96
CA LYS A 135 2.10 16.64 -13.35
C LYS A 135 2.87 15.33 -13.48
N TYR A 136 2.71 14.45 -12.50
CA TYR A 136 3.41 13.16 -12.50
C TYR A 136 4.91 13.35 -12.68
N SER A 137 5.41 14.50 -12.23
CA SER A 137 6.84 14.81 -12.35
C SER A 137 7.68 13.66 -11.81
N PRO A 138 8.99 13.73 -12.05
CA PRO A 138 9.94 12.71 -11.59
C PRO A 138 10.13 12.72 -10.08
N CYS A 139 9.68 13.81 -9.45
CA CYS A 139 9.79 13.96 -8.00
C CYS A 139 8.56 13.40 -7.30
N ALA A 140 7.39 13.65 -7.88
CA ALA A 140 6.14 13.17 -7.30
C ALA A 140 6.15 11.65 -7.15
N TRP A 141 6.33 10.94 -8.27
CA TRP A 141 6.36 9.49 -8.25
C TRP A 141 7.28 8.97 -7.16
N GLU A 142 8.42 9.65 -6.97
CA GLU A 142 9.39 9.25 -5.95
C GLU A 142 8.77 9.35 -4.56
N VAL A 143 8.21 10.50 -4.24
CA VAL A 143 7.59 10.72 -2.94
C VAL A 143 6.52 9.67 -2.66
N VAL A 144 5.69 9.41 -3.65
CA VAL A 144 4.61 8.42 -3.51
C VAL A 144 5.18 7.04 -3.23
N ARG A 145 6.22 6.68 -3.97
CA ARG A 145 6.86 5.37 -3.80
C ARG A 145 7.42 5.22 -2.39
N ALA A 146 8.30 6.13 -2.01
CA ALA A 146 8.91 6.09 -0.69
C ALA A 146 7.85 5.97 0.40
N GLU A 147 6.90 6.89 0.40
CA GLU A 147 5.82 6.89 1.39
C GLU A 147 5.04 5.58 1.34
N ILE A 148 4.89 5.03 0.14
CA ILE A 148 4.18 3.77 -0.04
C ILE A 148 4.86 2.63 0.71
N MET A 149 6.19 2.58 0.61
CA MET A 149 6.97 1.54 1.27
C MET A 149 6.90 1.69 2.79
N ARG A 150 7.08 2.93 3.25
CA ARG A 150 7.04 3.21 4.68
C ARG A 150 5.73 2.76 5.29
N SER A 151 4.63 3.24 4.74
CA SER A 151 3.29 2.89 5.23
C SER A 151 3.07 1.39 5.15
N PHE A 152 3.42 0.80 4.01
CA PHE A 152 3.25 -0.64 3.80
C PHE A 152 3.90 -1.43 4.93
N SER A 153 5.14 -1.09 5.26
CA SER A 153 5.86 -1.78 6.33
C SER A 153 5.16 -1.57 7.66
N LEU A 154 4.89 -0.32 8.00
CA LEU A 154 4.23 0.02 9.25
C LEU A 154 2.92 -0.77 9.41
N SER A 155 2.03 -0.60 8.44
CA SER A 155 0.74 -1.28 8.48
C SER A 155 0.93 -2.79 8.69
N THR A 156 1.84 -3.37 7.93
CA THR A 156 2.13 -4.80 8.03
C THR A 156 2.79 -5.13 9.37
N ASN A 157 3.39 -4.12 10.00
CA ASN A 157 4.05 -4.31 11.29
C ASN A 157 3.04 -4.59 12.39
N LEU A 158 1.84 -4.04 12.24
CA LEU A 158 0.78 -4.23 13.23
C LEU A 158 0.14 -5.59 13.06
N GLN A 159 0.30 -6.19 11.88
CA GLN A 159 -0.28 -7.50 11.60
C GLN A 159 0.33 -8.57 12.50
N GLU A 160 1.65 -8.51 12.68
CA GLU A 160 2.35 -9.48 13.51
C GLU A 160 3.85 -9.18 13.54
N SER A 161 4.61 -10.06 14.17
CA SER A 161 6.06 -9.90 14.28
C SER A 161 6.78 -10.82 13.29
N LEU A 162 6.17 -11.03 12.12
CA LEU A 162 6.75 -11.87 11.09
C LEU A 162 8.18 -11.44 10.78
N ARG A 163 8.30 -10.27 10.16
CA ARG A 163 9.62 -9.74 9.80
C ARG A 163 9.94 -8.49 10.62
N SER A 164 10.80 -8.65 11.62
CA SER A 164 11.19 -7.55 12.49
C SER A 164 12.44 -7.90 13.29
N LYS A 165 12.78 -7.05 14.25
CA LYS A 165 13.95 -7.26 15.09
C LYS A 165 13.64 -8.28 16.18
N GLU A 166 12.38 -8.32 16.62
CA GLU A 166 11.97 -9.26 17.67
C GLU A 166 11.30 -10.48 17.06
O5 A2G B . -20.73 -7.18 7.92
C1 A2G B . -20.03 -7.86 8.94
C2 A2G B . -20.91 -8.16 10.18
N2 A2G B . -20.07 -8.88 11.17
C3 A2G B . -22.18 -8.92 9.73
O3 A2G B . -23.21 -8.97 10.72
C4 A2G B . -22.83 -8.23 8.52
O4 A2G B . -23.40 -7.02 8.94
C5 A2G B . -21.83 -7.94 7.39
C6 A2G B . -22.55 -7.04 6.39
O6 A2G B . -21.76 -6.80 5.39
C7 A2G B . -20.43 -10.05 11.79
O7 A2G B . -21.50 -10.22 12.37
C8 A2G B . -19.40 -11.14 11.69
H1 A2G B . -19.31 -7.30 9.21
H2 A2G B . -21.21 -7.22 10.67
HN2 A2G B . -19.52 -8.25 11.76
H3 A2G B . -21.93 -9.96 9.49
HO3 A2G B . -23.57 -8.05 10.83
H4 A2G B . -23.56 -8.77 8.21
HO4 A2G B . -24.33 -7.14 9.12
H5 A2G B . -21.56 -8.72 6.92
H61 A2G B . -22.82 -6.11 6.88
H81 A2G B . -19.28 -11.61 12.66
H82 A2G B . -18.43 -10.76 11.35
H83 A2G B . -19.74 -11.88 10.96
H62 A2G B . -23.44 -7.55 6.03
HO6 A2G B . -21.04 -7.40 5.19
N CYS A 2 -11.28 -13.48 6.18
CA CYS A 2 -10.14 -14.19 5.61
C CYS A 2 -8.96 -13.25 5.40
N ASP A 3 -8.53 -12.61 6.48
CA ASP A 3 -7.40 -11.68 6.41
C ASP A 3 -6.20 -12.22 7.18
N LEU A 4 -5.63 -13.31 6.69
CA LEU A 4 -4.47 -13.93 7.32
C LEU A 4 -3.17 -13.32 6.81
N PRO A 5 -2.10 -13.48 7.59
CA PRO A 5 -0.78 -12.95 7.25
C PRO A 5 -0.15 -13.68 6.06
N GLN A 6 -0.81 -13.58 4.90
CA GLN A 6 -0.31 -14.24 3.69
C GLN A 6 0.81 -13.42 3.06
N THR A 7 0.61 -12.10 2.98
CA THR A 7 1.60 -11.22 2.40
C THR A 7 2.35 -10.43 3.47
N HIS A 8 1.96 -10.64 4.73
CA HIS A 8 2.58 -9.96 5.84
C HIS A 8 3.79 -10.74 6.36
N SER A 9 3.76 -12.05 6.15
CA SER A 9 4.85 -12.91 6.60
C SER A 9 5.96 -12.97 5.55
N LEU A 10 5.63 -13.53 4.38
CA LEU A 10 6.59 -13.65 3.30
C LEU A 10 6.50 -12.47 2.35
N GLY A 11 5.29 -11.94 2.19
CA GLY A 11 5.09 -10.80 1.31
C GLY A 11 5.69 -9.53 1.86
N SER A 12 5.93 -9.50 3.17
CA SER A 12 6.51 -8.33 3.82
C SER A 12 7.88 -8.02 3.24
N ARG A 13 8.82 -8.95 3.40
CA ARG A 13 10.17 -8.76 2.90
C ARG A 13 10.20 -8.82 1.37
N ARG A 14 9.41 -9.72 0.80
CA ARG A 14 9.34 -9.86 -0.65
C ARG A 14 8.88 -8.57 -1.31
N THR A 15 7.70 -8.11 -0.92
CA THR A 15 7.13 -6.88 -1.47
C THR A 15 8.03 -5.69 -1.18
N LEU A 16 8.42 -5.54 0.09
CA LEU A 16 9.28 -4.44 0.50
C LEU A 16 10.58 -4.42 -0.31
N MET A 17 11.33 -5.53 -0.25
CA MET A 17 12.58 -5.64 -0.98
C MET A 17 12.39 -5.28 -2.45
N LEU A 18 11.56 -6.05 -3.14
CA LEU A 18 11.29 -5.82 -4.55
C LEU A 18 10.89 -4.37 -4.79
N LEU A 19 9.86 -3.92 -4.09
CA LEU A 19 9.37 -2.54 -4.23
C LEU A 19 10.49 -1.55 -3.96
N ALA A 20 11.49 -1.97 -3.20
CA ALA A 20 12.63 -1.11 -2.88
C ALA A 20 13.62 -1.07 -4.03
N GLN A 21 13.84 -2.22 -4.67
CA GLN A 21 14.77 -2.31 -5.78
C GLN A 21 14.09 -1.91 -7.10
N MET A 22 12.77 -1.75 -7.05
CA MET A 22 12.01 -1.37 -8.23
C MET A 22 12.03 0.14 -8.43
N ARG A 23 12.08 0.88 -7.33
CA ARG A 23 12.10 2.34 -7.37
C ARG A 23 13.53 2.85 -7.50
N LYS A 24 13.84 3.46 -8.64
CA LYS A 24 15.17 4.00 -8.90
C LYS A 24 15.13 5.53 -9.00
N ILE A 25 15.56 6.19 -7.93
CA ILE A 25 15.57 7.65 -7.90
C ILE A 25 16.54 8.17 -6.84
N SER A 26 16.66 9.49 -6.76
CA SER A 26 17.56 10.11 -5.79
C SER A 26 16.78 10.69 -4.61
N LEU A 27 17.12 10.25 -3.41
CA LEU A 27 16.45 10.73 -2.20
C LEU A 27 16.59 12.24 -2.06
N PHE A 28 17.61 12.80 -2.70
CA PHE A 28 17.86 14.24 -2.65
C PHE A 28 17.09 14.96 -3.76
N SER A 29 16.30 14.20 -4.51
CA SER A 29 15.51 14.77 -5.59
C SER A 29 14.41 15.69 -5.05
N CYS A 30 13.90 15.35 -3.87
CA CYS A 30 12.85 16.14 -3.24
C CYS A 30 12.87 15.96 -1.72
N LEU A 31 13.65 16.80 -1.05
CA LEU A 31 13.76 16.73 0.41
C LEU A 31 12.61 17.48 1.08
N LYS A 32 12.02 18.42 0.35
CA LYS A 32 10.91 19.21 0.86
C LYS A 32 9.58 18.67 0.35
N ASP A 33 9.64 17.60 -0.42
CA ASP A 33 8.44 16.98 -0.97
C ASP A 33 8.28 15.54 -0.51
N ARG A 34 9.36 15.00 0.07
CA ARG A 34 9.35 13.63 0.57
C ARG A 34 8.18 13.40 1.52
N HIS A 35 7.97 14.34 2.43
CA HIS A 35 6.89 14.25 3.40
C HIS A 35 5.77 15.24 3.07
N ASP A 36 4.54 14.76 3.11
CA ASP A 36 3.38 15.60 2.83
C ASP A 36 2.10 14.97 3.35
N PHE A 37 1.95 13.67 3.12
CA PHE A 37 0.76 12.94 3.57
C PHE A 37 0.79 12.75 5.08
N GLY A 38 1.81 12.07 5.58
CA GLY A 38 1.93 11.82 7.00
C GLY A 38 0.74 11.09 7.56
N PHE A 39 0.60 9.82 7.20
CA PHE A 39 -0.51 9.00 7.67
C PHE A 39 -0.40 8.74 9.17
N PRO A 40 -1.50 8.95 9.90
CA PRO A 40 -1.55 8.74 11.35
C PRO A 40 -1.48 7.27 11.72
N GLN A 41 -0.26 6.73 11.75
CA GLN A 41 -0.05 5.33 12.09
C GLN A 41 -0.50 5.04 13.52
N GLU A 42 -0.67 6.11 14.30
CA GLU A 42 -1.10 5.97 15.69
C GLU A 42 -2.58 5.57 15.77
N GLU A 43 -3.40 6.24 14.98
CA GLU A 43 -4.84 5.97 14.96
C GLU A 43 -5.17 4.91 13.91
N PHE A 44 -4.32 4.80 12.89
CA PHE A 44 -4.52 3.82 11.83
C PHE A 44 -4.10 2.42 12.27
N GLY A 45 -3.26 2.36 13.30
CA GLY A 45 -2.81 1.09 13.81
C GLY A 45 -3.95 0.19 14.26
N ASN A 46 -4.35 -0.72 13.40
CA ASN A 46 -5.45 -1.64 13.71
C ASN A 46 -5.38 -2.88 12.83
N GLN A 47 -4.47 -3.78 13.16
CA GLN A 47 -4.30 -5.02 12.39
C GLN A 47 -4.65 -6.23 13.24
N PHE A 48 -5.26 -5.99 14.40
CA PHE A 48 -5.65 -7.06 15.30
C PHE A 48 -6.99 -7.68 14.88
N GLN A 49 -7.58 -7.11 13.84
CA GLN A 49 -8.86 -7.60 13.34
C GLN A 49 -8.74 -8.08 11.90
N LYS A 50 -9.27 -9.27 11.62
CA LYS A 50 -9.22 -9.83 10.28
C LYS A 50 -10.37 -9.32 9.43
N ALA A 51 -11.50 -9.03 10.07
CA ALA A 51 -12.68 -8.53 9.37
C ALA A 51 -12.66 -7.01 9.30
N GLU A 52 -11.76 -6.40 10.06
CA GLU A 52 -11.66 -4.94 10.09
C GLU A 52 -10.48 -4.47 9.24
N THR A 53 -9.68 -5.42 8.77
CA THR A 53 -8.52 -5.10 7.94
C THR A 53 -8.86 -5.23 6.45
N ILE A 54 -10.04 -5.76 6.17
CA ILE A 54 -10.48 -5.93 4.78
C ILE A 54 -10.51 -4.61 4.05
N PRO A 55 -11.02 -3.56 4.73
CA PRO A 55 -11.12 -2.21 4.16
C PRO A 55 -9.76 -1.56 3.97
N VAL A 56 -8.98 -1.52 5.05
CA VAL A 56 -7.65 -0.92 5.01
C VAL A 56 -6.74 -1.67 4.06
N LEU A 57 -6.76 -3.00 4.15
CA LEU A 57 -5.93 -3.84 3.30
C LEU A 57 -6.31 -3.66 1.84
N HIS A 58 -7.55 -4.01 1.50
CA HIS A 58 -8.03 -3.90 0.13
C HIS A 58 -7.74 -2.50 -0.42
N GLU A 59 -8.05 -1.47 0.37
CA GLU A 59 -7.83 -0.10 -0.04
C GLU A 59 -6.37 0.12 -0.45
N MET A 60 -5.46 -0.34 0.39
CA MET A 60 -4.03 -0.20 0.14
C MET A 60 -3.66 -0.82 -1.21
N ILE A 61 -3.77 -2.13 -1.30
CA ILE A 61 -3.45 -2.84 -2.53
C ILE A 61 -4.20 -2.26 -3.72
N GLN A 62 -5.43 -1.80 -3.47
CA GLN A 62 -6.25 -1.22 -4.51
C GLN A 62 -5.58 0.00 -5.12
N GLN A 63 -5.26 0.98 -4.28
CA GLN A 63 -4.61 2.21 -4.73
C GLN A 63 -3.40 1.89 -5.59
N ILE A 64 -2.66 0.85 -5.22
CA ILE A 64 -1.48 0.44 -5.95
C ILE A 64 -1.85 -0.20 -7.29
N PHE A 65 -3.00 -0.85 -7.32
CA PHE A 65 -3.48 -1.50 -8.54
C PHE A 65 -3.87 -0.46 -9.59
N ASN A 66 -4.53 0.60 -9.14
CA ASN A 66 -4.95 1.66 -10.05
C ASN A 66 -3.76 2.47 -10.55
N LEU A 67 -2.82 2.75 -9.66
CA LEU A 67 -1.63 3.52 -10.02
C LEU A 67 -0.75 2.72 -10.98
N PHE A 68 -0.66 1.42 -10.76
CA PHE A 68 0.14 0.55 -11.60
C PHE A 68 -0.66 0.05 -12.80
N SER A 69 -1.96 0.36 -12.81
CA SER A 69 -2.83 -0.05 -13.90
C SER A 69 -2.61 0.81 -15.14
N THR A 70 -1.90 1.92 -14.96
CA THR A 70 -1.62 2.83 -16.07
C THR A 70 -0.20 2.64 -16.58
N LYS A 71 0.13 3.35 -17.65
CA LYS A 71 1.46 3.25 -18.25
C LYS A 71 2.45 4.14 -17.51
N ASP A 72 1.94 5.18 -16.85
CA ASP A 72 2.79 6.09 -16.10
C ASP A 72 3.69 5.34 -15.14
N SER A 73 3.14 4.33 -14.47
CA SER A 73 3.90 3.53 -13.52
C SER A 73 4.94 2.68 -14.24
N SER A 74 4.49 1.89 -15.21
CA SER A 74 5.38 1.02 -15.97
C SER A 74 6.48 1.84 -16.65
N ALA A 75 6.20 3.12 -16.89
CA ALA A 75 7.17 4.01 -17.53
C ALA A 75 7.98 4.75 -16.49
N ALA A 76 7.58 4.66 -15.24
CA ALA A 76 8.27 5.34 -14.15
C ALA A 76 9.36 4.45 -13.55
N TRP A 77 9.12 3.13 -13.56
CA TRP A 77 10.07 2.18 -13.02
C TRP A 77 10.27 1.01 -13.97
N ASP A 78 11.17 0.11 -13.62
CA ASP A 78 11.46 -1.06 -14.45
C ASP A 78 10.17 -1.77 -14.85
N GLU A 79 9.92 -1.83 -16.15
CA GLU A 79 8.71 -2.49 -16.65
C GLU A 79 8.63 -3.93 -16.16
N THR A 80 9.76 -4.61 -16.16
CA THR A 80 9.81 -6.00 -15.72
C THR A 80 9.36 -6.13 -14.26
N LEU A 81 10.10 -5.48 -13.36
CA LEU A 81 9.78 -5.53 -11.94
C LEU A 81 8.35 -5.08 -11.70
N LEU A 82 7.95 -3.97 -12.31
CA LEU A 82 6.61 -3.44 -12.17
C LEU A 82 5.58 -4.45 -12.64
N ASP A 83 5.80 -5.03 -13.81
CA ASP A 83 4.89 -6.01 -14.37
C ASP A 83 4.58 -7.11 -13.35
N LYS A 84 5.62 -7.85 -12.96
CA LYS A 84 5.46 -8.92 -11.99
C LYS A 84 4.94 -8.39 -10.66
N PHE A 85 5.43 -7.21 -10.27
CA PHE A 85 5.01 -6.59 -9.01
C PHE A 85 3.51 -6.31 -9.02
N TYR A 86 3.11 -5.32 -9.80
CA TYR A 86 1.70 -4.94 -9.88
C TYR A 86 0.83 -6.16 -10.17
N THR A 87 1.38 -7.12 -10.91
CA THR A 87 0.65 -8.33 -11.25
C THR A 87 0.29 -9.12 -10.00
N GLU A 88 1.27 -9.32 -9.12
CA GLU A 88 1.05 -10.07 -7.89
C GLU A 88 -0.05 -9.43 -7.05
N LEU A 89 -0.01 -8.10 -6.95
CA LEU A 89 -1.02 -7.37 -6.18
C LEU A 89 -2.41 -7.58 -6.76
N TYR A 90 -2.51 -7.54 -8.09
CA TYR A 90 -3.78 -7.74 -8.77
C TYR A 90 -4.47 -9.00 -8.28
N GLN A 91 -3.80 -10.13 -8.42
CA GLN A 91 -4.35 -11.41 -7.99
C GLN A 91 -4.47 -11.48 -6.47
N GLN A 92 -3.60 -10.74 -5.79
CA GLN A 92 -3.60 -10.72 -4.33
C GLN A 92 -4.89 -10.07 -3.80
N LEU A 93 -5.09 -8.81 -4.15
CA LEU A 93 -6.27 -8.08 -3.72
C LEU A 93 -7.55 -8.81 -4.14
N ASN A 94 -7.57 -9.29 -5.38
CA ASN A 94 -8.73 -10.01 -5.90
C ASN A 94 -9.08 -11.20 -5.00
N ASP A 95 -8.08 -12.05 -4.74
CA ASP A 95 -8.29 -13.21 -3.90
C ASP A 95 -8.55 -12.82 -2.46
N LEU A 96 -7.57 -12.15 -1.85
CA LEU A 96 -7.69 -11.71 -0.46
C LEU A 96 -9.05 -11.06 -0.22
N GLU A 97 -9.37 -10.06 -1.01
CA GLU A 97 -10.64 -9.35 -0.89
C GLU A 97 -11.81 -10.34 -0.93
N ALA A 98 -11.95 -11.04 -2.05
CA ALA A 98 -13.02 -12.00 -2.22
C ALA A 98 -13.01 -13.04 -1.10
N CYS A 99 -11.89 -13.11 -0.38
CA CYS A 99 -11.75 -14.07 0.71
C CYS A 99 -12.51 -13.57 1.96
N VAL A 100 -12.22 -12.34 2.36
CA VAL A 100 -12.87 -11.76 3.53
C VAL A 100 -14.22 -11.13 3.16
N ILE A 101 -14.24 -10.40 2.06
CA ILE A 101 -15.45 -9.74 1.59
C ILE A 101 -16.63 -10.71 1.61
N GLN A 102 -16.48 -11.84 0.95
CA GLN A 102 -17.53 -12.85 0.90
C GLN A 102 -17.98 -13.24 2.30
N GLY A 103 -19.23 -13.69 2.42
CA GLY A 103 -19.76 -14.08 3.72
C GLY A 103 -19.15 -15.39 4.21
N VAL A 104 -18.36 -16.03 3.36
CA VAL A 104 -17.74 -17.29 3.73
C VAL A 104 -17.01 -17.18 5.06
N GLY A 105 -16.53 -15.98 5.36
CA GLY A 105 -15.81 -15.76 6.61
C GLY A 105 -16.49 -14.74 7.49
N VAL A 106 -16.05 -13.48 7.38
CA VAL A 106 -16.62 -12.40 8.17
C VAL A 106 -16.48 -11.06 7.45
N THR A 107 -17.54 -10.09 7.68
CA THR A 107 -17.57 -8.78 7.09
C THR A 107 -17.35 -7.72 8.15
N GLU A 108 -17.39 -6.44 7.76
CA GLU A 108 -17.18 -5.34 8.70
C GLU A 108 -18.33 -4.35 8.63
N THR A 109 -18.35 -3.40 9.56
CA THR A 109 -19.39 -2.39 9.60
C THR A 109 -18.82 -1.00 9.32
N PRO A 110 -19.66 -0.12 8.76
CA PRO A 110 -19.27 1.26 8.45
C PRO A 110 -19.05 2.11 9.68
N LEU A 111 -19.32 1.53 10.85
CA LEU A 111 -19.16 2.23 12.12
C LEU A 111 -17.67 2.39 12.46
N MET A 112 -16.96 1.27 12.54
CA MET A 112 -15.54 1.29 12.85
C MET A 112 -14.71 1.61 11.62
N LYS A 113 -15.32 1.47 10.45
CA LYS A 113 -14.66 1.74 9.19
C LYS A 113 -14.52 3.25 8.95
N GLU A 114 -15.33 4.02 9.68
CA GLU A 114 -15.29 5.47 9.54
C GLU A 114 -13.87 6.01 9.65
N ASP A 115 -13.09 5.43 10.56
CA ASP A 115 -11.71 5.84 10.75
C ASP A 115 -10.78 5.13 9.76
N SER A 116 -10.78 3.81 9.81
CA SER A 116 -9.94 3.01 8.93
C SER A 116 -10.06 3.50 7.49
N ILE A 117 -11.29 3.57 7.00
CA ILE A 117 -11.55 4.01 5.63
C ILE A 117 -11.07 5.46 5.42
N LEU A 118 -11.39 6.31 6.38
CA LEU A 118 -10.99 7.72 6.31
C LEU A 118 -9.49 7.86 6.17
N ALA A 119 -8.76 7.00 6.86
CA ALA A 119 -7.29 7.02 6.81
C ALA A 119 -6.79 6.55 5.45
N VAL A 120 -7.09 5.29 5.11
CA VAL A 120 -6.67 4.72 3.84
C VAL A 120 -7.12 5.59 2.67
N ARG A 121 -8.38 6.00 2.70
CA ARG A 121 -8.93 6.84 1.64
C ARG A 121 -8.20 8.18 1.56
N LYS A 122 -7.85 8.72 2.72
CA LYS A 122 -7.14 9.99 2.80
C LYS A 122 -5.76 9.88 2.17
N TYR A 123 -5.08 8.77 2.42
CA TYR A 123 -3.74 8.55 1.88
C TYR A 123 -3.79 8.46 0.36
N PHE A 124 -4.59 7.53 -0.15
CA PHE A 124 -4.71 7.34 -1.59
C PHE A 124 -5.12 8.64 -2.28
N GLN A 125 -6.19 9.26 -1.79
CA GLN A 125 -6.67 10.51 -2.36
C GLN A 125 -5.54 11.53 -2.48
N ARG A 126 -4.85 11.78 -1.37
CA ARG A 126 -3.76 12.73 -1.36
C ARG A 126 -2.61 12.25 -2.25
N ILE A 127 -2.40 10.94 -2.27
CA ILE A 127 -1.34 10.35 -3.08
C ILE A 127 -1.59 10.59 -4.57
N THR A 128 -2.66 10.01 -5.08
CA THR A 128 -3.02 10.16 -6.49
C THR A 128 -3.16 11.63 -6.87
N LEU A 129 -3.81 12.40 -6.00
CA LEU A 129 -4.01 13.83 -6.25
C LEU A 129 -2.68 14.57 -6.30
N TYR A 130 -1.84 14.33 -5.30
CA TYR A 130 -0.53 14.98 -5.22
C TYR A 130 0.24 14.78 -6.53
N LEU A 131 0.52 13.54 -6.87
CA LEU A 131 1.25 13.23 -8.09
C LEU A 131 0.51 13.74 -9.32
N LYS A 132 -0.82 13.73 -9.24
CA LYS A 132 -1.64 14.20 -10.35
C LYS A 132 -1.44 15.69 -10.59
N GLU A 133 -1.33 16.46 -9.50
CA GLU A 133 -1.12 17.89 -9.61
C GLU A 133 0.28 18.21 -10.12
N LYS A 134 1.23 17.34 -9.79
CA LYS A 134 2.61 17.53 -10.22
C LYS A 134 2.81 17.02 -11.64
N LYS A 135 1.72 16.60 -12.27
CA LYS A 135 1.78 16.10 -13.63
C LYS A 135 2.60 14.80 -13.70
N TYR A 136 2.46 13.97 -12.67
CA TYR A 136 3.18 12.70 -12.61
C TYR A 136 4.68 12.92 -12.79
N SER A 137 5.15 14.11 -12.42
CA SER A 137 6.56 14.44 -12.56
C SER A 137 7.45 13.36 -11.94
N PRO A 138 8.76 13.45 -12.19
CA PRO A 138 9.73 12.48 -11.67
C PRO A 138 9.91 12.60 -10.16
N CYS A 139 9.43 13.70 -9.59
CA CYS A 139 9.53 13.94 -8.15
C CYS A 139 8.32 13.37 -7.42
N ALA A 140 7.14 13.55 -8.00
CA ALA A 140 5.90 13.05 -7.41
C ALA A 140 5.98 11.55 -7.16
N TRP A 141 6.19 10.79 -8.23
CA TRP A 141 6.29 9.34 -8.13
C TRP A 141 7.21 8.93 -6.99
N GLU A 142 8.34 9.63 -6.86
CA GLU A 142 9.30 9.34 -5.80
C GLU A 142 8.66 9.47 -4.43
N VAL A 143 8.11 10.64 -4.15
CA VAL A 143 7.46 10.91 -2.87
C VAL A 143 6.42 9.83 -2.55
N VAL A 144 5.48 9.63 -3.47
CA VAL A 144 4.44 8.64 -3.29
C VAL A 144 5.03 7.27 -2.94
N ARG A 145 6.10 6.90 -3.64
CA ARG A 145 6.75 5.62 -3.41
C ARG A 145 7.24 5.52 -1.97
N ALA A 146 7.99 6.52 -1.53
CA ALA A 146 8.52 6.55 -0.17
C ALA A 146 7.42 6.32 0.86
N GLU A 147 6.37 7.14 0.79
CA GLU A 147 5.26 7.02 1.72
C GLU A 147 4.60 5.65 1.60
N ILE A 148 4.57 5.11 0.39
CA ILE A 148 3.97 3.81 0.14
C ILE A 148 4.70 2.72 0.92
N MET A 149 6.03 2.75 0.86
CA MET A 149 6.84 1.77 1.56
C MET A 149 6.70 1.91 3.07
N ARG A 150 6.71 3.15 3.55
CA ARG A 150 6.58 3.42 4.97
C ARG A 150 5.25 2.91 5.51
N SER A 151 4.17 3.30 4.86
CA SER A 151 2.83 2.88 5.27
C SER A 151 2.68 1.36 5.15
N PHE A 152 3.26 0.79 4.10
CA PHE A 152 3.18 -0.64 3.87
C PHE A 152 3.93 -1.40 4.96
N SER A 153 5.19 -1.05 5.17
CA SER A 153 6.01 -1.70 6.18
C SER A 153 5.44 -1.48 7.58
N LEU A 154 4.99 -0.26 7.84
CA LEU A 154 4.42 0.08 9.14
C LEU A 154 3.11 -0.67 9.37
N SER A 155 2.16 -0.48 8.46
CA SER A 155 0.87 -1.15 8.57
C SER A 155 1.04 -2.65 8.78
N THR A 156 1.96 -3.25 8.03
CA THR A 156 2.23 -4.67 8.14
C THR A 156 2.94 -5.00 9.44
N ASN A 157 3.82 -4.11 9.87
CA ASN A 157 4.58 -4.30 11.10
C ASN A 157 3.86 -3.69 12.29
N LEU A 158 2.68 -4.21 12.60
CA LEU A 158 1.89 -3.71 13.71
C LEU A 158 2.22 -4.47 14.99
N GLN A 159 2.55 -5.74 14.86
CA GLN A 159 2.90 -6.57 16.01
C GLN A 159 4.40 -6.77 16.10
N GLU A 160 5.06 -6.75 14.95
CA GLU A 160 6.52 -6.94 14.90
C GLU A 160 6.90 -8.33 15.39
N SER A 161 6.39 -9.35 14.71
CA SER A 161 6.67 -10.73 15.08
C SER A 161 6.40 -11.67 13.91
N LEU A 162 6.59 -11.16 12.70
CA LEU A 162 6.37 -11.95 11.49
C LEU A 162 7.64 -12.67 11.07
N ARG A 163 8.58 -11.94 10.50
CA ARG A 163 9.84 -12.51 10.06
C ARG A 163 10.94 -12.28 11.10
N SER A 164 11.31 -11.01 11.28
CA SER A 164 12.35 -10.66 12.24
C SER A 164 13.62 -11.46 11.99
N LYS A 165 13.84 -11.84 10.73
CA LYS A 165 15.02 -12.62 10.35
C LYS A 165 16.29 -11.79 10.56
N GLU A 166 16.16 -10.48 10.51
CA GLU A 166 17.30 -9.58 10.68
C GLU A 166 18.00 -9.87 12.01
O5 A2G B . -21.34 -6.52 7.30
C1 A2G B . -20.57 -7.30 8.19
C2 A2G B . -21.35 -7.69 9.47
N2 A2G B . -20.46 -8.52 10.32
C3 A2G B . -22.67 -8.38 9.06
O3 A2G B . -23.63 -8.51 10.14
C4 A2G B . -23.42 -7.58 7.99
O4 A2G B . -23.90 -6.39 8.57
C5 A2G B . -22.50 -7.20 6.81
C6 A2G B . -23.29 -6.20 5.97
O6 A2G B . -22.62 -5.94 4.89
C7 A2G B . -20.82 -9.69 10.92
O7 A2G B . -21.20 -9.76 12.09
C8 A2G B . -20.72 -10.91 10.03
H1 A2G B . -19.83 -6.78 8.45
H2 A2G B . -21.58 -6.80 10.07
HN2 A2G B . -19.79 -7.95 10.84
H3 A2G B . -22.48 -9.41 8.72
HO3 A2G B . -23.58 -9.43 10.47
H4 A2G B . -24.17 -8.06 7.69
HO4 A2G B . -24.74 -6.57 9.00
H5 A2G B . -22.29 -7.93 6.24
H61 A2G B . -23.43 -5.28 6.53
H81 A2G B . -20.77 -10.58 8.99
H82 A2G B . -21.53 -11.61 10.23
H83 A2G B . -19.77 -11.42 10.22
H62 A2G B . -24.26 -6.62 5.70
HO6 A2G B . -22.09 -6.63 4.47
N CYS A 2 -10.79 -13.47 6.52
CA CYS A 2 -9.61 -14.14 5.97
C CYS A 2 -8.51 -13.13 5.64
N ASP A 3 -8.01 -12.46 6.67
CA ASP A 3 -6.95 -11.48 6.50
C ASP A 3 -5.62 -12.00 7.03
N LEU A 4 -5.50 -13.32 7.09
CA LEU A 4 -4.28 -13.95 7.58
C LEU A 4 -3.05 -13.34 6.92
N PRO A 5 -1.88 -13.51 7.57
CA PRO A 5 -0.61 -12.98 7.06
C PRO A 5 -0.13 -13.69 5.81
N GLN A 6 -0.84 -13.49 4.71
CA GLN A 6 -0.49 -14.12 3.44
C GLN A 6 0.67 -13.39 2.77
N THR A 7 0.53 -12.07 2.65
CA THR A 7 1.56 -11.25 2.02
C THR A 7 2.35 -10.47 3.07
N HIS A 8 1.95 -10.61 4.33
CA HIS A 8 2.62 -9.91 5.42
C HIS A 8 3.78 -10.74 5.96
N SER A 9 3.72 -12.05 5.74
CA SER A 9 4.76 -12.95 6.20
C SER A 9 5.90 -13.04 5.20
N LEU A 10 5.61 -13.57 4.02
CA LEU A 10 6.60 -13.71 2.97
C LEU A 10 6.57 -12.50 2.02
N GLY A 11 5.38 -11.97 1.79
CA GLY A 11 5.24 -10.82 0.92
C GLY A 11 5.83 -9.56 1.52
N SER A 12 6.00 -9.55 2.84
CA SER A 12 6.55 -8.39 3.53
C SER A 12 7.94 -8.05 2.99
N ARG A 13 8.86 -8.99 3.10
CA ARG A 13 10.23 -8.78 2.61
C ARG A 13 10.26 -8.74 1.09
N ARG A 14 9.61 -9.72 0.46
CA ARG A 14 9.58 -9.79 -1.00
C ARG A 14 9.10 -8.46 -1.59
N THR A 15 7.90 -8.05 -1.20
CA THR A 15 7.32 -6.81 -1.70
C THR A 15 8.20 -5.62 -1.35
N LEU A 16 8.63 -5.55 -0.09
CA LEU A 16 9.48 -4.46 0.37
C LEU A 16 10.74 -4.34 -0.49
N MET A 17 11.57 -5.38 -0.46
CA MET A 17 12.79 -5.40 -1.24
C MET A 17 12.52 -5.03 -2.69
N LEU A 18 11.69 -5.83 -3.36
CA LEU A 18 11.35 -5.59 -4.75
C LEU A 18 10.92 -4.14 -4.97
N LEU A 19 9.93 -3.71 -4.21
CA LEU A 19 9.42 -2.34 -4.32
C LEU A 19 10.54 -1.33 -4.09
N ALA A 20 11.56 -1.75 -3.33
CA ALA A 20 12.70 -0.88 -3.04
C ALA A 20 13.67 -0.83 -4.22
N GLN A 21 13.86 -1.98 -4.86
CA GLN A 21 14.77 -2.08 -6.00
C GLN A 21 14.07 -1.67 -7.29
N MET A 22 12.76 -1.49 -7.22
CA MET A 22 11.97 -1.11 -8.38
C MET A 22 11.98 0.41 -8.56
N ARG A 23 12.04 1.13 -7.44
CA ARG A 23 12.05 2.59 -7.47
C ARG A 23 13.47 3.11 -7.71
N LYS A 24 13.69 3.70 -8.87
CA LYS A 24 15.00 4.25 -9.22
C LYS A 24 14.94 5.77 -9.30
N ILE A 25 15.45 6.42 -8.25
CA ILE A 25 15.47 7.88 -8.20
C ILE A 25 16.51 8.39 -7.20
N SER A 26 16.63 9.71 -7.10
CA SER A 26 17.58 10.32 -6.19
C SER A 26 16.88 10.83 -4.93
N LEU A 27 17.34 10.38 -3.77
CA LEU A 27 16.76 10.80 -2.50
C LEU A 27 16.87 12.31 -2.32
N PHE A 28 17.82 12.91 -3.03
CA PHE A 28 18.02 14.35 -2.95
C PHE A 28 17.21 15.08 -4.02
N SER A 29 16.43 14.32 -4.78
CA SER A 29 15.61 14.89 -5.85
C SER A 29 14.49 15.75 -5.26
N CYS A 30 14.03 15.39 -4.07
CA CYS A 30 12.97 16.13 -3.41
C CYS A 30 13.01 15.90 -1.90
N LEU A 31 13.75 16.76 -1.20
CA LEU A 31 13.87 16.65 0.25
C LEU A 31 12.69 17.33 0.95
N LYS A 32 12.31 18.49 0.44
CA LYS A 32 11.19 19.24 1.00
C LYS A 32 9.88 18.89 0.31
N ASP A 33 9.88 17.76 -0.41
CA ASP A 33 8.69 17.31 -1.12
C ASP A 33 8.35 15.87 -0.73
N ARG A 34 9.21 15.26 0.08
CA ARG A 34 9.00 13.89 0.52
C ARG A 34 7.84 13.82 1.53
N HIS A 35 7.83 14.76 2.46
CA HIS A 35 6.79 14.80 3.48
C HIS A 35 5.63 15.69 3.04
N ASP A 36 4.43 15.12 2.96
CA ASP A 36 3.25 15.86 2.55
C ASP A 36 1.99 15.19 3.07
N PHE A 37 1.95 13.86 2.98
CA PHE A 37 0.79 13.10 3.44
C PHE A 37 0.86 12.86 4.94
N GLY A 38 1.95 12.25 5.39
CA GLY A 38 2.12 11.97 6.81
C GLY A 38 0.92 11.25 7.40
N PHE A 39 0.76 9.98 7.06
CA PHE A 39 -0.36 9.19 7.57
C PHE A 39 -0.22 8.96 9.07
N PRO A 40 -1.30 9.26 9.81
CA PRO A 40 -1.34 9.09 11.26
C PRO A 40 -1.34 7.62 11.68
N GLN A 41 -0.16 7.01 11.65
CA GLN A 41 -0.03 5.60 12.02
C GLN A 41 -0.52 5.37 13.44
N GLU A 42 -0.57 6.43 14.23
CA GLU A 42 -1.03 6.35 15.61
C GLU A 42 -2.51 5.98 15.67
N GLU A 43 -3.32 6.65 14.86
CA GLU A 43 -4.75 6.39 14.83
C GLU A 43 -5.09 5.36 13.76
N PHE A 44 -4.21 5.20 12.79
CA PHE A 44 -4.41 4.25 11.70
C PHE A 44 -4.10 2.82 12.17
N GLY A 45 -3.38 2.71 13.28
CA GLY A 45 -3.04 1.41 13.81
C GLY A 45 -4.26 0.61 14.23
N ASN A 46 -4.06 -0.31 15.18
CA ASN A 46 -5.16 -1.14 15.67
C ASN A 46 -5.70 -2.04 14.56
N GLN A 47 -4.78 -2.62 13.79
CA GLN A 47 -5.16 -3.50 12.69
C GLN A 47 -4.92 -4.96 13.06
N PHE A 48 -5.17 -5.31 14.32
CA PHE A 48 -4.97 -6.67 14.80
C PHE A 48 -6.16 -7.56 14.40
N GLN A 49 -7.18 -6.95 13.82
CA GLN A 49 -8.36 -7.68 13.39
C GLN A 49 -8.31 -7.95 11.88
N LYS A 50 -8.72 -9.15 11.49
CA LYS A 50 -8.73 -9.55 10.10
C LYS A 50 -9.96 -8.99 9.39
N ALA A 51 -11.07 -8.90 10.11
CA ALA A 51 -12.31 -8.37 9.55
C ALA A 51 -12.31 -6.85 9.53
N GLU A 52 -11.36 -6.26 10.26
CA GLU A 52 -11.26 -4.80 10.33
C GLU A 52 -10.14 -4.30 9.42
N THR A 53 -9.32 -5.23 8.93
CA THR A 53 -8.20 -4.88 8.04
C THR A 53 -8.58 -5.07 6.58
N ILE A 54 -9.76 -5.64 6.35
CA ILE A 54 -10.23 -5.88 4.99
C ILE A 54 -10.35 -4.57 4.22
N PRO A 55 -10.87 -3.53 4.89
CA PRO A 55 -11.05 -2.21 4.28
C PRO A 55 -9.72 -1.50 4.03
N VAL A 56 -8.91 -1.39 5.08
CA VAL A 56 -7.61 -0.74 4.97
C VAL A 56 -6.70 -1.50 4.02
N LEU A 57 -6.66 -2.82 4.17
CA LEU A 57 -5.82 -3.66 3.31
C LEU A 57 -6.27 -3.57 1.86
N HIS A 58 -7.50 -3.99 1.58
CA HIS A 58 -8.04 -3.94 0.22
C HIS A 58 -7.83 -2.57 -0.40
N GLU A 59 -8.19 -1.52 0.33
CA GLU A 59 -8.05 -0.16 -0.16
C GLU A 59 -6.60 0.13 -0.53
N MET A 60 -5.67 -0.29 0.33
CA MET A 60 -4.24 -0.07 0.08
C MET A 60 -3.82 -0.71 -1.23
N ILE A 61 -3.86 -2.04 -1.29
CA ILE A 61 -3.47 -2.77 -2.48
C ILE A 61 -4.24 -2.27 -3.70
N GLN A 62 -5.52 -1.96 -3.50
CA GLN A 62 -6.36 -1.47 -4.58
C GLN A 62 -5.76 -0.23 -5.22
N GLN A 63 -5.55 0.81 -4.41
CA GLN A 63 -4.97 2.05 -4.90
C GLN A 63 -3.71 1.80 -5.72
N ILE A 64 -2.93 0.82 -5.28
CA ILE A 64 -1.69 0.48 -5.97
C ILE A 64 -1.98 -0.13 -7.35
N PHE A 65 -3.07 -0.87 -7.44
CA PHE A 65 -3.46 -1.50 -8.70
C PHE A 65 -3.92 -0.45 -9.71
N ASN A 66 -4.72 0.49 -9.24
CA ASN A 66 -5.24 1.55 -10.10
C ASN A 66 -4.10 2.38 -10.68
N LEU A 67 -3.13 2.70 -9.84
CA LEU A 67 -1.97 3.49 -10.27
C LEU A 67 -1.09 2.70 -11.22
N PHE A 68 -0.77 1.47 -10.83
CA PHE A 68 0.06 0.60 -11.66
C PHE A 68 -0.72 0.07 -12.86
N SER A 69 -2.01 0.38 -12.90
CA SER A 69 -2.86 -0.07 -14.00
C SER A 69 -2.67 0.80 -15.23
N THR A 70 -1.91 1.88 -15.07
CA THR A 70 -1.64 2.80 -16.16
C THR A 70 -0.21 2.67 -16.67
N LYS A 71 0.12 3.41 -17.72
CA LYS A 71 1.45 3.37 -18.30
C LYS A 71 2.41 4.27 -17.52
N ASP A 72 1.86 5.28 -16.86
CA ASP A 72 2.65 6.21 -16.07
C ASP A 72 3.60 5.46 -15.14
N SER A 73 3.08 4.45 -14.46
CA SER A 73 3.87 3.66 -13.53
C SER A 73 5.01 2.95 -14.25
N SER A 74 4.65 2.15 -15.26
CA SER A 74 5.65 1.42 -16.03
C SER A 74 6.64 2.37 -16.69
N ALA A 75 6.23 3.62 -16.85
CA ALA A 75 7.08 4.63 -17.47
C ALA A 75 7.88 5.39 -16.41
N ALA A 76 7.63 5.08 -15.14
CA ALA A 76 8.33 5.73 -14.04
C ALA A 76 9.36 4.81 -13.41
N TRP A 77 9.05 3.52 -13.38
CA TRP A 77 9.95 2.52 -12.81
C TRP A 77 10.20 1.38 -13.79
N ASP A 78 11.07 0.46 -13.40
CA ASP A 78 11.40 -0.68 -14.25
C ASP A 78 10.13 -1.41 -14.69
N GLU A 79 9.91 -1.45 -16.00
CA GLU A 79 8.74 -2.11 -16.56
C GLU A 79 8.65 -3.56 -16.07
N THR A 80 9.78 -4.25 -16.06
CA THR A 80 9.83 -5.64 -15.62
C THR A 80 9.36 -5.76 -14.18
N LEU A 81 10.07 -5.12 -13.27
CA LEU A 81 9.73 -5.17 -11.85
C LEU A 81 8.27 -4.76 -11.63
N LEU A 82 7.87 -3.67 -12.26
CA LEU A 82 6.50 -3.18 -12.13
C LEU A 82 5.50 -4.22 -12.63
N ASP A 83 5.78 -4.78 -13.80
CA ASP A 83 4.91 -5.79 -14.39
C ASP A 83 4.60 -6.89 -13.38
N LYS A 84 5.65 -7.60 -12.95
CA LYS A 84 5.50 -8.68 -11.99
C LYS A 84 4.94 -8.16 -10.66
N PHE A 85 5.40 -6.99 -10.26
CA PHE A 85 4.94 -6.38 -9.01
C PHE A 85 3.44 -6.15 -9.04
N TYR A 86 3.01 -5.17 -9.83
CA TYR A 86 1.59 -4.85 -9.94
C TYR A 86 0.76 -6.10 -10.23
N THR A 87 1.36 -7.04 -10.96
CA THR A 87 0.68 -8.28 -11.31
C THR A 87 0.34 -9.09 -10.07
N GLU A 88 1.30 -9.19 -9.15
CA GLU A 88 1.10 -9.93 -7.91
C GLU A 88 -0.05 -9.34 -7.09
N LEU A 89 -0.06 -8.01 -6.99
CA LEU A 89 -1.10 -7.31 -6.23
C LEU A 89 -2.47 -7.56 -6.85
N TYR A 90 -2.52 -7.63 -8.17
CA TYR A 90 -3.76 -7.86 -8.89
C TYR A 90 -4.44 -9.14 -8.41
N GLN A 91 -3.76 -10.26 -8.60
CA GLN A 91 -4.29 -11.56 -8.18
C GLN A 91 -4.41 -11.64 -6.66
N GLN A 92 -3.39 -11.14 -5.97
CA GLN A 92 -3.38 -11.15 -4.51
C GLN A 92 -4.58 -10.41 -3.95
N LEU A 93 -4.66 -9.12 -4.25
CA LEU A 93 -5.77 -8.29 -3.77
C LEU A 93 -7.11 -8.92 -4.12
N ASN A 94 -7.17 -9.55 -5.29
CA ASN A 94 -8.40 -10.20 -5.74
C ASN A 94 -8.78 -11.35 -4.83
N ASP A 95 -7.83 -12.25 -4.59
CA ASP A 95 -8.06 -13.41 -3.73
C ASP A 95 -8.23 -12.97 -2.28
N LEU A 96 -7.21 -12.31 -1.74
CA LEU A 96 -7.24 -11.84 -0.36
C LEU A 96 -8.57 -11.15 -0.05
N GLU A 97 -9.00 -10.28 -0.96
CA GLU A 97 -10.26 -9.56 -0.78
C GLU A 97 -11.44 -10.52 -0.70
N ALA A 98 -11.64 -11.28 -1.77
CA ALA A 98 -12.74 -12.24 -1.82
C ALA A 98 -12.67 -13.21 -0.63
N CYS A 99 -11.51 -13.27 -0.01
CA CYS A 99 -11.31 -14.17 1.14
C CYS A 99 -12.07 -13.66 2.35
N VAL A 100 -11.80 -12.41 2.74
CA VAL A 100 -12.46 -11.81 3.89
C VAL A 100 -13.82 -11.22 3.49
N ILE A 101 -13.85 -10.53 2.36
CA ILE A 101 -15.08 -9.92 1.88
C ILE A 101 -16.24 -10.92 1.90
N GLN A 102 -16.04 -12.06 1.24
CA GLN A 102 -17.07 -13.10 1.18
C GLN A 102 -17.50 -13.50 2.59
N GLY A 103 -18.59 -14.26 2.66
CA GLY A 103 -19.10 -14.70 3.95
C GLY A 103 -18.43 -15.98 4.44
N VAL A 104 -17.37 -16.38 3.74
CA VAL A 104 -16.64 -17.59 4.11
C VAL A 104 -15.94 -17.42 5.44
N GLY A 105 -15.65 -16.17 5.81
CA GLY A 105 -14.97 -15.90 7.05
C GLY A 105 -15.73 -14.90 7.92
N VAL A 106 -15.29 -13.65 7.91
CA VAL A 106 -15.94 -12.61 8.70
C VAL A 106 -15.94 -11.28 7.95
N THR A 107 -17.11 -10.45 8.13
CA THR A 107 -17.29 -9.16 7.50
C THR A 107 -17.23 -8.05 8.54
N GLU A 108 -17.25 -6.80 8.10
CA GLU A 108 -17.20 -5.67 9.01
C GLU A 108 -18.34 -4.70 8.74
N THR A 109 -18.56 -3.76 9.66
CA THR A 109 -19.62 -2.78 9.52
C THR A 109 -19.07 -1.43 9.10
N PRO A 110 -19.93 -0.58 8.51
CA PRO A 110 -19.55 0.76 8.06
C PRO A 110 -19.28 1.70 9.22
N LEU A 111 -19.58 1.24 10.43
CA LEU A 111 -19.38 2.06 11.62
C LEU A 111 -17.89 2.30 11.87
N MET A 112 -17.13 1.21 11.99
CA MET A 112 -15.69 1.31 12.22
C MET A 112 -14.95 1.56 10.91
N LYS A 113 -15.59 1.21 9.80
CA LYS A 113 -14.98 1.40 8.49
C LYS A 113 -14.78 2.89 8.19
N GLU A 114 -15.50 3.74 8.91
CA GLU A 114 -15.41 5.18 8.72
C GLU A 114 -13.99 5.67 8.97
N ASP A 115 -13.47 5.40 10.17
CA ASP A 115 -12.12 5.81 10.53
C ASP A 115 -11.09 5.14 9.63
N SER A 116 -11.17 3.82 9.52
CA SER A 116 -10.24 3.07 8.69
C SER A 116 -10.21 3.61 7.26
N ILE A 117 -11.38 3.65 6.63
CA ILE A 117 -11.49 4.15 5.26
C ILE A 117 -11.07 5.61 5.18
N LEU A 118 -11.40 6.38 6.21
CA LEU A 118 -11.06 7.80 6.26
C LEU A 118 -9.55 7.99 6.10
N ALA A 119 -8.78 7.29 6.91
CA ALA A 119 -7.33 7.38 6.85
C ALA A 119 -6.79 6.87 5.52
N VAL A 120 -7.15 5.63 5.18
CA VAL A 120 -6.71 5.02 3.93
C VAL A 120 -7.08 5.89 2.74
N ARG A 121 -8.38 6.12 2.55
CA ARG A 121 -8.85 6.93 1.44
C ARG A 121 -8.14 8.28 1.41
N LYS A 122 -7.89 8.84 2.58
CA LYS A 122 -7.21 10.13 2.68
C LYS A 122 -5.82 10.07 2.06
N TYR A 123 -5.08 9.00 2.38
CA TYR A 123 -3.74 8.82 1.85
C TYR A 123 -3.76 8.70 0.33
N PHE A 124 -4.57 7.78 -0.18
CA PHE A 124 -4.69 7.56 -1.61
C PHE A 124 -5.13 8.84 -2.31
N GLN A 125 -6.22 9.44 -1.83
CA GLN A 125 -6.75 10.66 -2.42
C GLN A 125 -5.66 11.71 -2.57
N ARG A 126 -4.94 11.97 -1.48
CA ARG A 126 -3.86 12.95 -1.50
C ARG A 126 -2.71 12.48 -2.38
N ILE A 127 -2.46 11.18 -2.39
CA ILE A 127 -1.40 10.62 -3.19
C ILE A 127 -1.66 10.82 -4.68
N THR A 128 -2.74 10.23 -5.17
CA THR A 128 -3.11 10.34 -6.58
C THR A 128 -3.28 11.80 -6.98
N LEU A 129 -3.93 12.57 -6.12
CA LEU A 129 -4.17 13.99 -6.39
C LEU A 129 -2.85 14.75 -6.46
N TYR A 130 -2.01 14.57 -5.45
CA TYR A 130 -0.71 15.23 -5.39
C TYR A 130 0.06 15.04 -6.70
N LEU A 131 0.36 13.79 -7.01
CA LEU A 131 1.09 13.46 -8.23
C LEU A 131 0.34 13.95 -9.47
N LYS A 132 -0.99 13.92 -9.39
CA LYS A 132 -1.82 14.35 -10.50
C LYS A 132 -1.61 15.84 -10.79
N GLU A 133 -1.55 16.64 -9.74
CA GLU A 133 -1.35 18.08 -9.87
C GLU A 133 0.06 18.38 -10.38
N LYS A 134 1.01 17.53 -10.02
CA LYS A 134 2.40 17.71 -10.43
C LYS A 134 2.61 17.17 -11.84
N LYS A 135 1.53 16.74 -12.48
CA LYS A 135 1.60 16.20 -13.84
C LYS A 135 2.42 14.91 -13.87
N TYR A 136 2.31 14.12 -12.80
CA TYR A 136 3.04 12.86 -12.71
C TYR A 136 4.54 13.09 -12.89
N SER A 137 5.00 14.28 -12.52
CA SER A 137 6.41 14.62 -12.65
C SER A 137 7.29 13.54 -12.02
N PRO A 138 8.60 13.63 -12.28
CA PRO A 138 9.58 12.67 -11.76
C PRO A 138 9.76 12.78 -10.25
N CYS A 139 9.29 13.90 -9.68
CA CYS A 139 9.41 14.13 -8.25
C CYS A 139 8.18 13.60 -7.51
N ALA A 140 7.00 13.87 -8.07
CA ALA A 140 5.75 13.42 -7.46
C ALA A 140 5.79 11.93 -7.19
N TRP A 141 6.03 11.14 -8.23
CA TRP A 141 6.09 9.68 -8.09
C TRP A 141 6.98 9.28 -6.93
N GLU A 142 8.23 9.74 -6.96
CA GLU A 142 9.18 9.43 -5.90
C GLU A 142 8.54 9.61 -4.52
N VAL A 143 7.99 10.79 -4.28
CA VAL A 143 7.35 11.08 -3.01
C VAL A 143 6.26 10.06 -2.69
N VAL A 144 5.40 9.80 -3.66
CA VAL A 144 4.32 8.83 -3.48
C VAL A 144 4.86 7.48 -3.05
N ARG A 145 5.79 6.95 -3.82
CA ARG A 145 6.39 5.65 -3.52
C ARG A 145 6.92 5.62 -2.09
N ALA A 146 7.66 6.66 -1.71
CA ALA A 146 8.22 6.74 -0.37
C ALA A 146 7.15 6.53 0.69
N GLU A 147 6.11 7.37 0.67
CA GLU A 147 5.02 7.26 1.62
C GLU A 147 4.37 5.88 1.56
N ILE A 148 4.34 5.30 0.37
CA ILE A 148 3.75 4.00 0.17
C ILE A 148 4.49 2.93 0.96
N MET A 149 5.82 2.97 0.90
CA MET A 149 6.64 2.00 1.62
C MET A 149 6.50 2.17 3.12
N ARG A 150 6.46 3.43 3.58
CA ARG A 150 6.32 3.73 4.99
C ARG A 150 5.02 3.16 5.54
N SER A 151 3.91 3.46 4.87
CA SER A 151 2.60 2.99 5.29
C SER A 151 2.52 1.47 5.19
N PHE A 152 3.14 0.91 4.17
CA PHE A 152 3.14 -0.54 3.95
C PHE A 152 3.93 -1.24 5.05
N SER A 153 5.20 -0.87 5.19
CA SER A 153 6.07 -1.48 6.20
C SER A 153 5.48 -1.29 7.59
N LEU A 154 4.89 -0.13 7.84
CA LEU A 154 4.29 0.16 9.14
C LEU A 154 3.01 -0.64 9.34
N SER A 155 2.05 -0.46 8.44
CA SER A 155 0.78 -1.18 8.52
C SER A 155 1.00 -2.67 8.68
N THR A 156 2.10 -3.17 8.12
CA THR A 156 2.43 -4.58 8.19
C THR A 156 3.20 -4.90 9.47
N ASN A 157 4.11 -4.00 9.85
CA ASN A 157 4.91 -4.18 11.05
C ASN A 157 4.22 -3.57 12.27
N LEU A 158 3.14 -4.20 12.71
CA LEU A 158 2.38 -3.71 13.86
C LEU A 158 2.98 -4.24 15.15
N GLN A 159 3.23 -5.54 15.20
CA GLN A 159 3.80 -6.16 16.40
C GLN A 159 5.28 -6.48 16.18
N GLU A 160 5.70 -6.48 14.92
CA GLU A 160 7.10 -6.77 14.59
C GLU A 160 7.46 -8.21 14.96
N SER A 161 6.70 -9.16 14.42
CA SER A 161 6.95 -10.57 14.70
C SER A 161 6.55 -11.43 13.51
N LEU A 162 6.57 -10.84 12.32
CA LEU A 162 6.21 -11.55 11.10
C LEU A 162 7.31 -12.53 10.71
N ARG A 163 8.56 -12.12 10.88
CA ARG A 163 9.70 -12.97 10.55
C ARG A 163 10.75 -12.93 11.65
N SER A 164 11.27 -14.09 12.02
CA SER A 164 12.28 -14.19 13.07
C SER A 164 12.98 -15.55 13.01
N LYS A 165 13.87 -15.77 13.97
CA LYS A 165 14.61 -17.03 14.05
C LYS A 165 13.69 -18.18 14.41
N GLU A 166 12.59 -17.87 15.09
CA GLU A 166 11.62 -18.89 15.48
C GLU A 166 10.41 -18.89 14.53
O5 A2G B . -21.35 -7.37 7.80
C1 A2G B . -20.36 -8.03 8.58
C2 A2G B . -20.89 -8.49 9.96
N2 A2G B . -19.78 -9.17 10.67
C3 A2G B . -22.16 -9.35 9.75
O3 A2G B . -22.91 -9.57 10.95
C4 A2G B . -23.14 -8.68 8.78
O4 A2G B . -23.69 -7.55 9.42
C5 A2G B . -22.47 -8.21 7.49
C6 A2G B . -23.48 -7.34 6.75
O6 A2G B . -23.40 -6.12 7.19
C7 A2G B . -19.93 -10.29 11.44
O7 A2G B . -20.10 -10.26 12.66
C8 A2G B . -19.86 -11.58 10.67
H1 A2G B . -19.65 -7.41 8.72
H2 A2G B . -21.15 -7.62 10.58
HN2 A2G B . -19.07 -8.51 10.99
H3 A2G B . -21.89 -10.35 9.39
HO3 A2G B . -23.14 -8.69 11.33
H4 A2G B . -23.87 -9.27 8.61
HO4 A2G B . -24.42 -7.83 9.99
H5 A2G B . -22.25 -8.92 6.90
H61 A2G B . -24.49 -7.72 6.94
H81 A2G B . -19.66 -11.36 9.61
H82 A2G B . -20.79 -12.15 10.75
H83 A2G B . -19.05 -12.20 11.07
H62 A2G B . -23.28 -7.36 5.69
HO6 A2G B . -23.44 -5.94 8.12
N CYS A 2 -10.53 -13.92 6.82
CA CYS A 2 -9.28 -14.43 6.29
C CYS A 2 -8.34 -13.29 5.91
N ASP A 3 -7.84 -12.58 6.92
CA ASP A 3 -6.93 -11.46 6.70
C ASP A 3 -5.55 -11.77 7.29
N LEU A 4 -5.28 -13.05 7.53
CA LEU A 4 -4.01 -13.46 8.09
C LEU A 4 -2.83 -12.82 7.34
N PRO A 5 -1.67 -12.76 8.01
CA PRO A 5 -0.46 -12.16 7.42
C PRO A 5 0.10 -13.01 6.28
N GLN A 6 -0.57 -12.98 5.13
CA GLN A 6 -0.12 -13.74 3.98
C GLN A 6 1.04 -13.04 3.27
N THR A 7 0.88 -11.75 2.99
CA THR A 7 1.91 -10.98 2.32
C THR A 7 2.62 -10.06 3.30
N HIS A 8 2.16 -10.05 4.55
CA HIS A 8 2.76 -9.22 5.59
C HIS A 8 3.92 -9.94 6.27
N SER A 9 3.94 -11.26 6.15
CA SER A 9 5.00 -12.06 6.76
C SER A 9 6.20 -12.17 5.82
N LEU A 10 6.00 -12.82 4.68
CA LEU A 10 7.07 -12.98 3.70
C LEU A 10 7.03 -11.88 2.65
N GLY A 11 5.82 -11.44 2.30
CA GLY A 11 5.67 -10.39 1.33
C GLY A 11 6.17 -9.05 1.82
N SER A 12 6.24 -8.90 3.14
CA SER A 12 6.70 -7.65 3.74
C SER A 12 8.10 -7.30 3.25
N ARG A 13 9.05 -8.20 3.47
CA ARG A 13 10.43 -7.98 3.05
C ARG A 13 10.55 -8.02 1.53
N ARG A 14 10.01 -9.08 0.93
CA ARG A 14 10.06 -9.24 -0.52
C ARG A 14 9.53 -7.98 -1.22
N THR A 15 8.29 -7.62 -0.93
CA THR A 15 7.68 -6.44 -1.53
C THR A 15 8.48 -5.19 -1.23
N LEU A 16 8.88 -5.02 0.03
CA LEU A 16 9.66 -3.86 0.43
C LEU A 16 10.94 -3.75 -0.38
N MET A 17 11.81 -4.75 -0.24
CA MET A 17 13.08 -4.76 -0.96
C MET A 17 12.85 -4.50 -2.44
N LEU A 18 12.07 -5.36 -3.09
CA LEU A 18 11.78 -5.23 -4.51
C LEU A 18 11.30 -3.81 -4.82
N LEU A 19 10.25 -3.38 -4.14
CA LEU A 19 9.69 -2.05 -4.34
C LEU A 19 10.76 -0.98 -4.16
N ALA A 20 11.80 -1.31 -3.41
CA ALA A 20 12.90 -0.37 -3.17
C ALA A 20 13.88 -0.35 -4.34
N GLN A 21 14.14 -1.52 -4.91
CA GLN A 21 15.06 -1.64 -6.03
C GLN A 21 14.33 -1.40 -7.34
N MET A 22 13.01 -1.31 -7.29
CA MET A 22 12.20 -1.09 -8.48
C MET A 22 12.20 0.40 -8.85
N ARG A 23 12.27 1.26 -7.84
CA ARG A 23 12.27 2.70 -8.07
C ARG A 23 13.69 3.22 -8.26
N LYS A 24 13.88 4.07 -9.25
CA LYS A 24 15.19 4.64 -9.54
C LYS A 24 15.14 6.16 -9.49
N ILE A 25 15.61 6.73 -8.39
CA ILE A 25 15.62 8.18 -8.22
C ILE A 25 16.64 8.60 -7.17
N SER A 26 16.76 9.92 -6.96
CA SER A 26 17.69 10.45 -5.97
C SER A 26 16.95 11.05 -4.79
N LEU A 27 17.26 10.56 -3.60
CA LEU A 27 16.62 11.04 -2.38
C LEU A 27 16.85 12.54 -2.20
N PHE A 28 17.94 13.03 -2.79
CA PHE A 28 18.28 14.46 -2.70
C PHE A 28 17.69 15.23 -3.87
N SER A 29 16.93 14.53 -4.72
CA SER A 29 16.31 15.16 -5.88
C SER A 29 15.12 16.00 -5.47
N CYS A 30 14.58 15.72 -4.28
CA CYS A 30 13.43 16.46 -3.78
C CYS A 30 13.35 16.37 -2.26
N LEU A 31 14.10 17.24 -1.59
CA LEU A 31 14.12 17.26 -0.12
C LEU A 31 12.96 18.07 0.42
N LYS A 32 12.71 19.23 -0.18
CA LYS A 32 11.62 20.09 0.24
C LYS A 32 10.33 19.76 -0.51
N ASP A 33 10.32 18.61 -1.18
CA ASP A 33 9.16 18.18 -1.93
C ASP A 33 8.49 16.98 -1.27
N ARG A 34 9.26 16.28 -0.44
CA ARG A 34 8.75 15.09 0.25
C ARG A 34 7.94 15.51 1.49
N HIS A 35 7.35 14.52 2.15
CA HIS A 35 6.54 14.78 3.34
C HIS A 35 5.37 15.72 3.02
N ASP A 36 4.20 15.14 2.84
CA ASP A 36 3.01 15.93 2.52
C ASP A 36 1.75 15.23 3.02
N PHE A 37 1.69 13.91 2.84
CA PHE A 37 0.54 13.13 3.27
C PHE A 37 0.58 12.91 4.78
N GLY A 38 1.66 12.31 5.26
CA GLY A 38 1.80 12.05 6.69
C GLY A 38 0.61 11.29 7.24
N PHE A 39 0.55 10.00 6.97
CA PHE A 39 -0.54 9.15 7.45
C PHE A 39 -0.43 8.94 8.96
N PRO A 40 -1.55 9.18 9.67
CA PRO A 40 -1.61 9.02 11.12
C PRO A 40 -1.54 7.56 11.55
N GLN A 41 -0.32 7.04 11.68
CA GLN A 41 -0.12 5.66 12.08
C GLN A 41 -0.60 5.43 13.51
N GLU A 42 -0.81 6.52 14.24
CA GLU A 42 -1.28 6.44 15.62
C GLU A 42 -2.73 5.98 15.68
N GLU A 43 -3.58 6.58 14.84
CA GLU A 43 -4.98 6.23 14.81
C GLU A 43 -5.25 5.14 13.77
N PHE A 44 -4.33 4.99 12.83
CA PHE A 44 -4.46 3.97 11.79
C PHE A 44 -4.10 2.59 12.32
N GLY A 45 -3.33 2.56 13.40
CA GLY A 45 -2.94 1.30 13.99
C GLY A 45 -4.12 0.40 14.33
N ASN A 46 -4.40 -0.57 13.47
CA ASN A 46 -5.51 -1.48 13.69
C ASN A 46 -5.31 -2.77 12.89
N GLN A 47 -4.19 -3.45 13.13
CA GLN A 47 -3.88 -4.69 12.43
C GLN A 47 -4.04 -5.89 13.37
N PHE A 48 -4.81 -5.70 14.44
CA PHE A 48 -5.05 -6.76 15.41
C PHE A 48 -6.28 -7.58 15.03
N GLN A 49 -7.19 -6.97 14.27
CA GLN A 49 -8.41 -7.64 13.85
C GLN A 49 -8.33 -8.02 12.37
N LYS A 50 -8.74 -9.24 12.06
CA LYS A 50 -8.72 -9.73 10.69
C LYS A 50 -9.96 -9.27 9.93
N ALA A 51 -11.05 -9.06 10.65
CA ALA A 51 -12.30 -8.61 10.03
C ALA A 51 -12.33 -7.09 9.92
N GLU A 52 -11.45 -6.43 10.67
CA GLU A 52 -11.39 -4.98 10.66
C GLU A 52 -10.22 -4.49 9.79
N THR A 53 -9.39 -5.43 9.35
CA THR A 53 -8.25 -5.10 8.52
C THR A 53 -8.56 -5.30 7.04
N ILE A 54 -9.68 -5.97 6.77
CA ILE A 54 -10.09 -6.23 5.39
C ILE A 54 -10.15 -4.94 4.58
N PRO A 55 -10.68 -3.87 5.19
CA PRO A 55 -10.79 -2.56 4.54
C PRO A 55 -9.43 -1.89 4.34
N VAL A 56 -8.71 -1.69 5.44
CA VAL A 56 -7.40 -1.06 5.38
C VAL A 56 -6.47 -1.81 4.44
N LEU A 57 -6.44 -3.14 4.57
CA LEU A 57 -5.60 -3.97 3.72
C LEU A 57 -6.03 -3.88 2.25
N HIS A 58 -7.26 -4.32 1.99
CA HIS A 58 -7.80 -4.30 0.63
C HIS A 58 -7.61 -2.92 0.00
N GLU A 59 -7.97 -1.88 0.73
CA GLU A 59 -7.84 -0.52 0.24
C GLU A 59 -6.39 -0.21 -0.12
N MET A 60 -5.47 -0.67 0.72
CA MET A 60 -4.04 -0.44 0.49
C MET A 60 -3.62 -0.98 -0.87
N ILE A 61 -3.70 -2.31 -1.03
CA ILE A 61 -3.33 -2.95 -2.29
C ILE A 61 -4.18 -2.43 -3.44
N GLN A 62 -5.38 -1.96 -3.13
CA GLN A 62 -6.29 -1.44 -4.14
C GLN A 62 -5.71 -0.19 -4.80
N GLN A 63 -5.49 0.85 -4.01
CA GLN A 63 -4.94 2.10 -4.52
C GLN A 63 -3.68 1.83 -5.35
N ILE A 64 -2.88 0.88 -4.90
CA ILE A 64 -1.64 0.54 -5.60
C ILE A 64 -1.95 -0.13 -6.95
N PHE A 65 -3.02 -0.91 -6.99
CA PHE A 65 -3.41 -1.61 -8.21
C PHE A 65 -3.85 -0.61 -9.28
N ASN A 66 -4.54 0.44 -8.85
CA ASN A 66 -5.02 1.47 -9.79
C ASN A 66 -3.86 2.28 -10.33
N LEU A 67 -2.99 2.75 -9.44
CA LEU A 67 -1.84 3.55 -9.84
C LEU A 67 -0.95 2.77 -10.81
N PHE A 68 -0.75 1.49 -10.52
CA PHE A 68 0.08 0.64 -11.37
C PHE A 68 -0.72 0.12 -12.56
N SER A 69 -2.03 0.35 -12.53
CA SER A 69 -2.91 -0.10 -13.62
C SER A 69 -2.77 0.80 -14.83
N THR A 70 -2.14 1.97 -14.64
CA THR A 70 -1.95 2.93 -15.71
C THR A 70 -0.56 2.79 -16.33
N LYS A 71 -0.32 3.53 -17.41
CA LYS A 71 0.96 3.50 -18.10
C LYS A 71 1.98 4.38 -17.39
N ASP A 72 1.48 5.42 -16.72
CA ASP A 72 2.36 6.35 -16.00
C ASP A 72 3.31 5.59 -15.08
N SER A 73 2.80 4.56 -14.42
CA SER A 73 3.61 3.76 -13.51
C SER A 73 4.68 2.97 -14.28
N SER A 74 4.24 2.22 -15.28
CA SER A 74 5.15 1.42 -16.08
C SER A 74 6.21 2.30 -16.75
N ALA A 75 5.86 3.56 -16.96
CA ALA A 75 6.77 4.51 -17.59
C ALA A 75 7.56 5.29 -16.54
N ALA A 76 7.32 4.98 -15.27
CA ALA A 76 8.00 5.65 -14.17
C ALA A 76 9.14 4.79 -13.62
N TRP A 77 8.93 3.48 -13.61
CA TRP A 77 9.93 2.55 -13.11
C TRP A 77 10.13 1.39 -14.07
N ASP A 78 11.08 0.52 -13.76
CA ASP A 78 11.37 -0.64 -14.60
C ASP A 78 10.10 -1.40 -14.94
N GLU A 79 9.78 -1.48 -16.23
CA GLU A 79 8.60 -2.17 -16.70
C GLU A 79 8.58 -3.61 -16.19
N THR A 80 9.74 -4.25 -16.21
CA THR A 80 9.86 -5.64 -15.77
C THR A 80 9.45 -5.78 -14.30
N LEU A 81 10.19 -5.10 -13.43
CA LEU A 81 9.91 -5.15 -11.99
C LEU A 81 8.46 -4.74 -11.71
N LEU A 82 8.03 -3.65 -12.33
CA LEU A 82 6.67 -3.15 -12.14
C LEU A 82 5.64 -4.21 -12.58
N ASP A 83 5.87 -4.78 -13.76
CA ASP A 83 4.96 -5.79 -14.29
C ASP A 83 4.72 -6.89 -13.27
N LYS A 84 5.78 -7.60 -12.88
CA LYS A 84 5.68 -8.67 -11.90
C LYS A 84 5.19 -8.14 -10.56
N PHE A 85 5.67 -6.97 -10.18
CA PHE A 85 5.28 -6.36 -8.92
C PHE A 85 3.77 -6.12 -8.87
N TYR A 86 3.31 -5.14 -9.66
CA TYR A 86 1.89 -4.80 -9.69
C TYR A 86 1.05 -6.05 -9.94
N THR A 87 1.60 -6.99 -10.71
CA THR A 87 0.90 -8.22 -11.02
C THR A 87 0.60 -9.02 -9.76
N GLU A 88 1.61 -9.16 -8.89
CA GLU A 88 1.46 -9.90 -7.65
C GLU A 88 0.34 -9.30 -6.79
N LEU A 89 0.34 -7.97 -6.67
CA LEU A 89 -0.66 -7.27 -5.89
C LEU A 89 -2.07 -7.54 -6.43
N TYR A 90 -2.19 -7.52 -7.75
CA TYR A 90 -3.48 -7.76 -8.40
C TYR A 90 -4.12 -9.05 -7.88
N GLN A 91 -3.39 -10.15 -8.02
CA GLN A 91 -3.88 -11.45 -7.57
C GLN A 91 -3.94 -11.52 -6.04
N GLN A 92 -3.04 -10.78 -5.40
CA GLN A 92 -2.99 -10.75 -3.94
C GLN A 92 -4.27 -10.17 -3.37
N LEU A 93 -4.58 -8.93 -3.74
CA LEU A 93 -5.78 -8.26 -3.25
C LEU A 93 -7.03 -9.04 -3.63
N ASN A 94 -7.05 -9.55 -4.86
CA ASN A 94 -8.19 -10.32 -5.35
C ASN A 94 -8.50 -11.48 -4.41
N ASP A 95 -7.49 -12.27 -4.09
CA ASP A 95 -7.65 -13.41 -3.21
C ASP A 95 -7.84 -12.96 -1.76
N LEU A 96 -6.86 -12.23 -1.24
CA LEU A 96 -6.92 -11.72 0.13
C LEU A 96 -8.27 -11.07 0.41
N GLU A 97 -8.85 -10.45 -0.61
CA GLU A 97 -10.14 -9.78 -0.48
C GLU A 97 -11.26 -10.80 -0.36
N ALA A 98 -11.44 -11.60 -1.40
CA ALA A 98 -12.49 -12.62 -1.41
C ALA A 98 -12.34 -13.56 -0.22
N CYS A 99 -11.17 -13.55 0.40
CA CYS A 99 -10.91 -14.41 1.55
C CYS A 99 -11.72 -13.96 2.75
N VAL A 100 -11.53 -12.71 3.16
CA VAL A 100 -12.25 -12.15 4.30
C VAL A 100 -13.62 -11.62 3.88
N ILE A 101 -13.65 -10.89 2.78
CA ILE A 101 -14.89 -10.32 2.27
C ILE A 101 -16.01 -11.36 2.27
N GLN A 102 -15.71 -12.56 1.77
CA GLN A 102 -16.68 -13.63 1.72
C GLN A 102 -17.10 -14.07 3.12
N GLY A 103 -18.31 -14.60 3.24
CA GLY A 103 -18.80 -15.05 4.53
C GLY A 103 -18.00 -16.22 5.07
N VAL A 104 -17.17 -16.82 4.23
CA VAL A 104 -16.35 -17.96 4.62
C VAL A 104 -15.61 -17.67 5.92
N GLY A 105 -15.26 -16.40 6.12
CA GLY A 105 -14.54 -16.01 7.33
C GLY A 105 -15.37 -15.10 8.22
N VAL A 106 -15.08 -13.80 8.17
CA VAL A 106 -15.80 -12.83 8.97
C VAL A 106 -15.89 -11.48 8.26
N THR A 107 -17.07 -10.69 8.56
CA THR A 107 -17.32 -9.38 7.98
C THR A 107 -17.64 -8.38 9.07
N GLU A 108 -17.40 -7.10 8.79
CA GLU A 108 -17.67 -6.04 9.76
C GLU A 108 -18.59 -4.97 9.16
N THR A 109 -19.05 -4.07 10.02
CA THR A 109 -19.93 -3.00 9.58
C THR A 109 -19.13 -1.77 9.12
N PRO A 110 -19.78 -0.92 8.32
CA PRO A 110 -19.14 0.31 7.80
C PRO A 110 -18.91 1.35 8.89
N LEU A 111 -19.45 1.09 10.08
CA LEU A 111 -19.30 2.00 11.20
C LEU A 111 -17.84 2.16 11.59
N MET A 112 -17.18 1.02 11.84
CA MET A 112 -15.77 1.02 12.21
C MET A 112 -14.88 1.18 10.99
N LYS A 113 -15.44 0.91 9.82
CA LYS A 113 -14.70 1.03 8.57
C LYS A 113 -14.50 2.49 8.18
N GLU A 114 -15.31 3.36 8.76
CA GLU A 114 -15.23 4.79 8.48
C GLU A 114 -13.81 5.31 8.74
N ASP A 115 -13.30 5.04 9.93
CA ASP A 115 -11.96 5.48 10.31
C ASP A 115 -10.91 4.86 9.40
N SER A 116 -10.87 3.53 9.37
CA SER A 116 -9.91 2.81 8.55
C SER A 116 -9.94 3.31 7.11
N ILE A 117 -11.10 3.24 6.49
CA ILE A 117 -11.27 3.69 5.11
C ILE A 117 -10.86 5.16 4.95
N LEU A 118 -11.25 5.98 5.93
CA LEU A 118 -10.92 7.40 5.90
C LEU A 118 -9.42 7.60 5.78
N ALA A 119 -8.66 6.93 6.63
CA ALA A 119 -7.21 7.03 6.62
C ALA A 119 -6.64 6.55 5.29
N VAL A 120 -6.85 5.27 4.99
CA VAL A 120 -6.36 4.69 3.75
C VAL A 120 -6.74 5.55 2.54
N ARG A 121 -8.06 5.73 2.36
CA ARG A 121 -8.55 6.53 1.24
C ARG A 121 -7.85 7.89 1.18
N LYS A 122 -7.73 8.54 2.33
CA LYS A 122 -7.08 9.84 2.42
C LYS A 122 -5.69 9.79 1.81
N TYR A 123 -4.94 8.74 2.14
CA TYR A 123 -3.59 8.59 1.63
C TYR A 123 -3.59 8.46 0.10
N PHE A 124 -4.31 7.47 -0.40
CA PHE A 124 -4.39 7.24 -1.83
C PHE A 124 -4.88 8.49 -2.56
N GLN A 125 -6.02 9.02 -2.12
CA GLN A 125 -6.58 10.22 -2.72
C GLN A 125 -5.53 11.31 -2.86
N ARG A 126 -4.85 11.60 -1.76
CA ARG A 126 -3.83 12.63 -1.75
C ARG A 126 -2.64 12.22 -2.62
N ILE A 127 -2.36 10.92 -2.65
CA ILE A 127 -1.25 10.41 -3.45
C ILE A 127 -1.49 10.64 -4.94
N THR A 128 -2.54 10.03 -5.47
CA THR A 128 -2.87 10.17 -6.89
C THR A 128 -3.10 11.63 -7.25
N LEU A 129 -3.79 12.35 -6.38
CA LEU A 129 -4.08 13.77 -6.62
C LEU A 129 -2.79 14.58 -6.64
N TYR A 130 -1.93 14.37 -5.64
CA TYR A 130 -0.67 15.08 -5.56
C TYR A 130 0.13 14.94 -6.85
N LEU A 131 0.49 13.72 -7.19
CA LEU A 131 1.25 13.44 -8.40
C LEU A 131 0.50 13.93 -9.64
N LYS A 132 -0.82 13.85 -9.59
CA LYS A 132 -1.66 14.30 -10.71
C LYS A 132 -1.51 15.80 -10.93
N GLU A 133 -1.43 16.56 -9.84
CA GLU A 133 -1.29 18.00 -9.92
C GLU A 133 0.10 18.38 -10.42
N LYS A 134 1.09 17.55 -10.09
CA LYS A 134 2.46 17.80 -10.50
C LYS A 134 2.70 17.29 -11.93
N LYS A 135 1.64 16.87 -12.59
CA LYS A 135 1.73 16.36 -13.95
C LYS A 135 2.57 15.09 -14.01
N TYR A 136 2.44 14.26 -12.97
CA TYR A 136 3.19 13.01 -12.91
C TYR A 136 4.69 13.26 -13.10
N SER A 137 5.14 14.45 -12.73
CA SER A 137 6.53 14.82 -12.87
C SER A 137 7.44 13.76 -12.25
N PRO A 138 8.75 13.88 -12.49
CA PRO A 138 9.74 12.93 -11.96
C PRO A 138 9.92 13.06 -10.46
N CYS A 139 9.42 14.16 -9.90
CA CYS A 139 9.52 14.41 -8.47
C CYS A 139 8.31 13.84 -7.73
N ALA A 140 7.13 14.02 -8.32
CA ALA A 140 5.90 13.52 -7.72
C ALA A 140 5.99 12.03 -7.44
N TRP A 141 6.24 11.25 -8.48
CA TRP A 141 6.34 9.80 -8.34
C TRP A 141 7.30 9.43 -7.22
N GLU A 142 8.36 10.22 -7.06
CA GLU A 142 9.35 9.97 -6.02
C GLU A 142 8.72 10.08 -4.64
N VAL A 143 8.16 11.24 -4.33
CA VAL A 143 7.53 11.46 -3.03
C VAL A 143 6.48 10.40 -2.74
N VAL A 144 5.60 10.16 -3.71
CA VAL A 144 4.55 9.17 -3.57
C VAL A 144 5.13 7.81 -3.20
N ARG A 145 6.18 7.40 -3.90
CA ARG A 145 6.82 6.13 -3.65
C ARG A 145 7.30 6.03 -2.20
N ALA A 146 8.02 7.04 -1.76
CA ALA A 146 8.54 7.07 -0.39
C ALA A 146 7.42 6.83 0.62
N GLU A 147 6.35 7.62 0.51
CA GLU A 147 5.21 7.48 1.42
C GLU A 147 4.59 6.09 1.31
N ILE A 148 4.59 5.54 0.10
CA ILE A 148 4.02 4.22 -0.14
C ILE A 148 4.78 3.16 0.66
N MET A 149 6.10 3.22 0.62
CA MET A 149 6.93 2.27 1.34
C MET A 149 6.77 2.41 2.84
N ARG A 150 6.71 3.67 3.31
CA ARG A 150 6.56 3.95 4.73
C ARG A 150 5.23 3.41 5.25
N SER A 151 4.14 3.73 4.54
CA SER A 151 2.82 3.29 4.93
C SER A 151 2.71 1.77 4.88
N PHE A 152 3.33 1.17 3.85
CA PHE A 152 3.30 -0.28 3.68
C PHE A 152 4.07 -0.96 4.80
N SER A 153 5.35 -0.62 4.94
CA SER A 153 6.20 -1.20 5.96
C SER A 153 5.62 -0.96 7.35
N LEU A 154 5.11 0.24 7.57
CA LEU A 154 4.52 0.61 8.86
C LEU A 154 3.24 -0.19 9.11
N SER A 155 2.33 -0.16 8.14
CA SER A 155 1.06 -0.87 8.26
C SER A 155 1.29 -2.32 8.65
N THR A 156 2.27 -2.95 8.01
CA THR A 156 2.60 -4.35 8.29
C THR A 156 3.40 -4.49 9.58
N ASN A 157 4.14 -3.44 9.92
CA ASN A 157 4.95 -3.43 11.13
C ASN A 157 4.09 -3.13 12.36
N LEU A 158 3.07 -3.94 12.59
CA LEU A 158 2.17 -3.75 13.72
C LEU A 158 2.43 -4.82 14.78
N GLN A 159 2.45 -6.08 14.38
CA GLN A 159 2.68 -7.18 15.30
C GLN A 159 4.15 -7.29 15.66
N GLU A 160 5.01 -6.75 14.80
CA GLU A 160 6.45 -6.79 15.04
C GLU A 160 6.93 -8.21 15.30
N SER A 161 6.22 -9.17 14.72
CA SER A 161 6.57 -10.58 14.90
C SER A 161 6.44 -11.34 13.58
N LEU A 162 6.55 -10.62 12.47
CA LEU A 162 6.43 -11.22 11.15
C LEU A 162 7.63 -12.11 10.86
N ARG A 163 7.69 -12.65 9.65
CA ARG A 163 8.77 -13.53 9.25
C ARG A 163 8.97 -14.66 10.25
N SER A 164 7.86 -15.25 10.70
CA SER A 164 7.91 -16.34 11.67
C SER A 164 7.54 -17.66 11.01
N LYS A 165 7.88 -18.76 11.68
CA LYS A 165 7.58 -20.09 11.16
C LYS A 165 6.07 -20.32 11.11
N GLU A 166 5.35 -19.70 12.03
CA GLU A 166 3.90 -19.84 12.08
C GLU A 166 3.23 -19.05 10.96
O5 A2G B . -21.61 -8.29 7.27
C1 A2G B . -20.78 -8.76 8.31
C2 A2G B . -21.57 -9.33 9.51
N2 A2G B . -20.61 -9.80 10.54
C3 A2G B . -22.55 -10.41 9.00
O3 A2G B . -23.57 -10.77 9.95
C4 A2G B . -23.33 -9.92 7.77
O4 A2G B . -24.24 -8.93 8.18
C5 A2G B . -22.42 -9.32 6.69
C6 A2G B . -23.33 -8.65 5.67
O6 A2G B . -23.60 -7.44 6.06
C7 A2G B . -20.69 -10.99 11.19
O7 A2G B . -21.32 -11.15 12.24
C8 A2G B . -19.95 -12.12 10.51
H1 A2G B . -20.26 -8.02 8.62
H2 A2G B . -22.16 -8.53 10.00
HN2 A2G B . -20.22 -9.02 11.09
H3 A2G B . -22.00 -11.33 8.76
HO3 A2G B . -23.16 -11.40 10.60
H4 A2G B . -23.85 -10.63 7.42
HO4 A2G B . -23.75 -8.19 8.57
H5 A2G B . -21.92 -9.97 6.22
H61 A2G B . -24.26 -9.21 5.58
H81 A2G B . -19.04 -12.34 11.08
H82 A2G B . -19.68 -11.87 9.49
H83 A2G B . -20.59 -13.00 10.48
H62 A2G B . -22.83 -8.61 4.70
HO6 A2G B . -23.36 -6.69 5.51
N CYS A 2 -9.50 -13.58 5.83
CA CYS A 2 -8.17 -14.13 5.56
C CYS A 2 -7.11 -13.04 5.59
N ASP A 3 -7.00 -12.37 6.73
CA ASP A 3 -6.02 -11.31 6.90
C ASP A 3 -4.69 -11.86 7.41
N LEU A 4 -4.56 -13.18 7.39
CA LEU A 4 -3.34 -13.83 7.85
C LEU A 4 -2.10 -13.19 7.23
N PRO A 5 -0.95 -13.34 7.89
CA PRO A 5 0.32 -12.79 7.42
C PRO A 5 0.84 -13.49 6.17
N GLN A 6 0.10 -13.34 5.07
CA GLN A 6 0.48 -13.97 3.81
C GLN A 6 1.57 -13.16 3.11
N THR A 7 1.36 -11.84 3.04
CA THR A 7 2.33 -10.95 2.40
C THR A 7 3.09 -10.13 3.43
N HIS A 8 2.75 -10.31 4.70
CA HIS A 8 3.40 -9.58 5.79
C HIS A 8 4.63 -10.33 6.28
N SER A 9 4.63 -11.65 6.10
CA SER A 9 5.75 -12.48 6.52
C SER A 9 6.82 -12.55 5.44
N LEU A 10 6.45 -13.13 4.30
CA LEU A 10 7.39 -13.27 3.18
C LEU A 10 7.25 -12.09 2.22
N GLY A 11 6.03 -11.60 2.06
CA GLY A 11 5.78 -10.49 1.17
C GLY A 11 6.36 -9.19 1.69
N SER A 12 6.62 -9.14 3.00
CA SER A 12 7.18 -7.94 3.63
C SER A 12 8.52 -7.59 3.00
N ARG A 13 9.50 -8.49 3.14
CA ARG A 13 10.82 -8.26 2.59
C ARG A 13 10.80 -8.34 1.06
N ARG A 14 10.07 -9.30 0.53
CA ARG A 14 9.97 -9.48 -0.91
C ARG A 14 9.43 -8.22 -1.58
N THR A 15 8.23 -7.80 -1.17
CA THR A 15 7.60 -6.61 -1.72
C THR A 15 8.47 -5.37 -1.48
N LEU A 16 8.88 -5.18 -0.24
CA LEU A 16 9.71 -4.03 0.13
C LEU A 16 10.97 -3.97 -0.73
N MET A 17 11.81 -5.01 -0.60
CA MET A 17 13.04 -5.08 -1.37
C MET A 17 12.79 -4.76 -2.84
N LEU A 18 11.98 -5.60 -3.48
CA LEU A 18 11.66 -5.41 -4.89
C LEU A 18 11.19 -3.99 -5.16
N LEU A 19 10.17 -3.56 -4.43
CA LEU A 19 9.62 -2.22 -4.59
C LEU A 19 10.71 -1.17 -4.44
N ALA A 20 11.77 -1.52 -3.72
CA ALA A 20 12.89 -0.60 -3.50
C ALA A 20 13.83 -0.60 -4.71
N GLN A 21 14.06 -1.78 -5.29
CA GLN A 21 14.94 -1.91 -6.44
C GLN A 21 14.18 -1.64 -7.73
N MET A 22 12.86 -1.50 -7.63
CA MET A 22 12.02 -1.25 -8.79
C MET A 22 12.03 0.24 -9.15
N ARG A 23 12.11 1.09 -8.12
CA ARG A 23 12.12 2.53 -8.34
C ARG A 23 13.55 3.04 -8.48
N LYS A 24 13.75 3.94 -9.43
CA LYS A 24 15.07 4.52 -9.68
C LYS A 24 15.02 6.03 -9.63
N ILE A 25 15.48 6.60 -8.51
CA ILE A 25 15.48 8.05 -8.33
C ILE A 25 16.47 8.46 -7.25
N SER A 26 16.59 9.77 -7.02
CA SER A 26 17.50 10.29 -6.02
C SER A 26 16.72 10.91 -4.86
N LEU A 27 16.99 10.43 -3.65
CA LEU A 27 16.33 10.93 -2.45
C LEU A 27 16.57 12.43 -2.29
N PHE A 28 17.66 12.92 -2.87
CA PHE A 28 18.00 14.33 -2.79
C PHE A 28 17.40 15.11 -3.96
N SER A 29 16.64 14.42 -4.80
CA SER A 29 16.02 15.04 -5.96
C SER A 29 14.91 16.01 -5.54
N CYS A 30 14.27 15.71 -4.42
CA CYS A 30 13.19 16.55 -3.91
C CYS A 30 13.10 16.45 -2.38
N LEU A 31 13.87 17.28 -1.69
CA LEU A 31 13.87 17.28 -0.23
C LEU A 31 12.75 18.16 0.31
N LYS A 32 12.17 18.99 -0.56
CA LYS A 32 11.09 19.87 -0.17
C LYS A 32 9.74 19.35 -0.68
N ASP A 33 9.69 18.07 -0.98
CA ASP A 33 8.48 17.44 -1.47
C ASP A 33 8.05 16.29 -0.58
N ARG A 34 8.94 15.88 0.32
CA ARG A 34 8.66 14.78 1.24
C ARG A 34 7.88 15.28 2.45
N HIS A 35 7.37 14.34 3.24
CA HIS A 35 6.60 14.68 4.43
C HIS A 35 5.43 15.58 4.08
N ASP A 36 4.47 15.04 3.32
CA ASP A 36 3.30 15.81 2.91
C ASP A 36 2.02 15.12 3.38
N PHE A 37 1.83 13.87 2.97
CA PHE A 37 0.64 13.11 3.33
C PHE A 37 0.59 12.90 4.85
N GLY A 38 1.61 12.25 5.39
CA GLY A 38 1.67 11.99 6.82
C GLY A 38 0.47 11.19 7.31
N PHE A 39 0.53 9.88 7.13
CA PHE A 39 -0.56 9.00 7.55
C PHE A 39 -0.44 8.67 9.04
N PRO A 40 -1.53 8.92 9.79
CA PRO A 40 -1.56 8.66 11.23
C PRO A 40 -1.57 7.17 11.55
N GLN A 41 -0.39 6.57 11.55
CA GLN A 41 -0.26 5.13 11.84
C GLN A 41 -0.78 4.82 13.23
N GLU A 42 -0.88 5.84 14.07
CA GLU A 42 -1.36 5.67 15.44
C GLU A 42 -2.85 5.32 15.44
N GLU A 43 -3.63 6.05 14.66
CA GLU A 43 -5.06 5.82 14.59
C GLU A 43 -5.39 4.78 13.51
N PHE A 44 -4.47 4.62 12.56
CA PHE A 44 -4.66 3.67 11.48
C PHE A 44 -4.38 2.24 11.94
N GLY A 45 -3.64 2.12 13.03
CA GLY A 45 -3.30 0.81 13.57
C GLY A 45 -4.52 -0.01 13.88
N ASN A 46 -4.79 -1.02 13.04
CA ASN A 46 -5.95 -1.89 13.24
C ASN A 46 -5.73 -3.24 12.58
N GLN A 47 -4.52 -3.78 12.74
CA GLN A 47 -4.18 -5.07 12.16
C GLN A 47 -4.43 -6.20 13.16
N PHE A 48 -5.15 -5.88 14.23
CA PHE A 48 -5.46 -6.87 15.26
C PHE A 48 -6.64 -7.73 14.83
N GLN A 49 -7.50 -7.19 13.97
CA GLN A 49 -8.67 -7.91 13.49
C GLN A 49 -8.60 -8.12 11.99
N LYS A 50 -8.94 -9.34 11.54
CA LYS A 50 -8.91 -9.67 10.13
C LYS A 50 -10.17 -9.18 9.43
N ALA A 51 -11.20 -8.88 10.21
CA ALA A 51 -12.46 -8.39 9.66
C ALA A 51 -12.46 -6.87 9.56
N GLU A 52 -11.56 -6.23 10.31
CA GLU A 52 -11.46 -4.77 10.30
C GLU A 52 -10.28 -4.32 9.44
N THR A 53 -9.47 -5.27 9.01
CA THR A 53 -8.30 -4.97 8.18
C THR A 53 -8.62 -5.13 6.70
N ILE A 54 -9.79 -5.68 6.42
CA ILE A 54 -10.22 -5.89 5.05
C ILE A 54 -10.31 -4.56 4.29
N PRO A 55 -10.84 -3.53 4.96
CA PRO A 55 -10.99 -2.20 4.36
C PRO A 55 -9.65 -1.50 4.16
N VAL A 56 -8.86 -1.45 5.22
CA VAL A 56 -7.55 -0.81 5.17
C VAL A 56 -6.62 -1.55 4.22
N LEU A 57 -6.60 -2.87 4.32
CA LEU A 57 -5.76 -3.70 3.48
C LEU A 57 -6.16 -3.56 2.01
N HIS A 58 -7.39 -3.95 1.70
CA HIS A 58 -7.90 -3.86 0.34
C HIS A 58 -7.65 -2.47 -0.24
N GLU A 59 -7.96 -1.44 0.54
CA GLU A 59 -7.78 -0.07 0.10
C GLU A 59 -6.33 0.18 -0.32
N MET A 60 -5.39 -0.25 0.51
CA MET A 60 -3.97 -0.07 0.23
C MET A 60 -3.60 -0.71 -1.11
N ILE A 61 -3.68 -2.03 -1.17
CA ILE A 61 -3.36 -2.75 -2.40
C ILE A 61 -4.13 -2.20 -3.59
N GLN A 62 -5.37 -1.77 -3.33
CA GLN A 62 -6.21 -1.22 -4.38
C GLN A 62 -5.58 0.01 -5.01
N GLN A 63 -5.30 1.02 -4.20
CA GLN A 63 -4.69 2.25 -4.69
C GLN A 63 -3.46 1.95 -5.53
N ILE A 64 -2.71 0.92 -5.14
CA ILE A 64 -1.51 0.52 -5.86
C ILE A 64 -1.86 -0.08 -7.21
N PHE A 65 -2.98 -0.79 -7.28
CA PHE A 65 -3.43 -1.41 -8.52
C PHE A 65 -3.90 -0.35 -9.52
N ASN A 66 -4.66 0.62 -9.02
CA ASN A 66 -5.18 1.69 -9.88
C ASN A 66 -4.04 2.51 -10.46
N LEU A 67 -3.03 2.78 -9.64
CA LEU A 67 -1.88 3.57 -10.08
C LEU A 67 -1.01 2.77 -11.05
N PHE A 68 -0.79 1.51 -10.73
CA PHE A 68 0.02 0.62 -11.57
C PHE A 68 -0.80 0.12 -12.76
N SER A 69 -2.09 0.42 -12.77
CA SER A 69 -2.98 -0.01 -13.83
C SER A 69 -2.82 0.87 -15.07
N THR A 70 -2.14 2.01 -14.89
CA THR A 70 -1.92 2.94 -15.98
C THR A 70 -0.52 2.80 -16.55
N LYS A 71 -0.24 3.54 -17.62
CA LYS A 71 1.06 3.50 -18.26
C LYS A 71 2.07 4.38 -17.53
N ASP A 72 1.56 5.41 -16.86
CA ASP A 72 2.40 6.34 -16.11
C ASP A 72 3.36 5.58 -15.19
N SER A 73 2.83 4.53 -14.54
CA SER A 73 3.64 3.73 -13.63
C SER A 73 4.74 2.99 -14.38
N SER A 74 4.36 2.25 -15.41
CA SER A 74 5.31 1.49 -16.21
C SER A 74 6.29 2.42 -16.91
N ALA A 75 5.93 3.69 -16.99
CA ALA A 75 6.78 4.69 -17.63
C ALA A 75 7.63 5.43 -16.62
N ALA A 76 7.40 5.15 -15.34
CA ALA A 76 8.15 5.78 -14.26
C ALA A 76 9.23 4.85 -13.72
N TRP A 77 8.92 3.56 -13.67
CA TRP A 77 9.88 2.57 -13.18
C TRP A 77 10.04 1.43 -14.18
N ASP A 78 10.95 0.51 -13.86
CA ASP A 78 11.20 -0.64 -14.73
C ASP A 78 9.89 -1.36 -15.08
N GLU A 79 9.59 -1.42 -16.37
CA GLU A 79 8.37 -2.08 -16.84
C GLU A 79 8.32 -3.52 -16.34
N THR A 80 9.46 -4.22 -16.43
CA THR A 80 9.53 -5.60 -15.99
C THR A 80 9.13 -5.75 -14.52
N LEU A 81 9.88 -5.10 -13.65
CA LEU A 81 9.59 -5.15 -12.21
C LEU A 81 8.16 -4.75 -11.93
N LEU A 82 7.73 -3.64 -12.53
CA LEU A 82 6.37 -3.15 -12.34
C LEU A 82 5.34 -4.19 -12.77
N ASP A 83 5.56 -4.77 -13.95
CA ASP A 83 4.66 -5.80 -14.47
C ASP A 83 4.43 -6.89 -13.44
N LYS A 84 5.49 -7.59 -13.07
CA LYS A 84 5.40 -8.67 -12.10
C LYS A 84 4.90 -8.15 -10.76
N PHE A 85 5.35 -6.95 -10.39
CA PHE A 85 4.95 -6.35 -9.13
C PHE A 85 3.44 -6.12 -9.08
N TYR A 86 2.98 -5.14 -9.86
CA TYR A 86 1.55 -4.83 -9.90
C TYR A 86 0.73 -6.08 -10.15
N THR A 87 1.29 -7.03 -10.88
CA THR A 87 0.61 -8.29 -11.19
C THR A 87 0.31 -9.07 -9.92
N GLU A 88 1.32 -9.22 -9.08
CA GLU A 88 1.17 -9.96 -7.82
C GLU A 88 0.08 -9.34 -6.96
N LEU A 89 0.07 -8.02 -6.89
CA LEU A 89 -0.93 -7.30 -6.10
C LEU A 89 -2.34 -7.55 -6.64
N TYR A 90 -2.46 -7.55 -7.96
CA TYR A 90 -3.75 -7.76 -8.60
C TYR A 90 -4.41 -9.03 -8.07
N GLN A 91 -3.71 -10.15 -8.17
CA GLN A 91 -4.23 -11.43 -7.70
C GLN A 91 -4.30 -11.46 -6.18
N GLN A 92 -3.41 -10.72 -5.53
CA GLN A 92 -3.37 -10.66 -4.08
C GLN A 92 -4.65 -10.03 -3.52
N LEU A 93 -4.93 -8.81 -3.96
CA LEU A 93 -6.12 -8.09 -3.50
C LEU A 93 -7.39 -8.84 -3.91
N ASN A 94 -7.42 -9.34 -5.14
CA ASN A 94 -8.57 -10.07 -5.64
C ASN A 94 -8.91 -11.24 -4.72
N ASP A 95 -7.91 -12.09 -4.44
CA ASP A 95 -8.11 -13.24 -3.57
C ASP A 95 -8.30 -12.80 -2.12
N LEU A 96 -7.30 -12.12 -1.58
CA LEU A 96 -7.35 -11.65 -0.20
C LEU A 96 -8.70 -11.01 0.10
N GLU A 97 -9.16 -10.15 -0.80
CA GLU A 97 -10.44 -9.47 -0.63
C GLU A 97 -11.59 -10.47 -0.60
N ALA A 98 -11.78 -11.18 -1.71
CA ALA A 98 -12.84 -12.18 -1.81
C ALA A 98 -12.77 -13.16 -0.66
N CYS A 99 -11.61 -13.24 -0.01
CA CYS A 99 -11.42 -14.15 1.12
C CYS A 99 -12.19 -13.67 2.34
N VAL A 100 -11.91 -12.45 2.77
CA VAL A 100 -12.58 -11.87 3.94
C VAL A 100 -13.91 -11.27 3.55
N ILE A 101 -13.93 -10.51 2.46
CA ILE A 101 -15.15 -9.88 1.98
C ILE A 101 -16.32 -10.85 1.99
N GLN A 102 -16.12 -12.03 1.39
CA GLN A 102 -17.17 -13.04 1.33
C GLN A 102 -17.56 -13.49 2.74
N GLY A 103 -18.79 -13.97 2.87
CA GLY A 103 -19.27 -14.44 4.16
C GLY A 103 -18.51 -15.65 4.66
N VAL A 104 -17.73 -16.26 3.79
CA VAL A 104 -16.95 -17.44 4.15
C VAL A 104 -16.14 -17.19 5.42
N GLY A 105 -15.75 -15.93 5.63
CA GLY A 105 -14.98 -15.59 6.81
C GLY A 105 -15.74 -14.68 7.76
N VAL A 106 -15.43 -13.39 7.72
CA VAL A 106 -16.08 -12.41 8.58
C VAL A 106 -16.14 -11.05 7.90
N THR A 107 -17.31 -10.23 8.20
CA THR A 107 -17.52 -8.91 7.66
C THR A 107 -17.82 -7.92 8.78
N GLU A 108 -17.48 -6.66 8.57
CA GLU A 108 -17.71 -5.62 9.57
C GLU A 108 -18.64 -4.54 9.04
N THR A 109 -19.08 -3.66 9.92
CA THR A 109 -19.98 -2.57 9.55
C THR A 109 -19.19 -1.32 9.16
N PRO A 110 -19.84 -0.43 8.40
CA PRO A 110 -19.23 0.81 7.94
C PRO A 110 -19.02 1.80 9.08
N LEU A 111 -19.57 1.49 10.24
CA LEU A 111 -19.45 2.34 11.42
C LEU A 111 -17.98 2.51 11.82
N MET A 112 -17.31 1.40 12.06
CA MET A 112 -15.90 1.42 12.44
C MET A 112 -15.01 1.70 11.24
N LYS A 113 -15.54 1.45 10.04
CA LYS A 113 -14.80 1.67 8.81
C LYS A 113 -14.62 3.16 8.54
N GLU A 114 -15.45 3.97 9.18
CA GLU A 114 -15.39 5.42 9.02
C GLU A 114 -13.98 5.93 9.27
N ASP A 115 -13.28 5.30 10.20
CA ASP A 115 -11.91 5.70 10.54
C ASP A 115 -10.92 5.07 9.57
N SER A 116 -10.90 3.75 9.50
CA SER A 116 -10.00 3.03 8.62
C SER A 116 -10.10 3.55 7.20
N ILE A 117 -11.31 3.51 6.64
CA ILE A 117 -11.53 3.98 5.28
C ILE A 117 -11.07 5.42 5.11
N LEU A 118 -11.35 6.26 6.10
CA LEU A 118 -10.97 7.66 6.07
C LEU A 118 -9.45 7.80 5.92
N ALA A 119 -8.71 7.04 6.71
CA ALA A 119 -7.25 7.07 6.66
C ALA A 119 -6.74 6.64 5.29
N VAL A 120 -7.03 5.41 4.92
CA VAL A 120 -6.60 4.88 3.61
C VAL A 120 -7.03 5.80 2.48
N ARG A 121 -8.25 6.30 2.56
CA ARG A 121 -8.78 7.20 1.53
C ARG A 121 -7.96 8.47 1.45
N LYS A 122 -7.69 9.07 2.61
CA LYS A 122 -6.91 10.30 2.67
C LYS A 122 -5.53 10.11 2.04
N TYR A 123 -4.91 8.96 2.32
CA TYR A 123 -3.59 8.66 1.77
C TYR A 123 -3.63 8.58 0.25
N PHE A 124 -4.41 7.62 -0.27
CA PHE A 124 -4.53 7.43 -1.70
C PHE A 124 -4.99 8.72 -2.38
N GLN A 125 -6.10 9.27 -1.90
CA GLN A 125 -6.65 10.50 -2.46
C GLN A 125 -5.57 11.56 -2.61
N ARG A 126 -4.86 11.84 -1.52
CA ARG A 126 -3.80 12.84 -1.54
C ARG A 126 -2.65 12.39 -2.44
N ILE A 127 -2.38 11.09 -2.45
CA ILE A 127 -1.31 10.54 -3.27
C ILE A 127 -1.59 10.77 -4.75
N THR A 128 -2.66 10.17 -5.25
CA THR A 128 -3.04 10.31 -6.65
C THR A 128 -3.24 11.77 -7.02
N LEU A 129 -3.92 12.51 -6.15
CA LEU A 129 -4.19 13.92 -6.38
C LEU A 129 -2.88 14.71 -6.47
N TYR A 130 -2.02 14.53 -5.48
CA TYR A 130 -0.74 15.24 -5.45
C TYR A 130 0.02 15.05 -6.76
N LEU A 131 0.35 13.81 -7.07
CA LEU A 131 1.08 13.49 -8.31
C LEU A 131 0.29 13.97 -9.53
N LYS A 132 -1.03 13.92 -9.43
CA LYS A 132 -1.89 14.35 -10.53
C LYS A 132 -1.71 15.84 -10.82
N GLU A 133 -1.60 16.64 -9.76
CA GLU A 133 -1.42 18.08 -9.90
C GLU A 133 -0.03 18.40 -10.42
N LYS A 134 0.93 17.54 -10.09
CA LYS A 134 2.32 17.73 -10.52
C LYS A 134 2.53 17.20 -11.93
N LYS A 135 1.44 16.80 -12.57
CA LYS A 135 1.51 16.26 -13.93
C LYS A 135 2.32 14.97 -13.97
N TYR A 136 2.21 14.18 -12.90
CA TYR A 136 2.94 12.91 -12.82
C TYR A 136 4.43 13.13 -13.05
N SER A 137 4.91 14.33 -12.72
CA SER A 137 6.32 14.66 -12.89
C SER A 137 7.21 13.59 -12.26
N PRO A 138 8.51 13.66 -12.55
CA PRO A 138 9.50 12.72 -12.02
C PRO A 138 9.72 12.88 -10.52
N CYS A 139 9.24 13.99 -9.97
CA CYS A 139 9.39 14.28 -8.56
C CYS A 139 8.19 13.75 -7.77
N ALA A 140 6.99 14.02 -8.27
CA ALA A 140 5.76 13.57 -7.62
C ALA A 140 5.82 12.07 -7.34
N TRP A 141 6.06 11.28 -8.38
CA TRP A 141 6.12 9.83 -8.24
C TRP A 141 7.05 9.45 -7.08
N GLU A 142 8.28 9.93 -7.14
CA GLU A 142 9.27 9.64 -6.10
C GLU A 142 8.66 9.79 -4.71
N VAL A 143 8.09 10.97 -4.45
CA VAL A 143 7.47 11.26 -3.17
C VAL A 143 6.40 10.23 -2.83
N VAL A 144 5.52 9.95 -3.78
CA VAL A 144 4.46 8.98 -3.60
C VAL A 144 5.02 7.62 -3.18
N ARG A 145 5.93 7.09 -4.00
CA ARG A 145 6.54 5.80 -3.71
C ARG A 145 7.11 5.76 -2.29
N ALA A 146 7.86 6.79 -1.94
CA ALA A 146 8.45 6.88 -0.60
C ALA A 146 7.41 6.64 0.48
N GLU A 147 6.36 7.46 0.47
CA GLU A 147 5.29 7.34 1.47
C GLU A 147 4.65 5.96 1.41
N ILE A 148 4.59 5.38 0.21
CA ILE A 148 4.01 4.06 0.02
C ILE A 148 4.80 2.99 0.78
N MET A 149 6.12 3.07 0.68
CA MET A 149 6.98 2.11 1.37
C MET A 149 6.88 2.27 2.88
N ARG A 150 6.90 3.51 3.34
CA ARG A 150 6.81 3.79 4.78
C ARG A 150 5.52 3.21 5.36
N SER A 151 4.40 3.51 4.71
CA SER A 151 3.10 3.03 5.16
C SER A 151 3.00 1.52 5.03
N PHE A 152 3.62 0.98 3.98
CA PHE A 152 3.60 -0.46 3.73
C PHE A 152 4.36 -1.20 4.83
N SER A 153 5.61 -0.82 5.05
CA SER A 153 6.43 -1.46 6.07
C SER A 153 5.83 -1.27 7.46
N LEU A 154 5.33 -0.07 7.72
CA LEU A 154 4.73 0.24 9.00
C LEU A 154 3.44 -0.56 9.22
N SER A 155 2.49 -0.39 8.30
CA SER A 155 1.23 -1.10 8.39
C SER A 155 1.45 -2.60 8.57
N THR A 156 2.47 -3.13 7.89
CA THR A 156 2.78 -4.55 7.97
C THR A 156 3.54 -4.87 9.26
N ASN A 157 4.27 -3.88 9.77
CA ASN A 157 5.04 -4.05 10.99
C ASN A 157 4.20 -3.71 12.23
N LEU A 158 3.13 -4.47 12.41
CA LEU A 158 2.23 -4.24 13.55
C LEU A 158 2.47 -5.29 14.63
N GLN A 159 2.50 -6.56 14.24
CA GLN A 159 2.71 -7.65 15.18
C GLN A 159 4.20 -7.78 15.51
N GLU A 160 5.05 -7.62 14.50
CA GLU A 160 6.49 -7.73 14.70
C GLU A 160 6.87 -9.10 15.25
N SER A 161 6.03 -10.10 14.97
CA SER A 161 6.26 -11.46 15.43
C SER A 161 6.03 -12.46 14.31
N LEU A 162 6.40 -12.09 13.10
CA LEU A 162 6.23 -12.96 11.94
C LEU A 162 7.42 -13.88 11.77
N ARG A 163 8.57 -13.31 11.41
CA ARG A 163 9.79 -14.08 11.21
C ARG A 163 10.61 -14.12 12.49
N SER A 164 10.48 -15.23 13.23
CA SER A 164 11.22 -15.39 14.48
C SER A 164 11.22 -16.86 14.91
N LYS A 165 11.81 -17.12 16.09
CA LYS A 165 11.87 -18.47 16.62
C LYS A 165 10.48 -19.06 16.80
N GLU A 166 9.50 -18.18 16.99
CA GLU A 166 8.11 -18.62 17.18
C GLU A 166 7.55 -19.21 15.89
O5 A2G B . -21.76 -7.66 7.05
C1 A2G B . -20.95 -8.22 8.06
C2 A2G B . -21.78 -8.85 9.21
N2 A2G B . -20.83 -9.43 10.21
C3 A2G B . -22.80 -9.86 8.62
O3 A2G B . -23.82 -10.25 9.55
C4 A2G B . -23.55 -9.25 7.42
O4 A2G B . -24.42 -8.25 7.92
C5 A2G B . -22.61 -8.61 6.40
C6 A2G B . -23.49 -7.84 5.43
O6 A2G B . -24.34 -8.64 4.88
C7 A2G B . -20.94 -10.68 10.74
O7 A2G B . -21.66 -10.96 11.68
C8 A2G B . -20.08 -11.73 10.05
H1 A2G B . -20.41 -7.53 8.42
H2 A2G B . -22.33 -8.06 9.76
HN2 A2G B . -20.45 -8.73 10.84
H3 A2G B . -22.28 -10.78 8.33
HO3 A2G B . -24.04 -9.48 10.10
H4 A2G B . -24.10 -9.91 7.03
HO4 A2G B . -25.16 -8.67 8.36
H5 A2G B . -22.13 -9.26 5.89
H61 A2G B . -22.87 -7.38 4.66
H81 A2G B . -20.47 -12.71 10.30
H82 A2G B . -19.04 -11.66 10.37
H83 A2G B . -20.13 -11.56 8.98
H62 A2G B . -24.03 -7.05 5.97
HO6 A2G B . -25.26 -8.39 4.80
N CYS A 2 -9.53 -13.97 4.65
CA CYS A 2 -8.11 -14.24 4.80
C CYS A 2 -7.47 -13.25 5.77
N ASP A 3 -7.74 -13.43 7.07
CA ASP A 3 -7.19 -12.55 8.09
C ASP A 3 -5.71 -12.79 8.27
N LEU A 4 -5.31 -14.06 8.30
CA LEU A 4 -3.91 -14.42 8.46
C LEU A 4 -3.02 -13.62 7.51
N PRO A 5 -1.77 -13.39 7.94
CA PRO A 5 -0.80 -12.64 7.14
C PRO A 5 -0.34 -13.41 5.91
N GLN A 6 -1.09 -13.30 4.83
CA GLN A 6 -0.77 -13.99 3.59
C GLN A 6 0.39 -13.31 2.88
N THR A 7 0.28 -12.00 2.69
CA THR A 7 1.32 -11.22 2.02
C THR A 7 2.11 -10.38 3.02
N HIS A 8 1.66 -10.38 4.27
CA HIS A 8 2.33 -9.62 5.32
C HIS A 8 3.45 -10.45 5.97
N SER A 9 3.38 -11.76 5.81
CA SER A 9 4.37 -12.65 6.37
C SER A 9 5.57 -12.80 5.44
N LEU A 10 5.34 -13.39 4.27
CA LEU A 10 6.39 -13.59 3.29
C LEU A 10 6.42 -12.44 2.27
N GLY A 11 5.24 -11.92 1.94
CA GLY A 11 5.15 -10.83 1.00
C GLY A 11 5.72 -9.54 1.54
N SER A 12 5.80 -9.44 2.87
CA SER A 12 6.33 -8.24 3.52
C SER A 12 7.73 -7.93 3.00
N ARG A 13 8.66 -8.87 3.19
CA ARG A 13 10.02 -8.70 2.75
C ARG A 13 10.11 -8.71 1.22
N ARG A 14 9.52 -9.73 0.61
CA ARG A 14 9.54 -9.86 -0.84
C ARG A 14 9.07 -8.56 -1.51
N THR A 15 7.85 -8.15 -1.19
CA THR A 15 7.28 -6.94 -1.75
C THR A 15 8.15 -5.72 -1.44
N LEU A 16 8.56 -5.61 -0.18
CA LEU A 16 9.40 -4.50 0.26
C LEU A 16 10.67 -4.41 -0.58
N MET A 17 11.50 -5.45 -0.48
CA MET A 17 12.75 -5.49 -1.24
C MET A 17 12.52 -5.18 -2.71
N LEU A 18 11.70 -6.00 -3.36
CA LEU A 18 11.38 -5.81 -4.77
C LEU A 18 10.95 -4.37 -5.05
N LEU A 19 9.93 -3.93 -4.32
CA LEU A 19 9.41 -2.57 -4.49
C LEU A 19 10.51 -1.54 -4.28
N ALA A 20 11.54 -1.94 -3.54
CA ALA A 20 12.67 -1.04 -3.27
C ALA A 20 13.65 -1.02 -4.44
N GLN A 21 13.87 -2.19 -5.03
CA GLN A 21 14.79 -2.30 -6.17
C GLN A 21 14.08 -1.99 -7.48
N MET A 22 12.76 -1.85 -7.41
CA MET A 22 11.96 -1.56 -8.59
C MET A 22 12.02 -0.07 -8.92
N ARG A 23 12.12 0.76 -7.89
CA ARG A 23 12.17 2.21 -8.08
C ARG A 23 13.62 2.67 -8.28
N LYS A 24 13.82 3.54 -9.26
CA LYS A 24 15.15 4.07 -9.56
C LYS A 24 15.16 5.59 -9.50
N ILE A 25 15.65 6.12 -8.38
CA ILE A 25 15.71 7.57 -8.19
C ILE A 25 16.70 7.94 -7.09
N SER A 26 16.87 9.23 -6.86
CA SER A 26 17.79 9.72 -5.83
C SER A 26 17.03 10.21 -4.61
N LEU A 27 17.37 9.66 -3.45
CA LEU A 27 16.72 10.04 -2.20
C LEU A 27 16.87 11.53 -1.94
N PHE A 28 17.89 12.13 -2.55
CA PHE A 28 18.15 13.56 -2.39
C PHE A 28 17.44 14.37 -3.47
N SER A 29 16.67 13.68 -4.30
CA SER A 29 15.93 14.34 -5.38
C SER A 29 14.85 15.25 -4.83
N CYS A 30 14.27 14.86 -3.70
CA CYS A 30 13.21 15.64 -3.06
C CYS A 30 13.20 15.40 -1.55
N LEU A 31 13.99 16.19 -0.82
CA LEU A 31 14.06 16.07 0.62
C LEU A 31 12.93 16.84 1.30
N LYS A 32 12.59 18.00 0.73
CA LYS A 32 11.53 18.83 1.27
C LYS A 32 10.19 18.51 0.61
N ASP A 33 10.14 17.36 -0.07
CA ASP A 33 8.91 16.93 -0.75
C ASP A 33 8.55 15.50 -0.38
N ARG A 34 9.37 14.90 0.47
CA ARG A 34 9.14 13.52 0.91
C ARG A 34 7.93 13.45 1.85
N HIS A 35 7.83 14.42 2.75
CA HIS A 35 6.72 14.47 3.70
C HIS A 35 5.63 15.41 3.21
N ASP A 36 4.41 14.89 3.09
CA ASP A 36 3.28 15.68 2.63
C ASP A 36 1.95 15.03 3.05
N PHE A 37 1.89 13.71 2.93
CA PHE A 37 0.68 12.98 3.29
C PHE A 37 0.52 12.91 4.80
N GLY A 38 1.51 12.30 5.46
CA GLY A 38 1.45 12.18 6.91
C GLY A 38 0.30 11.33 7.38
N PHE A 39 0.41 10.02 7.17
CA PHE A 39 -0.65 9.09 7.57
C PHE A 39 -0.51 8.72 9.05
N PRO A 40 -1.62 8.85 9.79
CA PRO A 40 -1.66 8.54 11.22
C PRO A 40 -1.53 7.05 11.49
N GLN A 41 -0.29 6.57 11.62
CA GLN A 41 -0.04 5.15 11.87
C GLN A 41 -0.58 4.74 13.23
N GLU A 42 -0.88 5.73 14.07
CA GLU A 42 -1.41 5.48 15.41
C GLU A 42 -2.86 4.99 15.34
N GLU A 43 -3.66 5.67 14.52
CA GLU A 43 -5.07 5.31 14.37
C GLU A 43 -5.25 4.34 13.21
N PHE A 44 -4.32 4.36 12.27
CA PHE A 44 -4.37 3.48 11.10
C PHE A 44 -3.74 2.12 11.42
N GLY A 45 -2.97 2.07 12.51
CA GLY A 45 -2.34 0.83 12.90
C GLY A 45 -3.31 -0.19 13.43
N ASN A 46 -4.03 -0.86 12.52
CA ASN A 46 -5.01 -1.86 12.91
C ASN A 46 -5.03 -3.01 11.90
N GLN A 47 -3.85 -3.47 11.49
CA GLN A 47 -3.74 -4.55 10.53
C GLN A 47 -3.78 -5.90 11.23
N PHE A 48 -4.04 -5.88 12.53
CA PHE A 48 -4.11 -7.11 13.32
C PHE A 48 -5.55 -7.59 13.46
N GLN A 49 -6.43 -7.04 12.64
CA GLN A 49 -7.84 -7.40 12.68
C GLN A 49 -8.19 -8.36 11.53
N LYS A 50 -9.21 -9.18 11.75
CA LYS A 50 -9.64 -10.14 10.74
C LYS A 50 -10.67 -9.51 9.80
N ALA A 51 -11.82 -9.14 10.36
CA ALA A 51 -12.88 -8.53 9.56
C ALA A 51 -12.79 -7.00 9.61
N GLU A 52 -11.84 -6.49 10.39
CA GLU A 52 -11.65 -5.06 10.51
C GLU A 52 -10.48 -4.59 9.65
N THR A 53 -9.70 -5.54 9.16
CA THR A 53 -8.54 -5.22 8.32
C THR A 53 -8.88 -5.37 6.85
N ILE A 54 -10.05 -5.93 6.57
CA ILE A 54 -10.49 -6.13 5.19
C ILE A 54 -10.57 -4.81 4.43
N PRO A 55 -11.08 -3.77 5.11
CA PRO A 55 -11.22 -2.43 4.53
C PRO A 55 -9.87 -1.75 4.32
N VAL A 56 -9.08 -1.67 5.38
CA VAL A 56 -7.77 -1.05 5.31
C VAL A 56 -6.85 -1.79 4.35
N LEU A 57 -6.85 -3.11 4.44
CA LEU A 57 -6.03 -3.95 3.58
C LEU A 57 -6.45 -3.79 2.12
N HIS A 58 -7.69 -4.17 1.82
CA HIS A 58 -8.21 -4.06 0.46
C HIS A 58 -7.93 -2.68 -0.13
N GLU A 59 -8.25 -1.64 0.64
CA GLU A 59 -8.04 -0.27 0.18
C GLU A 59 -6.58 -0.04 -0.18
N MET A 60 -5.68 -0.51 0.66
CA MET A 60 -4.25 -0.37 0.42
C MET A 60 -3.87 -0.91 -0.95
N ILE A 61 -4.01 -2.23 -1.12
CA ILE A 61 -3.67 -2.88 -2.39
C ILE A 61 -4.52 -2.31 -3.52
N GLN A 62 -5.70 -1.81 -3.18
CA GLN A 62 -6.60 -1.24 -4.18
C GLN A 62 -5.98 0.00 -4.83
N GLN A 63 -5.74 1.03 -4.01
CA GLN A 63 -5.15 2.27 -4.50
C GLN A 63 -3.91 1.99 -5.34
N ILE A 64 -3.13 1.00 -4.92
CA ILE A 64 -1.91 0.63 -5.64
C ILE A 64 -2.24 0.00 -6.99
N PHE A 65 -3.33 -0.74 -7.04
CA PHE A 65 -3.75 -1.41 -8.27
C PHE A 65 -4.16 -0.38 -9.32
N ASN A 66 -4.83 0.68 -8.87
CA ASN A 66 -5.28 1.74 -9.77
C ASN A 66 -4.10 2.54 -10.32
N LEU A 67 -3.22 2.97 -9.42
CA LEU A 67 -2.06 3.74 -9.81
C LEU A 67 -1.18 2.95 -10.78
N PHE A 68 -1.03 1.66 -10.52
CA PHE A 68 -0.23 0.79 -11.36
C PHE A 68 -1.02 0.32 -12.58
N SER A 69 -2.32 0.59 -12.56
CA SER A 69 -3.20 0.18 -13.65
C SER A 69 -3.03 1.11 -14.86
N THR A 70 -2.36 2.24 -14.63
CA THR A 70 -2.13 3.21 -15.69
C THR A 70 -0.74 3.03 -16.32
N LYS A 71 -0.48 3.79 -17.38
CA LYS A 71 0.82 3.71 -18.06
C LYS A 71 1.86 4.56 -17.33
N ASP A 72 1.39 5.59 -16.64
CA ASP A 72 2.29 6.47 -15.91
C ASP A 72 3.24 5.68 -15.02
N SER A 73 2.70 4.67 -14.33
CA SER A 73 3.51 3.84 -13.45
C SER A 73 4.57 3.08 -14.24
N SER A 74 4.14 2.42 -15.31
CA SER A 74 5.07 1.66 -16.15
C SER A 74 6.15 2.56 -16.74
N ALA A 75 5.88 3.86 -16.76
CA ALA A 75 6.83 4.83 -17.29
C ALA A 75 7.60 5.51 -16.16
N ALA A 76 7.38 5.05 -14.94
CA ALA A 76 8.05 5.61 -13.78
C ALA A 76 9.12 4.67 -13.25
N TRP A 77 8.85 3.37 -13.31
CA TRP A 77 9.80 2.36 -12.84
C TRP A 77 9.98 1.26 -13.87
N ASP A 78 10.87 0.33 -13.59
CA ASP A 78 11.13 -0.78 -14.50
C ASP A 78 9.84 -1.48 -14.90
N GLU A 79 9.55 -1.47 -16.20
CA GLU A 79 8.33 -2.10 -16.71
C GLU A 79 8.24 -3.55 -16.27
N THR A 80 9.37 -4.26 -16.34
CA THR A 80 9.41 -5.66 -15.94
C THR A 80 9.01 -5.83 -14.48
N LEU A 81 9.78 -5.23 -13.58
CA LEU A 81 9.50 -5.32 -12.15
C LEU A 81 8.06 -4.88 -11.85
N LEU A 82 7.66 -3.76 -12.43
CA LEU A 82 6.31 -3.23 -12.23
C LEU A 82 5.26 -4.23 -12.70
N ASP A 83 5.46 -4.77 -13.91
CA ASP A 83 4.53 -5.74 -14.46
C ASP A 83 4.24 -6.86 -13.48
N LYS A 84 5.28 -7.60 -13.11
CA LYS A 84 5.14 -8.70 -12.17
C LYS A 84 4.66 -8.20 -10.80
N PHE A 85 5.21 -7.07 -10.38
CA PHE A 85 4.84 -6.47 -9.09
C PHE A 85 3.35 -6.17 -9.05
N TYR A 86 2.93 -5.16 -9.79
CA TYR A 86 1.53 -4.77 -9.83
C TYR A 86 0.63 -5.96 -10.11
N THR A 87 1.14 -6.90 -10.90
CA THR A 87 0.39 -8.10 -11.24
C THR A 87 0.06 -8.92 -10.00
N GLU A 88 1.05 -9.12 -9.15
CA GLU A 88 0.87 -9.88 -7.92
C GLU A 88 -0.22 -9.26 -7.05
N LEU A 89 -0.17 -7.94 -6.90
CA LEU A 89 -1.15 -7.23 -6.10
C LEU A 89 -2.55 -7.43 -6.64
N TYR A 90 -2.69 -7.38 -7.96
CA TYR A 90 -3.99 -7.56 -8.60
C TYR A 90 -4.66 -8.85 -8.12
N GLN A 91 -3.96 -9.96 -8.30
CA GLN A 91 -4.49 -11.26 -7.89
C GLN A 91 -4.54 -11.37 -6.37
N GLN A 92 -3.66 -10.63 -5.70
CA GLN A 92 -3.61 -10.65 -4.24
C GLN A 92 -4.87 -10.04 -3.64
N LEU A 93 -5.14 -8.78 -3.98
CA LEU A 93 -6.32 -8.08 -3.47
C LEU A 93 -7.59 -8.83 -3.86
N ASN A 94 -7.65 -9.30 -5.11
CA ASN A 94 -8.81 -10.02 -5.61
C ASN A 94 -9.11 -11.24 -4.73
N ASP A 95 -8.09 -12.06 -4.51
CA ASP A 95 -8.24 -13.27 -3.69
C ASP A 95 -8.44 -12.90 -2.22
N LEU A 96 -7.45 -12.20 -1.65
CA LEU A 96 -7.52 -11.79 -0.26
C LEU A 96 -8.87 -11.18 0.07
N GLU A 97 -9.30 -10.23 -0.75
CA GLU A 97 -10.59 -9.57 -0.56
C GLU A 97 -11.72 -10.58 -0.53
N ALA A 98 -11.90 -11.28 -1.65
CA ALA A 98 -12.96 -12.29 -1.74
C ALA A 98 -12.89 -13.29 -0.60
N CYS A 99 -11.73 -13.36 0.04
CA CYS A 99 -11.52 -14.27 1.16
C CYS A 99 -12.31 -13.81 2.39
N VAL A 100 -12.05 -12.58 2.82
CA VAL A 100 -12.73 -12.02 3.98
C VAL A 100 -14.08 -11.43 3.59
N ILE A 101 -14.11 -10.68 2.50
CA ILE A 101 -15.33 -10.06 2.01
C ILE A 101 -16.48 -11.08 1.98
N GLN A 102 -16.26 -12.18 1.28
CA GLN A 102 -17.29 -13.22 1.18
C GLN A 102 -17.74 -13.68 2.56
N GLY A 103 -18.97 -14.19 2.64
CA GLY A 103 -19.50 -14.65 3.90
C GLY A 103 -18.78 -15.88 4.41
N VAL A 104 -17.95 -16.48 3.57
CA VAL A 104 -17.19 -17.67 3.94
C VAL A 104 -16.45 -17.47 5.26
N GLY A 105 -16.08 -16.22 5.53
CA GLY A 105 -15.37 -15.90 6.76
C GLY A 105 -16.14 -14.95 7.65
N VAL A 106 -15.86 -13.66 7.52
CA VAL A 106 -16.53 -12.64 8.32
C VAL A 106 -16.53 -11.29 7.62
N THR A 107 -17.68 -10.45 7.85
CA THR A 107 -17.84 -9.14 7.25
C THR A 107 -17.79 -8.07 8.33
N GLU A 108 -17.72 -6.81 7.92
CA GLU A 108 -17.66 -5.70 8.88
C GLU A 108 -18.75 -4.67 8.58
N THR A 109 -18.92 -3.71 9.48
CA THR A 109 -19.92 -2.67 9.32
C THR A 109 -19.27 -1.34 8.95
N PRO A 110 -20.06 -0.45 8.33
CA PRO A 110 -19.59 0.88 7.92
C PRO A 110 -19.33 1.79 9.10
N LEU A 111 -19.71 1.34 10.29
CA LEU A 111 -19.51 2.12 11.51
C LEU A 111 -18.02 2.29 11.82
N MET A 112 -17.33 1.16 11.95
CA MET A 112 -15.91 1.17 12.24
C MET A 112 -15.09 1.47 10.98
N LYS A 113 -15.72 1.29 9.82
CA LYS A 113 -15.06 1.54 8.55
C LYS A 113 -14.89 3.04 8.30
N GLU A 114 -15.66 3.85 9.02
CA GLU A 114 -15.59 5.29 8.88
C GLU A 114 -14.17 5.80 9.12
N ASP A 115 -13.47 5.15 10.05
CA ASP A 115 -12.10 5.52 10.38
C ASP A 115 -11.11 4.89 9.40
N SER A 116 -11.13 3.56 9.33
CA SER A 116 -10.24 2.83 8.44
C SER A 116 -10.33 3.37 7.01
N ILE A 117 -11.54 3.37 6.47
CA ILE A 117 -11.77 3.86 5.11
C ILE A 117 -11.30 5.30 4.96
N LEU A 118 -11.49 6.09 6.01
CA LEU A 118 -11.08 7.49 5.99
C LEU A 118 -9.58 7.62 5.83
N ALA A 119 -8.83 6.91 6.67
CA ALA A 119 -7.38 6.93 6.62
C ALA A 119 -6.86 6.48 5.26
N VAL A 120 -7.15 5.24 4.91
CA VAL A 120 -6.72 4.69 3.63
C VAL A 120 -7.07 5.62 2.48
N ARG A 121 -8.29 6.17 2.51
CA ARG A 121 -8.75 7.08 1.47
C ARG A 121 -7.87 8.32 1.40
N LYS A 122 -7.75 9.02 2.53
CA LYS A 122 -6.93 10.23 2.60
C LYS A 122 -5.55 9.98 2.01
N TYR A 123 -4.99 8.82 2.28
CA TYR A 123 -3.67 8.46 1.78
C TYR A 123 -3.67 8.40 0.25
N PHE A 124 -4.45 7.48 -0.30
CA PHE A 124 -4.54 7.32 -1.75
C PHE A 124 -4.91 8.63 -2.42
N GLN A 125 -5.99 9.25 -1.95
CA GLN A 125 -6.45 10.52 -2.51
C GLN A 125 -5.29 11.52 -2.59
N ARG A 126 -4.62 11.74 -1.47
CA ARG A 126 -3.51 12.68 -1.41
C ARG A 126 -2.36 12.20 -2.30
N ILE A 127 -2.18 10.89 -2.39
CA ILE A 127 -1.13 10.32 -3.21
C ILE A 127 -1.33 10.63 -4.68
N THR A 128 -2.44 10.13 -5.24
CA THR A 128 -2.75 10.36 -6.64
C THR A 128 -2.88 11.86 -6.94
N LEU A 129 -3.53 12.58 -6.03
CA LEU A 129 -3.72 14.01 -6.20
C LEU A 129 -2.39 14.75 -6.21
N TYR A 130 -1.55 14.45 -5.22
CA TYR A 130 -0.24 15.07 -5.12
C TYR A 130 0.53 14.94 -6.42
N LEU A 131 0.82 13.71 -6.81
CA LEU A 131 1.55 13.44 -8.05
C LEU A 131 0.83 14.03 -9.25
N LYS A 132 -0.50 14.05 -9.19
CA LYS A 132 -1.31 14.58 -10.27
C LYS A 132 -1.06 16.09 -10.44
N GLU A 133 -0.95 16.78 -9.31
CA GLU A 133 -0.72 18.23 -9.33
C GLU A 133 0.69 18.54 -9.82
N LYS A 134 1.63 17.63 -9.55
CA LYS A 134 3.02 17.81 -9.96
C LYS A 134 3.21 17.36 -11.40
N LYS A 135 2.11 17.03 -12.07
CA LYS A 135 2.16 16.57 -13.45
C LYS A 135 2.93 15.25 -13.58
N TYR A 136 2.76 14.39 -12.58
CA TYR A 136 3.43 13.10 -12.58
C TYR A 136 4.93 13.27 -12.77
N SER A 137 5.45 14.41 -12.35
CA SER A 137 6.88 14.70 -12.47
C SER A 137 7.71 13.56 -11.90
N PRO A 138 9.03 13.60 -12.16
CA PRO A 138 9.96 12.58 -11.68
C PRO A 138 10.16 12.62 -10.16
N CYS A 139 9.74 13.73 -9.56
CA CYS A 139 9.87 13.90 -8.12
C CYS A 139 8.63 13.38 -7.40
N ALA A 140 7.46 13.64 -7.97
CA ALA A 140 6.20 13.19 -7.39
C ALA A 140 6.20 11.68 -7.17
N TRP A 141 6.39 10.94 -8.25
CA TRP A 141 6.41 9.49 -8.19
C TRP A 141 7.35 9.00 -7.10
N GLU A 142 8.50 9.67 -6.96
CA GLU A 142 9.49 9.31 -5.96
C GLU A 142 8.89 9.40 -4.56
N VAL A 143 8.32 10.56 -4.24
CA VAL A 143 7.72 10.78 -2.94
C VAL A 143 6.64 9.74 -2.64
N VAL A 144 5.70 9.59 -3.57
CA VAL A 144 4.61 8.63 -3.42
C VAL A 144 5.15 7.24 -3.09
N ARG A 145 6.16 6.81 -3.84
CA ARG A 145 6.77 5.50 -3.61
C ARG A 145 7.32 5.38 -2.20
N ALA A 146 8.13 6.36 -1.81
CA ALA A 146 8.73 6.36 -0.47
C ALA A 146 7.66 6.14 0.60
N GLU A 147 6.63 6.98 0.59
CA GLU A 147 5.55 6.87 1.56
C GLU A 147 4.86 5.51 1.46
N ILE A 148 4.77 4.99 0.24
CA ILE A 148 4.13 3.71 0.01
C ILE A 148 4.88 2.59 0.73
N MET A 149 6.20 2.61 0.65
CA MET A 149 7.02 1.60 1.31
C MET A 149 6.96 1.75 2.82
N ARG A 150 7.18 2.95 3.31
CA ARG A 150 7.14 3.22 4.74
C ARG A 150 5.79 2.85 5.33
N SER A 151 4.73 3.38 4.74
CA SER A 151 3.37 3.11 5.21
C SER A 151 3.07 1.61 5.16
N PHE A 152 3.40 0.99 4.03
CA PHE A 152 3.16 -0.44 3.86
C PHE A 152 3.92 -1.26 4.90
N SER A 153 5.24 -1.09 4.91
CA SER A 153 6.09 -1.81 5.86
C SER A 153 5.66 -1.53 7.29
N LEU A 154 5.26 -0.29 7.55
CA LEU A 154 4.82 0.11 8.88
C LEU A 154 3.53 -0.60 9.27
N SER A 155 2.49 -0.42 8.46
CA SER A 155 1.21 -1.04 8.72
C SER A 155 1.36 -2.54 8.98
N THR A 156 2.13 -3.20 8.12
CA THR A 156 2.36 -4.64 8.25
C THR A 156 3.23 -4.94 9.46
N ASN A 157 4.11 -4.00 9.79
CA ASN A 157 5.00 -4.18 10.94
C ASN A 157 4.55 -3.34 12.12
N LEU A 158 3.31 -3.56 12.55
CA LEU A 158 2.74 -2.81 13.67
C LEU A 158 2.96 -3.57 14.98
N GLN A 159 2.59 -4.85 14.98
CA GLN A 159 2.75 -5.68 16.17
C GLN A 159 4.10 -6.38 16.17
N GLU A 160 4.73 -6.45 15.00
CA GLU A 160 6.03 -7.11 14.87
C GLU A 160 5.95 -8.56 15.31
N SER A 161 4.95 -9.26 14.82
CA SER A 161 4.76 -10.67 15.17
C SER A 161 4.79 -11.55 13.93
N LEU A 162 5.42 -11.04 12.87
CA LEU A 162 5.52 -11.78 11.61
C LEU A 162 6.93 -12.33 11.42
N ARG A 163 7.88 -11.45 11.15
CA ARG A 163 9.27 -11.85 10.94
C ARG A 163 10.22 -10.97 11.75
N SER A 164 11.30 -11.55 12.23
CA SER A 164 12.28 -10.81 13.02
C SER A 164 13.70 -11.05 12.49
N LYS A 165 14.51 -9.99 12.48
CA LYS A 165 15.87 -10.08 12.00
C LYS A 165 16.72 -10.95 12.92
N GLU A 166 16.43 -10.89 14.22
CA GLU A 166 17.16 -11.68 15.20
C GLU A 166 16.34 -12.88 15.65
O5 A2G B . -21.88 -7.33 7.59
C1 A2G B . -20.93 -8.04 8.37
C2 A2G B . -21.49 -8.56 9.71
N2 A2G B . -20.41 -9.29 10.42
C3 A2G B . -22.77 -9.39 9.43
O3 A2G B . -23.56 -9.66 10.60
C4 A2G B . -23.72 -8.65 8.48
O4 A2G B . -24.26 -7.55 9.16
C5 A2G B . -23.01 -8.14 7.22
C6 A2G B . -23.98 -7.21 6.51
O6 A2G B . -25.09 -7.84 6.30
C7 A2G B . -20.61 -10.40 11.20
O7 A2G B . -20.80 -10.34 12.41
C8 A2G B . -20.58 -11.70 10.45
H1 A2G B . -20.21 -7.45 8.55
H2 A2G B . -21.75 -7.72 10.37
HN2 A2G B . -19.65 -8.68 10.72
H3 A2G B . -22.50 -10.38 9.03
HO3 A2G B . -23.32 -10.55 10.93
H4 A2G B . -24.45 -9.22 8.25
HO4 A2G B . -24.99 -7.84 9.72
H5 A2G B . -22.78 -8.82 6.61
H61 A2G B . -23.56 -6.90 5.56
H81 A2G B . -21.53 -12.22 10.61
H82 A2G B . -19.76 -12.35 10.79
H83 A2G B . -20.44 -11.50 9.39
H62 A2G B . -24.18 -6.34 7.13
HO6 A2G B . -25.56 -7.73 5.47
N CYS A 2 -10.11 -13.62 6.07
CA CYS A 2 -8.85 -14.24 5.67
C CYS A 2 -7.68 -13.29 5.87
N ASP A 3 -7.60 -12.71 7.07
CA ASP A 3 -6.53 -11.78 7.39
C ASP A 3 -5.29 -12.52 7.90
N LEU A 4 -4.83 -13.48 7.11
CA LEU A 4 -3.66 -14.28 7.48
C LEU A 4 -2.39 -13.67 6.88
N PRO A 5 -1.23 -14.04 7.45
CA PRO A 5 0.07 -13.56 6.99
C PRO A 5 0.45 -14.12 5.64
N GLN A 6 -0.35 -13.81 4.62
CA GLN A 6 -0.09 -14.29 3.27
C GLN A 6 0.99 -13.46 2.59
N THR A 7 0.81 -12.14 2.61
CA THR A 7 1.76 -11.22 1.99
C THR A 7 2.57 -10.48 3.04
N HIS A 8 2.27 -10.74 4.30
CA HIS A 8 2.97 -10.10 5.41
C HIS A 8 4.20 -10.91 5.81
N SER A 9 4.16 -12.21 5.56
CA SER A 9 5.26 -13.09 5.90
C SER A 9 6.38 -13.00 4.85
N LEU A 10 6.08 -13.47 3.65
CA LEU A 10 7.05 -13.44 2.55
C LEU A 10 6.87 -12.19 1.69
N GLY A 11 5.62 -11.76 1.55
CA GLY A 11 5.33 -10.58 0.75
C GLY A 11 5.96 -9.33 1.32
N SER A 12 6.08 -9.27 2.64
CA SER A 12 6.67 -8.12 3.31
C SER A 12 8.08 -7.86 2.80
N ARG A 13 8.96 -8.84 2.98
CA ARG A 13 10.34 -8.72 2.53
C ARG A 13 10.43 -8.70 1.01
N ARG A 14 9.76 -9.65 0.37
CA ARG A 14 9.77 -9.75 -1.08
C ARG A 14 9.34 -8.43 -1.71
N THR A 15 8.14 -7.98 -1.38
CA THR A 15 7.62 -6.72 -1.91
C THR A 15 8.54 -5.56 -1.58
N LEU A 16 8.97 -5.50 -0.33
CA LEU A 16 9.87 -4.42 0.11
C LEU A 16 11.13 -4.38 -0.75
N MET A 17 11.82 -5.50 -0.86
CA MET A 17 13.03 -5.59 -1.66
C MET A 17 12.78 -5.11 -3.09
N LEU A 18 11.90 -5.84 -3.79
CA LEU A 18 11.58 -5.49 -5.17
C LEU A 18 11.17 -4.03 -5.28
N LEU A 19 10.15 -3.65 -4.51
CA LEU A 19 9.66 -2.27 -4.52
C LEU A 19 10.79 -1.29 -4.27
N ALA A 20 11.82 -1.74 -3.54
CA ALA A 20 12.97 -0.90 -3.24
C ALA A 20 13.89 -0.75 -4.44
N GLN A 21 14.08 -1.86 -5.16
CA GLN A 21 14.94 -1.86 -6.34
C GLN A 21 14.17 -1.39 -7.58
N MET A 22 12.86 -1.27 -7.43
CA MET A 22 12.02 -0.83 -8.54
C MET A 22 12.06 0.69 -8.70
N ARG A 23 12.23 1.39 -7.58
CA ARG A 23 12.28 2.85 -7.60
C ARG A 23 13.72 3.33 -7.79
N LYS A 24 14.01 3.88 -8.97
CA LYS A 24 15.33 4.38 -9.28
C LYS A 24 15.33 5.90 -9.39
N ILE A 25 15.81 6.56 -8.34
CA ILE A 25 15.86 8.02 -8.31
C ILE A 25 16.86 8.51 -7.27
N SER A 26 17.01 9.84 -7.18
CA SER A 26 17.93 10.44 -6.22
C SER A 26 17.19 11.31 -5.22
N LEU A 27 17.37 11.01 -3.94
CA LEU A 27 16.71 11.77 -2.87
C LEU A 27 17.10 13.24 -2.93
N PHE A 28 18.29 13.51 -3.48
CA PHE A 28 18.78 14.88 -3.59
C PHE A 28 18.34 15.50 -4.91
N SER A 29 17.51 14.79 -5.65
CA SER A 29 17.02 15.27 -6.94
C SER A 29 15.67 15.97 -6.78
N CYS A 30 15.04 15.77 -5.62
CA CYS A 30 13.75 16.39 -5.34
C CYS A 30 13.63 16.74 -3.86
N LEU A 31 14.34 17.79 -3.45
CA LEU A 31 14.31 18.22 -2.06
C LEU A 31 13.13 19.16 -1.81
N LYS A 32 12.68 19.84 -2.86
CA LYS A 32 11.56 20.76 -2.76
C LYS A 32 10.25 20.05 -3.01
N ASP A 33 10.31 18.89 -3.67
CA ASP A 33 9.12 18.11 -3.96
C ASP A 33 8.93 16.99 -2.93
N ARG A 34 9.76 17.02 -1.88
CA ARG A 34 9.69 16.01 -0.84
C ARG A 34 8.49 16.25 0.08
N HIS A 35 7.74 15.20 0.36
CA HIS A 35 6.56 15.30 1.21
C HIS A 35 6.31 13.98 1.95
N ASP A 36 5.40 14.02 2.91
CA ASP A 36 5.07 12.83 3.70
C ASP A 36 3.59 12.79 4.02
N PHE A 37 2.91 11.74 3.56
CA PHE A 37 1.48 11.58 3.80
C PHE A 37 1.23 10.76 5.07
N GLY A 38 2.02 11.03 6.11
CA GLY A 38 1.87 10.32 7.36
C GLY A 38 0.42 10.14 7.76
N PHE A 39 -0.07 8.91 7.69
CA PHE A 39 -1.46 8.61 8.04
C PHE A 39 -1.62 8.49 9.55
N PRO A 40 -2.85 8.73 10.03
CA PRO A 40 -3.17 8.65 11.47
C PRO A 40 -3.12 7.23 11.99
N GLN A 41 -1.93 6.73 12.29
CA GLN A 41 -1.76 5.37 12.79
C GLN A 41 -2.60 5.16 14.05
N GLU A 42 -2.93 6.26 14.73
CA GLU A 42 -3.73 6.19 15.95
C GLU A 42 -5.09 5.56 15.66
N GLU A 43 -5.75 6.04 14.62
CA GLU A 43 -7.06 5.53 14.24
C GLU A 43 -6.94 4.42 13.19
N PHE A 44 -5.84 4.44 12.44
CA PHE A 44 -5.61 3.46 11.41
C PHE A 44 -5.12 2.14 12.01
N GLY A 45 -4.62 2.21 13.25
CA GLY A 45 -4.14 1.02 13.91
C GLY A 45 -5.23 0.00 14.17
N ASN A 46 -5.41 -0.37 15.42
CA ASN A 46 -6.43 -1.35 15.79
C ASN A 46 -6.46 -2.50 14.80
N GLN A 47 -5.28 -2.95 14.39
CA GLN A 47 -5.17 -4.05 13.44
C GLN A 47 -5.07 -5.39 14.16
N PHE A 48 -5.83 -5.54 15.24
CA PHE A 48 -5.82 -6.77 16.02
C PHE A 48 -6.87 -7.75 15.52
N GLN A 49 -7.81 -7.24 14.72
CA GLN A 49 -8.88 -8.06 14.18
C GLN A 49 -8.62 -8.40 12.71
N LYS A 50 -9.11 -9.55 12.27
CA LYS A 50 -8.93 -9.99 10.90
C LYS A 50 -9.97 -9.35 9.98
N ALA A 51 -11.20 -9.25 10.47
CA ALA A 51 -12.28 -8.65 9.70
C ALA A 51 -12.21 -7.13 9.75
N GLU A 52 -11.24 -6.61 10.49
CA GLU A 52 -11.06 -5.17 10.62
C GLU A 52 -9.93 -4.66 9.72
N THR A 53 -9.18 -5.60 9.16
CA THR A 53 -8.07 -5.27 8.28
C THR A 53 -8.49 -5.34 6.81
N ILE A 54 -9.69 -5.84 6.56
CA ILE A 54 -10.21 -5.96 5.21
C ILE A 54 -10.26 -4.60 4.52
N PRO A 55 -10.71 -3.58 5.26
CA PRO A 55 -10.83 -2.22 4.73
C PRO A 55 -9.47 -1.57 4.50
N VAL A 56 -8.62 -1.59 5.52
CA VAL A 56 -7.28 -1.02 5.43
C VAL A 56 -6.44 -1.76 4.40
N LEU A 57 -6.47 -3.08 4.46
CA LEU A 57 -5.71 -3.91 3.53
C LEU A 57 -6.19 -3.71 2.09
N HIS A 58 -7.44 -4.05 1.84
CA HIS A 58 -8.02 -3.90 0.51
C HIS A 58 -7.74 -2.50 -0.05
N GLU A 59 -8.04 -1.49 0.75
CA GLU A 59 -7.82 -0.11 0.34
C GLU A 59 -6.36 0.12 -0.07
N MET A 60 -5.44 -0.42 0.72
CA MET A 60 -4.02 -0.28 0.45
C MET A 60 -3.67 -0.83 -0.94
N ILE A 61 -3.81 -2.13 -1.10
CA ILE A 61 -3.52 -2.78 -2.37
C ILE A 61 -4.36 -2.18 -3.50
N GLN A 62 -5.52 -1.65 -3.14
CA GLN A 62 -6.42 -1.05 -4.12
C GLN A 62 -5.78 0.18 -4.76
N GLN A 63 -5.50 1.19 -3.94
CA GLN A 63 -4.89 2.42 -4.44
C GLN A 63 -3.65 2.11 -5.29
N ILE A 64 -2.90 1.10 -4.87
CA ILE A 64 -1.70 0.71 -5.59
C ILE A 64 -2.04 0.11 -6.95
N PHE A 65 -3.16 -0.60 -7.01
CA PHE A 65 -3.61 -1.23 -8.25
C PHE A 65 -4.02 -0.18 -9.27
N ASN A 66 -4.69 0.87 -8.81
CA ASN A 66 -5.14 1.95 -9.68
C ASN A 66 -3.96 2.72 -10.24
N LEU A 67 -3.02 3.08 -9.37
CA LEU A 67 -1.83 3.83 -9.78
C LEU A 67 -1.02 3.04 -10.79
N PHE A 68 -0.77 1.78 -10.48
CA PHE A 68 0.02 0.91 -11.36
C PHE A 68 -0.83 0.47 -12.55
N SER A 69 -2.12 0.77 -12.51
CA SER A 69 -3.03 0.39 -13.59
C SER A 69 -2.86 1.31 -14.79
N THR A 70 -2.15 2.42 -14.58
CA THR A 70 -1.92 3.39 -15.64
C THR A 70 -0.54 3.20 -16.26
N LYS A 71 -0.30 3.87 -17.38
CA LYS A 71 0.98 3.78 -18.07
C LYS A 71 2.02 4.69 -17.43
N ASP A 72 1.55 5.71 -16.72
CA ASP A 72 2.43 6.65 -16.05
C ASP A 72 3.30 5.95 -15.02
N SER A 73 2.80 4.83 -14.50
CA SER A 73 3.53 4.05 -13.50
C SER A 73 4.62 3.22 -14.15
N SER A 74 4.24 2.39 -15.11
CA SER A 74 5.19 1.53 -15.80
C SER A 74 6.19 2.35 -16.59
N ALA A 75 5.81 3.59 -16.91
CA ALA A 75 6.68 4.49 -17.66
C ALA A 75 7.58 5.29 -16.72
N ALA A 76 7.38 5.11 -15.42
CA ALA A 76 8.18 5.82 -14.42
C ALA A 76 9.28 4.92 -13.86
N TRP A 77 9.01 3.62 -13.81
CA TRP A 77 9.97 2.66 -13.29
C TRP A 77 10.10 1.46 -14.23
N ASP A 78 11.00 0.54 -13.89
CA ASP A 78 11.21 -0.65 -14.70
C ASP A 78 9.89 -1.36 -15.00
N GLU A 79 9.55 -1.45 -16.28
CA GLU A 79 8.31 -2.09 -16.69
C GLU A 79 8.28 -3.54 -16.24
N THR A 80 9.45 -4.18 -16.23
CA THR A 80 9.55 -5.58 -15.83
C THR A 80 9.14 -5.76 -14.37
N LEU A 81 9.87 -5.13 -13.46
CA LEU A 81 9.57 -5.22 -12.03
C LEU A 81 8.14 -4.77 -11.75
N LEU A 82 7.77 -3.61 -12.31
CA LEU A 82 6.44 -3.07 -12.12
C LEU A 82 5.37 -4.04 -12.60
N ASP A 83 5.58 -4.61 -13.79
CA ASP A 83 4.64 -5.56 -14.36
C ASP A 83 4.34 -6.69 -13.37
N LYS A 84 5.36 -7.45 -13.01
CA LYS A 84 5.21 -8.55 -12.08
C LYS A 84 4.73 -8.06 -10.72
N PHE A 85 5.22 -6.89 -10.31
CA PHE A 85 4.84 -6.30 -9.04
C PHE A 85 3.34 -6.00 -8.99
N TYR A 86 2.92 -5.01 -9.75
CA TYR A 86 1.51 -4.63 -9.80
C TYR A 86 0.63 -5.84 -10.09
N THR A 87 1.16 -6.76 -10.88
CA THR A 87 0.42 -7.97 -11.25
C THR A 87 0.08 -8.80 -10.01
N GLU A 88 1.07 -9.01 -9.15
CA GLU A 88 0.88 -9.78 -7.93
C GLU A 88 -0.21 -9.17 -7.06
N LEU A 89 -0.16 -7.85 -6.90
CA LEU A 89 -1.14 -7.13 -6.10
C LEU A 89 -2.54 -7.32 -6.66
N TYR A 90 -2.67 -7.24 -7.98
CA TYR A 90 -3.95 -7.40 -8.65
C TYR A 90 -4.64 -8.68 -8.18
N GLN A 91 -3.98 -9.81 -8.38
CA GLN A 91 -4.53 -11.10 -7.99
C GLN A 91 -4.62 -11.22 -6.47
N GLN A 92 -3.71 -10.54 -5.78
CA GLN A 92 -3.68 -10.57 -4.33
C GLN A 92 -4.94 -9.94 -3.74
N LEU A 93 -5.14 -8.66 -4.02
CA LEU A 93 -6.31 -7.94 -3.52
C LEU A 93 -7.60 -8.64 -3.95
N ASN A 94 -7.64 -9.07 -5.21
CA ASN A 94 -8.81 -9.75 -5.74
C ASN A 94 -9.19 -10.96 -4.87
N ASP A 95 -8.22 -11.84 -4.64
CA ASP A 95 -8.44 -13.02 -3.84
C ASP A 95 -8.63 -12.66 -2.37
N LEU A 96 -7.61 -12.03 -1.79
CA LEU A 96 -7.66 -11.62 -0.39
C LEU A 96 -8.99 -10.95 -0.06
N GLU A 97 -9.32 -9.91 -0.83
CA GLU A 97 -10.57 -9.19 -0.61
C GLU A 97 -11.76 -10.13 -0.65
N ALA A 98 -11.96 -10.79 -1.79
CA ALA A 98 -13.07 -11.73 -1.94
C ALA A 98 -13.05 -12.79 -0.85
N CYS A 99 -11.90 -12.94 -0.19
CA CYS A 99 -11.75 -13.92 0.87
C CYS A 99 -12.45 -13.45 2.14
N VAL A 100 -12.11 -12.26 2.59
CA VAL A 100 -12.71 -11.69 3.80
C VAL A 100 -14.05 -11.04 3.49
N ILE A 101 -14.10 -10.26 2.41
CA ILE A 101 -15.32 -9.59 2.00
C ILE A 101 -16.50 -10.55 1.98
N GLN A 102 -16.36 -11.64 1.23
CA GLN A 102 -17.41 -12.64 1.13
C GLN A 102 -17.80 -13.16 2.50
N GLY A 103 -18.92 -13.88 2.56
CA GLY A 103 -19.38 -14.44 3.82
C GLY A 103 -18.67 -15.73 4.18
N VAL A 104 -17.74 -16.14 3.33
CA VAL A 104 -16.99 -17.37 3.57
C VAL A 104 -16.24 -17.32 4.90
N GLY A 105 -15.99 -16.11 5.38
CA GLY A 105 -15.30 -15.95 6.64
C GLY A 105 -15.99 -14.98 7.57
N VAL A 106 -15.49 -13.75 7.62
CA VAL A 106 -16.07 -12.72 8.49
C VAL A 106 -16.11 -11.36 7.77
N THR A 107 -17.23 -10.51 8.11
CA THR A 107 -17.43 -9.20 7.53
C THR A 107 -17.45 -8.13 8.63
N GLU A 108 -17.34 -6.87 8.24
CA GLU A 108 -17.33 -5.78 9.20
C GLU A 108 -18.39 -4.73 8.85
N THR A 109 -18.82 -3.96 9.84
CA THR A 109 -19.81 -2.93 9.63
C THR A 109 -19.19 -1.64 9.11
N PRO A 110 -19.97 -0.86 8.35
CA PRO A 110 -19.51 0.40 7.77
C PRO A 110 -19.30 1.48 8.84
N LEU A 111 -19.62 1.14 10.08
CA LEU A 111 -19.47 2.08 11.19
C LEU A 111 -18.02 2.13 11.67
N MET A 112 -17.44 0.97 11.93
CA MET A 112 -16.06 0.89 12.39
C MET A 112 -15.09 1.11 11.23
N LYS A 113 -15.49 0.68 10.04
CA LYS A 113 -14.66 0.83 8.86
C LYS A 113 -14.41 2.31 8.54
N GLU A 114 -15.23 3.18 9.13
CA GLU A 114 -15.09 4.61 8.92
C GLU A 114 -13.68 5.08 9.21
N ASP A 115 -13.16 4.70 10.38
CA ASP A 115 -11.81 5.07 10.78
C ASP A 115 -10.77 4.53 9.79
N SER A 116 -10.74 3.21 9.65
CA SER A 116 -9.80 2.58 8.73
C SER A 116 -9.90 3.17 7.33
N ILE A 117 -11.09 3.11 6.76
CA ILE A 117 -11.32 3.64 5.42
C ILE A 117 -10.88 5.10 5.33
N LEU A 118 -11.17 5.87 6.36
CA LEU A 118 -10.80 7.28 6.40
C LEU A 118 -9.29 7.45 6.24
N ALA A 119 -8.52 6.69 7.02
CA ALA A 119 -7.08 6.75 6.95
C ALA A 119 -6.57 6.40 5.56
N VAL A 120 -6.83 5.18 5.12
CA VAL A 120 -6.41 4.72 3.80
C VAL A 120 -6.85 5.69 2.72
N ARG A 121 -8.08 6.17 2.83
CA ARG A 121 -8.64 7.11 1.85
C ARG A 121 -7.77 8.36 1.76
N LYS A 122 -7.46 8.95 2.90
CA LYS A 122 -6.64 10.16 2.95
C LYS A 122 -5.29 9.92 2.29
N TYR A 123 -4.67 8.77 2.62
CA TYR A 123 -3.38 8.43 2.06
C TYR A 123 -3.41 8.40 0.53
N PHE A 124 -4.21 7.50 -0.02
CA PHE A 124 -4.34 7.36 -1.46
C PHE A 124 -4.78 8.69 -2.08
N GLN A 125 -5.73 9.36 -1.43
CA GLN A 125 -6.24 10.63 -1.93
C GLN A 125 -5.11 11.64 -2.06
N ARG A 126 -4.40 11.88 -0.97
CA ARG A 126 -3.29 12.83 -0.97
C ARG A 126 -2.18 12.38 -1.90
N ILE A 127 -2.00 11.06 -2.01
CA ILE A 127 -0.98 10.49 -2.87
C ILE A 127 -1.27 10.78 -4.34
N THR A 128 -2.38 10.24 -4.84
CA THR A 128 -2.78 10.43 -6.22
C THR A 128 -2.95 11.91 -6.55
N LEU A 129 -3.55 12.64 -5.61
CA LEU A 129 -3.78 14.08 -5.80
C LEU A 129 -2.46 14.83 -5.92
N TYR A 130 -1.53 14.54 -5.00
CA TYR A 130 -0.22 15.18 -5.01
C TYR A 130 0.47 15.00 -6.35
N LEU A 131 0.75 13.76 -6.71
CA LEU A 131 1.40 13.45 -7.97
C LEU A 131 0.61 13.99 -9.15
N LYS A 132 -0.72 14.02 -9.00
CA LYS A 132 -1.60 14.52 -10.05
C LYS A 132 -1.35 16.01 -10.30
N GLU A 133 -1.19 16.77 -9.21
CA GLU A 133 -0.96 18.20 -9.32
C GLU A 133 0.42 18.48 -9.91
N LYS A 134 1.35 17.58 -9.68
CA LYS A 134 2.71 17.72 -10.20
C LYS A 134 2.81 17.19 -11.62
N LYS A 135 1.66 16.93 -12.24
CA LYS A 135 1.63 16.42 -13.60
C LYS A 135 2.39 15.10 -13.72
N TYR A 136 2.29 14.29 -12.67
CA TYR A 136 2.95 12.99 -12.65
C TYR A 136 4.44 13.15 -12.95
N SER A 137 4.99 14.32 -12.64
CA SER A 137 6.40 14.60 -12.88
C SER A 137 7.27 13.48 -12.32
N PRO A 138 8.56 13.49 -12.69
CA PRO A 138 9.53 12.50 -12.23
C PRO A 138 9.85 12.62 -10.75
N CYS A 139 9.40 13.73 -10.15
CA CYS A 139 9.64 13.97 -8.74
C CYS A 139 8.51 13.41 -7.88
N ALA A 140 7.28 13.66 -8.31
CA ALA A 140 6.10 13.17 -7.60
C ALA A 140 6.18 11.66 -7.37
N TRP A 141 6.29 10.92 -8.46
CA TRP A 141 6.38 9.46 -8.38
C TRP A 141 7.39 9.02 -7.34
N GLU A 142 8.53 9.70 -7.32
CA GLU A 142 9.59 9.38 -6.36
C GLU A 142 9.08 9.54 -4.92
N VAL A 143 8.58 10.72 -4.61
CA VAL A 143 8.07 10.99 -3.27
C VAL A 143 6.97 10.00 -2.88
N VAL A 144 6.03 9.79 -3.80
CA VAL A 144 4.94 8.85 -3.55
C VAL A 144 5.45 7.46 -3.22
N ARG A 145 6.49 7.04 -3.92
CA ARG A 145 7.08 5.72 -3.71
C ARG A 145 7.64 5.62 -2.30
N ALA A 146 8.54 6.53 -1.94
CA ALA A 146 9.16 6.54 -0.63
C ALA A 146 8.10 6.42 0.47
N GLU A 147 7.13 7.32 0.44
CA GLU A 147 6.06 7.32 1.43
C GLU A 147 5.32 5.99 1.43
N ILE A 148 5.07 5.45 0.25
CA ILE A 148 4.37 4.18 0.10
C ILE A 148 5.06 3.09 0.92
N MET A 149 6.38 3.03 0.82
CA MET A 149 7.15 2.04 1.55
C MET A 149 7.05 2.25 3.05
N ARG A 150 7.24 3.50 3.48
CA ARG A 150 7.16 3.85 4.89
C ARG A 150 5.84 3.38 5.49
N SER A 151 4.74 3.81 4.90
CA SER A 151 3.41 3.46 5.38
C SER A 151 3.22 1.94 5.37
N PHE A 152 3.62 1.30 4.27
CA PHE A 152 3.50 -0.14 4.13
C PHE A 152 4.09 -0.85 5.35
N SER A 153 5.29 -0.44 5.74
CA SER A 153 5.98 -1.04 6.87
C SER A 153 5.21 -0.78 8.16
N LEU A 154 4.78 0.46 8.36
CA LEU A 154 4.03 0.84 9.55
C LEU A 154 2.82 -0.06 9.74
N SER A 155 2.07 -0.26 8.67
CA SER A 155 0.87 -1.10 8.71
C SER A 155 1.25 -2.55 9.03
N THR A 156 2.27 -3.05 8.36
CA THR A 156 2.72 -4.42 8.56
C THR A 156 3.37 -4.58 9.93
N ASN A 157 3.70 -3.47 10.56
CA ASN A 157 4.33 -3.48 11.88
C ASN A 157 3.55 -4.38 12.84
N LEU A 158 2.26 -4.09 13.00
CA LEU A 158 1.40 -4.86 13.89
C LEU A 158 1.36 -6.33 13.46
N GLN A 159 1.73 -6.58 12.21
CA GLN A 159 1.74 -7.95 11.69
C GLN A 159 3.15 -8.52 11.69
N GLU A 160 4.11 -7.73 12.14
CA GLU A 160 5.50 -8.16 12.20
C GLU A 160 5.61 -9.55 12.81
N SER A 161 4.75 -9.83 13.78
CA SER A 161 4.75 -11.13 14.45
C SER A 161 4.45 -12.26 13.47
N LEU A 162 5.51 -12.85 12.93
CA LEU A 162 5.36 -13.94 11.97
C LEU A 162 6.49 -14.96 12.12
N ARG A 163 7.70 -14.55 11.78
CA ARG A 163 8.87 -15.42 11.89
C ARG A 163 9.61 -15.18 13.19
N SER A 164 9.99 -16.26 13.86
CA SER A 164 10.71 -16.17 15.12
C SER A 164 11.92 -15.25 14.99
N LYS A 165 12.34 -14.67 16.12
CA LYS A 165 13.49 -13.77 16.14
C LYS A 165 14.29 -13.93 17.42
N GLU A 166 15.23 -14.87 17.42
CA GLU A 166 16.06 -15.13 18.59
C GLU A 166 16.71 -13.84 19.08
O5 A2G B . -21.37 -7.42 7.65
C1 A2G B . -20.63 -8.25 8.53
C2 A2G B . -21.51 -8.84 9.67
N2 A2G B . -20.63 -9.70 10.52
C3 A2G B . -22.72 -9.57 9.04
O3 A2G B . -23.76 -9.88 9.98
C4 A2G B . -23.40 -8.70 7.97
O4 A2G B . -24.04 -7.63 8.63
C5 A2G B . -22.41 -8.13 6.96
C6 A2G B . -23.17 -7.09 6.14
O6 A2G B . -24.20 -7.64 5.58
C7 A2G B . -20.96 -10.97 10.91
O7 A2G B . -22.03 -11.27 11.41
C8 A2G B . -19.87 -11.99 10.68
H1 A2G B . -19.95 -7.72 8.93
H2 A2G B . -21.87 -8.05 10.33
HN2 A2G B . -20.09 -9.16 11.19
H3 A2G B . -22.41 -10.53 8.60
HO3 A2G B . -23.68 -9.25 10.74
H4 A2G B . -24.08 -9.20 7.54
HO4 A2G B . -23.38 -7.08 9.08
H5 A2G B . -22.08 -8.76 6.35
H61 A2G B . -22.51 -6.67 5.37
H81 A2G B . -19.75 -12.15 9.61
H82 A2G B . -20.09 -12.93 11.17
H83 A2G B . -18.93 -11.60 11.10
H62 A2G B . -23.50 -6.28 6.80
HO6 A2G B . -24.89 -7.09 5.21
N CYS A 2 -9.02 -13.11 6.38
CA CYS A 2 -7.71 -13.41 5.80
C CYS A 2 -6.66 -12.41 6.27
N ASP A 3 -6.87 -11.84 7.46
CA ASP A 3 -5.95 -10.87 8.03
C ASP A 3 -4.61 -11.52 8.35
N LEU A 4 -4.59 -12.84 8.37
CA LEU A 4 -3.37 -13.59 8.68
C LEU A 4 -2.19 -13.05 7.89
N PRO A 5 -0.98 -13.27 8.40
CA PRO A 5 0.26 -12.82 7.75
C PRO A 5 0.56 -13.59 6.48
N GLN A 6 -0.27 -13.39 5.46
CA GLN A 6 -0.10 -14.07 4.19
C GLN A 6 0.98 -13.39 3.35
N THR A 7 0.85 -12.07 3.19
CA THR A 7 1.81 -11.30 2.41
C THR A 7 2.71 -10.47 3.31
N HIS A 8 2.42 -10.48 4.61
CA HIS A 8 3.21 -9.73 5.58
C HIS A 8 4.40 -10.55 6.06
N SER A 9 4.36 -11.85 5.80
CA SER A 9 5.44 -12.75 6.20
C SER A 9 6.53 -12.79 5.14
N LEU A 10 6.19 -13.33 3.97
CA LEU A 10 7.15 -13.43 2.87
C LEU A 10 7.02 -12.24 1.93
N GLY A 11 5.80 -11.75 1.75
CA GLY A 11 5.56 -10.62 0.89
C GLY A 11 6.15 -9.32 1.44
N SER A 12 6.32 -9.28 2.76
CA SER A 12 6.86 -8.09 3.41
C SER A 12 8.26 -7.77 2.88
N ARG A 13 9.17 -8.74 3.02
CA ARG A 13 10.54 -8.56 2.55
C ARG A 13 10.59 -8.47 1.03
N ARG A 14 9.91 -9.39 0.36
CA ARG A 14 9.89 -9.42 -1.09
C ARG A 14 9.39 -8.09 -1.65
N THR A 15 8.17 -7.71 -1.26
CA THR A 15 7.58 -6.46 -1.72
C THR A 15 8.46 -5.27 -1.38
N LEU A 16 8.86 -5.19 -0.11
CA LEU A 16 9.73 -4.10 0.35
C LEU A 16 10.99 -4.01 -0.48
N MET A 17 11.81 -5.07 -0.43
CA MET A 17 13.06 -5.12 -1.19
C MET A 17 12.82 -4.71 -2.64
N LEU A 18 12.02 -5.49 -3.34
CA LEU A 18 11.72 -5.21 -4.75
C LEU A 18 11.29 -3.76 -4.93
N LEU A 19 10.25 -3.36 -4.21
CA LEU A 19 9.74 -2.00 -4.30
C LEU A 19 10.85 -0.99 -4.04
N ALA A 20 11.86 -1.40 -3.30
CA ALA A 20 12.99 -0.53 -2.98
C ALA A 20 13.97 -0.45 -4.15
N GLN A 21 14.19 -1.59 -4.80
CA GLN A 21 15.11 -1.65 -5.92
C GLN A 21 14.40 -1.25 -7.22
N MET A 22 13.09 -1.10 -7.14
CA MET A 22 12.29 -0.71 -8.31
C MET A 22 12.29 0.80 -8.50
N ARG A 23 12.35 1.52 -7.38
CA ARG A 23 12.36 2.99 -7.42
C ARG A 23 13.78 3.52 -7.60
N LYS A 24 14.06 4.05 -8.79
CA LYS A 24 15.38 4.61 -9.09
C LYS A 24 15.32 6.13 -9.19
N ILE A 25 15.76 6.80 -8.12
CA ILE A 25 15.78 8.25 -8.10
C ILE A 25 16.72 8.77 -7.03
N SER A 26 16.81 10.10 -6.92
CA SER A 26 17.69 10.72 -5.93
C SER A 26 16.89 11.27 -4.76
N LEU A 27 17.27 10.86 -3.55
CA LEU A 27 16.58 11.31 -2.34
C LEU A 27 16.62 12.82 -2.22
N PHE A 28 17.57 13.45 -2.90
CA PHE A 28 17.71 14.90 -2.87
C PHE A 28 16.92 15.55 -4.02
N SER A 29 16.20 14.71 -4.76
CA SER A 29 15.40 15.20 -5.88
C SER A 29 14.26 16.08 -5.39
N CYS A 30 13.74 15.77 -4.21
CA CYS A 30 12.64 16.54 -3.64
C CYS A 30 12.65 16.42 -2.11
N LEU A 31 13.37 17.32 -1.45
CA LEU A 31 13.45 17.31 0.00
C LEU A 31 12.27 18.06 0.62
N LYS A 32 11.91 19.18 0.02
CA LYS A 32 10.79 19.98 0.50
C LYS A 32 9.46 19.29 0.23
N ASP A 33 9.46 18.38 -0.74
CA ASP A 33 8.26 17.63 -1.09
C ASP A 33 8.32 16.20 -0.55
N ARG A 34 9.38 15.90 0.18
CA ARG A 34 9.57 14.57 0.75
C ARG A 34 8.31 14.11 1.48
N HIS A 35 7.90 14.87 2.48
CA HIS A 35 6.72 14.54 3.27
C HIS A 35 5.62 15.58 3.06
N ASP A 36 4.40 15.10 2.83
CA ASP A 36 3.27 15.99 2.62
C ASP A 36 1.98 15.39 3.18
N PHE A 37 1.77 14.11 2.91
CA PHE A 37 0.58 13.41 3.39
C PHE A 37 0.60 13.31 4.91
N GLY A 38 1.59 12.61 5.45
CA GLY A 38 1.68 12.45 6.89
C GLY A 38 0.56 11.64 7.47
N PHE A 39 0.50 10.36 7.10
CA PHE A 39 -0.55 9.47 7.59
C PHE A 39 -0.40 9.23 9.09
N PRO A 40 -1.48 9.49 9.84
CA PRO A 40 -1.50 9.30 11.29
C PRO A 40 -1.46 7.82 11.69
N GLN A 41 -0.27 7.24 11.63
CA GLN A 41 -0.09 5.84 11.99
C GLN A 41 -0.52 5.58 13.43
N GLU A 42 -0.58 6.65 14.22
CA GLU A 42 -0.97 6.54 15.63
C GLU A 42 -2.43 6.09 15.74
N GLU A 43 -3.30 6.73 14.97
CA GLU A 43 -4.72 6.40 14.98
C GLU A 43 -5.05 5.36 13.91
N PHE A 44 -4.27 5.35 12.85
CA PHE A 44 -4.48 4.41 11.75
C PHE A 44 -3.93 3.03 12.11
N GLY A 45 -3.09 2.97 13.13
CA GLY A 45 -2.51 1.72 13.55
C GLY A 45 -3.56 0.74 14.07
N ASN A 46 -4.13 -0.04 13.17
CA ASN A 46 -5.16 -1.01 13.54
C ASN A 46 -5.30 -2.09 12.47
N GLN A 47 -4.16 -2.59 12.00
CA GLN A 47 -4.16 -3.64 10.97
C GLN A 47 -4.18 -5.03 11.61
N PHE A 48 -4.43 -5.07 12.91
CA PHE A 48 -4.47 -6.34 13.63
C PHE A 48 -5.91 -6.88 13.71
N GLN A 49 -6.78 -6.31 12.88
CA GLN A 49 -8.18 -6.75 12.85
C GLN A 49 -8.41 -7.77 11.74
N LYS A 50 -9.41 -8.63 11.95
CA LYS A 50 -9.73 -9.67 10.97
C LYS A 50 -10.72 -9.14 9.93
N ALA A 51 -11.92 -8.79 10.38
CA ALA A 51 -12.94 -8.27 9.50
C ALA A 51 -12.92 -6.74 9.46
N GLU A 52 -12.04 -6.15 10.27
CA GLU A 52 -11.93 -4.70 10.34
C GLU A 52 -10.73 -4.21 9.54
N THR A 53 -9.87 -5.14 9.14
CA THR A 53 -8.69 -4.81 8.36
C THR A 53 -8.92 -5.03 6.87
N ILE A 54 -10.07 -5.62 6.54
CA ILE A 54 -10.41 -5.90 5.16
C ILE A 54 -10.48 -4.60 4.34
N PRO A 55 -11.06 -3.55 4.95
CA PRO A 55 -11.19 -2.24 4.30
C PRO A 55 -9.85 -1.54 4.14
N VAL A 56 -9.13 -1.39 5.24
CA VAL A 56 -7.82 -0.74 5.23
C VAL A 56 -6.83 -1.51 4.37
N LEU A 57 -6.82 -2.82 4.53
CA LEU A 57 -5.91 -3.68 3.76
C LEU A 57 -6.25 -3.62 2.27
N HIS A 58 -7.45 -4.05 1.92
CA HIS A 58 -7.90 -4.05 0.54
C HIS A 58 -7.65 -2.69 -0.11
N GLU A 59 -8.07 -1.63 0.58
CA GLU A 59 -7.90 -0.27 0.07
C GLU A 59 -6.43 0.01 -0.26
N MET A 60 -5.54 -0.35 0.67
CA MET A 60 -4.12 -0.14 0.47
C MET A 60 -3.64 -0.80 -0.81
N ILE A 61 -3.66 -2.13 -0.83
CA ILE A 61 -3.23 -2.89 -2.00
C ILE A 61 -3.96 -2.42 -3.26
N GLN A 62 -5.24 -2.09 -3.10
CA GLN A 62 -6.06 -1.64 -4.23
C GLN A 62 -5.44 -0.40 -4.86
N GLN A 63 -5.24 0.65 -4.07
CA GLN A 63 -4.66 1.89 -4.56
C GLN A 63 -3.39 1.62 -5.35
N ILE A 64 -2.61 0.64 -4.90
CA ILE A 64 -1.36 0.29 -5.57
C ILE A 64 -1.63 -0.32 -6.94
N PHE A 65 -2.69 -1.12 -7.03
CA PHE A 65 -3.07 -1.76 -8.28
C PHE A 65 -3.53 -0.73 -9.32
N ASN A 66 -4.33 0.22 -8.87
CA ASN A 66 -4.83 1.27 -9.75
C ASN A 66 -3.69 2.09 -10.34
N LEU A 67 -2.74 2.45 -9.50
CA LEU A 67 -1.58 3.24 -9.93
C LEU A 67 -0.72 2.43 -10.90
N PHE A 68 -0.39 1.21 -10.52
CA PHE A 68 0.43 0.33 -11.34
C PHE A 68 -0.37 -0.20 -12.53
N SER A 69 -1.66 0.08 -12.54
CA SER A 69 -2.55 -0.38 -13.60
C SER A 69 -2.40 0.51 -14.84
N THR A 70 -1.73 1.64 -14.67
CA THR A 70 -1.52 2.58 -15.77
C THR A 70 -0.13 2.39 -16.39
N LYS A 71 0.11 3.11 -17.48
CA LYS A 71 1.40 3.02 -18.18
C LYS A 71 2.43 3.91 -17.50
N ASP A 72 1.96 4.95 -16.81
CA ASP A 72 2.86 5.87 -16.12
C ASP A 72 3.83 5.10 -15.22
N SER A 73 3.32 4.08 -14.55
CA SER A 73 4.15 3.28 -13.64
C SER A 73 5.13 2.42 -14.44
N SER A 74 4.61 1.64 -15.38
CA SER A 74 5.44 0.77 -16.21
C SER A 74 6.49 1.58 -16.96
N ALA A 75 6.22 2.86 -17.15
CA ALA A 75 7.14 3.75 -17.85
C ALA A 75 7.97 4.57 -16.87
N ALA A 76 7.60 4.51 -15.59
CA ALA A 76 8.32 5.25 -14.56
C ALA A 76 9.45 4.42 -13.98
N TRP A 77 9.24 3.12 -13.90
CA TRP A 77 10.25 2.21 -13.36
C TRP A 77 10.42 0.98 -14.25
N ASP A 78 11.36 0.12 -13.90
CA ASP A 78 11.62 -1.10 -14.66
C ASP A 78 10.33 -1.87 -14.90
N GLU A 79 9.99 -2.06 -16.18
CA GLU A 79 8.78 -2.78 -16.54
C GLU A 79 8.79 -4.19 -15.95
N THR A 80 9.98 -4.78 -15.87
CA THR A 80 10.12 -6.12 -15.31
C THR A 80 9.72 -6.17 -13.85
N LEU A 81 10.44 -5.41 -13.02
CA LEU A 81 10.16 -5.37 -11.59
C LEU A 81 8.71 -4.94 -11.33
N LEU A 82 8.28 -3.90 -12.03
CA LEU A 82 6.92 -3.40 -11.88
C LEU A 82 5.89 -4.46 -12.28
N ASP A 83 6.14 -5.12 -13.41
CA ASP A 83 5.24 -6.15 -13.90
C ASP A 83 4.99 -7.20 -12.83
N LYS A 84 6.05 -7.89 -12.42
CA LYS A 84 5.95 -8.92 -11.40
C LYS A 84 5.42 -8.35 -10.09
N PHE A 85 5.83 -7.13 -9.77
CA PHE A 85 5.39 -6.46 -8.55
C PHE A 85 3.88 -6.26 -8.55
N TYR A 86 3.41 -5.34 -9.39
CA TYR A 86 1.99 -5.05 -9.49
C TYR A 86 1.19 -6.33 -9.72
N THR A 87 1.80 -7.28 -10.44
CA THR A 87 1.14 -8.55 -10.74
C THR A 87 0.81 -9.30 -9.47
N GLU A 88 1.77 -9.37 -8.55
CA GLU A 88 1.58 -10.07 -7.28
C GLU A 88 0.42 -9.48 -6.50
N LEU A 89 0.42 -8.15 -6.38
CA LEU A 89 -0.64 -7.45 -5.65
C LEU A 89 -2.01 -7.73 -6.28
N TYR A 90 -2.04 -7.81 -7.60
CA TYR A 90 -3.28 -8.07 -8.32
C TYR A 90 -3.95 -9.34 -7.81
N GLN A 91 -3.24 -10.46 -7.92
CA GLN A 91 -3.76 -11.74 -7.48
C GLN A 91 -3.93 -11.76 -5.96
N GLN A 92 -2.89 -11.33 -5.25
CA GLN A 92 -2.92 -11.30 -3.79
C GLN A 92 -4.15 -10.55 -3.28
N LEU A 93 -4.28 -9.29 -3.69
CA LEU A 93 -5.41 -8.46 -3.28
C LEU A 93 -6.73 -9.10 -3.69
N ASN A 94 -6.72 -9.77 -4.84
CA ASN A 94 -7.92 -10.43 -5.35
C ASN A 94 -8.36 -11.55 -4.41
N ASP A 95 -7.43 -12.45 -4.10
CA ASP A 95 -7.73 -13.58 -3.22
C ASP A 95 -7.95 -13.10 -1.78
N LEU A 96 -6.96 -12.39 -1.25
CA LEU A 96 -7.04 -11.87 0.12
C LEU A 96 -8.37 -11.16 0.35
N GLU A 97 -8.81 -10.41 -0.65
CA GLU A 97 -10.07 -9.67 -0.56
C GLU A 97 -11.26 -10.62 -0.52
N ALA A 98 -11.44 -11.39 -1.60
CA ALA A 98 -12.53 -12.34 -1.68
C ALA A 98 -12.54 -13.28 -0.48
N CYS A 99 -11.39 -13.38 0.19
CA CYS A 99 -11.26 -14.25 1.36
C CYS A 99 -12.11 -13.73 2.51
N VAL A 100 -11.86 -12.49 2.91
CA VAL A 100 -12.60 -11.88 4.01
C VAL A 100 -13.91 -11.27 3.52
N ILE A 101 -13.86 -10.59 2.38
CA ILE A 101 -15.04 -9.98 1.80
C ILE A 101 -16.21 -10.95 1.75
N GLN A 102 -15.98 -12.10 1.11
CA GLN A 102 -17.02 -13.12 1.00
C GLN A 102 -17.57 -13.50 2.37
N GLY A 103 -18.86 -13.82 2.42
CA GLY A 103 -19.49 -14.19 3.67
C GLY A 103 -18.88 -15.45 4.28
N VAL A 104 -18.13 -16.18 3.47
CA VAL A 104 -17.50 -17.42 3.92
C VAL A 104 -16.71 -17.19 5.20
N GLY A 105 -16.20 -15.97 5.37
CA GLY A 105 -15.44 -15.64 6.56
C GLY A 105 -16.18 -14.69 7.49
N VAL A 106 -15.79 -13.41 7.45
CA VAL A 106 -16.42 -12.40 8.28
C VAL A 106 -16.43 -11.04 7.59
N THR A 107 -17.49 -10.14 7.98
CA THR A 107 -17.66 -8.81 7.43
C THR A 107 -18.04 -7.82 8.53
N GLU A 108 -17.77 -6.54 8.30
CA GLU A 108 -18.09 -5.52 9.30
C GLU A 108 -18.93 -4.41 8.66
N THR A 109 -19.45 -3.52 9.51
CA THR A 109 -20.28 -2.41 9.05
C THR A 109 -19.43 -1.18 8.75
N PRO A 110 -19.99 -0.26 7.94
CA PRO A 110 -19.29 0.98 7.57
C PRO A 110 -19.17 1.95 8.73
N LEU A 111 -19.83 1.61 9.84
CA LEU A 111 -19.78 2.46 11.03
C LEU A 111 -18.37 2.52 11.61
N MET A 112 -17.82 1.35 11.92
CA MET A 112 -16.48 1.28 12.48
C MET A 112 -15.43 1.57 11.42
N LYS A 113 -15.84 1.50 10.15
CA LYS A 113 -14.93 1.76 9.05
C LYS A 113 -14.78 3.27 8.81
N GLU A 114 -15.72 4.04 9.36
CA GLU A 114 -15.68 5.49 9.20
C GLU A 114 -14.29 6.04 9.51
N ASP A 115 -13.60 5.41 10.46
CA ASP A 115 -12.27 5.83 10.84
C ASP A 115 -11.21 5.23 9.91
N SER A 116 -11.18 3.90 9.84
CA SER A 116 -10.22 3.20 8.99
C SER A 116 -10.29 3.72 7.56
N ILE A 117 -11.47 3.65 6.96
CA ILE A 117 -11.66 4.12 5.60
C ILE A 117 -11.22 5.57 5.44
N LEU A 118 -11.57 6.40 6.41
CA LEU A 118 -11.20 7.81 6.39
C LEU A 118 -9.70 7.98 6.20
N ALA A 119 -8.93 7.38 7.10
CA ALA A 119 -7.48 7.46 7.04
C ALA A 119 -6.96 6.93 5.70
N VAL A 120 -7.23 5.67 5.43
CA VAL A 120 -6.79 5.03 4.19
C VAL A 120 -7.15 5.89 2.98
N ARG A 121 -8.45 6.14 2.81
CA ARG A 121 -8.92 6.95 1.69
C ARG A 121 -8.15 8.26 1.59
N LYS A 122 -8.01 8.95 2.72
CA LYS A 122 -7.29 10.21 2.76
C LYS A 122 -5.90 10.07 2.15
N TYR A 123 -5.22 8.98 2.49
CA TYR A 123 -3.88 8.72 1.98
C TYR A 123 -3.90 8.55 0.46
N PHE A 124 -4.64 7.55 -0.01
CA PHE A 124 -4.75 7.28 -1.44
C PHE A 124 -5.19 8.52 -2.20
N GLN A 125 -6.31 9.09 -1.78
CA GLN A 125 -6.85 10.30 -2.41
C GLN A 125 -5.77 11.35 -2.59
N ARG A 126 -5.12 11.72 -1.49
CA ARG A 126 -4.06 12.73 -1.52
C ARG A 126 -2.89 12.24 -2.37
N ILE A 127 -2.62 10.94 -2.32
CA ILE A 127 -1.53 10.35 -3.08
C ILE A 127 -1.76 10.51 -4.58
N THR A 128 -2.81 9.86 -5.08
CA THR A 128 -3.14 9.92 -6.50
C THR A 128 -3.36 11.35 -6.95
N LEU A 129 -4.08 12.13 -6.13
CA LEU A 129 -4.36 13.52 -6.45
C LEU A 129 -3.08 14.34 -6.53
N TYR A 130 -2.21 14.16 -5.55
CA TYR A 130 -0.94 14.88 -5.51
C TYR A 130 -0.16 14.66 -6.80
N LEU A 131 0.23 13.41 -7.06
CA LEU A 131 0.98 13.07 -8.26
C LEU A 131 0.22 13.48 -9.52
N LYS A 132 -1.11 13.43 -9.44
CA LYS A 132 -1.95 13.79 -10.58
C LYS A 132 -1.80 15.27 -10.91
N GLU A 133 -1.70 16.10 -9.87
CA GLU A 133 -1.55 17.54 -10.06
C GLU A 133 -0.16 17.88 -10.58
N LYS A 134 0.82 17.05 -10.23
CA LYS A 134 2.19 17.25 -10.66
C LYS A 134 2.44 16.62 -12.03
N LYS A 135 1.36 16.20 -12.68
CA LYS A 135 1.45 15.57 -14.00
C LYS A 135 2.33 14.33 -13.94
N TYR A 136 2.21 13.57 -12.86
CA TYR A 136 2.98 12.35 -12.68
C TYR A 136 4.48 12.62 -12.86
N SER A 137 4.88 13.85 -12.54
CA SER A 137 6.28 14.24 -12.67
C SER A 137 7.20 13.22 -12.01
N PRO A 138 8.51 13.36 -12.25
CA PRO A 138 9.52 12.46 -11.68
C PRO A 138 9.69 12.65 -10.18
N CYS A 139 9.17 13.76 -9.66
CA CYS A 139 9.26 14.06 -8.24
C CYS A 139 8.04 13.53 -7.50
N ALA A 140 6.87 13.64 -8.12
CA ALA A 140 5.63 13.18 -7.52
C ALA A 140 5.72 11.70 -7.16
N TRP A 141 6.04 10.87 -8.15
CA TRP A 141 6.16 9.44 -7.93
C TRP A 141 7.04 9.13 -6.72
N GLU A 142 8.09 9.93 -6.54
CA GLU A 142 9.01 9.76 -5.43
C GLU A 142 8.29 9.93 -4.10
N VAL A 143 7.70 11.11 -3.89
CA VAL A 143 7.00 11.41 -2.66
C VAL A 143 5.98 10.32 -2.34
N VAL A 144 5.21 9.92 -3.34
CA VAL A 144 4.19 8.88 -3.17
C VAL A 144 4.84 7.55 -2.75
N ARG A 145 5.90 7.18 -3.44
CA ARG A 145 6.61 5.94 -3.14
C ARG A 145 7.04 5.90 -1.68
N ALA A 146 7.75 6.94 -1.24
CA ALA A 146 8.22 7.03 0.13
C ALA A 146 7.09 6.80 1.12
N GLU A 147 6.01 7.58 0.97
CA GLU A 147 4.86 7.46 1.86
C GLU A 147 4.25 6.06 1.76
N ILE A 148 4.38 5.45 0.59
CA ILE A 148 3.83 4.12 0.36
C ILE A 148 4.60 3.06 1.16
N MET A 149 5.93 3.14 1.11
CA MET A 149 6.78 2.20 1.82
C MET A 149 6.60 2.34 3.33
N ARG A 150 6.51 3.58 3.80
CA ARG A 150 6.34 3.85 5.22
C ARG A 150 4.99 3.34 5.71
N SER A 151 3.92 3.75 5.03
CA SER A 151 2.57 3.34 5.40
C SER A 151 2.45 1.82 5.39
N PHE A 152 2.95 1.20 4.34
CA PHE A 152 2.90 -0.26 4.21
C PHE A 152 3.75 -0.93 5.28
N SER A 153 5.05 -0.61 5.28
CA SER A 153 5.98 -1.18 6.25
C SER A 153 5.45 -1.00 7.67
N LEU A 154 4.88 0.16 7.95
CA LEU A 154 4.35 0.45 9.27
C LEU A 154 3.08 -0.36 9.54
N SER A 155 2.13 -0.27 8.62
CA SER A 155 0.87 -1.00 8.75
C SER A 155 1.11 -2.46 9.09
N THR A 156 2.18 -3.02 8.52
CA THR A 156 2.53 -4.41 8.76
C THR A 156 3.42 -4.56 9.99
N ASN A 157 4.19 -3.51 10.28
CA ASN A 157 5.07 -3.52 11.43
C ASN A 157 4.31 -3.27 12.72
N LEU A 158 3.40 -4.18 13.04
CA LEU A 158 2.58 -4.06 14.25
C LEU A 158 3.19 -4.88 15.39
N GLN A 159 3.49 -6.14 15.11
CA GLN A 159 4.08 -7.03 16.11
C GLN A 159 5.59 -7.12 15.94
N GLU A 160 6.07 -6.81 14.74
CA GLU A 160 7.49 -6.86 14.45
C GLU A 160 8.04 -8.26 14.67
N SER A 161 7.16 -9.26 14.62
CA SER A 161 7.56 -10.64 14.81
C SER A 161 7.23 -11.49 13.58
N LEU A 162 7.06 -10.82 12.45
CA LEU A 162 6.74 -11.50 11.20
C LEU A 162 7.95 -12.27 10.67
N ARG A 163 7.86 -12.75 9.44
CA ARG A 163 8.94 -13.50 8.82
C ARG A 163 9.38 -14.66 9.72
N SER A 164 8.44 -15.18 10.50
CA SER A 164 8.73 -16.28 11.40
C SER A 164 8.49 -17.63 10.72
N LYS A 165 7.49 -17.67 9.85
CA LYS A 165 7.16 -18.89 9.13
C LYS A 165 8.20 -19.20 8.07
N GLU A 166 8.21 -18.40 6.99
CA GLU A 166 9.17 -18.59 5.91
C GLU A 166 10.59 -18.32 6.38
O5 A2G B . -21.80 -7.47 6.54
C1 A2G B . -21.07 -8.07 7.59
C2 A2G B . -21.97 -8.68 8.69
N2 A2G B . -21.09 -9.29 9.72
C3 A2G B . -22.98 -9.65 8.03
O3 A2G B . -24.06 -10.03 8.89
C4 A2G B . -23.66 -9.01 6.80
O4 A2G B . -24.52 -8.01 7.25
C5 A2G B . -22.65 -8.40 5.84
C6 A2G B . -23.45 -7.59 4.82
O6 A2G B . -24.27 -8.36 4.20
C7 A2G B . -21.35 -10.48 10.34
O7 A2G B . -22.44 -10.80 10.77
C8 A2G B . -20.16 -11.39 10.44
H1 A2G B . -20.53 -7.39 7.98
H2 A2G B . -22.53 -7.88 9.20
HN2 A2G B . -20.63 -8.59 10.30
H3 A2G B . -22.47 -10.59 7.75
HO3 A2G B . -23.76 -10.77 9.46
H4 A2G B . -24.20 -9.67 6.37
HO4 A2G B . -24.01 -7.25 7.58
H5 A2G B . -22.15 -9.03 5.34
H61 A2G B . -22.77 -7.13 4.10
H81 A2G B . -19.89 -11.74 9.44
H82 A2G B . -20.35 -12.25 11.09
H83 A2G B . -19.31 -10.82 10.87
H62 A2G B . -24.01 -6.81 5.35
HO6 A2G B . -23.95 -8.95 3.51
N CYS A 2 -10.20 -13.74 5.55
CA CYS A 2 -8.82 -14.18 5.44
C CYS A 2 -7.86 -13.00 5.53
N ASP A 3 -8.01 -12.20 6.58
CA ASP A 3 -7.16 -11.03 6.79
C ASP A 3 -5.83 -11.44 7.40
N LEU A 4 -5.66 -12.73 7.65
CA LEU A 4 -4.44 -13.25 8.24
C LEU A 4 -3.20 -12.66 7.55
N PRO A 5 -2.05 -12.73 8.23
CA PRO A 5 -0.78 -12.22 7.70
C PRO A 5 -0.26 -13.05 6.54
N GLN A 6 -0.95 -12.98 5.41
CA GLN A 6 -0.55 -13.73 4.22
C GLN A 6 0.61 -13.04 3.50
N THR A 7 0.47 -11.74 3.26
CA THR A 7 1.50 -10.97 2.58
C THR A 7 2.29 -10.11 3.58
N HIS A 8 1.89 -10.18 4.85
CA HIS A 8 2.56 -9.41 5.89
C HIS A 8 3.75 -10.19 6.47
N SER A 9 3.72 -11.51 6.30
CA SER A 9 4.79 -12.36 6.81
C SER A 9 5.93 -12.45 5.80
N LEU A 10 5.66 -13.05 4.65
CA LEU A 10 6.66 -13.21 3.60
C LEU A 10 6.59 -12.05 2.61
N GLY A 11 5.38 -11.57 2.36
CA GLY A 11 5.19 -10.47 1.42
C GLY A 11 5.80 -9.18 1.93
N SER A 12 5.87 -9.03 3.25
CA SER A 12 6.44 -7.83 3.86
C SER A 12 7.86 -7.58 3.35
N ARG A 13 8.74 -8.55 3.59
CA ARG A 13 10.13 -8.43 3.16
C ARG A 13 10.23 -8.45 1.64
N ARG A 14 9.64 -9.47 1.03
CA ARG A 14 9.66 -9.62 -0.42
C ARG A 14 9.23 -8.32 -1.10
N THR A 15 8.01 -7.88 -0.80
CA THR A 15 7.47 -6.65 -1.38
C THR A 15 8.37 -5.46 -1.07
N LEU A 16 8.82 -5.38 0.18
CA LEU A 16 9.68 -4.28 0.60
C LEU A 16 10.93 -4.20 -0.26
N MET A 17 11.75 -5.26 -0.21
CA MET A 17 12.98 -5.30 -1.00
C MET A 17 12.71 -4.99 -2.47
N LEU A 18 11.85 -5.80 -3.08
CA LEU A 18 11.50 -5.62 -4.49
C LEU A 18 11.08 -4.17 -4.76
N LEU A 19 10.09 -3.69 -4.00
CA LEU A 19 9.61 -2.33 -4.16
C LEU A 19 10.73 -1.31 -3.94
N ALA A 20 11.75 -1.74 -3.21
CA ALA A 20 12.88 -0.86 -2.92
C ALA A 20 13.86 -0.84 -4.10
N GLN A 21 14.04 -1.99 -4.74
CA GLN A 21 14.94 -2.09 -5.88
C GLN A 21 14.23 -1.69 -7.18
N MET A 22 12.91 -1.58 -7.11
CA MET A 22 12.12 -1.20 -8.27
C MET A 22 12.13 0.31 -8.48
N ARG A 23 12.22 1.05 -7.38
CA ARG A 23 12.24 2.50 -7.44
C ARG A 23 13.65 3.02 -7.73
N LYS A 24 13.82 3.63 -8.91
CA LYS A 24 15.11 4.16 -9.30
C LYS A 24 15.07 5.69 -9.40
N ILE A 25 15.62 6.35 -8.40
CA ILE A 25 15.64 7.81 -8.37
C ILE A 25 16.72 8.32 -7.42
N SER A 26 16.85 9.65 -7.36
CA SER A 26 17.85 10.27 -6.48
C SER A 26 17.19 10.85 -5.23
N LEU A 27 17.66 10.41 -4.07
CA LEU A 27 17.13 10.89 -2.81
C LEU A 27 17.25 12.40 -2.69
N PHE A 28 18.24 12.97 -3.37
CA PHE A 28 18.46 14.40 -3.35
C PHE A 28 17.72 15.09 -4.50
N SER A 29 16.96 14.31 -5.26
CA SER A 29 16.21 14.83 -6.39
C SER A 29 15.07 15.73 -5.91
N CYS A 30 14.59 15.47 -4.70
CA CYS A 30 13.50 16.25 -4.12
C CYS A 30 13.51 16.13 -2.59
N LEU A 31 14.25 17.02 -1.94
CA LEU A 31 14.34 17.02 -0.48
C LEU A 31 13.17 17.80 0.13
N LYS A 32 12.73 18.83 -0.58
CA LYS A 32 11.62 19.66 -0.11
C LYS A 32 10.29 19.17 -0.69
N ASP A 33 10.27 17.92 -1.14
CA ASP A 33 9.06 17.34 -1.70
C ASP A 33 8.60 16.13 -0.89
N ARG A 34 9.54 15.53 -0.17
CA ARG A 34 9.23 14.36 0.65
C ARG A 34 8.35 14.74 1.83
N HIS A 35 7.80 13.74 2.51
CA HIS A 35 6.94 13.97 3.66
C HIS A 35 5.73 14.82 3.27
N ASP A 36 4.59 14.17 3.08
CA ASP A 36 3.36 14.87 2.71
C ASP A 36 2.14 14.09 3.16
N PHE A 37 2.18 12.77 3.01
CA PHE A 37 1.08 11.91 3.40
C PHE A 37 1.37 11.22 4.73
N GLY A 38 1.02 11.89 5.83
CA GLY A 38 1.26 11.32 7.14
C GLY A 38 0.00 10.74 7.76
N PHE A 39 -0.23 9.45 7.51
CA PHE A 39 -1.40 8.77 8.05
C PHE A 39 -1.29 8.58 9.55
N PRO A 40 -2.41 8.77 10.26
CA PRO A 40 -2.46 8.62 11.72
C PRO A 40 -2.30 7.17 12.16
N GLN A 41 -1.07 6.69 12.15
CA GLN A 41 -0.78 5.32 12.56
C GLN A 41 -1.41 5.00 13.91
N GLU A 42 -1.63 6.05 14.71
CA GLU A 42 -2.22 5.88 16.03
C GLU A 42 -3.60 5.23 15.94
N GLU A 43 -4.43 5.75 15.03
CA GLU A 43 -5.77 5.22 14.84
C GLU A 43 -5.80 4.19 13.71
N PHE A 44 -4.89 4.34 12.76
CA PHE A 44 -4.80 3.43 11.62
C PHE A 44 -4.12 2.14 12.02
N GLY A 45 -3.52 2.12 13.21
CA GLY A 45 -2.83 0.94 13.69
C GLY A 45 -3.79 -0.14 14.14
N ASN A 46 -4.64 -0.60 13.23
CA ASN A 46 -5.62 -1.63 13.55
C ASN A 46 -5.59 -2.76 12.51
N GLN A 47 -4.38 -3.09 12.05
CA GLN A 47 -4.21 -4.14 11.06
C GLN A 47 -4.21 -5.52 11.72
N PHE A 48 -4.39 -5.55 13.03
CA PHE A 48 -4.42 -6.79 13.78
C PHE A 48 -5.84 -7.36 13.85
N GLN A 49 -6.75 -6.77 13.08
CA GLN A 49 -8.13 -7.20 13.06
C GLN A 49 -8.38 -8.16 11.90
N LYS A 50 -9.39 -9.01 12.05
CA LYS A 50 -9.73 -9.98 11.00
C LYS A 50 -10.73 -9.39 10.03
N ALA A 51 -11.91 -9.05 10.52
CA ALA A 51 -12.96 -8.46 9.68
C ALA A 51 -12.90 -6.94 9.70
N GLU A 52 -12.00 -6.40 10.52
CA GLU A 52 -11.83 -4.95 10.63
C GLU A 52 -10.63 -4.47 9.81
N THR A 53 -9.81 -5.42 9.37
CA THR A 53 -8.64 -5.10 8.59
C THR A 53 -8.90 -5.27 7.10
N ILE A 54 -10.05 -5.84 6.77
CA ILE A 54 -10.43 -6.06 5.38
C ILE A 54 -10.47 -4.76 4.60
N PRO A 55 -11.01 -3.71 5.24
CA PRO A 55 -11.12 -2.38 4.63
C PRO A 55 -9.77 -1.70 4.46
N VAL A 56 -9.02 -1.60 5.56
CA VAL A 56 -7.71 -0.98 5.54
C VAL A 56 -6.74 -1.76 4.65
N LEU A 57 -6.74 -3.08 4.81
CA LEU A 57 -5.87 -3.94 4.03
C LEU A 57 -6.19 -3.84 2.54
N HIS A 58 -7.42 -4.21 2.17
CA HIS A 58 -7.85 -4.15 0.78
C HIS A 58 -7.59 -2.77 0.18
N GLU A 59 -7.96 -1.73 0.93
CA GLU A 59 -7.76 -0.36 0.47
C GLU A 59 -6.30 -0.11 0.11
N MET A 60 -5.40 -0.58 0.96
CA MET A 60 -3.97 -0.41 0.73
C MET A 60 -3.56 -1.01 -0.61
N ILE A 61 -3.64 -2.33 -0.71
CA ILE A 61 -3.29 -3.03 -1.94
C ILE A 61 -4.07 -2.48 -3.13
N GLN A 62 -5.32 -2.12 -2.88
CA GLN A 62 -6.18 -1.58 -3.94
C GLN A 62 -5.57 -0.32 -4.54
N GLN A 63 -5.28 0.66 -3.70
CA GLN A 63 -4.71 1.92 -4.15
C GLN A 63 -3.49 1.67 -5.04
N ILE A 64 -2.70 0.65 -4.67
CA ILE A 64 -1.51 0.31 -5.43
C ILE A 64 -1.87 -0.28 -6.79
N PHE A 65 -2.97 -1.01 -6.83
CA PHE A 65 -3.43 -1.63 -8.07
C PHE A 65 -3.86 -0.58 -9.08
N ASN A 66 -4.51 0.46 -8.59
CA ASN A 66 -4.98 1.55 -9.46
C ASN A 66 -3.80 2.35 -10.01
N LEU A 67 -2.91 2.76 -9.11
CA LEU A 67 -1.73 3.54 -9.51
C LEU A 67 -0.88 2.76 -10.50
N PHE A 68 -0.73 1.46 -10.26
CA PHE A 68 0.07 0.61 -11.13
C PHE A 68 -0.75 0.13 -12.33
N SER A 69 -2.04 0.43 -12.30
CA SER A 69 -2.94 0.04 -13.38
C SER A 69 -2.78 0.95 -14.58
N THR A 70 -2.11 2.08 -14.38
CA THR A 70 -1.88 3.05 -15.44
C THR A 70 -0.49 2.88 -16.06
N LYS A 71 -0.27 3.53 -17.19
CA LYS A 71 1.02 3.45 -17.88
C LYS A 71 2.03 4.40 -17.24
N ASP A 72 1.53 5.41 -16.54
CA ASP A 72 2.39 6.38 -15.88
C ASP A 72 3.29 5.71 -14.85
N SER A 73 2.80 4.63 -14.27
CA SER A 73 3.56 3.89 -13.27
C SER A 73 4.68 3.07 -13.91
N SER A 74 4.31 2.25 -14.89
CA SER A 74 5.28 1.41 -15.58
C SER A 74 6.31 2.28 -16.31
N ALA A 75 5.97 3.54 -16.53
CA ALA A 75 6.87 4.47 -17.22
C ALA A 75 7.71 5.25 -16.22
N ALA A 76 7.55 4.93 -14.93
CA ALA A 76 8.29 5.60 -13.88
C ALA A 76 9.35 4.68 -13.27
N TRP A 77 9.03 3.40 -13.21
CA TRP A 77 9.95 2.42 -12.64
C TRP A 77 10.18 1.28 -13.63
N ASP A 78 11.06 0.35 -13.26
CA ASP A 78 11.37 -0.80 -14.11
C ASP A 78 10.10 -1.51 -14.54
N GLU A 79 9.84 -1.53 -15.85
CA GLU A 79 8.66 -2.18 -16.38
C GLU A 79 8.57 -3.63 -15.92
N THR A 80 9.70 -4.32 -15.95
CA THR A 80 9.76 -5.71 -15.54
C THR A 80 9.34 -5.87 -14.08
N LEU A 81 10.09 -5.24 -13.18
CA LEU A 81 9.79 -5.31 -11.75
C LEU A 81 8.34 -4.89 -11.48
N LEU A 82 7.93 -3.78 -12.08
CA LEU A 82 6.57 -3.27 -11.90
C LEU A 82 5.55 -4.29 -12.39
N ASP A 83 5.77 -4.83 -13.59
CA ASP A 83 4.87 -5.81 -14.17
C ASP A 83 4.58 -6.94 -13.17
N LYS A 84 5.62 -7.66 -12.80
CA LYS A 84 5.48 -8.77 -11.85
C LYS A 84 4.97 -8.28 -10.51
N PHE A 85 5.47 -7.13 -10.08
CA PHE A 85 5.06 -6.54 -8.80
C PHE A 85 3.55 -6.28 -8.78
N TYR A 86 3.12 -5.29 -9.54
CA TYR A 86 1.71 -4.93 -9.60
C TYR A 86 0.86 -6.16 -9.92
N THR A 87 1.41 -7.08 -10.70
CA THR A 87 0.71 -8.29 -11.08
C THR A 87 0.35 -9.12 -9.85
N GLU A 88 1.33 -9.29 -8.95
CA GLU A 88 1.11 -10.06 -7.74
C GLU A 88 -0.01 -9.45 -6.89
N LEU A 89 0.05 -8.15 -6.69
CA LEU A 89 -0.95 -7.44 -5.90
C LEU A 89 -2.35 -7.64 -6.50
N TYR A 90 -2.42 -7.64 -7.83
CA TYR A 90 -3.69 -7.81 -8.53
C TYR A 90 -4.37 -9.10 -8.09
N GLN A 91 -3.69 -10.23 -8.29
CA GLN A 91 -4.24 -11.53 -7.92
C GLN A 91 -4.36 -11.64 -6.41
N GLN A 92 -3.30 -11.29 -5.70
CA GLN A 92 -3.29 -11.36 -4.24
C GLN A 92 -4.48 -10.61 -3.65
N LEU A 93 -4.56 -9.32 -3.96
CA LEU A 93 -5.66 -8.49 -3.46
C LEU A 93 -7.00 -9.06 -3.88
N ASN A 94 -7.06 -9.62 -5.09
CA ASN A 94 -8.29 -10.19 -5.61
C ASN A 94 -8.80 -11.31 -4.71
N ASP A 95 -7.92 -12.26 -4.42
CA ASP A 95 -8.27 -13.40 -3.57
C ASP A 95 -8.38 -12.96 -2.11
N LEU A 96 -7.32 -12.37 -1.58
CA LEU A 96 -7.30 -11.91 -0.20
C LEU A 96 -8.55 -11.11 0.12
N GLU A 97 -9.06 -10.39 -0.88
CA GLU A 97 -10.25 -9.57 -0.71
C GLU A 97 -11.51 -10.44 -0.71
N ALA A 98 -11.77 -11.09 -1.83
CA ALA A 98 -12.94 -11.97 -1.96
C ALA A 98 -13.00 -12.96 -0.81
N CYS A 99 -11.86 -13.22 -0.18
CA CYS A 99 -11.79 -14.17 0.93
C CYS A 99 -12.68 -13.71 2.07
N VAL A 100 -12.40 -12.53 2.61
CA VAL A 100 -13.18 -11.99 3.72
C VAL A 100 -14.42 -11.24 3.21
N ILE A 101 -14.26 -10.56 2.08
CA ILE A 101 -15.36 -9.80 1.49
C ILE A 101 -16.57 -10.69 1.26
N GLN A 102 -16.32 -11.99 1.08
CA GLN A 102 -17.40 -12.94 0.84
C GLN A 102 -17.96 -13.47 2.17
N GLY A 103 -17.65 -12.76 3.25
CA GLY A 103 -18.12 -13.18 4.56
C GLY A 103 -17.76 -14.61 4.89
N VAL A 104 -16.77 -15.14 4.18
CA VAL A 104 -16.32 -16.51 4.40
C VAL A 104 -16.06 -16.77 5.88
N GLY A 105 -15.35 -15.85 6.52
CA GLY A 105 -15.04 -16.01 7.93
C GLY A 105 -15.76 -14.98 8.79
N VAL A 106 -15.59 -13.71 8.45
CA VAL A 106 -16.23 -12.62 9.20
C VAL A 106 -15.97 -11.27 8.55
N THR A 107 -17.11 -10.37 8.46
CA THR A 107 -17.04 -9.05 7.87
C THR A 107 -17.55 -8.02 8.86
N GLU A 108 -17.37 -6.74 8.54
CA GLU A 108 -17.81 -5.67 9.41
C GLU A 108 -18.69 -4.67 8.65
N THR A 109 -19.31 -3.74 9.38
CA THR A 109 -20.17 -2.74 8.77
C THR A 109 -19.39 -1.48 8.43
N PRO A 110 -19.94 -0.67 7.52
CA PRO A 110 -19.31 0.58 7.08
C PRO A 110 -19.34 1.64 8.17
N LEU A 111 -20.06 1.36 9.26
CA LEU A 111 -20.16 2.29 10.38
C LEU A 111 -18.80 2.54 11.01
N MET A 112 -18.14 1.47 11.44
CA MET A 112 -16.83 1.57 12.06
C MET A 112 -15.75 1.84 11.01
N LYS A 113 -15.99 1.37 9.80
CA LYS A 113 -15.04 1.56 8.71
C LYS A 113 -14.86 3.05 8.40
N GLU A 114 -15.79 3.87 8.86
CA GLU A 114 -15.73 5.30 8.65
C GLU A 114 -14.34 5.85 8.96
N ASP A 115 -13.70 5.26 9.97
CA ASP A 115 -12.36 5.69 10.37
C ASP A 115 -11.30 5.05 9.50
N SER A 116 -11.27 3.72 9.47
CA SER A 116 -10.29 2.98 8.68
C SER A 116 -10.31 3.46 7.22
N ILE A 117 -11.49 3.38 6.60
CA ILE A 117 -11.62 3.80 5.21
C ILE A 117 -11.16 5.24 5.02
N LEU A 118 -11.51 6.10 5.97
CA LEU A 118 -11.12 7.51 5.92
C LEU A 118 -9.60 7.65 5.83
N ALA A 119 -8.90 6.92 6.68
CA ALA A 119 -7.44 6.96 6.69
C ALA A 119 -6.86 6.52 5.35
N VAL A 120 -7.13 5.28 4.98
CA VAL A 120 -6.64 4.73 3.71
C VAL A 120 -7.04 5.62 2.54
N ARG A 121 -8.29 6.06 2.54
CA ARG A 121 -8.80 6.93 1.48
C ARG A 121 -7.96 8.19 1.35
N LYS A 122 -7.83 8.93 2.45
CA LYS A 122 -7.05 10.16 2.46
C LYS A 122 -5.66 9.93 1.87
N TYR A 123 -5.06 8.80 2.23
CA TYR A 123 -3.72 8.46 1.74
C TYR A 123 -3.71 8.35 0.21
N PHE A 124 -4.46 7.38 -0.31
CA PHE A 124 -4.55 7.17 -1.74
C PHE A 124 -4.95 8.45 -2.46
N GLN A 125 -6.03 9.06 -2.01
CA GLN A 125 -6.52 10.30 -2.61
C GLN A 125 -5.40 11.33 -2.72
N ARG A 126 -4.77 11.65 -1.60
CA ARG A 126 -3.69 12.62 -1.58
C ARG A 126 -2.53 12.15 -2.45
N ILE A 127 -2.29 10.85 -2.46
CA ILE A 127 -1.20 10.27 -3.25
C ILE A 127 -1.43 10.53 -4.74
N THR A 128 -2.49 9.96 -5.28
CA THR A 128 -2.81 10.12 -6.70
C THR A 128 -3.02 11.59 -7.04
N LEU A 129 -3.74 12.30 -6.18
CA LEU A 129 -4.00 13.72 -6.40
C LEU A 129 -2.70 14.52 -6.46
N TYR A 130 -1.84 14.29 -5.49
CA TYR A 130 -0.55 14.99 -5.44
C TYR A 130 0.22 14.82 -6.74
N LEU A 131 0.57 13.58 -7.05
CA LEU A 131 1.32 13.27 -8.27
C LEU A 131 0.56 13.76 -9.50
N LYS A 132 -0.77 13.76 -9.41
CA LYS A 132 -1.61 14.20 -10.52
C LYS A 132 -1.44 15.70 -10.76
N GLU A 133 -1.32 16.47 -9.67
CA GLU A 133 -1.15 17.90 -9.77
C GLU A 133 0.23 18.26 -10.29
N LYS A 134 1.21 17.41 -9.99
CA LYS A 134 2.58 17.63 -10.42
C LYS A 134 2.80 17.11 -11.84
N LYS A 135 1.71 16.73 -12.49
CA LYS A 135 1.77 16.23 -13.86
C LYS A 135 2.57 14.93 -13.93
N TYR A 136 2.45 14.12 -12.89
CA TYR A 136 3.17 12.85 -12.82
C TYR A 136 4.67 13.05 -13.02
N SER A 137 5.15 14.24 -12.68
CA SER A 137 6.56 14.57 -12.83
C SER A 137 7.43 13.48 -12.20
N PRO A 138 8.75 13.56 -12.47
CA PRO A 138 9.72 12.59 -11.95
C PRO A 138 9.92 12.73 -10.44
N CYS A 139 9.46 13.85 -9.90
CA CYS A 139 9.60 14.11 -8.47
C CYS A 139 8.39 13.58 -7.70
N ALA A 140 7.21 13.73 -8.28
CA ALA A 140 5.98 13.27 -7.66
C ALA A 140 6.05 11.78 -7.35
N TRP A 141 6.27 10.97 -8.38
CA TRP A 141 6.36 9.52 -8.22
C TRP A 141 7.33 9.16 -7.10
N GLU A 142 8.44 9.89 -7.04
CA GLU A 142 9.45 9.64 -6.01
C GLU A 142 8.85 9.77 -4.62
N VAL A 143 8.29 10.94 -4.32
CA VAL A 143 7.68 11.20 -3.03
C VAL A 143 6.63 10.14 -2.69
N VAL A 144 5.73 9.89 -3.63
CA VAL A 144 4.68 8.90 -3.44
C VAL A 144 5.26 7.54 -3.08
N ARG A 145 6.27 7.12 -3.84
CA ARG A 145 6.91 5.83 -3.60
C ARG A 145 7.50 5.77 -2.19
N ALA A 146 8.28 6.79 -1.84
CA ALA A 146 8.89 6.85 -0.52
C ALA A 146 7.87 6.61 0.59
N GLU A 147 6.84 7.44 0.62
CA GLU A 147 5.79 7.30 1.63
C GLU A 147 5.14 5.92 1.57
N ILE A 148 4.99 5.41 0.35
CA ILE A 148 4.38 4.09 0.16
C ILE A 148 5.13 3.02 0.93
N MET A 149 6.46 3.07 0.86
CA MET A 149 7.30 2.10 1.55
C MET A 149 7.20 2.29 3.07
N ARG A 150 7.35 3.52 3.52
CA ARG A 150 7.27 3.83 4.94
C ARG A 150 5.95 3.34 5.53
N SER A 151 4.85 3.82 4.96
CA SER A 151 3.52 3.44 5.44
C SER A 151 3.33 1.92 5.37
N PHE A 152 3.80 1.33 4.26
CA PHE A 152 3.67 -0.11 4.06
C PHE A 152 4.33 -0.88 5.21
N SER A 153 5.61 -0.58 5.46
CA SER A 153 6.35 -1.24 6.53
C SER A 153 5.67 -1.03 7.87
N LEU A 154 5.17 0.18 8.10
CA LEU A 154 4.49 0.51 9.35
C LEU A 154 3.22 -0.32 9.50
N SER A 155 2.31 -0.19 8.54
CA SER A 155 1.05 -0.92 8.57
C SER A 155 1.28 -2.40 8.84
N THR A 156 2.29 -2.96 8.17
CA THR A 156 2.62 -4.38 8.33
C THR A 156 3.16 -4.66 9.73
N ASN A 157 3.96 -3.73 10.25
CA ASN A 157 4.55 -3.89 11.57
C ASN A 157 3.54 -3.48 12.65
N LEU A 158 2.40 -4.16 12.67
CA LEU A 158 1.36 -3.88 13.66
C LEU A 158 1.29 -4.99 14.71
N GLN A 159 1.60 -6.21 14.29
CA GLN A 159 1.58 -7.35 15.19
C GLN A 159 2.96 -7.63 15.76
N GLU A 160 3.99 -7.33 14.97
CA GLU A 160 5.37 -7.54 15.40
C GLU A 160 5.64 -9.04 15.62
N SER A 161 4.90 -9.87 14.91
CA SER A 161 5.04 -11.32 15.04
C SER A 161 5.23 -11.97 13.68
N LEU A 162 5.83 -11.23 12.75
CA LEU A 162 6.05 -11.73 11.40
C LEU A 162 7.36 -12.53 11.33
N ARG A 163 7.77 -12.87 10.12
CA ARG A 163 8.99 -13.64 9.92
C ARG A 163 10.17 -12.97 10.63
N SER A 164 11.17 -13.77 10.98
CA SER A 164 12.35 -13.26 11.66
C SER A 164 13.62 -13.65 10.91
N LYS A 165 13.69 -14.91 10.47
CA LYS A 165 14.85 -15.40 9.74
C LYS A 165 14.62 -15.31 8.24
N GLU A 166 13.95 -14.24 7.81
CA GLU A 166 13.68 -14.03 6.39
C GLU A 166 13.12 -12.64 6.13
O5 A2G B . -20.47 -7.20 6.24
C1 A2G B . -20.36 -8.11 7.32
C2 A2G B . -21.71 -8.70 7.76
N2 A2G B . -21.46 -9.64 8.87
C3 A2G B . -22.42 -9.33 6.52
O3 A2G B . -23.81 -9.62 6.74
C4 A2G B . -22.40 -8.36 5.33
O4 A2G B . -23.27 -7.29 5.61
C5 A2G B . -21.01 -7.80 5.04
C6 A2G B . -21.18 -6.68 4.03
O6 A2G B . -21.77 -7.15 2.97
C7 A2G B . -20.76 -10.81 8.75
O7 A2G B . -20.59 -11.40 7.69
C8 A2G B . -20.20 -11.34 10.05
H1 A2G B . -19.99 -7.64 8.05
H2 A2G B . -22.36 -7.92 8.18
HN2 A2G B . -22.23 -9.67 9.54
H3 A2G B . -21.94 -10.28 6.26
HO3 A2G B . -23.90 -10.04 7.62
H4 A2G B . -22.75 -8.80 4.56
HO4 A2G B . -22.87 -6.72 6.28
H5 A2G B . -20.42 -8.43 4.66
H61 A2G B . -20.21 -6.28 3.75
H81 A2G B . -19.44 -10.64 10.42
H82 A2G B . -19.74 -12.32 9.92
H83 A2G B . -21.01 -11.43 10.78
H62 A2G B . -21.79 -5.88 4.46
HO6 A2G B . -21.42 -7.91 2.53
N CYS A 2 -10.03 -13.92 5.31
CA CYS A 2 -8.67 -14.37 5.00
C CYS A 2 -7.70 -13.20 4.98
N ASP A 3 -7.71 -12.41 6.05
CA ASP A 3 -6.82 -11.26 6.16
C ASP A 3 -5.45 -11.67 6.69
N LEU A 4 -5.25 -12.96 6.86
CA LEU A 4 -3.99 -13.50 7.37
C LEU A 4 -2.81 -12.90 6.60
N PRO A 5 -1.63 -12.94 7.23
CA PRO A 5 -0.39 -12.41 6.62
C PRO A 5 0.09 -13.25 5.45
N GLN A 6 -0.56 -13.08 4.30
CA GLN A 6 -0.20 -13.82 3.10
C GLN A 6 1.06 -13.26 2.47
N THR A 7 1.07 -11.95 2.25
CA THR A 7 2.22 -11.28 1.65
C THR A 7 3.01 -10.49 2.69
N HIS A 8 2.51 -10.49 3.92
CA HIS A 8 3.18 -9.79 5.01
C HIS A 8 4.22 -10.68 5.69
N SER A 9 4.07 -11.98 5.52
CA SER A 9 4.98 -12.94 6.11
C SER A 9 6.20 -13.16 5.22
N LEU A 10 5.96 -13.74 4.04
CA LEU A 10 7.04 -14.01 3.10
C LEU A 10 7.16 -12.87 2.09
N GLY A 11 6.03 -12.29 1.72
CA GLY A 11 6.03 -11.20 0.76
C GLY A 11 6.64 -9.94 1.32
N SER A 12 6.72 -9.86 2.65
CA SER A 12 7.28 -8.69 3.31
C SER A 12 8.65 -8.34 2.73
N ARG A 13 9.55 -9.32 2.74
CA ARG A 13 10.90 -9.11 2.22
C ARG A 13 10.88 -8.95 0.71
N ARG A 14 10.34 -9.95 0.02
CA ARG A 14 10.26 -9.92 -1.43
C ARG A 14 9.68 -8.60 -1.92
N THR A 15 8.46 -8.29 -1.49
CA THR A 15 7.79 -7.06 -1.88
C THR A 15 8.67 -5.84 -1.57
N LEU A 16 9.15 -5.76 -0.34
CA LEU A 16 10.00 -4.66 0.09
C LEU A 16 11.21 -4.52 -0.82
N MET A 17 12.06 -5.54 -0.81
CA MET A 17 13.27 -5.53 -1.64
C MET A 17 12.93 -5.18 -3.09
N LEU A 18 12.10 -6.01 -3.72
CA LEU A 18 11.69 -5.78 -5.09
C LEU A 18 11.22 -4.35 -5.30
N LEU A 19 10.23 -3.94 -4.51
CA LEU A 19 9.67 -2.59 -4.61
C LEU A 19 10.78 -1.54 -4.44
N ALA A 20 11.86 -1.93 -3.76
CA ALA A 20 12.98 -1.03 -3.54
C ALA A 20 13.90 -0.98 -4.76
N GLN A 21 14.09 -2.14 -5.39
CA GLN A 21 14.95 -2.23 -6.57
C GLN A 21 14.17 -1.91 -7.83
N MET A 22 12.85 -1.79 -7.70
CA MET A 22 11.99 -1.48 -8.83
C MET A 22 12.03 0.01 -9.16
N ARG A 23 12.16 0.84 -8.12
CA ARG A 23 12.21 2.28 -8.30
C ARG A 23 13.65 2.75 -8.51
N LYS A 24 13.84 3.66 -9.47
CA LYS A 24 15.16 4.19 -9.76
C LYS A 24 15.16 5.71 -9.71
N ILE A 25 15.67 6.26 -8.61
CA ILE A 25 15.73 7.71 -8.44
C ILE A 25 16.77 8.10 -7.39
N SER A 26 16.92 9.40 -7.17
CA SER A 26 17.88 9.90 -6.20
C SER A 26 17.17 10.41 -4.95
N LEU A 27 17.54 9.87 -3.79
CA LEU A 27 16.95 10.27 -2.52
C LEU A 27 17.15 11.77 -2.27
N PHE A 28 18.17 12.34 -2.91
CA PHE A 28 18.47 13.75 -2.77
C PHE A 28 17.74 14.58 -3.82
N SER A 29 16.92 13.92 -4.63
CA SER A 29 16.17 14.59 -5.68
C SER A 29 15.10 15.49 -5.08
N CYS A 30 14.55 15.08 -3.94
CA CYS A 30 13.51 15.85 -3.26
C CYS A 30 13.55 15.62 -1.76
N LEU A 31 14.37 16.41 -1.07
CA LEU A 31 14.50 16.29 0.38
C LEU A 31 13.39 17.06 1.10
N LYS A 32 12.77 18.00 0.38
CA LYS A 32 11.69 18.80 0.95
C LYS A 32 10.33 18.29 0.48
N ASP A 33 10.35 17.27 -0.38
CA ASP A 33 9.12 16.68 -0.90
C ASP A 33 9.02 15.22 -0.50
N ARG A 34 10.13 14.64 -0.07
CA ARG A 34 10.15 13.24 0.34
C ARG A 34 9.01 12.94 1.31
N HIS A 35 8.69 13.91 2.15
CA HIS A 35 7.62 13.75 3.13
C HIS A 35 6.67 14.95 3.10
N ASP A 36 5.38 14.69 3.28
CA ASP A 36 4.38 15.74 3.27
C ASP A 36 3.00 15.18 3.59
N PHE A 37 2.73 13.97 3.11
CA PHE A 37 1.45 13.32 3.33
C PHE A 37 1.12 13.28 4.83
N GLY A 38 1.83 12.42 5.56
CA GLY A 38 1.60 12.29 6.98
C GLY A 38 0.37 11.46 7.31
N PHE A 39 0.57 10.14 7.38
CA PHE A 39 -0.52 9.23 7.68
C PHE A 39 -0.53 8.84 9.16
N PRO A 40 -1.59 9.24 9.87
CA PRO A 40 -1.74 8.96 11.30
C PRO A 40 -2.00 7.48 11.57
N GLN A 41 -0.92 6.72 11.74
CA GLN A 41 -1.03 5.28 12.01
C GLN A 41 -1.64 5.04 13.38
N GLU A 42 -1.73 6.09 14.19
CA GLU A 42 -2.28 5.97 15.54
C GLU A 42 -3.79 5.75 15.48
N GLU A 43 -4.47 6.52 14.63
CA GLU A 43 -5.92 6.41 14.49
C GLU A 43 -6.27 5.36 13.45
N PHE A 44 -5.27 4.91 12.70
CA PHE A 44 -5.48 3.89 11.68
C PHE A 44 -5.29 2.48 12.24
N GLY A 45 -4.60 2.40 13.37
CA GLY A 45 -4.36 1.11 13.99
C GLY A 45 -5.64 0.45 14.47
N ASN A 46 -5.52 -0.44 15.45
CA ASN A 46 -6.68 -1.15 15.98
C ASN A 46 -7.34 -2.02 14.91
N GLN A 47 -6.61 -2.26 13.83
CA GLN A 47 -7.12 -3.07 12.73
C GLN A 47 -6.31 -4.37 12.60
N PHE A 48 -5.92 -4.94 13.72
CA PHE A 48 -5.15 -6.17 13.74
C PHE A 48 -6.07 -7.39 13.75
N GLN A 49 -7.34 -7.17 13.42
CA GLN A 49 -8.32 -8.25 13.40
C GLN A 49 -8.37 -8.90 12.02
N LYS A 50 -9.24 -9.90 11.89
CA LYS A 50 -9.40 -10.61 10.62
C LYS A 50 -10.36 -9.87 9.69
N ALA A 51 -11.55 -9.57 10.22
CA ALA A 51 -12.56 -8.86 9.44
C ALA A 51 -12.41 -7.35 9.57
N GLU A 52 -11.40 -6.93 10.33
CA GLU A 52 -11.14 -5.51 10.53
C GLU A 52 -10.00 -5.04 9.63
N THR A 53 -9.29 -5.99 9.03
CA THR A 53 -8.17 -5.67 8.16
C THR A 53 -8.58 -5.72 6.70
N ILE A 54 -9.79 -6.22 6.45
CA ILE A 54 -10.32 -6.32 5.09
C ILE A 54 -10.38 -4.96 4.43
N PRO A 55 -10.85 -3.95 5.19
CA PRO A 55 -10.98 -2.58 4.69
C PRO A 55 -9.61 -1.91 4.47
N VAL A 56 -8.78 -1.92 5.50
CA VAL A 56 -7.45 -1.32 5.42
C VAL A 56 -6.59 -2.05 4.38
N LEU A 57 -6.60 -3.37 4.43
CA LEU A 57 -5.83 -4.18 3.50
C LEU A 57 -6.29 -3.95 2.06
N HIS A 58 -7.54 -4.31 1.79
CA HIS A 58 -8.11 -4.14 0.45
C HIS A 58 -7.85 -2.73 -0.08
N GLU A 59 -8.10 -1.73 0.77
CA GLU A 59 -7.90 -0.34 0.38
C GLU A 59 -6.44 -0.11 -0.05
N MET A 60 -5.51 -0.65 0.73
CA MET A 60 -4.09 -0.50 0.43
C MET A 60 -3.77 -1.05 -0.97
N ILE A 61 -3.94 -2.36 -1.13
CA ILE A 61 -3.68 -3.01 -2.40
C ILE A 61 -4.51 -2.39 -3.53
N GLN A 62 -5.64 -1.83 -3.16
CA GLN A 62 -6.54 -1.20 -4.14
C GLN A 62 -5.88 0.02 -4.76
N GLN A 63 -5.59 1.02 -3.94
CA GLN A 63 -4.96 2.25 -4.43
C GLN A 63 -3.74 1.94 -5.28
N ILE A 64 -2.97 0.94 -4.86
CA ILE A 64 -1.77 0.53 -5.58
C ILE A 64 -2.12 -0.06 -6.94
N PHE A 65 -3.24 -0.78 -6.98
CA PHE A 65 -3.69 -1.41 -8.22
C PHE A 65 -4.10 -0.37 -9.25
N ASN A 66 -4.70 0.72 -8.77
CA ASN A 66 -5.15 1.80 -9.65
C ASN A 66 -3.96 2.54 -10.24
N LEU A 67 -3.02 2.94 -9.38
CA LEU A 67 -1.84 3.66 -9.83
C LEU A 67 -1.04 2.82 -10.84
N PHE A 68 -0.87 1.54 -10.52
CA PHE A 68 -0.12 0.64 -11.39
C PHE A 68 -0.98 0.20 -12.58
N SER A 69 -2.26 0.52 -12.51
CA SER A 69 -3.20 0.16 -13.57
C SER A 69 -3.04 1.07 -14.79
N THR A 70 -2.31 2.18 -14.59
CA THR A 70 -2.09 3.14 -15.66
C THR A 70 -0.70 2.95 -16.28
N LYS A 71 -0.43 3.69 -17.35
CA LYS A 71 0.85 3.60 -18.03
C LYS A 71 1.89 4.47 -17.32
N ASP A 72 1.43 5.50 -16.62
CA ASP A 72 2.33 6.39 -15.89
C ASP A 72 3.27 5.60 -14.99
N SER A 73 2.74 4.56 -14.35
CA SER A 73 3.55 3.74 -13.45
C SER A 73 4.47 2.81 -14.25
N SER A 74 3.89 2.09 -15.21
CA SER A 74 4.66 1.16 -16.03
C SER A 74 5.79 1.89 -16.76
N ALA A 75 5.60 3.19 -16.97
CA ALA A 75 6.61 4.00 -17.65
C ALA A 75 7.47 4.76 -16.65
N ALA A 76 7.11 4.66 -15.36
CA ALA A 76 7.85 5.34 -14.31
C ALA A 76 8.97 4.45 -13.78
N TRP A 77 8.73 3.14 -13.75
CA TRP A 77 9.73 2.19 -13.27
C TRP A 77 9.86 1.02 -14.22
N ASP A 78 10.79 0.12 -13.91
CA ASP A 78 11.02 -1.06 -14.75
C ASP A 78 9.73 -1.81 -15.02
N GLU A 79 9.39 -1.96 -16.30
CA GLU A 79 8.17 -2.66 -16.69
C GLU A 79 8.17 -4.09 -16.16
N THR A 80 9.35 -4.69 -16.10
CA THR A 80 9.49 -6.07 -15.62
C THR A 80 9.05 -6.18 -14.17
N LEU A 81 9.76 -5.50 -13.29
CA LEU A 81 9.46 -5.52 -11.86
C LEU A 81 8.02 -5.07 -11.61
N LEU A 82 7.64 -3.97 -12.25
CA LEU A 82 6.28 -3.43 -12.09
C LEU A 82 5.25 -4.46 -12.53
N ASP A 83 5.46 -5.04 -13.70
CA ASP A 83 4.54 -6.04 -14.25
C ASP A 83 4.25 -7.12 -13.21
N LYS A 84 5.30 -7.86 -12.83
CA LYS A 84 5.16 -8.93 -11.85
C LYS A 84 4.65 -8.40 -10.52
N PHE A 85 5.17 -7.24 -10.11
CA PHE A 85 4.76 -6.61 -8.86
C PHE A 85 3.26 -6.31 -8.86
N TYR A 86 2.87 -5.31 -9.64
CA TYR A 86 1.47 -4.91 -9.73
C TYR A 86 0.58 -6.13 -10.00
N THR A 87 1.12 -7.09 -10.74
CA THR A 87 0.37 -8.30 -11.07
C THR A 87 0.00 -9.08 -9.82
N GLU A 88 0.98 -9.27 -8.93
CA GLU A 88 0.76 -10.01 -7.70
C GLU A 88 -0.34 -9.34 -6.87
N LEU A 89 -0.28 -8.02 -6.76
CA LEU A 89 -1.26 -7.27 -5.98
C LEU A 89 -2.66 -7.46 -6.57
N TYR A 90 -2.75 -7.43 -7.90
CA TYR A 90 -4.02 -7.59 -8.58
C TYR A 90 -4.74 -8.85 -8.11
N GLN A 91 -4.08 -9.99 -8.29
CA GLN A 91 -4.65 -11.28 -7.88
C GLN A 91 -4.75 -11.37 -6.36
N GLN A 92 -3.91 -10.62 -5.66
CA GLN A 92 -3.92 -10.62 -4.21
C GLN A 92 -5.19 -10.00 -3.67
N LEU A 93 -5.43 -8.73 -4.01
CA LEU A 93 -6.61 -8.02 -3.56
C LEU A 93 -7.88 -8.73 -4.04
N ASN A 94 -7.89 -9.15 -5.29
CA ASN A 94 -9.04 -9.85 -5.86
C ASN A 94 -9.41 -11.08 -5.02
N ASP A 95 -8.44 -11.95 -4.83
CA ASP A 95 -8.66 -13.17 -4.05
C ASP A 95 -8.87 -12.83 -2.57
N LEU A 96 -7.87 -12.23 -1.96
CA LEU A 96 -7.95 -11.85 -0.56
C LEU A 96 -9.30 -11.21 -0.24
N GLU A 97 -9.62 -10.15 -0.96
CA GLU A 97 -10.89 -9.45 -0.75
C GLU A 97 -12.06 -10.42 -0.82
N ALA A 98 -12.25 -11.04 -1.98
CA ALA A 98 -13.34 -11.99 -2.16
C ALA A 98 -13.31 -13.09 -1.10
N CYS A 99 -12.16 -13.22 -0.44
CA CYS A 99 -11.99 -14.23 0.60
C CYS A 99 -12.68 -13.79 1.90
N VAL A 100 -12.33 -12.60 2.38
CA VAL A 100 -12.91 -12.08 3.60
C VAL A 100 -14.26 -11.41 3.32
N ILE A 101 -14.30 -10.59 2.28
CA ILE A 101 -15.52 -9.89 1.91
C ILE A 101 -16.71 -10.84 1.88
N GLN A 102 -16.59 -11.91 1.11
CA GLN A 102 -17.66 -12.90 0.99
C GLN A 102 -18.03 -13.45 2.36
N GLY A 103 -19.23 -14.03 2.46
CA GLY A 103 -19.69 -14.59 3.72
C GLY A 103 -18.94 -15.85 4.10
N VAL A 104 -18.12 -16.35 3.17
CA VAL A 104 -17.34 -17.56 3.43
C VAL A 104 -16.57 -17.47 4.73
N GLY A 105 -16.21 -16.24 5.11
CA GLY A 105 -15.47 -16.03 6.33
C GLY A 105 -16.18 -15.09 7.29
N VAL A 106 -15.74 -13.84 7.33
CA VAL A 106 -16.34 -12.85 8.21
C VAL A 106 -16.38 -11.48 7.55
N THR A 107 -17.50 -10.62 7.90
CA THR A 107 -17.70 -9.29 7.37
C THR A 107 -17.64 -8.27 8.49
N GLU A 108 -17.54 -6.99 8.14
CA GLU A 108 -17.48 -5.93 9.13
C GLU A 108 -18.54 -4.86 8.85
N THR A 109 -18.75 -3.98 9.82
CA THR A 109 -19.74 -2.92 9.68
C THR A 109 -19.09 -1.63 9.18
N PRO A 110 -19.91 -0.73 8.60
CA PRO A 110 -19.44 0.55 8.07
C PRO A 110 -19.02 1.50 9.18
N LEU A 111 -19.32 1.13 10.42
CA LEU A 111 -18.97 1.97 11.57
C LEU A 111 -17.47 1.90 11.86
N MET A 112 -16.97 0.69 12.07
CA MET A 112 -15.56 0.48 12.36
C MET A 112 -14.71 0.81 11.13
N LYS A 113 -15.34 0.84 9.97
CA LYS A 113 -14.64 1.15 8.72
C LYS A 113 -14.50 2.66 8.54
N GLU A 114 -15.31 3.42 9.26
CA GLU A 114 -15.27 4.88 9.17
C GLU A 114 -13.86 5.39 9.41
N ASP A 115 -13.14 4.75 10.32
CA ASP A 115 -11.78 5.15 10.65
C ASP A 115 -10.79 4.52 9.69
N SER A 116 -10.78 3.19 9.64
CA SER A 116 -9.88 2.45 8.76
C SER A 116 -9.93 3.00 7.34
N ILE A 117 -11.14 3.06 6.79
CA ILE A 117 -11.33 3.57 5.43
C ILE A 117 -10.85 5.01 5.31
N LEU A 118 -11.22 5.83 6.28
CA LEU A 118 -10.82 7.24 6.29
C LEU A 118 -9.31 7.38 6.21
N ALA A 119 -8.60 6.50 6.92
CA ALA A 119 -7.14 6.52 6.94
C ALA A 119 -6.58 6.11 5.58
N VAL A 120 -6.85 4.86 5.18
CA VAL A 120 -6.36 4.35 3.91
C VAL A 120 -6.75 5.27 2.76
N ARG A 121 -8.01 5.69 2.74
CA ARG A 121 -8.50 6.59 1.70
C ARG A 121 -7.78 7.92 1.74
N LYS A 122 -7.43 8.37 2.93
CA LYS A 122 -6.74 9.64 3.12
C LYS A 122 -5.33 9.57 2.52
N TYR A 123 -4.64 8.47 2.76
CA TYR A 123 -3.29 8.28 2.25
C TYR A 123 -3.28 8.26 0.72
N PHE A 124 -4.10 7.39 0.15
CA PHE A 124 -4.19 7.28 -1.31
C PHE A 124 -4.60 8.61 -1.94
N GLN A 125 -5.63 9.22 -1.38
CA GLN A 125 -6.12 10.50 -1.88
C GLN A 125 -4.98 11.52 -2.00
N ARG A 126 -4.31 11.77 -0.88
CA ARG A 126 -3.20 12.71 -0.86
C ARG A 126 -2.07 12.26 -1.78
N ILE A 127 -1.92 10.95 -1.92
CA ILE A 127 -0.88 10.39 -2.77
C ILE A 127 -1.16 10.69 -4.24
N THR A 128 -2.27 10.15 -4.75
CA THR A 128 -2.65 10.36 -6.14
C THR A 128 -2.83 11.84 -6.45
N LEU A 129 -3.48 12.55 -5.53
CA LEU A 129 -3.72 13.98 -5.71
C LEU A 129 -2.41 14.75 -5.79
N TYR A 130 -1.49 14.43 -4.89
CA TYR A 130 -0.19 15.09 -4.86
C TYR A 130 0.53 14.94 -6.20
N LEU A 131 0.81 13.70 -6.57
CA LEU A 131 1.50 13.41 -7.82
C LEU A 131 0.70 13.95 -9.01
N LYS A 132 -0.62 13.95 -8.88
CA LYS A 132 -1.49 14.45 -9.95
C LYS A 132 -1.26 15.94 -10.18
N GLU A 133 -1.11 16.69 -9.08
CA GLU A 133 -0.89 18.13 -9.17
C GLU A 133 0.50 18.43 -9.73
N LYS A 134 1.44 17.55 -9.45
CA LYS A 134 2.82 17.73 -9.92
C LYS A 134 2.96 17.23 -11.36
N LYS A 135 1.84 16.84 -11.97
CA LYS A 135 1.84 16.36 -13.34
C LYS A 135 2.63 15.06 -13.45
N TYR A 136 2.53 14.22 -12.43
CA TYR A 136 3.24 12.95 -12.42
C TYR A 136 4.73 13.15 -12.67
N SER A 137 5.24 14.31 -12.30
CA SER A 137 6.65 14.64 -12.48
C SER A 137 7.53 13.52 -11.93
N PRO A 138 8.84 13.61 -12.24
CA PRO A 138 9.81 12.62 -11.79
C PRO A 138 10.07 12.69 -10.29
N CYS A 139 9.63 13.78 -9.67
CA CYS A 139 9.81 13.96 -8.24
C CYS A 139 8.61 13.42 -7.46
N ALA A 140 7.41 13.67 -7.98
CA ALA A 140 6.19 13.20 -7.35
C ALA A 140 6.21 11.69 -7.16
N TRP A 141 6.40 10.96 -8.26
CA TRP A 141 6.44 9.51 -8.22
C TRP A 141 7.39 9.01 -7.13
N GLU A 142 8.57 9.63 -7.06
CA GLU A 142 9.56 9.25 -6.06
C GLU A 142 8.98 9.39 -4.65
N VAL A 143 8.46 10.57 -4.34
CA VAL A 143 7.88 10.82 -3.03
C VAL A 143 6.82 9.77 -2.69
N VAL A 144 5.88 9.56 -3.60
CA VAL A 144 4.82 8.59 -3.40
C VAL A 144 5.37 7.22 -3.07
N ARG A 145 6.37 6.80 -3.84
CA ARG A 145 6.99 5.50 -3.64
C ARG A 145 7.53 5.37 -2.21
N ALA A 146 8.37 6.31 -1.82
CA ALA A 146 8.95 6.32 -0.48
C ALA A 146 7.88 6.14 0.58
N GLU A 147 6.87 7.02 0.56
CA GLU A 147 5.79 6.96 1.52
C GLU A 147 5.06 5.62 1.45
N ILE A 148 4.95 5.09 0.24
CA ILE A 148 4.28 3.80 0.03
C ILE A 148 4.99 2.68 0.79
N MET A 149 6.32 2.67 0.72
CA MET A 149 7.11 1.66 1.40
C MET A 149 7.02 1.83 2.91
N ARG A 150 7.10 3.07 3.37
CA ARG A 150 7.04 3.37 4.80
C ARG A 150 5.67 3.01 5.37
N SER A 151 4.62 3.43 4.67
CA SER A 151 3.26 3.15 5.10
C SER A 151 2.97 1.66 5.06
N PHE A 152 3.48 0.99 4.04
CA PHE A 152 3.28 -0.44 3.87
C PHE A 152 3.90 -1.22 5.03
N SER A 153 5.20 -1.04 5.21
CA SER A 153 5.93 -1.72 6.28
C SER A 153 5.36 -1.36 7.64
N LEU A 154 4.99 -0.08 7.80
CA LEU A 154 4.44 0.40 9.06
C LEU A 154 3.07 -0.24 9.33
N SER A 155 2.21 -0.22 8.32
CA SER A 155 0.87 -0.78 8.45
C SER A 155 0.94 -2.26 8.85
N THR A 156 1.82 -3.01 8.18
CA THR A 156 1.99 -4.43 8.46
C THR A 156 2.70 -4.64 9.79
N ASN A 157 3.55 -3.68 10.17
CA ASN A 157 4.29 -3.77 11.41
C ASN A 157 3.50 -3.13 12.56
N LEU A 158 2.23 -3.51 12.67
CA LEU A 158 1.38 -2.97 13.72
C LEU A 158 1.33 -3.92 14.93
N GLN A 159 1.08 -5.20 14.66
CA GLN A 159 1.02 -6.20 15.71
C GLN A 159 2.42 -6.64 16.13
N GLU A 160 3.38 -6.46 15.24
CA GLU A 160 4.76 -6.84 15.52
C GLU A 160 4.88 -8.34 15.75
N SER A 161 3.95 -9.10 15.17
CA SER A 161 3.94 -10.56 15.32
C SER A 161 4.33 -11.23 14.01
N LEU A 162 5.09 -10.52 13.19
CA LEU A 162 5.53 -11.05 11.91
C LEU A 162 7.05 -11.25 11.89
N ARG A 163 7.57 -11.65 10.73
CA ARG A 163 9.00 -11.87 10.59
C ARG A 163 9.80 -10.64 11.02
N SER A 164 11.10 -10.82 11.23
CA SER A 164 11.96 -9.72 11.64
C SER A 164 13.42 -10.01 11.28
N LYS A 165 14.17 -8.95 11.01
CA LYS A 165 15.58 -9.08 10.65
C LYS A 165 16.43 -9.40 11.89
N GLU A 166 16.60 -8.41 12.75
CA GLU A 166 17.38 -8.59 13.97
C GLU A 166 16.54 -9.22 15.07
O5 A2G B . -21.77 -7.59 7.80
C1 A2G B . -20.79 -8.30 8.55
C2 A2G B . -21.34 -8.86 9.88
N2 A2G B . -20.24 -9.59 10.55
C3 A2G B . -22.60 -9.72 9.58
O3 A2G B . -23.38 -10.03 10.74
C4 A2G B . -23.57 -8.97 8.64
O4 A2G B . -24.13 -7.91 9.36
C5 A2G B . -22.88 -8.40 7.41
C6 A2G B . -23.88 -7.48 6.73
O6 A2G B . -24.98 -8.14 6.49
C7 A2G B . -20.42 -10.65 11.40
O7 A2G B . -20.60 -10.53 12.61
C8 A2G B . -20.39 -12.00 10.74
H1 A2G B . -20.09 -7.69 8.75
H2 A2G B . -21.62 -8.05 10.55
HN2 A2G B . -19.46 -8.98 10.79
H3 A2G B . -22.31 -10.68 9.14
HO3 A2G B . -22.94 -10.77 11.21
H4 A2G B . -24.29 -9.54 8.41
HO4 A2G B . -24.44 -8.22 10.23
H5 A2G B . -22.64 -9.06 6.78
H61 A2G B . -23.46 -7.12 5.78
H81 A2G B . -21.34 -12.16 10.21
H82 A2G B . -20.23 -12.80 11.46
H83 A2G B . -19.57 -12.02 10.01
H62 A2G B . -24.10 -6.63 7.37
HO6 A2G B . -25.22 -8.34 5.59
N CYS A 2 -9.93 -13.72 5.96
CA CYS A 2 -8.60 -14.26 5.70
C CYS A 2 -7.53 -13.18 5.88
N ASP A 3 -7.46 -12.62 7.08
CA ASP A 3 -6.48 -11.59 7.38
C ASP A 3 -5.12 -12.19 7.69
N LEU A 4 -5.05 -13.52 7.65
CA LEU A 4 -3.79 -14.22 7.91
C LEU A 4 -2.64 -13.58 7.16
N PRO A 5 -1.41 -13.78 7.68
CA PRO A 5 -0.20 -13.24 7.06
C PRO A 5 0.15 -13.94 5.75
N GLN A 6 -0.66 -13.68 4.72
CA GLN A 6 -0.43 -14.29 3.41
C GLN A 6 0.67 -13.57 2.66
N THR A 7 0.54 -12.24 2.55
CA THR A 7 1.54 -11.44 1.85
C THR A 7 2.37 -10.61 2.83
N HIS A 8 1.98 -10.66 4.09
CA HIS A 8 2.69 -9.91 5.13
C HIS A 8 3.84 -10.75 5.70
N SER A 9 3.78 -12.05 5.50
CA SER A 9 4.81 -12.96 6.00
C SER A 9 5.97 -13.05 5.01
N LEU A 10 5.70 -13.61 3.84
CA LEU A 10 6.73 -13.75 2.81
C LEU A 10 6.68 -12.59 1.83
N GLY A 11 5.48 -12.09 1.56
CA GLY A 11 5.33 -10.97 0.65
C GLY A 11 5.91 -9.69 1.19
N SER A 12 5.97 -9.58 2.52
CA SER A 12 6.52 -8.39 3.17
C SER A 12 7.93 -8.09 2.68
N ARG A 13 8.82 -9.06 2.87
CA ARG A 13 10.21 -8.90 2.45
C ARG A 13 10.32 -8.86 0.93
N ARG A 14 9.77 -9.89 0.29
CA ARG A 14 9.80 -9.97 -1.18
C ARG A 14 9.32 -8.67 -1.81
N THR A 15 8.09 -8.27 -1.49
CA THR A 15 7.52 -7.05 -2.03
C THR A 15 8.39 -5.84 -1.69
N LEU A 16 8.80 -5.76 -0.42
CA LEU A 16 9.63 -4.64 0.03
C LEU A 16 10.90 -4.54 -0.81
N MET A 17 11.73 -5.57 -0.74
CA MET A 17 12.98 -5.59 -1.51
C MET A 17 12.74 -5.22 -2.96
N LEU A 18 11.93 -6.03 -3.65
CA LEU A 18 11.62 -5.78 -5.06
C LEU A 18 11.16 -4.34 -5.27
N LEU A 19 10.12 -3.95 -4.53
CA LEU A 19 9.58 -2.59 -4.64
C LEU A 19 10.68 -1.56 -4.43
N ALA A 20 11.72 -1.94 -3.69
CA ALA A 20 12.84 -1.04 -3.42
C ALA A 20 13.76 -0.95 -4.62
N GLN A 21 14.02 -2.08 -5.26
CA GLN A 21 14.90 -2.12 -6.42
C GLN A 21 14.11 -1.81 -7.70
N MET A 22 12.80 -1.72 -7.58
CA MET A 22 11.95 -1.42 -8.72
C MET A 22 11.99 0.06 -9.06
N ARG A 23 12.14 0.90 -8.04
CA ARG A 23 12.20 2.35 -8.23
C ARG A 23 13.64 2.81 -8.41
N LYS A 24 13.87 3.61 -9.44
CA LYS A 24 15.20 4.13 -9.73
C LYS A 24 15.22 5.65 -9.63
N ILE A 25 15.71 6.16 -8.51
CA ILE A 25 15.79 7.61 -8.31
C ILE A 25 16.78 7.95 -7.20
N SER A 26 16.95 9.24 -6.94
CA SER A 26 17.88 9.70 -5.91
C SER A 26 17.12 10.17 -4.68
N LEU A 27 17.45 9.59 -3.53
CA LEU A 27 16.80 9.95 -2.27
C LEU A 27 16.99 11.43 -1.97
N PHE A 28 18.01 12.02 -2.55
CA PHE A 28 18.31 13.43 -2.35
C PHE A 28 17.63 14.30 -3.41
N SER A 29 16.85 13.65 -4.27
CA SER A 29 16.15 14.35 -5.34
C SER A 29 15.03 15.23 -4.77
N CYS A 30 14.45 14.79 -3.67
CA CYS A 30 13.37 15.54 -3.03
C CYS A 30 13.34 15.26 -1.52
N LEU A 31 14.11 16.04 -0.77
CA LEU A 31 14.18 15.87 0.68
C LEU A 31 13.03 16.61 1.36
N LYS A 32 12.72 17.79 0.84
CA LYS A 32 11.63 18.61 1.40
C LYS A 32 10.31 18.31 0.69
N ASP A 33 10.26 17.18 0.01
CA ASP A 33 9.06 16.78 -0.72
C ASP A 33 8.69 15.33 -0.41
N ARG A 34 9.49 14.70 0.45
CA ARG A 34 9.25 13.31 0.84
C ARG A 34 8.02 13.20 1.74
N HIS A 35 7.92 14.09 2.71
CA HIS A 35 6.80 14.09 3.64
C HIS A 35 5.73 15.10 3.21
N ASP A 36 4.50 14.63 3.10
CA ASP A 36 3.39 15.49 2.69
C ASP A 36 2.05 14.86 3.08
N PHE A 37 1.94 13.55 2.91
CA PHE A 37 0.71 12.84 3.24
C PHE A 37 0.61 12.61 4.74
N GLY A 38 1.59 11.92 5.31
CA GLY A 38 1.60 11.65 6.73
C GLY A 38 0.29 11.03 7.20
N PHE A 39 0.19 9.71 7.11
CA PHE A 39 -1.00 9.00 7.54
C PHE A 39 -1.06 8.88 9.05
N PRO A 40 -2.25 9.13 9.62
CA PRO A 40 -2.48 9.07 11.07
C PRO A 40 -2.42 7.63 11.59
N GLN A 41 -1.22 7.15 11.88
CA GLN A 41 -1.03 5.80 12.39
C GLN A 41 -1.72 5.63 13.74
N GLU A 42 -2.07 6.74 14.37
CA GLU A 42 -2.73 6.71 15.67
C GLU A 42 -4.18 6.27 15.52
N GLU A 43 -4.87 6.85 14.54
CA GLU A 43 -6.27 6.51 14.30
C GLU A 43 -6.39 5.36 13.31
N PHE A 44 -5.37 5.19 12.48
CA PHE A 44 -5.36 4.13 11.48
C PHE A 44 -5.01 2.79 12.12
N GLY A 45 -4.38 2.85 13.29
CA GLY A 45 -3.99 1.63 13.98
C GLY A 45 -5.18 0.78 14.38
N ASN A 46 -5.52 -0.19 13.53
CA ASN A 46 -6.65 -1.07 13.80
C ASN A 46 -6.42 -2.45 13.16
N GLN A 47 -5.18 -2.91 13.20
CA GLN A 47 -4.83 -4.20 12.63
C GLN A 47 -4.88 -5.30 13.69
N PHE A 48 -5.87 -5.22 14.57
CA PHE A 48 -6.03 -6.20 15.64
C PHE A 48 -7.09 -7.23 15.28
N GLN A 49 -8.03 -6.84 14.42
CA GLN A 49 -9.09 -7.73 13.99
C GLN A 49 -8.87 -8.19 12.56
N LYS A 50 -9.36 -9.39 12.24
CA LYS A 50 -9.21 -9.95 10.91
C LYS A 50 -10.28 -9.41 9.97
N ALA A 51 -11.45 -9.09 10.52
CA ALA A 51 -12.55 -8.55 9.74
C ALA A 51 -12.48 -7.03 9.66
N GLU A 52 -11.54 -6.44 10.39
CA GLU A 52 -11.37 -5.00 10.40
C GLU A 52 -10.19 -4.59 9.53
N THR A 53 -9.44 -5.58 9.04
CA THR A 53 -8.29 -5.31 8.19
C THR A 53 -8.66 -5.43 6.71
N ILE A 54 -9.87 -5.91 6.45
CA ILE A 54 -10.34 -6.07 5.08
C ILE A 54 -10.37 -4.72 4.35
N PRO A 55 -10.84 -3.68 5.05
CA PRO A 55 -10.93 -2.33 4.49
C PRO A 55 -9.56 -1.70 4.28
N VAL A 56 -8.75 -1.66 5.33
CA VAL A 56 -7.41 -1.10 5.27
C VAL A 56 -6.54 -1.87 4.29
N LEU A 57 -6.58 -3.20 4.40
CA LEU A 57 -5.78 -4.05 3.53
C LEU A 57 -6.19 -3.87 2.06
N HIS A 58 -7.44 -4.21 1.76
CA HIS A 58 -7.97 -4.08 0.40
C HIS A 58 -7.67 -2.70 -0.16
N GLU A 59 -7.96 -1.66 0.63
CA GLU A 59 -7.74 -0.29 0.20
C GLU A 59 -6.28 -0.07 -0.19
N MET A 60 -5.37 -0.59 0.63
CA MET A 60 -3.93 -0.46 0.36
C MET A 60 -3.59 -1.00 -1.03
N ILE A 61 -3.76 -2.29 -1.22
CA ILE A 61 -3.47 -2.92 -2.50
C ILE A 61 -4.31 -2.33 -3.62
N GLN A 62 -5.48 -1.80 -3.24
CA GLN A 62 -6.39 -1.19 -4.21
C GLN A 62 -5.76 0.05 -4.85
N GLN A 63 -5.48 1.05 -4.01
CA GLN A 63 -4.89 2.29 -4.49
C GLN A 63 -3.65 2.01 -5.35
N ILE A 64 -2.91 0.99 -4.96
CA ILE A 64 -1.70 0.61 -5.70
C ILE A 64 -2.05 -0.01 -7.05
N PHE A 65 -3.17 -0.72 -7.10
CA PHE A 65 -3.62 -1.36 -8.33
C PHE A 65 -4.04 -0.32 -9.36
N ASN A 66 -4.73 0.72 -8.89
CA ASN A 66 -5.20 1.78 -9.78
C ASN A 66 -4.03 2.64 -10.27
N LEU A 67 -3.09 2.91 -9.37
CA LEU A 67 -1.93 3.71 -9.72
C LEU A 67 -1.02 2.97 -10.69
N PHE A 68 -0.95 1.65 -10.53
CA PHE A 68 -0.12 0.82 -11.40
C PHE A 68 -0.90 0.34 -12.62
N SER A 69 -2.21 0.61 -12.62
CA SER A 69 -3.08 0.20 -13.70
C SER A 69 -2.91 1.12 -14.91
N THR A 70 -2.24 2.26 -14.69
CA THR A 70 -2.01 3.23 -15.76
C THR A 70 -0.62 3.05 -16.36
N LYS A 71 -0.38 3.75 -17.46
CA LYS A 71 0.92 3.68 -18.14
C LYS A 71 1.93 4.59 -17.46
N ASP A 72 1.44 5.60 -16.77
CA ASP A 72 2.32 6.54 -16.07
C ASP A 72 3.32 5.80 -15.19
N SER A 73 2.85 4.75 -14.52
CA SER A 73 3.71 3.97 -13.64
C SER A 73 4.74 3.19 -14.45
N SER A 74 4.29 2.53 -15.50
CA SER A 74 5.16 1.74 -16.36
C SER A 74 6.21 2.63 -17.02
N ALA A 75 5.92 3.92 -17.09
CA ALA A 75 6.86 4.87 -17.69
C ALA A 75 7.71 5.56 -16.62
N ALA A 76 7.56 5.12 -15.38
CA ALA A 76 8.32 5.69 -14.28
C ALA A 76 9.37 4.70 -13.77
N TRP A 77 9.01 3.42 -13.76
CA TRP A 77 9.92 2.37 -13.30
C TRP A 77 10.06 1.27 -14.35
N ASP A 78 10.92 0.30 -14.06
CA ASP A 78 11.15 -0.82 -14.98
C ASP A 78 9.84 -1.55 -15.27
N GLU A 79 9.46 -1.57 -16.54
CA GLU A 79 8.23 -2.23 -16.96
C GLU A 79 8.20 -3.68 -16.49
N THR A 80 9.36 -4.32 -16.50
CA THR A 80 9.47 -5.71 -16.06
C THR A 80 9.08 -5.86 -14.59
N LEU A 81 9.83 -5.20 -13.71
CA LEU A 81 9.57 -5.27 -12.28
C LEU A 81 8.14 -4.82 -11.98
N LEU A 82 7.74 -3.69 -12.56
CA LEU A 82 6.40 -3.15 -12.35
C LEU A 82 5.34 -4.15 -12.80
N ASP A 83 5.53 -4.71 -13.98
CA ASP A 83 4.59 -5.68 -14.52
C ASP A 83 4.32 -6.80 -13.52
N LYS A 84 5.37 -7.54 -13.19
CA LYS A 84 5.25 -8.64 -12.24
C LYS A 84 4.79 -8.14 -10.88
N PHE A 85 5.28 -6.97 -10.49
CA PHE A 85 4.92 -6.38 -9.20
C PHE A 85 3.42 -6.10 -9.14
N TYR A 86 2.99 -5.09 -9.88
CA TYR A 86 1.58 -4.71 -9.91
C TYR A 86 0.69 -5.92 -10.19
N THR A 87 1.21 -6.86 -10.98
CA THR A 87 0.47 -8.07 -11.33
C THR A 87 0.17 -8.89 -10.08
N GLU A 88 1.18 -9.09 -9.24
CA GLU A 88 1.01 -9.86 -8.01
C GLU A 88 -0.07 -9.26 -7.13
N LEU A 89 -0.04 -7.93 -7.00
CA LEU A 89 -1.01 -7.23 -6.18
C LEU A 89 -2.43 -7.44 -6.71
N TYR A 90 -2.57 -7.38 -8.03
CA TYR A 90 -3.87 -7.56 -8.67
C TYR A 90 -4.54 -8.83 -8.17
N GLN A 91 -3.86 -9.96 -8.36
CA GLN A 91 -4.39 -11.25 -7.94
C GLN A 91 -4.47 -11.34 -6.42
N GLN A 92 -3.57 -10.62 -5.75
CA GLN A 92 -3.54 -10.62 -4.29
C GLN A 92 -4.81 -10.02 -3.71
N LEU A 93 -5.05 -8.75 -4.02
CA LEU A 93 -6.24 -8.05 -3.54
C LEU A 93 -7.51 -8.79 -3.94
N ASN A 94 -7.55 -9.25 -5.19
CA ASN A 94 -8.71 -9.97 -5.69
C ASN A 94 -9.04 -11.17 -4.81
N ASP A 95 -8.03 -11.99 -4.54
CA ASP A 95 -8.21 -13.18 -3.71
C ASP A 95 -8.41 -12.78 -2.25
N LEU A 96 -7.42 -12.12 -1.67
CA LEU A 96 -7.48 -11.68 -0.29
C LEU A 96 -8.83 -11.05 0.02
N GLU A 97 -9.22 -10.07 -0.80
CA GLU A 97 -10.49 -9.38 -0.61
C GLU A 97 -11.65 -10.37 -0.62
N ALA A 98 -11.83 -11.05 -1.75
CA ALA A 98 -12.91 -12.03 -1.89
C ALA A 98 -12.85 -13.06 -0.77
N CYS A 99 -11.70 -13.15 -0.11
CA CYS A 99 -11.53 -14.11 0.99
C CYS A 99 -12.29 -13.65 2.22
N VAL A 100 -12.03 -12.44 2.68
CA VAL A 100 -12.69 -11.89 3.84
C VAL A 100 -14.04 -11.27 3.48
N ILE A 101 -14.06 -10.51 2.39
CA ILE A 101 -15.29 -9.86 1.93
C ILE A 101 -16.45 -10.86 1.92
N GLN A 102 -16.24 -12.00 1.28
CA GLN A 102 -17.27 -13.03 1.20
C GLN A 102 -17.68 -13.51 2.59
N GLY A 103 -18.87 -14.09 2.67
CA GLY A 103 -19.36 -14.58 3.96
C GLY A 103 -18.63 -15.83 4.42
N VAL A 104 -17.77 -16.37 3.55
CA VAL A 104 -17.01 -17.56 3.87
C VAL A 104 -16.30 -17.43 5.22
N GLY A 105 -15.93 -16.20 5.56
CA GLY A 105 -15.26 -15.96 6.83
C GLY A 105 -16.02 -15.00 7.71
N VAL A 106 -15.58 -13.74 7.74
CA VAL A 106 -16.23 -12.72 8.56
C VAL A 106 -16.21 -11.36 7.87
N THR A 107 -17.36 -10.52 8.08
CA THR A 107 -17.52 -9.20 7.49
C THR A 107 -17.43 -8.14 8.58
N GLU A 108 -17.40 -6.87 8.18
CA GLU A 108 -17.32 -5.77 9.14
C GLU A 108 -18.42 -4.76 8.90
N THR A 109 -18.63 -3.86 9.87
CA THR A 109 -19.66 -2.84 9.75
C THR A 109 -19.07 -1.50 9.32
N PRO A 110 -19.90 -0.66 8.71
CA PRO A 110 -19.49 0.67 8.24
C PRO A 110 -19.20 1.63 9.38
N LEU A 111 -19.53 1.21 10.60
CA LEU A 111 -19.30 2.03 11.79
C LEU A 111 -17.82 2.23 12.04
N MET A 112 -17.10 1.12 12.19
CA MET A 112 -15.66 1.17 12.44
C MET A 112 -14.89 1.38 11.14
N LYS A 113 -15.48 0.96 10.03
CA LYS A 113 -14.85 1.09 8.72
C LYS A 113 -14.58 2.56 8.40
N GLU A 114 -15.30 3.45 9.07
CA GLU A 114 -15.14 4.88 8.87
C GLU A 114 -13.70 5.31 9.12
N ASP A 115 -13.16 4.93 10.27
CA ASP A 115 -11.79 5.27 10.63
C ASP A 115 -10.81 4.70 9.62
N SER A 116 -10.83 3.38 9.47
CA SER A 116 -9.92 2.70 8.53
C SER A 116 -10.06 3.30 7.14
N ILE A 117 -11.27 3.26 6.59
CA ILE A 117 -11.52 3.79 5.26
C ILE A 117 -11.04 5.25 5.15
N LEU A 118 -11.28 6.02 6.20
CA LEU A 118 -10.87 7.43 6.22
C LEU A 118 -9.37 7.55 6.00
N ALA A 119 -8.59 6.83 6.81
CA ALA A 119 -7.15 6.86 6.70
C ALA A 119 -6.68 6.48 5.30
N VAL A 120 -6.98 5.25 4.90
CA VAL A 120 -6.60 4.75 3.59
C VAL A 120 -7.04 5.71 2.49
N ARG A 121 -8.27 6.23 2.62
CA ARG A 121 -8.81 7.16 1.64
C ARG A 121 -7.90 8.38 1.48
N LYS A 122 -7.68 9.09 2.58
CA LYS A 122 -6.83 10.28 2.56
C LYS A 122 -5.49 9.97 1.90
N TYR A 123 -4.91 8.83 2.27
CA TYR A 123 -3.61 8.43 1.72
C TYR A 123 -3.66 8.40 0.20
N PHE A 124 -4.48 7.51 -0.34
CA PHE A 124 -4.62 7.39 -1.80
C PHE A 124 -4.99 8.72 -2.43
N GLN A 125 -6.06 9.34 -1.91
CA GLN A 125 -6.53 10.62 -2.42
C GLN A 125 -5.37 11.60 -2.54
N ARG A 126 -4.65 11.79 -1.44
CA ARG A 126 -3.52 12.72 -1.41
C ARG A 126 -2.40 12.23 -2.32
N ILE A 127 -2.21 10.92 -2.38
CA ILE A 127 -1.18 10.33 -3.22
C ILE A 127 -1.41 10.64 -4.69
N THR A 128 -2.53 10.14 -5.23
CA THR A 128 -2.88 10.36 -6.62
C THR A 128 -2.98 11.85 -6.93
N LEU A 129 -3.63 12.59 -6.03
CA LEU A 129 -3.80 14.03 -6.21
C LEU A 129 -2.45 14.73 -6.26
N TYR A 130 -1.61 14.46 -5.27
CA TYR A 130 -0.28 15.07 -5.19
C TYR A 130 0.47 14.89 -6.51
N LEU A 131 0.75 13.65 -6.86
CA LEU A 131 1.47 13.34 -8.09
C LEU A 131 0.74 13.92 -9.30
N LYS A 132 -0.59 13.98 -9.22
CA LYS A 132 -1.41 14.51 -10.31
C LYS A 132 -1.15 16.00 -10.50
N GLU A 133 -1.02 16.72 -9.38
CA GLU A 133 -0.78 18.16 -9.43
C GLU A 133 0.63 18.45 -9.95
N LYS A 134 1.55 17.52 -9.70
CA LYS A 134 2.93 17.67 -10.14
C LYS A 134 3.11 17.17 -11.57
N LYS A 135 1.99 16.92 -12.24
CA LYS A 135 2.03 16.42 -13.62
C LYS A 135 2.78 15.10 -13.71
N TYR A 136 2.68 14.30 -12.65
CA TYR A 136 3.36 13.00 -12.61
C TYR A 136 4.87 13.17 -12.80
N SER A 137 5.38 14.32 -12.38
CA SER A 137 6.81 14.61 -12.50
C SER A 137 7.64 13.45 -11.93
N PRO A 138 8.96 13.49 -12.19
CA PRO A 138 9.89 12.47 -11.73
C PRO A 138 10.09 12.51 -10.22
N CYS A 139 9.66 13.61 -9.61
CA CYS A 139 9.79 13.78 -8.16
C CYS A 139 8.57 13.24 -7.43
N ALA A 140 7.39 13.52 -7.99
CA ALA A 140 6.14 13.06 -7.40
C ALA A 140 6.15 11.54 -7.20
N TRP A 141 6.30 10.82 -8.30
CA TRP A 141 6.33 9.35 -8.24
C TRP A 141 7.27 8.86 -7.15
N GLU A 142 8.45 9.48 -7.06
CA GLU A 142 9.43 9.09 -6.06
C GLU A 142 8.85 9.22 -4.65
N VAL A 143 8.31 10.39 -4.34
CA VAL A 143 7.72 10.64 -3.03
C VAL A 143 6.63 9.62 -2.72
N VAL A 144 5.73 9.42 -3.67
CA VAL A 144 4.63 8.47 -3.50
C VAL A 144 5.15 7.08 -3.16
N ARG A 145 6.20 6.65 -3.86
CA ARG A 145 6.78 5.34 -3.62
C ARG A 145 7.34 5.24 -2.20
N ALA A 146 8.24 6.16 -1.87
CA ALA A 146 8.85 6.18 -0.55
C ALA A 146 7.79 6.05 0.55
N GLU A 147 6.81 6.95 0.53
CA GLU A 147 5.75 6.93 1.52
C GLU A 147 5.00 5.59 1.50
N ILE A 148 4.80 5.06 0.30
CA ILE A 148 4.11 3.78 0.14
C ILE A 148 4.82 2.67 0.91
N MET A 149 6.15 2.65 0.82
CA MET A 149 6.95 1.64 1.51
C MET A 149 6.87 1.83 3.01
N ARG A 150 7.05 3.07 3.47
CA ARG A 150 7.00 3.39 4.89
C ARG A 150 5.64 3.03 5.49
N SER A 151 4.58 3.59 4.93
CA SER A 151 3.23 3.33 5.40
C SER A 151 2.93 1.84 5.38
N PHE A 152 3.26 1.20 4.26
CA PHE A 152 3.02 -0.24 4.10
C PHE A 152 3.73 -1.03 5.19
N SER A 153 4.97 -0.66 5.49
CA SER A 153 5.75 -1.33 6.51
C SER A 153 5.07 -1.22 7.88
N LEU A 154 4.74 0.01 8.26
CA LEU A 154 4.09 0.25 9.55
C LEU A 154 2.73 -0.44 9.61
N SER A 155 1.93 -0.26 8.56
CA SER A 155 0.61 -0.86 8.51
C SER A 155 0.68 -2.35 8.80
N THR A 156 1.58 -3.04 8.12
CA THR A 156 1.76 -4.48 8.31
C THR A 156 2.50 -4.78 9.60
N ASN A 157 3.24 -3.79 10.09
CA ASN A 157 4.01 -3.95 11.32
C ASN A 157 3.29 -3.30 12.50
N LEU A 158 2.09 -3.78 12.79
CA LEU A 158 1.30 -3.24 13.90
C LEU A 158 1.65 -3.94 15.21
N GLN A 159 1.87 -5.24 15.14
CA GLN A 159 2.23 -6.02 16.32
C GLN A 159 3.71 -6.35 16.35
N GLU A 160 4.32 -6.38 15.16
CA GLU A 160 5.73 -6.68 15.04
C GLU A 160 6.04 -8.10 15.51
N SER A 161 5.37 -9.07 14.91
CA SER A 161 5.55 -10.47 15.27
C SER A 161 5.39 -11.38 14.06
N LEU A 162 5.72 -10.85 12.88
CA LEU A 162 5.61 -11.61 11.64
C LEU A 162 6.89 -12.39 11.36
N ARG A 163 7.92 -11.67 10.91
CA ARG A 163 9.21 -12.28 10.60
C ARG A 163 10.34 -11.55 11.30
N SER A 164 11.31 -12.31 11.80
CA SER A 164 12.45 -11.73 12.49
C SER A 164 13.68 -11.67 11.58
N LYS A 165 14.81 -11.24 12.13
CA LYS A 165 16.04 -11.14 11.37
C LYS A 165 17.09 -12.11 11.90
N GLU A 166 17.23 -12.16 13.23
CA GLU A 166 18.20 -13.05 13.85
C GLU A 166 17.74 -14.50 13.77
O5 A2G B . -20.77 -6.90 7.80
C1 A2G B . -20.57 -8.03 8.63
C2 A2G B . -21.85 -8.46 9.39
N2 A2G B . -21.50 -9.65 10.21
C3 A2G B . -22.99 -8.67 8.37
O3 A2G B . -24.29 -8.76 8.97
C4 A2G B . -23.08 -7.49 7.38
O4 A2G B . -23.56 -6.37 8.09
C5 A2G B . -21.73 -7.14 6.77
C6 A2G B . -21.92 -5.81 6.03
O6 A2G B . -22.88 -5.93 5.16
C7 A2G B . -20.30 -9.85 10.82
O7 A2G B . -19.62 -8.95 11.30
C8 A2G B . -19.86 -11.29 10.86
H1 A2G B . -19.90 -7.79 9.27
H2 A2G B . -22.14 -7.68 10.11
HN2 A2G B . -21.97 -10.49 9.89
H3 A2G B . -22.84 -9.61 7.83
HO3 A2G B . -24.47 -7.89 9.41
H4 A2G B . -23.73 -7.69 6.72
HO4 A2G B . -22.84 -5.97 8.58
H5 A2G B . -21.44 -7.77 6.12
H61 A2G B . -21.00 -5.53 5.53
H81 A2G B . -20.72 -11.92 11.10
H82 A2G B . -19.08 -11.45 11.61
H83 A2G B . -19.45 -11.57 9.89
H62 A2G B . -22.19 -5.03 6.75
HO6 A2G B . -23.79 -5.91 5.44
#